data_3AXM
#
_entry.id   3AXM
#
_cell.length_a   110.408
_cell.length_b   199.624
_cell.length_c   111.169
_cell.angle_alpha   90.00
_cell.angle_beta   91.45
_cell.angle_gamma   90.00
#
_symmetry.space_group_name_H-M   'P 1 21 1'
#
loop_
_entity.id
_entity.type
_entity.pdbx_description
1 polymer 'Ribulose bisphosphate carboxylase large chain'
2 polymer 'Ribulose bisphosphate carboxylase small chain, chloroplastic'
3 non-polymer 'MAGNESIUM ION'
4 non-polymer '6-PHOSPHOGLUCONIC ACID'
5 water water
#
loop_
_entity_poly.entity_id
_entity_poly.type
_entity_poly.pdbx_seq_one_letter_code
_entity_poly.pdbx_strand_id
1 'polypeptide(L)'
;MSPQTETKASVGFKAGVKDYKLTYYTPEYETKDTDILAAFRVTPQPGVPPEEAGAAVAAESSTGTWTTVWTDGLTSLDRY
KGRCYHIEPVVGEDNQYIAYVAYPLDLFEEGSVTNMFTSIVGNVFGFKALRALRLEDLRIPPTYSKTFQGPPHGIQVERD
KLNKYGRPLLGCTIKPKLGLSAKNYGRACYECLRGGLDFT(KCX)DDENVNSQPFMRWRDRFVFCAEAIYKSQAETGEIK
GHYLNATAGTCEEMIKRAVFARELGVPIVMHDYLTGGFTANTSLAHYCRDNGLLLHIHRAMHAVIDRQKNHGMHFRVLAK
ALRMSGGDHIHAGTVVGKLEGEREMTLGFVDLLRDDFIEKDRARGIFFTQDWVSMPGVIPVASGGIHVWHMPALTEIFGD
DSVLQFGGGTLGHPWGNAPGAAANRVALEACVQARNEGRDLAREGNEIIRSACKWSPELAAACEIWKAIKFEFEPVDKLD
S
;
A,B,C,D,E,F,G,H
2 'polypeptide(L)'
;(NME)MQVWPIEGIKKFETLSYLPPLTVEDLLKQIEYLLRSKWVPCLEFSKVGFVYRENHRSPGYYDGRYWTMWKLPMFG
CTDATQVLKELEEAKKAYPDAFVRIIGFDNVRQVQLISFIAYKPPGCEESGGN
;
S,T,U,V,W,X,Y,Z
#
# COMPACT_ATOMS: atom_id res chain seq x y z
N GLY A 12 -3.31 -53.40 15.42
CA GLY A 12 -3.79 -54.50 14.51
C GLY A 12 -4.97 -54.10 13.64
N PHE A 13 -4.65 -53.60 12.45
CA PHE A 13 -5.64 -53.07 11.50
C PHE A 13 -6.97 -53.81 11.43
N LYS A 14 -7.09 -54.66 10.39
CA LYS A 14 -8.26 -55.48 10.10
C LYS A 14 -9.34 -54.64 9.42
N ALA A 15 -9.35 -54.71 8.12
CA ALA A 15 -10.31 -53.95 7.36
C ALA A 15 -11.69 -54.40 7.74
N GLY A 16 -12.62 -53.46 7.88
CA GLY A 16 -13.93 -53.97 8.24
C GLY A 16 -14.95 -53.05 8.82
N VAL A 17 -16.18 -53.57 8.89
CA VAL A 17 -17.15 -52.77 9.49
C VAL A 17 -17.43 -53.03 10.99
N THR A 23 -17.51 -47.22 21.26
CA THR A 23 -16.35 -46.27 21.39
C THR A 23 -16.86 -44.84 21.62
N TYR A 24 -18.18 -44.65 21.62
CA TYR A 24 -18.72 -43.32 21.78
C TYR A 24 -19.74 -43.05 22.90
N TYR A 25 -20.24 -44.10 23.55
CA TYR A 25 -21.17 -43.89 24.65
C TYR A 25 -20.44 -44.25 25.95
N THR A 26 -19.94 -43.22 26.63
CA THR A 26 -19.17 -43.41 27.85
C THR A 26 -19.80 -42.78 29.09
N PRO A 27 -20.77 -43.47 29.70
CA PRO A 27 -21.44 -42.96 30.89
C PRO A 27 -20.50 -42.79 32.09
N GLU A 28 -19.32 -43.41 32.01
CA GLU A 28 -18.33 -43.32 33.07
C GLU A 28 -17.43 -42.10 32.92
N TYR A 29 -17.49 -41.47 31.76
CA TYR A 29 -16.65 -40.29 31.49
C TYR A 29 -16.90 -39.10 32.41
N GLU A 30 -15.81 -38.52 32.90
CA GLU A 30 -15.85 -37.35 33.76
C GLU A 30 -15.38 -36.17 32.90
N THR A 31 -16.25 -35.18 32.72
CA THR A 31 -15.93 -34.03 31.89
C THR A 31 -14.73 -33.23 32.39
N LYS A 32 -13.93 -32.73 31.45
CA LYS A 32 -12.76 -31.93 31.78
C LYS A 32 -13.17 -30.47 31.73
N ASP A 33 -12.49 -29.62 32.50
CA ASP A 33 -12.84 -28.21 32.52
C ASP A 33 -12.47 -27.50 31.22
N THR A 34 -11.80 -28.21 30.32
CA THR A 34 -11.42 -27.65 29.03
C THR A 34 -12.33 -28.17 27.91
N ASP A 35 -13.21 -29.10 28.24
CA ASP A 35 -14.13 -29.67 27.25
C ASP A 35 -15.24 -28.70 26.86
N ILE A 36 -15.68 -28.80 25.61
CA ILE A 36 -16.82 -28.00 25.16
C ILE A 36 -17.93 -29.03 25.32
N LEU A 37 -18.96 -28.70 26.10
CA LEU A 37 -20.06 -29.64 26.34
C LEU A 37 -21.28 -29.24 25.53
N ALA A 38 -22.05 -30.23 25.12
CA ALA A 38 -23.26 -29.97 24.33
C ALA A 38 -24.43 -30.79 24.85
N ALA A 39 -25.61 -30.17 24.86
CA ALA A 39 -26.84 -30.84 25.29
C ALA A 39 -27.72 -30.92 24.05
N PHE A 40 -27.89 -32.14 23.54
CA PHE A 40 -28.69 -32.39 22.35
C PHE A 40 -30.04 -33.01 22.67
N ARG A 41 -31.12 -32.46 22.10
CA ARG A 41 -32.44 -33.03 22.29
C ARG A 41 -32.57 -33.97 21.10
N VAL A 42 -32.49 -35.27 21.36
CA VAL A 42 -32.54 -36.26 20.29
C VAL A 42 -33.80 -37.13 20.23
N THR A 43 -34.29 -37.33 19.02
CA THR A 43 -35.46 -38.16 18.76
C THR A 43 -34.97 -39.33 17.91
N PRO A 44 -34.77 -40.51 18.51
CA PRO A 44 -34.29 -41.69 17.79
C PRO A 44 -35.33 -42.23 16.82
N GLN A 45 -34.87 -42.89 15.76
CA GLN A 45 -35.76 -43.49 14.79
C GLN A 45 -36.30 -44.75 15.48
N PRO A 46 -37.45 -45.26 15.03
CA PRO A 46 -38.01 -46.46 15.65
C PRO A 46 -37.00 -47.61 15.61
N GLY A 47 -36.89 -48.34 16.72
CA GLY A 47 -35.96 -49.46 16.77
C GLY A 47 -34.54 -49.06 17.12
N VAL A 48 -34.37 -47.81 17.53
CA VAL A 48 -33.06 -47.30 17.91
C VAL A 48 -33.09 -46.92 19.39
N PRO A 49 -32.46 -47.73 20.25
CA PRO A 49 -32.44 -47.42 21.68
C PRO A 49 -31.74 -46.09 21.98
N PRO A 50 -32.19 -45.37 23.02
CA PRO A 50 -31.58 -44.08 23.39
C PRO A 50 -30.08 -44.13 23.65
N GLU A 51 -29.58 -45.27 24.11
CA GLU A 51 -28.15 -45.41 24.36
C GLU A 51 -27.43 -45.39 23.01
N GLU A 52 -28.03 -46.04 22.02
CA GLU A 52 -27.47 -46.10 20.68
C GLU A 52 -27.58 -44.72 20.02
N ALA A 53 -28.67 -44.03 20.32
CA ALA A 53 -28.91 -42.69 19.78
C ALA A 53 -27.83 -41.75 20.27
N GLY A 54 -27.56 -41.80 21.57
CA GLY A 54 -26.55 -40.94 22.15
C GLY A 54 -25.17 -41.15 21.55
N ALA A 55 -24.79 -42.41 21.37
CA ALA A 55 -23.49 -42.74 20.79
C ALA A 55 -23.37 -42.22 19.37
N ALA A 56 -24.46 -42.35 18.61
CA ALA A 56 -24.48 -41.88 17.22
C ALA A 56 -24.25 -40.38 17.20
N VAL A 57 -24.93 -39.67 18.10
CA VAL A 57 -24.79 -38.23 18.19
C VAL A 57 -23.32 -37.85 18.38
N ALA A 58 -22.66 -38.54 19.32
CA ALA A 58 -21.26 -38.27 19.60
C ALA A 58 -20.32 -38.71 18.49
N ALA A 59 -20.55 -39.90 17.95
CA ALA A 59 -19.72 -40.43 16.88
C ALA A 59 -19.81 -39.63 15.59
N GLU A 60 -21.04 -39.34 15.17
CA GLU A 60 -21.27 -38.61 13.93
C GLU A 60 -20.94 -37.12 14.00
N SER A 61 -20.59 -36.63 15.18
CA SER A 61 -20.19 -35.24 15.33
C SER A 61 -18.71 -35.22 15.71
N SER A 62 -18.05 -36.37 15.52
CA SER A 62 -16.63 -36.50 15.81
C SER A 62 -16.00 -37.64 14.98
N THR A 63 -15.04 -38.34 15.58
CA THR A 63 -14.29 -39.41 14.92
C THR A 63 -14.95 -40.71 14.43
N GLY A 64 -16.28 -40.76 14.37
CA GLY A 64 -16.92 -41.99 13.91
C GLY A 64 -16.78 -42.26 12.43
N THR A 65 -16.49 -43.51 12.05
CA THR A 65 -16.36 -43.88 10.65
C THR A 65 -17.07 -45.21 10.39
N TRP A 66 -17.72 -45.34 9.24
CA TRP A 66 -18.46 -46.55 8.91
C TRP A 66 -17.63 -47.83 8.79
N THR A 67 -16.40 -47.69 8.30
CA THR A 67 -15.53 -48.85 8.14
C THR A 67 -14.19 -48.55 8.81
N THR A 68 -13.45 -49.59 9.18
CA THR A 68 -12.17 -49.41 9.85
C THR A 68 -11.11 -48.84 8.91
N VAL A 69 -10.42 -47.80 9.37
CA VAL A 69 -9.36 -47.17 8.58
C VAL A 69 -8.04 -47.33 9.34
N TRP A 70 -7.01 -47.79 8.64
CA TRP A 70 -5.71 -48.02 9.24
C TRP A 70 -5.01 -46.77 9.76
N THR A 71 -5.39 -45.61 9.23
CA THR A 71 -4.78 -44.36 9.64
C THR A 71 -5.06 -44.03 11.11
N ASP A 72 -6.11 -44.63 11.67
CA ASP A 72 -6.44 -44.39 13.07
C ASP A 72 -5.29 -44.88 13.95
N GLY A 73 -4.51 -45.82 13.43
CA GLY A 73 -3.39 -46.37 14.17
C GLY A 73 -2.20 -45.44 14.25
N LEU A 74 -2.28 -44.29 13.57
CA LEU A 74 -1.19 -43.33 13.57
C LEU A 74 -1.38 -42.26 14.64
N THR A 75 -2.46 -42.35 15.39
CA THR A 75 -2.71 -41.36 16.44
C THR A 75 -3.49 -42.01 17.60
N SER A 76 -3.91 -41.21 18.57
CA SER A 76 -4.66 -41.71 19.70
C SER A 76 -6.08 -41.17 19.65
N LEU A 77 -6.99 -41.98 19.12
CA LEU A 77 -8.41 -41.61 18.98
C LEU A 77 -9.14 -41.14 20.22
N ASP A 78 -8.95 -41.82 21.34
CA ASP A 78 -9.64 -41.45 22.56
C ASP A 78 -9.28 -40.05 23.03
N ARG A 79 -8.42 -39.39 22.26
CA ARG A 79 -8.00 -38.03 22.58
C ARG A 79 -8.80 -37.03 21.75
N TYR A 80 -9.42 -37.53 20.67
CA TYR A 80 -10.18 -36.68 19.76
C TYR A 80 -11.65 -37.04 19.58
N LYS A 81 -12.12 -38.04 20.30
CA LYS A 81 -13.51 -38.44 20.14
C LYS A 81 -14.47 -37.65 21.01
N GLY A 82 -15.68 -37.45 20.48
CA GLY A 82 -16.70 -36.77 21.25
C GLY A 82 -17.29 -37.92 22.04
N ARG A 83 -17.71 -37.67 23.28
CA ARG A 83 -18.27 -38.73 24.10
C ARG A 83 -19.62 -38.38 24.68
N CYS A 84 -20.58 -39.29 24.56
CA CYS A 84 -21.89 -39.06 25.16
C CYS A 84 -21.73 -39.61 26.57
N TYR A 85 -21.68 -38.73 27.55
CA TYR A 85 -21.48 -39.15 28.93
C TYR A 85 -22.74 -39.21 29.79
N HIS A 86 -23.87 -38.81 29.23
CA HIS A 86 -25.13 -38.84 29.97
C HIS A 86 -26.32 -38.71 29.05
N ILE A 87 -27.38 -39.47 29.35
CA ILE A 87 -28.61 -39.44 28.58
C ILE A 87 -29.78 -39.43 29.55
N GLU A 88 -30.76 -38.57 29.29
CA GLU A 88 -31.93 -38.49 30.15
C GLU A 88 -33.19 -38.23 29.34
N PRO A 89 -34.32 -38.79 29.80
CA PRO A 89 -35.60 -38.62 29.12
C PRO A 89 -36.06 -37.17 29.17
N VAL A 90 -36.85 -36.77 28.19
CA VAL A 90 -37.39 -35.43 28.14
C VAL A 90 -38.77 -35.47 28.78
N VAL A 91 -39.01 -34.59 29.74
CA VAL A 91 -40.29 -34.54 30.44
C VAL A 91 -41.44 -34.33 29.46
N GLY A 92 -42.36 -35.29 29.42
CA GLY A 92 -43.50 -35.18 28.53
C GLY A 92 -43.40 -36.00 27.25
N GLU A 93 -42.28 -35.88 26.55
CA GLU A 93 -42.06 -36.60 25.29
C GLU A 93 -41.85 -38.10 25.49
N ASP A 94 -42.36 -38.90 24.56
CA ASP A 94 -42.25 -40.35 24.66
C ASP A 94 -41.08 -40.98 23.91
N ASN A 95 -40.42 -40.20 23.04
CA ASN A 95 -39.29 -40.72 22.28
C ASN A 95 -38.27 -39.61 22.05
N GLN A 96 -38.03 -38.83 23.11
CA GLN A 96 -37.09 -37.72 23.05
C GLN A 96 -36.21 -37.76 24.29
N TYR A 97 -34.92 -37.53 24.11
CA TYR A 97 -33.98 -37.55 25.23
C TYR A 97 -32.96 -36.44 25.07
N ILE A 98 -32.34 -36.05 26.19
CA ILE A 98 -31.29 -35.05 26.15
C ILE A 98 -30.00 -35.85 26.28
N ALA A 99 -29.17 -35.79 25.25
CA ALA A 99 -27.89 -36.50 25.26
C ALA A 99 -26.79 -35.48 25.46
N TYR A 100 -25.96 -35.70 26.46
CA TYR A 100 -24.85 -34.78 26.75
C TYR A 100 -23.58 -35.33 26.13
N VAL A 101 -22.90 -34.50 25.35
CA VAL A 101 -21.68 -34.90 24.67
C VAL A 101 -20.52 -33.95 25.03
N ALA A 102 -19.34 -34.54 25.21
CA ALA A 102 -18.16 -33.75 25.54
C ALA A 102 -17.18 -33.79 24.36
N TYR A 103 -16.67 -32.61 23.99
CA TYR A 103 -15.73 -32.47 22.88
C TYR A 103 -14.41 -31.90 23.39
N PRO A 104 -13.28 -32.58 23.09
CA PRO A 104 -11.96 -32.12 23.52
C PRO A 104 -11.63 -30.74 22.98
N LEU A 105 -10.96 -29.93 23.78
CA LEU A 105 -10.57 -28.58 23.40
C LEU A 105 -9.79 -28.52 22.09
N ASP A 106 -8.94 -29.52 21.85
CA ASP A 106 -8.10 -29.57 20.65
C ASP A 106 -8.84 -29.69 19.32
N LEU A 107 -10.13 -29.98 19.36
CA LEU A 107 -10.88 -30.13 18.12
C LEU A 107 -11.22 -28.79 17.47
N PHE A 108 -11.17 -27.72 18.26
CA PHE A 108 -11.58 -26.40 17.78
C PHE A 108 -10.51 -25.39 17.43
N GLU A 109 -10.73 -24.65 16.34
CA GLU A 109 -9.78 -23.60 15.96
C GLU A 109 -10.06 -22.40 16.86
N GLU A 110 -8.99 -21.87 17.44
CA GLU A 110 -9.09 -20.73 18.33
C GLU A 110 -9.73 -19.52 17.65
N GLY A 111 -10.62 -18.85 18.38
CA GLY A 111 -11.29 -17.66 17.87
C GLY A 111 -12.24 -17.82 16.71
N SER A 112 -12.60 -19.05 16.35
CA SER A 112 -13.50 -19.29 15.22
C SER A 112 -14.86 -19.90 15.58
N VAL A 113 -15.89 -19.07 15.64
CA VAL A 113 -17.24 -19.58 15.92
C VAL A 113 -17.61 -20.46 14.74
N THR A 114 -17.15 -20.08 13.55
CA THR A 114 -17.42 -20.85 12.35
C THR A 114 -16.96 -22.29 12.55
N ASN A 115 -15.77 -22.49 13.11
CA ASN A 115 -15.28 -23.85 13.32
C ASN A 115 -16.00 -24.55 14.45
N MET A 116 -16.40 -23.81 15.49
CA MET A 116 -17.12 -24.43 16.60
C MET A 116 -18.43 -25.00 16.10
N PHE A 117 -19.16 -24.22 15.30
CA PHE A 117 -20.43 -24.69 14.76
C PHE A 117 -20.21 -25.85 13.79
N THR A 118 -19.24 -25.71 12.89
CA THR A 118 -18.97 -26.77 11.93
C THR A 118 -18.66 -28.08 12.65
N SER A 119 -17.80 -28.01 13.65
CA SER A 119 -17.39 -29.19 14.41
C SER A 119 -18.51 -29.91 15.15
N ILE A 120 -19.40 -29.14 15.76
CA ILE A 120 -20.49 -29.74 16.54
C ILE A 120 -21.79 -30.01 15.77
N VAL A 121 -22.24 -29.05 14.96
CA VAL A 121 -23.50 -29.24 14.24
C VAL A 121 -23.35 -29.36 12.72
N GLY A 122 -22.12 -29.54 12.26
CA GLY A 122 -21.91 -29.63 10.82
C GLY A 122 -22.35 -30.88 10.10
N ASN A 123 -22.42 -32.00 10.82
CA ASN A 123 -22.76 -33.26 10.17
C ASN A 123 -23.86 -34.14 10.80
N VAL A 124 -23.89 -34.18 12.13
CA VAL A 124 -24.82 -35.05 12.85
C VAL A 124 -26.33 -34.94 12.62
N PHE A 125 -26.82 -33.75 12.26
CA PHE A 125 -28.27 -33.58 12.07
C PHE A 125 -28.87 -34.36 10.90
N GLY A 126 -28.03 -34.85 9.99
CA GLY A 126 -28.53 -35.58 8.84
C GLY A 126 -28.39 -37.07 8.99
N PHE A 127 -27.95 -37.52 10.16
CA PHE A 127 -27.76 -38.95 10.38
C PHE A 127 -29.07 -39.72 10.41
N LYS A 128 -29.17 -40.71 9.53
CA LYS A 128 -30.35 -41.55 9.37
C LYS A 128 -31.00 -42.14 10.63
N ALA A 129 -30.19 -42.56 11.60
CA ALA A 129 -30.74 -43.15 12.82
C ALA A 129 -31.43 -42.12 13.71
N LEU A 130 -31.25 -40.84 13.39
CA LEU A 130 -31.85 -39.77 14.16
C LEU A 130 -33.01 -39.12 13.42
N ARG A 131 -34.23 -39.39 13.87
CA ARG A 131 -35.42 -38.82 13.24
C ARG A 131 -35.43 -37.30 13.37
N ALA A 132 -34.95 -36.80 14.51
CA ALA A 132 -34.90 -35.36 14.75
C ALA A 132 -33.81 -35.06 15.76
N LEU A 133 -33.24 -33.85 15.69
CA LEU A 133 -32.16 -33.46 16.60
C LEU A 133 -32.13 -31.95 16.79
N ARG A 134 -31.95 -31.52 18.03
CA ARG A 134 -31.89 -30.09 18.31
C ARG A 134 -30.80 -29.82 19.34
N LEU A 135 -29.89 -28.88 19.03
CA LEU A 135 -28.84 -28.54 19.98
C LEU A 135 -29.46 -27.51 20.92
N GLU A 136 -29.56 -27.86 22.20
CA GLU A 136 -30.15 -26.97 23.20
C GLU A 136 -29.17 -26.01 23.87
N ASP A 137 -27.96 -26.48 24.19
CA ASP A 137 -27.01 -25.62 24.87
C ASP A 137 -25.57 -26.10 24.66
N LEU A 138 -24.63 -25.21 24.94
CA LEU A 138 -23.20 -25.50 24.82
C LEU A 138 -22.46 -24.89 26.01
N ARG A 139 -21.60 -25.67 26.64
CA ARG A 139 -20.81 -25.16 27.76
C ARG A 139 -19.49 -24.73 27.13
N ILE A 140 -19.31 -23.42 26.99
CA ILE A 140 -18.08 -22.88 26.40
C ILE A 140 -17.07 -22.69 27.53
N PRO A 141 -15.98 -23.49 27.53
CA PRO A 141 -14.99 -23.34 28.60
C PRO A 141 -14.15 -22.07 28.47
N PRO A 142 -13.67 -21.52 29.60
CA PRO A 142 -12.87 -20.30 29.60
C PRO A 142 -11.64 -20.43 28.69
N THR A 143 -11.03 -21.62 28.69
CA THR A 143 -9.85 -21.85 27.87
C THR A 143 -10.13 -21.63 26.40
N TYR A 144 -11.38 -21.78 25.98
CA TYR A 144 -11.72 -21.56 24.58
C TYR A 144 -12.27 -20.15 24.35
N SER A 145 -13.12 -19.68 25.25
CA SER A 145 -13.68 -18.35 25.09
C SER A 145 -12.63 -17.24 25.14
N LYS A 146 -11.54 -17.47 25.87
CA LYS A 146 -10.47 -16.46 25.95
C LYS A 146 -9.75 -16.26 24.63
N THR A 147 -10.03 -17.12 23.64
CA THR A 147 -9.38 -16.97 22.34
C THR A 147 -10.23 -16.10 21.42
N PHE A 148 -11.32 -15.56 21.96
CA PHE A 148 -12.23 -14.68 21.22
C PHE A 148 -12.23 -13.25 21.74
N GLN A 149 -12.31 -12.29 20.83
CA GLN A 149 -12.36 -10.89 21.25
C GLN A 149 -13.65 -10.65 22.01
N GLY A 150 -14.75 -11.15 21.44
CA GLY A 150 -16.05 -10.94 22.05
C GLY A 150 -16.61 -9.59 21.63
N PRO A 151 -17.55 -9.02 22.38
CA PRO A 151 -18.13 -7.72 22.03
C PRO A 151 -17.10 -6.62 21.79
N PRO A 152 -17.32 -5.81 20.75
CA PRO A 152 -16.37 -4.72 20.47
C PRO A 152 -16.24 -3.82 21.70
N HIS A 153 -17.36 -3.65 22.41
CA HIS A 153 -17.35 -2.81 23.61
C HIS A 153 -18.06 -3.43 24.81
N GLY A 154 -19.31 -3.85 24.63
CA GLY A 154 -20.02 -4.45 25.75
C GLY A 154 -20.88 -3.45 26.50
N ILE A 155 -21.79 -3.99 27.31
CA ILE A 155 -22.75 -3.19 28.07
C ILE A 155 -22.20 -1.99 28.81
N GLN A 156 -21.25 -2.22 29.72
CA GLN A 156 -20.70 -1.13 30.51
C GLN A 156 -19.98 -0.07 29.70
N VAL A 157 -19.15 -0.49 28.74
CA VAL A 157 -18.43 0.48 27.93
C VAL A 157 -19.42 1.31 27.11
N GLU A 158 -20.47 0.66 26.60
CA GLU A 158 -21.45 1.38 25.80
C GLU A 158 -22.13 2.48 26.61
N ARG A 159 -22.54 2.15 27.83
CA ARG A 159 -23.19 3.16 28.67
C ARG A 159 -22.26 4.33 28.93
N ASP A 160 -20.98 4.04 29.17
CA ASP A 160 -20.01 5.11 29.42
C ASP A 160 -19.76 5.96 28.17
N LYS A 161 -19.66 5.33 27.01
CA LYS A 161 -19.43 6.05 25.77
C LYS A 161 -20.59 6.99 25.42
N LEU A 162 -21.80 6.51 25.62
CA LEU A 162 -23.00 7.29 25.30
C LEU A 162 -23.48 8.16 26.45
N ASN A 163 -22.88 7.97 27.62
CA ASN A 163 -23.23 8.71 28.84
C ASN A 163 -24.71 8.53 29.19
N LYS A 164 -25.15 7.28 29.16
CA LYS A 164 -26.54 6.93 29.46
C LYS A 164 -26.59 5.91 30.59
N TYR A 165 -27.32 6.24 31.65
CA TYR A 165 -27.41 5.38 32.83
C TYR A 165 -28.81 5.31 33.45
N GLY A 166 -29.07 4.19 34.12
CA GLY A 166 -30.31 4.01 34.85
C GLY A 166 -31.63 3.78 34.14
N ARG A 167 -31.60 3.40 32.88
CA ARG A 167 -32.85 3.14 32.16
C ARG A 167 -32.57 2.39 30.88
N PRO A 168 -33.57 1.64 30.40
CA PRO A 168 -33.36 0.90 29.15
C PRO A 168 -33.17 1.96 28.07
N LEU A 169 -32.48 1.62 26.98
CA LEU A 169 -32.29 2.55 25.89
C LEU A 169 -33.50 2.41 24.96
N LEU A 170 -33.80 3.45 24.20
CA LEU A 170 -34.97 3.44 23.32
C LEU A 170 -34.60 3.69 21.87
N GLY A 171 -35.25 2.96 20.96
CA GLY A 171 -34.99 3.14 19.55
C GLY A 171 -36.24 2.96 18.73
N CYS A 172 -36.20 3.46 17.50
CA CYS A 172 -37.32 3.33 16.56
C CYS A 172 -36.81 2.71 15.29
N THR A 173 -37.49 1.68 14.82
CA THR A 173 -37.12 1.00 13.59
C THR A 173 -37.89 1.69 12.48
N ILE A 174 -37.17 2.30 11.55
CA ILE A 174 -37.78 3.05 10.46
C ILE A 174 -38.62 2.22 9.49
N LYS A 175 -39.82 2.71 9.21
CA LYS A 175 -40.75 2.06 8.29
C LYS A 175 -41.41 3.14 7.43
N PRO A 176 -41.81 2.80 6.20
CA PRO A 176 -41.66 1.46 5.60
C PRO A 176 -40.18 1.16 5.41
N LYS A 177 -39.80 -0.10 5.59
CA LYS A 177 -38.39 -0.48 5.44
C LYS A 177 -37.85 -0.12 4.06
N LEU A 178 -38.66 -0.37 3.03
CA LEU A 178 -38.25 -0.08 1.67
C LEU A 178 -39.30 0.81 0.99
N GLY A 179 -38.85 1.76 0.20
CA GLY A 179 -39.78 2.64 -0.49
C GLY A 179 -39.55 4.13 -0.29
N LEU A 180 -38.85 4.50 0.78
CA LEU A 180 -38.57 5.91 1.03
C LEU A 180 -37.25 6.30 0.39
N SER A 181 -37.13 7.58 0.06
CA SER A 181 -35.88 8.07 -0.51
C SER A 181 -34.93 8.19 0.69
N ALA A 182 -33.63 8.23 0.42
CA ALA A 182 -32.66 8.37 1.50
C ALA A 182 -32.96 9.60 2.34
N LYS A 183 -33.31 10.71 1.70
CA LYS A 183 -33.61 11.92 2.45
C LYS A 183 -34.87 11.81 3.31
N ASN A 184 -35.95 11.28 2.73
CA ASN A 184 -37.19 11.13 3.50
C ASN A 184 -36.97 10.19 4.67
N TYR A 185 -36.12 9.19 4.46
CA TYR A 185 -35.77 8.20 5.48
C TYR A 185 -35.05 8.93 6.62
N GLY A 186 -34.09 9.77 6.27
CA GLY A 186 -33.34 10.52 7.27
C GLY A 186 -34.22 11.51 8.02
N ARG A 187 -35.20 12.09 7.34
CA ARG A 187 -36.09 13.04 7.98
C ARG A 187 -36.85 12.34 9.09
N ALA A 188 -37.34 11.14 8.80
CA ALA A 188 -38.08 10.36 9.79
C ALA A 188 -37.18 10.10 11.00
N CYS A 189 -35.91 9.80 10.74
CA CYS A 189 -34.94 9.55 11.80
C CYS A 189 -34.76 10.77 12.71
N TYR A 190 -34.53 11.93 12.10
CA TYR A 190 -34.33 13.15 12.87
C TYR A 190 -35.51 13.41 13.81
N GLU A 191 -36.72 13.31 13.28
CA GLU A 191 -37.90 13.56 14.10
C GLU A 191 -38.02 12.60 15.27
N CYS A 192 -37.68 11.33 15.06
CA CYS A 192 -37.73 10.33 16.12
C CYS A 192 -36.70 10.66 17.20
N LEU A 193 -35.46 10.87 16.78
CA LEU A 193 -34.38 11.17 17.70
C LEU A 193 -34.58 12.43 18.52
N ARG A 194 -35.07 13.50 17.89
CA ARG A 194 -35.26 14.76 18.60
C ARG A 194 -36.33 14.70 19.68
N GLY A 195 -37.22 13.71 19.58
CA GLY A 195 -38.29 13.57 20.55
C GLY A 195 -37.92 12.81 21.81
N GLY A 196 -36.74 12.22 21.86
CA GLY A 196 -36.34 11.50 23.06
C GLY A 196 -35.80 10.09 22.88
N LEU A 197 -35.81 9.57 21.67
CA LEU A 197 -35.28 8.24 21.45
C LEU A 197 -33.75 8.33 21.35
N ASP A 198 -33.08 7.28 21.76
CA ASP A 198 -31.61 7.26 21.72
C ASP A 198 -31.11 6.85 20.34
N PHE A 199 -31.86 5.96 19.69
CA PHE A 199 -31.47 5.44 18.38
C PHE A 199 -32.62 5.29 17.38
N THR A 200 -32.26 5.28 16.11
CA THR A 200 -33.21 4.96 15.05
C THR A 200 -32.49 3.79 14.39
N ASP A 202 -32.02 0.83 10.91
CA ASP A 202 -32.23 0.33 9.55
C ASP A 202 -32.88 -1.04 9.71
N ASP A 203 -33.82 -1.36 8.84
CA ASP A 203 -34.44 -2.68 8.90
C ASP A 203 -33.36 -3.68 8.52
N GLU A 204 -33.53 -4.94 8.94
CA GLU A 204 -32.55 -5.97 8.61
C GLU A 204 -32.42 -6.10 7.09
N ASN A 205 -33.49 -5.81 6.35
CA ASN A 205 -33.49 -5.92 4.88
C ASN A 205 -32.85 -4.74 4.17
N VAL A 206 -32.73 -3.62 4.88
CA VAL A 206 -32.15 -2.42 4.33
C VAL A 206 -30.63 -2.49 4.34
N ASN A 207 -30.05 -2.69 3.15
CA ASN A 207 -28.60 -2.77 2.98
C ASN A 207 -28.33 -1.66 1.96
N SER A 208 -28.40 -2.01 0.67
CA SER A 208 -28.25 -1.04 -0.40
C SER A 208 -29.15 -1.55 -1.50
N GLN A 209 -30.07 -0.71 -1.96
CA GLN A 209 -31.03 -1.13 -2.98
C GLN A 209 -31.38 -0.02 -3.96
N PRO A 210 -32.05 -0.37 -5.06
CA PRO A 210 -32.43 0.68 -6.01
C PRO A 210 -33.29 1.67 -5.24
N PHE A 211 -33.14 2.95 -5.56
CA PHE A 211 -33.90 4.03 -4.91
C PHE A 211 -33.34 4.49 -3.57
N MET A 212 -32.60 3.63 -2.87
CA MET A 212 -31.96 4.03 -1.62
C MET A 212 -30.64 3.30 -1.48
N ARG A 213 -29.61 3.89 -2.10
CA ARG A 213 -28.26 3.32 -2.04
C ARG A 213 -27.70 3.63 -0.66
N TRP A 214 -26.91 2.71 -0.13
CA TRP A 214 -26.37 2.86 1.23
C TRP A 214 -25.61 4.14 1.57
N ARG A 215 -24.71 4.59 0.71
CA ARG A 215 -23.96 5.79 1.04
C ARG A 215 -24.86 7.02 1.17
N ASP A 216 -25.90 7.10 0.36
CA ASP A 216 -26.81 8.23 0.46
C ASP A 216 -27.56 8.14 1.79
N ARG A 217 -27.96 6.94 2.17
CA ARG A 217 -28.67 6.75 3.44
C ARG A 217 -27.77 7.16 4.60
N PHE A 218 -26.50 6.77 4.54
CA PHE A 218 -25.55 7.09 5.60
C PHE A 218 -25.39 8.61 5.74
N VAL A 219 -25.30 9.31 4.62
CA VAL A 219 -25.15 10.77 4.64
C VAL A 219 -26.34 11.47 5.31
N PHE A 220 -27.56 11.14 4.87
CA PHE A 220 -28.73 11.77 5.44
C PHE A 220 -29.00 11.35 6.88
N CYS A 221 -28.71 10.09 7.21
CA CYS A 221 -28.91 9.65 8.58
C CYS A 221 -27.90 10.33 9.49
N ALA A 222 -26.69 10.58 8.99
CA ALA A 222 -25.68 11.27 9.79
C ALA A 222 -26.16 12.71 10.06
N GLU A 223 -26.72 13.36 9.05
CA GLU A 223 -27.20 14.72 9.26
C GLU A 223 -28.28 14.71 10.34
N ALA A 224 -29.16 13.71 10.28
CA ALA A 224 -30.24 13.56 11.25
C ALA A 224 -29.72 13.32 12.66
N ILE A 225 -28.74 12.44 12.78
CA ILE A 225 -28.15 12.13 14.08
C ILE A 225 -27.60 13.39 14.73
N TYR A 226 -26.80 14.14 13.98
CA TYR A 226 -26.20 15.34 14.53
C TYR A 226 -27.18 16.50 14.77
N LYS A 227 -28.22 16.59 13.94
CA LYS A 227 -29.19 17.67 14.11
C LYS A 227 -29.97 17.44 15.41
N SER A 228 -30.39 16.20 15.62
CA SER A 228 -31.15 15.87 16.83
C SER A 228 -30.28 15.95 18.08
N GLN A 229 -29.01 15.57 17.95
CA GLN A 229 -28.08 15.62 19.07
C GLN A 229 -27.86 17.07 19.49
N ALA A 230 -27.68 17.95 18.52
CA ALA A 230 -27.45 19.36 18.81
C ALA A 230 -28.70 19.99 19.44
N GLU A 231 -29.87 19.57 18.99
CA GLU A 231 -31.12 20.11 19.49
C GLU A 231 -31.45 19.67 20.92
N THR A 232 -31.22 18.40 21.21
CA THR A 232 -31.54 17.85 22.53
C THR A 232 -30.43 17.92 23.56
N GLY A 233 -29.19 17.83 23.11
CA GLY A 233 -28.07 17.85 24.03
C GLY A 233 -27.65 16.45 24.47
N GLU A 234 -28.37 15.43 24.01
CA GLU A 234 -28.07 14.04 24.34
C GLU A 234 -27.46 13.35 23.12
N ILE A 235 -26.56 12.39 23.36
CA ILE A 235 -25.92 11.66 22.28
C ILE A 235 -26.94 10.77 21.56
N LYS A 236 -26.91 10.83 20.23
CA LYS A 236 -27.83 10.07 19.38
C LYS A 236 -27.08 9.14 18.43
N GLY A 237 -27.80 8.17 17.90
CA GLY A 237 -27.21 7.24 16.97
C GLY A 237 -28.25 6.59 16.07
N HIS A 238 -27.78 5.93 15.02
CA HIS A 238 -28.67 5.24 14.08
C HIS A 238 -27.95 3.96 13.69
N TYR A 239 -28.61 2.82 13.86
CA TYR A 239 -27.96 1.55 13.50
C TYR A 239 -27.86 1.49 11.98
N LEU A 240 -26.70 1.89 11.46
CA LEU A 240 -26.46 1.88 10.01
C LEU A 240 -26.09 0.46 9.61
N ASN A 241 -26.96 -0.18 8.85
CA ASN A 241 -26.75 -1.56 8.42
C ASN A 241 -25.60 -1.71 7.42
N ALA A 242 -24.58 -2.46 7.82
CA ALA A 242 -23.41 -2.69 6.99
C ALA A 242 -23.46 -4.06 6.30
N THR A 243 -24.51 -4.83 6.58
CA THR A 243 -24.67 -6.16 5.98
C THR A 243 -24.55 -6.02 4.46
N ALA A 244 -23.74 -6.89 3.85
CA ALA A 244 -23.52 -6.83 2.42
C ALA A 244 -23.30 -8.19 1.77
N GLY A 245 -23.18 -8.18 0.45
CA GLY A 245 -22.97 -9.42 -0.28
C GLY A 245 -21.56 -9.98 -0.15
N THR A 246 -20.60 -9.10 0.10
CA THR A 246 -19.19 -9.50 0.25
C THR A 246 -18.56 -8.79 1.44
N CYS A 247 -17.45 -9.33 1.93
CA CYS A 247 -16.77 -8.73 3.06
C CYS A 247 -16.20 -7.36 2.69
N GLU A 248 -15.74 -7.25 1.45
CA GLU A 248 -15.19 -5.98 0.97
C GLU A 248 -16.25 -4.88 1.08
N GLU A 249 -17.48 -5.18 0.68
CA GLU A 249 -18.55 -4.19 0.73
C GLU A 249 -18.95 -3.88 2.18
N MET A 250 -19.03 -4.91 3.01
CA MET A 250 -19.39 -4.73 4.41
C MET A 250 -18.42 -3.77 5.08
N ILE A 251 -17.12 -4.02 4.91
CA ILE A 251 -16.11 -3.17 5.52
C ILE A 251 -16.17 -1.76 4.94
N LYS A 252 -16.42 -1.65 3.65
CA LYS A 252 -16.51 -0.35 2.97
C LYS A 252 -17.54 0.54 3.67
N ARG A 253 -18.66 -0.06 4.06
CA ARG A 253 -19.73 0.66 4.70
C ARG A 253 -19.34 1.05 6.13
N ALA A 254 -18.68 0.14 6.84
CA ALA A 254 -18.24 0.45 8.19
C ALA A 254 -17.21 1.59 8.15
N VAL A 255 -16.38 1.59 7.12
CA VAL A 255 -15.35 2.61 6.94
C VAL A 255 -15.95 4.01 6.77
N PHE A 256 -17.03 4.12 6.02
CA PHE A 256 -17.65 5.42 5.82
C PHE A 256 -18.34 5.87 7.11
N ALA A 257 -18.92 4.93 7.85
CA ALA A 257 -19.57 5.28 9.12
C ALA A 257 -18.48 5.85 10.02
N ARG A 258 -17.30 5.24 9.95
CA ARG A 258 -16.16 5.67 10.76
C ARG A 258 -15.78 7.10 10.37
N GLU A 259 -15.71 7.37 9.08
CA GLU A 259 -15.35 8.69 8.60
C GLU A 259 -16.37 9.72 9.09
N LEU A 260 -17.65 9.33 9.08
CA LEU A 260 -18.73 10.22 9.52
C LEU A 260 -18.70 10.47 11.02
N GLY A 261 -17.96 9.65 11.76
CA GLY A 261 -17.84 9.82 13.19
C GLY A 261 -19.05 9.39 13.99
N VAL A 262 -19.95 8.63 13.38
CA VAL A 262 -21.15 8.17 14.07
C VAL A 262 -20.80 7.08 15.06
N PRO A 263 -21.65 6.88 16.09
CA PRO A 263 -21.38 5.87 17.11
C PRO A 263 -21.69 4.40 16.91
N ILE A 264 -22.57 4.06 15.98
CA ILE A 264 -22.95 2.66 15.85
C ILE A 264 -23.34 2.18 14.45
N VAL A 265 -22.99 0.93 14.17
CA VAL A 265 -23.34 0.29 12.90
C VAL A 265 -24.09 -1.01 13.20
N MET A 266 -24.60 -1.65 12.16
CA MET A 266 -25.40 -2.86 12.32
C MET A 266 -25.03 -4.00 11.37
N HIS A 267 -25.34 -5.23 11.79
CA HIS A 267 -25.07 -6.41 10.96
C HIS A 267 -26.07 -7.52 11.24
N ASP A 268 -26.51 -8.21 10.19
CA ASP A 268 -27.43 -9.34 10.31
C ASP A 268 -26.44 -10.50 10.38
N TYR A 269 -26.06 -10.91 11.59
CA TYR A 269 -25.03 -11.93 11.73
C TYR A 269 -25.28 -13.32 11.17
N LEU A 270 -26.52 -13.79 11.19
CA LEU A 270 -26.80 -15.12 10.67
C LEU A 270 -26.83 -15.17 9.16
N THR A 271 -27.41 -14.16 8.51
CA THR A 271 -27.46 -14.16 7.07
C THR A 271 -26.13 -13.73 6.47
N GLY A 272 -25.43 -12.83 7.15
CA GLY A 272 -24.13 -12.39 6.66
C GLY A 272 -23.13 -13.52 6.93
N GLY A 273 -23.26 -14.13 8.10
CA GLY A 273 -22.37 -15.23 8.46
C GLY A 273 -21.38 -14.89 9.55
N PHE A 274 -20.91 -15.91 10.25
CA PHE A 274 -19.97 -15.71 11.34
C PHE A 274 -18.58 -15.26 10.93
N THR A 275 -18.09 -15.73 9.79
CA THR A 275 -16.77 -15.30 9.37
C THR A 275 -16.80 -13.79 9.11
N ALA A 276 -17.83 -13.32 8.43
CA ALA A 276 -17.96 -11.88 8.16
C ALA A 276 -18.24 -11.12 9.46
N ASN A 277 -19.10 -11.67 10.31
CA ASN A 277 -19.42 -10.96 11.55
C ASN A 277 -18.21 -10.75 12.43
N THR A 278 -17.36 -11.77 12.53
CA THR A 278 -16.17 -11.68 13.37
C THR A 278 -15.25 -10.60 12.80
N SER A 279 -15.11 -10.56 11.48
CA SER A 279 -14.28 -9.54 10.85
C SER A 279 -14.82 -8.16 11.18
N LEU A 280 -16.15 -8.01 11.11
CA LEU A 280 -16.76 -6.72 11.41
C LEU A 280 -16.57 -6.33 12.87
N ALA A 281 -16.69 -7.32 13.76
CA ALA A 281 -16.52 -7.06 15.19
C ALA A 281 -15.12 -6.57 15.47
N HIS A 282 -14.14 -7.12 14.77
CA HIS A 282 -12.75 -6.69 14.94
C HIS A 282 -12.59 -5.26 14.45
N TYR A 283 -13.21 -4.95 13.31
CA TYR A 283 -13.12 -3.61 12.77
C TYR A 283 -13.72 -2.61 13.75
N CYS A 284 -14.89 -2.95 14.31
CA CYS A 284 -15.55 -2.06 15.26
C CYS A 284 -14.70 -1.82 16.50
N ARG A 285 -14.03 -2.86 16.99
CA ARG A 285 -13.17 -2.73 18.16
C ARG A 285 -11.99 -1.80 17.83
N ASP A 286 -11.41 -1.99 16.66
CA ASP A 286 -10.27 -1.18 16.22
C ASP A 286 -10.62 0.26 15.91
N ASN A 287 -11.90 0.54 15.72
CA ASN A 287 -12.33 1.88 15.37
C ASN A 287 -13.38 2.53 16.28
N GLY A 288 -13.59 1.94 17.45
CA GLY A 288 -14.53 2.51 18.41
C GLY A 288 -16.00 2.53 18.05
N LEU A 289 -16.42 1.66 17.14
CA LEU A 289 -17.82 1.63 16.72
C LEU A 289 -18.64 0.59 17.48
N LEU A 290 -19.82 0.97 17.92
CA LEU A 290 -20.71 0.04 18.61
C LEU A 290 -21.31 -0.83 17.49
N LEU A 291 -21.69 -2.06 17.82
CA LEU A 291 -22.23 -2.97 16.81
C LEU A 291 -23.58 -3.57 17.21
N HIS A 292 -24.63 -3.15 16.51
CA HIS A 292 -25.98 -3.64 16.75
C HIS A 292 -26.20 -4.90 15.91
N ILE A 293 -26.56 -6.00 16.55
CA ILE A 293 -26.76 -7.25 15.83
C ILE A 293 -28.22 -7.68 15.72
N HIS A 294 -28.66 -7.90 14.48
CA HIS A 294 -30.03 -8.34 14.21
C HIS A 294 -29.96 -9.84 13.96
N ARG A 295 -30.93 -10.58 14.51
CA ARG A 295 -30.93 -12.04 14.37
C ARG A 295 -31.78 -12.60 13.23
N ALA A 296 -31.88 -11.84 12.15
CA ALA A 296 -32.65 -12.26 10.98
C ALA A 296 -32.38 -13.71 10.59
N MET A 297 -33.46 -14.43 10.31
CA MET A 297 -33.44 -15.83 9.89
C MET A 297 -33.32 -16.84 11.03
N HIS A 298 -33.19 -16.35 12.27
CA HIS A 298 -33.03 -17.27 13.40
C HIS A 298 -34.15 -18.29 13.54
N ALA A 299 -35.39 -17.88 13.29
CA ALA A 299 -36.56 -18.76 13.41
C ALA A 299 -36.54 -19.95 12.45
N VAL A 300 -35.74 -19.86 11.39
CA VAL A 300 -35.64 -20.96 10.44
C VAL A 300 -34.95 -22.11 11.16
N ILE A 301 -34.13 -21.76 12.14
CA ILE A 301 -33.34 -22.70 12.92
C ILE A 301 -33.80 -22.99 14.35
N ASP A 302 -34.26 -21.95 15.05
CA ASP A 302 -34.63 -22.10 16.46
C ASP A 302 -36.08 -22.17 16.90
N ARG A 303 -37.01 -22.26 15.96
CA ARG A 303 -38.41 -22.27 16.39
C ARG A 303 -38.99 -23.61 16.84
N GLN A 304 -38.76 -24.66 16.07
CA GLN A 304 -39.31 -25.97 16.40
C GLN A 304 -38.55 -26.62 17.54
N LYS A 305 -39.30 -27.16 18.51
CA LYS A 305 -38.67 -27.80 19.66
C LYS A 305 -37.98 -29.12 19.35
N ASN A 306 -38.41 -29.80 18.29
CA ASN A 306 -37.83 -31.09 17.95
C ASN A 306 -36.58 -31.06 17.07
N HIS A 307 -36.35 -29.98 16.36
CA HIS A 307 -35.19 -29.94 15.46
C HIS A 307 -34.62 -28.54 15.25
N GLY A 308 -33.29 -28.47 15.16
CA GLY A 308 -32.63 -27.20 14.95
C GLY A 308 -31.61 -26.86 16.03
N MET A 309 -31.59 -25.59 16.43
CA MET A 309 -30.69 -25.11 17.46
C MET A 309 -31.45 -24.05 18.25
N HIS A 310 -31.48 -24.18 19.58
CA HIS A 310 -32.19 -23.19 20.37
C HIS A 310 -31.47 -21.86 20.27
N PHE A 311 -32.23 -20.76 20.33
CA PHE A 311 -31.62 -19.45 20.22
C PHE A 311 -30.50 -19.18 21.22
N ARG A 312 -30.54 -19.81 22.39
CA ARG A 312 -29.51 -19.55 23.37
C ARG A 312 -28.13 -19.94 22.84
N VAL A 313 -28.08 -20.93 21.96
CA VAL A 313 -26.81 -21.35 21.39
C VAL A 313 -26.35 -20.28 20.41
N LEU A 314 -27.29 -19.76 19.62
CA LEU A 314 -26.98 -18.72 18.64
C LEU A 314 -26.59 -17.43 19.36
N ALA A 315 -27.12 -17.24 20.57
CA ALA A 315 -26.83 -16.06 21.37
C ALA A 315 -25.40 -16.14 21.94
N LYS A 316 -25.02 -17.30 22.47
CA LYS A 316 -23.67 -17.45 23.01
C LYS A 316 -22.66 -17.25 21.87
N ALA A 317 -22.97 -17.82 20.72
CA ALA A 317 -22.12 -17.70 19.54
C ALA A 317 -21.91 -16.23 19.15
N LEU A 318 -22.97 -15.44 19.21
CA LEU A 318 -22.86 -14.02 18.86
C LEU A 318 -21.99 -13.29 19.89
N ARG A 319 -22.17 -13.59 21.17
CA ARG A 319 -21.37 -12.91 22.18
C ARG A 319 -19.88 -13.20 21.90
N MET A 320 -19.57 -14.43 21.52
CA MET A 320 -18.19 -14.83 21.22
C MET A 320 -17.67 -14.20 19.93
N SER A 321 -18.47 -14.26 18.87
CA SER A 321 -18.07 -13.68 17.58
C SER A 321 -17.94 -12.16 17.71
N GLY A 322 -18.89 -11.54 18.41
CA GLY A 322 -18.82 -10.10 18.60
C GLY A 322 -20.05 -9.30 18.24
N GLY A 323 -20.57 -8.58 19.24
CA GLY A 323 -21.73 -7.73 19.05
C GLY A 323 -21.97 -6.99 20.36
N ASP A 324 -22.46 -5.75 20.26
CA ASP A 324 -22.74 -4.94 21.45
C ASP A 324 -24.23 -5.01 21.82
N HIS A 325 -25.09 -5.20 20.82
CA HIS A 325 -26.53 -5.34 21.02
C HIS A 325 -26.92 -6.61 20.25
N ILE A 326 -28.00 -7.27 20.68
CA ILE A 326 -28.52 -8.42 19.95
C ILE A 326 -30.01 -8.53 20.28
N HIS A 327 -30.82 -8.73 19.24
CA HIS A 327 -32.26 -8.86 19.44
C HIS A 327 -32.55 -10.12 20.25
N ALA A 328 -33.45 -10.00 21.22
CA ALA A 328 -33.79 -11.12 22.10
C ALA A 328 -35.27 -11.44 22.08
N GLY A 329 -35.99 -10.86 21.12
CA GLY A 329 -37.40 -11.15 21.01
C GLY A 329 -38.34 -10.04 21.44
N THR A 330 -39.48 -10.44 21.97
CA THR A 330 -40.47 -9.48 22.44
C THR A 330 -40.90 -9.86 23.85
N VAL A 331 -40.93 -11.17 24.11
CA VAL A 331 -41.30 -11.77 25.41
C VAL A 331 -42.50 -11.09 26.07
N VAL A 332 -43.06 -10.18 25.29
CA VAL A 332 -44.13 -9.24 25.56
C VAL A 332 -45.27 -9.44 26.56
N GLY A 333 -46.12 -10.46 26.35
CA GLY A 333 -47.31 -10.78 27.16
C GLY A 333 -47.35 -10.24 28.58
N LYS A 334 -47.86 -11.03 29.53
CA LYS A 334 -47.84 -10.59 30.91
C LYS A 334 -46.42 -10.80 31.44
N GLU A 338 -40.91 -17.22 25.20
CA GLU A 338 -41.33 -17.70 26.55
C GLU A 338 -40.52 -16.96 27.62
N ARG A 339 -41.22 -16.47 28.65
CA ARG A 339 -40.61 -15.71 29.74
C ARG A 339 -39.37 -16.28 30.41
N GLU A 340 -39.52 -17.43 31.08
CA GLU A 340 -38.39 -18.03 31.78
C GLU A 340 -37.22 -18.37 30.85
N MET A 341 -37.51 -18.92 29.68
CA MET A 341 -36.45 -19.27 28.73
C MET A 341 -35.74 -18.02 28.24
N THR A 342 -36.48 -16.94 28.05
CA THR A 342 -35.87 -15.71 27.60
C THR A 342 -34.96 -15.12 28.67
N LEU A 343 -35.45 -15.07 29.90
CA LEU A 343 -34.64 -14.54 31.00
C LEU A 343 -33.36 -15.37 31.09
N GLY A 344 -33.50 -16.66 30.78
CA GLY A 344 -32.36 -17.55 30.82
C GLY A 344 -31.26 -17.13 29.85
N PHE A 345 -31.60 -16.99 28.57
CA PHE A 345 -30.56 -16.60 27.62
C PHE A 345 -30.18 -15.13 27.72
N VAL A 346 -31.01 -14.32 28.36
CA VAL A 346 -30.67 -12.91 28.54
C VAL A 346 -29.49 -12.89 29.54
N ASP A 347 -29.59 -13.71 30.58
CA ASP A 347 -28.50 -13.76 31.56
C ASP A 347 -27.23 -14.31 30.91
N LEU A 348 -27.39 -15.30 30.02
CA LEU A 348 -26.25 -15.89 29.34
C LEU A 348 -25.56 -14.84 28.47
N LEU A 349 -26.34 -13.87 28.00
CA LEU A 349 -25.82 -12.80 27.16
C LEU A 349 -25.19 -11.65 27.92
N ARG A 350 -25.74 -11.32 29.09
CA ARG A 350 -25.26 -10.18 29.88
C ARG A 350 -24.31 -10.46 31.03
N ASP A 351 -24.53 -11.55 31.76
CA ASP A 351 -23.73 -11.83 32.94
C ASP A 351 -22.36 -12.48 32.75
N ASP A 352 -21.56 -12.44 33.81
CA ASP A 352 -20.23 -13.01 33.80
C ASP A 352 -20.25 -14.49 34.17
N PHE A 353 -21.14 -14.84 35.09
CA PHE A 353 -21.26 -16.22 35.55
C PHE A 353 -22.74 -16.59 35.64
N ILE A 354 -23.13 -17.67 34.98
CA ILE A 354 -24.52 -18.12 34.99
C ILE A 354 -24.61 -19.57 35.45
N GLU A 355 -25.23 -19.79 36.60
CA GLU A 355 -25.37 -21.15 37.14
C GLU A 355 -26.39 -21.98 36.39
N LYS A 356 -26.16 -23.28 36.33
CA LYS A 356 -27.06 -24.21 35.68
C LYS A 356 -28.47 -23.99 36.24
N ASP A 357 -29.45 -23.89 35.35
CA ASP A 357 -30.83 -23.66 35.76
C ASP A 357 -31.78 -24.19 34.69
N ARG A 358 -32.08 -25.48 34.77
CA ARG A 358 -32.97 -26.11 33.79
C ARG A 358 -34.34 -25.45 33.69
N ALA A 359 -34.79 -24.82 34.76
CA ALA A 359 -36.09 -24.15 34.76
C ALA A 359 -36.04 -22.97 33.78
N ARG A 360 -34.83 -22.56 33.41
CA ARG A 360 -34.68 -21.44 32.50
C ARG A 360 -33.89 -21.81 31.24
N GLY A 361 -33.84 -23.11 30.94
CA GLY A 361 -33.14 -23.57 29.75
C GLY A 361 -31.63 -23.51 29.80
N ILE A 362 -31.08 -23.29 30.99
CA ILE A 362 -29.63 -23.23 31.17
C ILE A 362 -29.16 -24.63 31.56
N PHE A 363 -28.66 -25.38 30.57
CA PHE A 363 -28.21 -26.75 30.79
C PHE A 363 -26.84 -26.88 31.44
N PHE A 364 -26.00 -25.86 31.29
CA PHE A 364 -24.65 -25.89 31.85
C PHE A 364 -24.32 -24.58 32.54
N THR A 365 -23.49 -24.66 33.57
CA THR A 365 -23.04 -23.45 34.25
C THR A 365 -22.09 -22.82 33.22
N GLN A 366 -22.25 -21.52 33.00
CA GLN A 366 -21.42 -20.81 32.01
C GLN A 366 -20.62 -19.68 32.65
N ASP A 367 -19.30 -19.77 32.53
CA ASP A 367 -18.37 -18.77 33.10
C ASP A 367 -17.71 -18.04 31.93
N TRP A 368 -17.96 -16.74 31.81
CA TRP A 368 -17.40 -15.96 30.72
C TRP A 368 -16.05 -15.30 31.00
N VAL A 369 -15.50 -15.54 32.19
CA VAL A 369 -14.23 -14.96 32.61
C VAL A 369 -13.95 -13.53 32.12
N SER A 370 -14.89 -12.63 32.41
CA SER A 370 -14.79 -11.22 32.08
C SER A 370 -15.00 -10.76 30.65
N MET A 371 -15.45 -11.65 29.78
CA MET A 371 -15.74 -11.21 28.43
C MET A 371 -16.97 -10.31 28.64
N PRO A 372 -17.00 -9.13 28.00
CA PRO A 372 -18.14 -8.22 28.15
C PRO A 372 -19.48 -8.81 27.73
N GLY A 373 -20.56 -8.28 28.30
CA GLY A 373 -21.89 -8.76 27.97
C GLY A 373 -22.46 -8.00 26.79
N VAL A 374 -23.58 -8.52 26.26
CA VAL A 374 -24.27 -7.92 25.12
C VAL A 374 -25.62 -7.40 25.58
N ILE A 375 -26.02 -6.22 25.09
CA ILE A 375 -27.31 -5.65 25.47
C ILE A 375 -28.44 -6.29 24.68
N PRO A 376 -29.41 -6.92 25.36
CA PRO A 376 -30.53 -7.55 24.66
C PRO A 376 -31.50 -6.49 24.17
N VAL A 377 -32.06 -6.71 22.98
CA VAL A 377 -33.00 -5.76 22.36
C VAL A 377 -34.38 -6.38 22.20
N ALA A 378 -35.38 -5.69 22.74
CA ALA A 378 -36.76 -6.16 22.65
C ALA A 378 -37.43 -5.41 21.51
N SER A 379 -38.21 -6.12 20.70
CA SER A 379 -38.87 -5.51 19.55
C SER A 379 -40.10 -6.25 19.10
N GLY A 380 -40.87 -5.62 18.21
CA GLY A 380 -42.08 -6.26 17.72
C GLY A 380 -43.25 -5.28 17.86
N GLY A 381 -44.46 -5.80 17.97
CA GLY A 381 -45.60 -4.93 18.10
C GLY A 381 -45.80 -4.47 19.54
N ILE A 382 -44.84 -3.71 20.08
CA ILE A 382 -44.95 -3.22 21.44
C ILE A 382 -45.24 -1.72 21.40
N HIS A 383 -45.90 -1.23 22.44
CA HIS A 383 -46.21 0.18 22.52
C HIS A 383 -46.18 0.61 23.98
N VAL A 384 -46.52 1.87 24.21
CA VAL A 384 -46.50 2.44 25.55
C VAL A 384 -47.08 1.62 26.68
N TRP A 385 -48.20 0.93 26.45
CA TRP A 385 -48.81 0.14 27.51
C TRP A 385 -47.95 -1.05 27.94
N HIS A 386 -46.95 -1.39 27.13
CA HIS A 386 -46.07 -2.51 27.43
C HIS A 386 -44.83 -2.07 28.22
N MET A 387 -44.62 -0.77 28.30
CA MET A 387 -43.44 -0.25 28.99
C MET A 387 -43.22 -0.82 30.39
N PRO A 388 -44.27 -0.87 31.23
CA PRO A 388 -44.06 -1.42 32.56
C PRO A 388 -43.53 -2.85 32.54
N ALA A 389 -44.17 -3.71 31.76
CA ALA A 389 -43.77 -5.11 31.65
C ALA A 389 -42.36 -5.27 31.10
N LEU A 390 -42.05 -4.53 30.04
CA LEU A 390 -40.72 -4.62 29.43
C LEU A 390 -39.63 -4.18 30.42
N THR A 391 -39.90 -3.12 31.15
CA THR A 391 -38.93 -2.60 32.12
C THR A 391 -38.71 -3.63 33.23
N GLU A 392 -39.79 -4.25 33.67
CA GLU A 392 -39.71 -5.23 34.74
C GLU A 392 -38.98 -6.50 34.28
N ILE A 393 -39.25 -6.93 33.04
CA ILE A 393 -38.65 -8.14 32.49
C ILE A 393 -37.15 -8.01 32.20
N PHE A 394 -36.77 -6.96 31.48
CA PHE A 394 -35.38 -6.76 31.09
C PHE A 394 -34.51 -5.94 32.03
N GLY A 395 -35.11 -5.03 32.78
CA GLY A 395 -34.31 -4.20 33.67
C GLY A 395 -33.68 -3.12 32.82
N ASP A 396 -32.75 -2.36 33.38
CA ASP A 396 -32.11 -1.26 32.66
C ASP A 396 -31.23 -1.64 31.48
N ASP A 397 -30.51 -2.75 31.59
CA ASP A 397 -29.61 -3.13 30.51
C ASP A 397 -30.29 -3.83 29.35
N SER A 398 -30.99 -3.02 28.56
CA SER A 398 -31.73 -3.50 27.41
C SER A 398 -32.01 -2.31 26.50
N VAL A 399 -32.43 -2.62 25.28
CA VAL A 399 -32.81 -1.60 24.30
C VAL A 399 -34.21 -2.00 23.88
N LEU A 400 -35.14 -1.06 23.96
CA LEU A 400 -36.52 -1.32 23.57
C LEU A 400 -36.78 -0.60 22.25
N GLN A 401 -37.08 -1.37 21.20
CA GLN A 401 -37.33 -0.81 19.87
C GLN A 401 -38.82 -0.65 19.57
N PHE A 402 -39.22 0.57 19.25
CA PHE A 402 -40.62 0.87 18.92
C PHE A 402 -40.76 1.37 17.50
N GLY A 403 -41.13 0.48 16.58
CA GLY A 403 -41.32 0.87 15.19
C GLY A 403 -42.65 1.55 15.01
N GLY A 404 -43.70 0.76 14.90
CA GLY A 404 -45.03 1.33 14.74
C GLY A 404 -45.41 2.12 15.98
N GLY A 405 -44.84 1.72 17.11
CA GLY A 405 -45.11 2.39 18.37
C GLY A 405 -44.63 3.83 18.44
N THR A 406 -43.88 4.26 17.42
CA THR A 406 -43.38 5.64 17.36
C THR A 406 -43.97 6.31 16.12
N LEU A 407 -43.70 5.71 14.95
CA LEU A 407 -44.16 6.22 13.67
C LEU A 407 -45.69 6.21 13.57
N GLY A 408 -46.32 5.47 14.47
CA GLY A 408 -47.77 5.38 14.46
C GLY A 408 -48.47 6.36 15.38
N HIS A 409 -47.71 7.18 16.09
CA HIS A 409 -48.31 8.16 17.00
C HIS A 409 -49.12 9.15 16.15
N PRO A 410 -50.33 9.49 16.61
CA PRO A 410 -51.18 10.42 15.86
C PRO A 410 -50.61 11.80 15.57
N TRP A 411 -49.63 12.24 16.36
CA TRP A 411 -49.04 13.56 16.15
C TRP A 411 -47.68 13.55 15.44
N GLY A 412 -47.22 12.38 15.03
CA GLY A 412 -45.94 12.31 14.35
C GLY A 412 -44.83 11.66 15.15
N ASN A 413 -43.63 11.62 14.58
CA ASN A 413 -42.47 10.97 15.20
C ASN A 413 -41.91 11.60 16.46
N ALA A 414 -41.76 12.92 16.49
CA ALA A 414 -41.21 13.57 17.68
C ALA A 414 -42.14 13.34 18.87
N PRO A 415 -43.45 13.58 18.70
CA PRO A 415 -44.36 13.36 19.83
C PRO A 415 -44.42 11.88 20.20
N GLY A 416 -44.29 11.01 19.20
CA GLY A 416 -44.31 9.58 19.43
C GLY A 416 -43.11 9.15 20.24
N ALA A 417 -41.96 9.75 19.95
CA ALA A 417 -40.74 9.45 20.66
C ALA A 417 -40.88 9.93 22.09
N ALA A 418 -41.41 11.15 22.25
CA ALA A 418 -41.59 11.73 23.57
C ALA A 418 -42.50 10.86 24.42
N ALA A 419 -43.57 10.35 23.81
CA ALA A 419 -44.51 9.49 24.53
C ALA A 419 -43.80 8.26 25.08
N ASN A 420 -42.97 7.63 24.27
CA ASN A 420 -42.23 6.44 24.71
C ASN A 420 -41.19 6.77 25.78
N ARG A 421 -40.47 7.87 25.60
CA ARG A 421 -39.45 8.28 26.56
C ARG A 421 -40.11 8.60 27.89
N VAL A 422 -41.24 9.30 27.84
CA VAL A 422 -41.96 9.66 29.06
C VAL A 422 -42.49 8.42 29.77
N ALA A 423 -43.11 7.53 29.00
CA ALA A 423 -43.65 6.30 29.58
C ALA A 423 -42.54 5.52 30.26
N LEU A 424 -41.38 5.47 29.61
CA LEU A 424 -40.25 4.74 30.16
C LEU A 424 -39.72 5.36 31.46
N GLU A 425 -39.50 6.67 31.45
CA GLU A 425 -38.98 7.31 32.65
C GLU A 425 -39.98 7.25 33.80
N ALA A 426 -41.27 7.22 33.47
CA ALA A 426 -42.30 7.13 34.51
C ALA A 426 -42.18 5.76 35.19
N CYS A 427 -41.96 4.73 34.40
CA CYS A 427 -41.81 3.37 34.92
C CYS A 427 -40.54 3.27 35.74
N VAL A 428 -39.46 3.84 35.22
CA VAL A 428 -38.18 3.84 35.93
C VAL A 428 -38.31 4.55 37.27
N GLN A 429 -38.91 5.74 37.26
CA GLN A 429 -39.08 6.49 38.50
C GLN A 429 -39.87 5.66 39.51
N ALA A 430 -40.99 5.11 39.06
CA ALA A 430 -41.85 4.30 39.92
C ALA A 430 -41.11 3.09 40.48
N ARG A 431 -40.37 2.39 39.63
CA ARG A 431 -39.62 1.23 40.06
C ARG A 431 -38.58 1.61 41.11
N ASN A 432 -37.86 2.70 40.86
CA ASN A 432 -36.83 3.16 41.79
C ASN A 432 -37.44 3.50 43.15
N GLU A 433 -38.65 4.05 43.13
CA GLU A 433 -39.32 4.42 44.38
C GLU A 433 -39.78 3.18 45.13
N GLY A 434 -39.75 2.03 44.46
CA GLY A 434 -40.15 0.80 45.10
C GLY A 434 -41.50 0.24 44.67
N ARG A 435 -42.14 0.86 43.69
CA ARG A 435 -43.44 0.40 43.23
C ARG A 435 -43.32 -0.89 42.41
N ASP A 436 -44.38 -1.68 42.40
CA ASP A 436 -44.42 -2.95 41.68
C ASP A 436 -44.93 -2.77 40.25
N LEU A 437 -44.01 -2.75 39.28
CA LEU A 437 -44.38 -2.57 37.88
C LEU A 437 -45.33 -3.67 37.39
N ALA A 438 -45.14 -4.88 37.90
CA ALA A 438 -45.96 -6.02 37.49
C ALA A 438 -47.40 -5.93 37.98
N ARG A 439 -47.69 -4.94 38.82
CA ARG A 439 -49.04 -4.79 39.35
C ARG A 439 -49.60 -3.37 39.25
N GLU A 440 -48.73 -2.37 39.26
CA GLU A 440 -49.16 -0.98 39.18
C GLU A 440 -48.87 -0.37 37.81
N GLY A 441 -48.40 -1.20 36.89
CA GLY A 441 -48.07 -0.73 35.55
C GLY A 441 -49.06 0.22 34.89
N ASN A 442 -50.31 -0.20 34.75
CA ASN A 442 -51.31 0.64 34.12
C ASN A 442 -51.53 1.95 34.85
N GLU A 443 -51.54 1.90 36.18
CA GLU A 443 -51.75 3.10 36.98
C GLU A 443 -50.59 4.08 36.85
N ILE A 444 -49.37 3.54 36.73
CA ILE A 444 -48.19 4.37 36.58
C ILE A 444 -48.29 5.12 35.26
N ILE A 445 -48.70 4.41 34.21
CA ILE A 445 -48.84 5.01 32.89
C ILE A 445 -49.96 6.04 32.91
N ARG A 446 -51.09 5.69 33.51
CA ARG A 446 -52.22 6.60 33.58
C ARG A 446 -51.86 7.89 34.31
N SER A 447 -51.06 7.77 35.38
CA SER A 447 -50.65 8.94 36.13
C SER A 447 -49.79 9.85 35.27
N ALA A 448 -48.95 9.26 34.43
CA ALA A 448 -48.09 10.03 33.55
C ALA A 448 -48.90 10.74 32.48
N CYS A 449 -50.02 10.13 32.08
CA CYS A 449 -50.89 10.74 31.07
C CYS A 449 -51.44 12.07 31.56
N LYS A 450 -51.54 12.21 32.89
CA LYS A 450 -52.04 13.44 33.50
C LYS A 450 -51.26 14.69 33.11
N TRP A 451 -49.94 14.55 33.00
CA TRP A 451 -49.09 15.69 32.65
C TRP A 451 -48.42 15.62 31.29
N SER A 452 -48.58 14.51 30.58
CA SER A 452 -47.97 14.36 29.27
C SER A 452 -49.01 14.17 28.16
N PRO A 453 -49.35 15.24 27.45
CA PRO A 453 -50.34 15.15 26.37
C PRO A 453 -49.91 14.16 25.29
N GLU A 454 -48.60 14.10 25.06
CA GLU A 454 -48.05 13.19 24.06
C GLU A 454 -48.35 11.73 24.44
N LEU A 455 -48.12 11.39 25.71
CA LEU A 455 -48.38 10.03 26.17
C LEU A 455 -49.88 9.75 26.18
N ALA A 456 -50.67 10.72 26.62
CA ALA A 456 -52.11 10.53 26.66
C ALA A 456 -52.65 10.18 25.28
N ALA A 457 -52.15 10.85 24.26
CA ALA A 457 -52.58 10.60 22.88
C ALA A 457 -52.19 9.18 22.43
N ALA A 458 -51.02 8.73 22.85
CA ALA A 458 -50.54 7.40 22.49
C ALA A 458 -51.39 6.32 23.18
N CYS A 459 -51.65 6.51 24.46
CA CYS A 459 -52.43 5.54 25.23
C CYS A 459 -53.84 5.34 24.71
N GLU A 460 -54.43 6.40 24.17
CA GLU A 460 -55.79 6.32 23.65
C GLU A 460 -55.86 5.44 22.40
N ILE A 461 -54.86 5.58 21.54
CA ILE A 461 -54.82 4.81 20.30
C ILE A 461 -54.53 3.33 20.46
N TRP A 462 -53.61 2.99 21.37
CA TRP A 462 -53.24 1.58 21.56
C TRP A 462 -53.68 0.87 22.84
N LYS A 463 -54.83 1.24 23.40
CA LYS A 463 -55.26 0.57 24.62
C LYS A 463 -56.19 -0.62 24.34
N MET B 2 -53.47 18.11 17.29
CA MET B 2 -52.07 17.73 17.11
C MET B 2 -51.17 18.81 17.71
N GLN B 3 -50.17 18.39 18.49
CA GLN B 3 -49.26 19.35 19.10
C GLN B 3 -47.82 19.11 18.64
N VAL B 4 -47.09 20.20 18.46
CA VAL B 4 -45.71 20.15 17.98
C VAL B 4 -44.68 20.13 19.11
N TRP B 5 -43.77 19.17 19.05
CA TRP B 5 -42.74 19.04 20.07
C TRP B 5 -41.79 20.25 19.97
N PRO B 6 -41.54 20.93 21.09
CA PRO B 6 -40.66 22.11 21.10
C PRO B 6 -39.27 21.86 20.51
N ILE B 7 -38.72 22.88 19.85
CA ILE B 7 -37.41 22.76 19.25
C ILE B 7 -36.35 23.48 20.09
N GLU B 8 -36.79 24.27 21.06
CA GLU B 8 -35.85 25.00 21.92
C GLU B 8 -36.33 25.07 23.36
N GLY B 9 -35.40 25.32 24.27
CA GLY B 9 -35.73 25.44 25.68
C GLY B 9 -36.06 24.15 26.38
N ILE B 10 -35.90 23.03 25.69
CA ILE B 10 -36.21 21.72 26.26
C ILE B 10 -35.02 20.77 26.20
N LYS B 11 -33.80 21.31 26.24
CA LYS B 11 -32.64 20.45 26.18
C LYS B 11 -32.65 19.47 27.35
N LYS B 12 -32.10 18.29 27.13
CA LYS B 12 -32.14 17.23 28.14
C LYS B 12 -30.86 16.79 28.84
N PHE B 13 -31.04 15.98 29.88
CA PHE B 13 -29.95 15.50 30.71
C PHE B 13 -30.09 14.01 31.00
N GLU B 14 -30.51 13.27 29.99
CA GLU B 14 -30.70 11.84 30.10
C GLU B 14 -31.80 11.42 31.09
N THR B 15 -31.59 10.28 31.75
CA THR B 15 -32.59 9.73 32.65
C THR B 15 -33.30 10.63 33.66
N LEU B 16 -34.62 10.66 33.52
CA LEU B 16 -35.56 11.42 34.34
C LEU B 16 -35.78 12.86 33.90
N SER B 17 -35.03 13.31 32.89
CA SER B 17 -35.18 14.68 32.44
C SER B 17 -36.42 14.95 31.58
N TYR B 18 -37.20 13.91 31.30
CA TYR B 18 -38.43 14.08 30.54
C TYR B 18 -39.62 14.13 31.48
N LEU B 19 -39.35 13.96 32.78
CA LEU B 19 -40.39 14.01 33.80
C LEU B 19 -40.52 15.47 34.25
N PRO B 20 -41.62 15.81 34.94
CA PRO B 20 -41.77 17.20 35.40
C PRO B 20 -40.68 17.49 36.42
N PRO B 21 -40.41 18.77 36.69
CA PRO B 21 -39.36 19.10 37.66
C PRO B 21 -39.59 18.29 38.95
N LEU B 22 -38.54 17.63 39.40
CA LEU B 22 -38.61 16.82 40.61
C LEU B 22 -38.75 17.65 41.89
N THR B 23 -39.71 17.29 42.72
CA THR B 23 -39.92 17.99 43.98
C THR B 23 -38.89 17.46 44.96
N VAL B 24 -38.71 18.14 46.08
CA VAL B 24 -37.75 17.69 47.07
C VAL B 24 -38.08 16.26 47.47
N GLU B 25 -39.35 15.98 47.72
CA GLU B 25 -39.79 14.65 48.11
C GLU B 25 -39.44 13.62 47.04
N ASP B 26 -39.66 13.98 45.78
CA ASP B 26 -39.37 13.11 44.64
C ASP B 26 -37.87 12.81 44.61
N LEU B 27 -37.06 13.85 44.80
CA LEU B 27 -35.62 13.69 44.79
C LEU B 27 -35.14 12.75 45.89
N LEU B 28 -35.65 12.93 47.11
CA LEU B 28 -35.23 12.07 48.21
C LEU B 28 -35.49 10.60 47.92
N LYS B 29 -36.59 10.30 47.24
CA LYS B 29 -36.91 8.91 46.91
C LYS B 29 -35.88 8.31 45.95
N GLN B 30 -35.44 9.09 44.98
CA GLN B 30 -34.45 8.60 44.02
C GLN B 30 -33.11 8.39 44.72
N ILE B 31 -32.78 9.26 45.68
CA ILE B 31 -31.53 9.13 46.41
C ILE B 31 -31.59 7.87 47.29
N GLU B 32 -32.71 7.66 47.96
CA GLU B 32 -32.88 6.49 48.81
C GLU B 32 -32.74 5.20 47.99
N TYR B 33 -33.20 5.24 46.75
CA TYR B 33 -33.09 4.09 45.86
C TYR B 33 -31.62 3.75 45.71
N LEU B 34 -30.81 4.79 45.52
CA LEU B 34 -29.38 4.62 45.36
C LEU B 34 -28.81 3.98 46.63
N LEU B 35 -29.18 4.54 47.78
CA LEU B 35 -28.69 4.02 49.06
C LEU B 35 -29.17 2.59 49.36
N ARG B 36 -30.44 2.29 49.07
CA ARG B 36 -30.95 0.95 49.30
C ARG B 36 -30.26 -0.06 48.40
N SER B 37 -29.86 0.39 47.22
CA SER B 37 -29.20 -0.46 46.24
C SER B 37 -27.71 -0.59 46.54
N LYS B 38 -27.28 0.06 47.62
CA LYS B 38 -25.89 0.04 48.05
C LYS B 38 -24.94 0.66 47.04
N TRP B 39 -25.39 1.73 46.40
CA TRP B 39 -24.57 2.46 45.44
C TRP B 39 -24.14 3.75 46.12
N VAL B 40 -23.04 4.33 45.65
CA VAL B 40 -22.52 5.56 46.25
C VAL B 40 -22.94 6.81 45.48
N PRO B 41 -23.66 7.72 46.16
CA PRO B 41 -24.09 8.95 45.48
C PRO B 41 -22.95 9.96 45.38
N CYS B 42 -23.00 10.81 44.37
CA CYS B 42 -21.98 11.84 44.17
C CYS B 42 -22.62 12.95 43.34
N LEU B 43 -22.24 14.18 43.62
CA LEU B 43 -22.78 15.30 42.86
C LEU B 43 -21.77 15.77 41.81
N GLU B 44 -22.28 16.24 40.68
CA GLU B 44 -21.45 16.75 39.58
C GLU B 44 -22.08 18.05 39.11
N PHE B 45 -21.25 19.01 38.72
CA PHE B 45 -21.78 20.28 38.25
C PHE B 45 -21.02 20.82 37.05
N SER B 46 -21.69 21.69 36.30
CA SER B 46 -21.10 22.25 35.10
C SER B 46 -21.87 23.48 34.64
N LYS B 47 -21.19 24.42 34.01
CA LYS B 47 -21.88 25.61 33.51
C LYS B 47 -22.29 25.36 32.07
N VAL B 48 -21.83 24.24 31.52
CA VAL B 48 -22.18 23.82 30.16
C VAL B 48 -22.97 22.53 30.38
N GLY B 49 -24.23 22.52 29.99
CA GLY B 49 -25.03 21.34 30.24
C GLY B 49 -25.13 20.25 29.21
N PHE B 50 -24.50 20.42 28.05
CA PHE B 50 -24.64 19.41 27.01
C PHE B 50 -23.36 18.98 26.30
N VAL B 51 -23.46 17.89 25.54
CA VAL B 51 -22.30 17.37 24.82
C VAL B 51 -21.96 18.16 23.57
N TYR B 52 -20.69 18.10 23.18
CA TYR B 52 -20.22 18.78 21.98
C TYR B 52 -19.02 18.01 21.45
N ARG B 53 -18.53 18.40 20.28
CA ARG B 53 -17.38 17.72 19.69
C ARG B 53 -16.38 18.74 19.18
N GLU B 54 -15.51 19.19 20.08
CA GLU B 54 -14.51 20.19 19.76
C GLU B 54 -13.15 19.61 19.40
N ASN B 55 -12.70 18.61 20.16
CA ASN B 55 -11.39 18.03 19.96
C ASN B 55 -11.28 16.84 19.02
N HIS B 56 -12.40 16.19 18.72
CA HIS B 56 -12.35 15.04 17.84
C HIS B 56 -13.76 14.63 17.46
N ARG B 57 -13.88 13.94 16.33
CA ARG B 57 -15.17 13.49 15.86
C ARG B 57 -15.13 12.02 15.48
N SER B 58 -14.15 11.28 15.99
CA SER B 58 -14.05 9.85 15.71
C SER B 58 -15.16 9.15 16.48
N PRO B 59 -15.55 7.94 16.05
CA PRO B 59 -16.61 7.19 16.74
C PRO B 59 -16.41 7.05 18.25
N GLY B 60 -17.45 7.35 19.01
CA GLY B 60 -17.37 7.21 20.45
C GLY B 60 -16.69 8.33 21.20
N TYR B 61 -16.19 9.35 20.48
CA TYR B 61 -15.55 10.47 21.16
C TYR B 61 -16.45 11.68 21.20
N TYR B 62 -16.66 12.21 22.40
CA TYR B 62 -17.48 13.40 22.60
C TYR B 62 -16.87 14.20 23.74
N ASP B 63 -17.03 15.51 23.68
CA ASP B 63 -16.57 16.38 24.76
C ASP B 63 -17.86 16.68 25.53
N GLY B 64 -17.73 17.17 26.76
CA GLY B 64 -18.91 17.51 27.53
C GLY B 64 -19.63 16.36 28.22
N ARG B 65 -19.07 15.16 28.19
CA ARG B 65 -19.70 14.02 28.86
C ARG B 65 -19.33 14.15 30.33
N TYR B 66 -18.07 14.44 30.62
CA TYR B 66 -17.65 14.62 32.00
C TYR B 66 -18.06 16.00 32.48
N TRP B 67 -18.48 16.07 33.74
CA TRP B 67 -18.80 17.35 34.36
C TRP B 67 -17.77 17.41 35.49
N THR B 68 -17.89 18.38 36.39
CA THR B 68 -16.95 18.49 37.48
C THR B 68 -17.53 17.89 38.75
N MET B 69 -16.70 17.14 39.47
CA MET B 69 -17.14 16.49 40.70
C MET B 69 -17.28 17.47 41.85
N TRP B 70 -18.39 17.37 42.57
CA TRP B 70 -18.60 18.22 43.74
C TRP B 70 -18.06 17.41 44.90
N LYS B 71 -16.92 17.82 45.44
CA LYS B 71 -16.30 17.11 46.55
C LYS B 71 -15.99 15.67 46.12
N LEU B 72 -16.42 14.68 46.91
CA LEU B 72 -16.17 13.27 46.59
C LEU B 72 -17.41 12.40 46.75
N PRO B 73 -17.37 11.17 46.20
CA PRO B 73 -18.53 10.29 46.33
C PRO B 73 -18.77 10.10 47.83
N MET B 74 -20.03 10.11 48.24
CA MET B 74 -20.36 9.99 49.65
C MET B 74 -20.38 8.56 50.16
N PHE B 75 -19.18 7.98 50.27
CA PHE B 75 -19.04 6.61 50.75
C PHE B 75 -19.59 6.48 52.17
N GLY B 76 -20.28 5.37 52.43
CA GLY B 76 -20.84 5.13 53.74
C GLY B 76 -22.10 5.92 54.08
N CYS B 77 -22.57 6.73 53.14
CA CYS B 77 -23.78 7.53 53.38
C CYS B 77 -25.00 6.64 53.64
N THR B 78 -25.72 6.94 54.71
CA THR B 78 -26.91 6.17 55.06
C THR B 78 -28.09 7.11 55.32
N ASP B 79 -27.89 8.38 54.98
CA ASP B 79 -28.92 9.39 55.17
C ASP B 79 -29.10 10.20 53.90
N ALA B 80 -30.19 9.93 53.18
CA ALA B 80 -30.47 10.62 51.93
C ALA B 80 -30.50 12.14 52.13
N THR B 81 -30.82 12.56 53.35
CA THR B 81 -30.87 13.97 53.68
C THR B 81 -29.50 14.63 53.52
N GLN B 82 -28.45 13.84 53.72
CA GLN B 82 -27.09 14.35 53.61
C GLN B 82 -26.79 14.75 52.17
N VAL B 83 -27.32 13.99 51.22
CA VAL B 83 -27.11 14.29 49.80
C VAL B 83 -27.80 15.59 49.45
N LEU B 84 -29.00 15.79 50.01
CA LEU B 84 -29.77 17.01 49.78
C LEU B 84 -28.99 18.21 50.29
N LYS B 85 -28.37 18.05 51.46
CA LYS B 85 -27.59 19.10 52.08
C LYS B 85 -26.49 19.56 51.12
N GLU B 86 -25.77 18.60 50.55
CA GLU B 86 -24.70 18.92 49.63
C GLU B 86 -25.24 19.59 48.37
N LEU B 87 -26.39 19.12 47.88
CA LEU B 87 -26.99 19.73 46.69
C LEU B 87 -27.26 21.20 46.95
N GLU B 88 -27.73 21.52 48.15
CA GLU B 88 -28.01 22.91 48.51
C GLU B 88 -26.74 23.76 48.55
N GLU B 89 -25.64 23.18 49.02
CA GLU B 89 -24.37 23.90 49.08
C GLU B 89 -23.88 24.20 47.66
N ALA B 90 -24.01 23.20 46.79
CA ALA B 90 -23.58 23.34 45.40
C ALA B 90 -24.35 24.47 44.73
N LYS B 91 -25.67 24.47 44.92
CA LYS B 91 -26.53 25.50 44.35
C LYS B 91 -26.16 26.88 44.87
N LYS B 92 -25.78 26.95 46.14
CA LYS B 92 -25.39 28.21 46.77
C LYS B 92 -24.06 28.70 46.23
N ALA B 93 -23.12 27.78 46.05
CA ALA B 93 -21.80 28.13 45.54
C ALA B 93 -21.82 28.38 44.04
N TYR B 94 -22.63 27.60 43.33
CA TYR B 94 -22.73 27.71 41.89
C TYR B 94 -24.19 27.80 41.43
N PRO B 95 -24.85 28.92 41.70
CA PRO B 95 -26.25 29.08 41.30
C PRO B 95 -26.47 29.11 39.78
N ASP B 96 -25.42 29.40 39.03
CA ASP B 96 -25.51 29.47 37.57
C ASP B 96 -25.03 28.21 36.87
N ALA B 97 -24.87 27.14 37.63
CA ALA B 97 -24.41 25.87 37.05
C ALA B 97 -25.46 24.79 37.18
N PHE B 98 -25.37 23.78 36.32
CA PHE B 98 -26.28 22.65 36.37
C PHE B 98 -25.67 21.70 37.39
N VAL B 99 -26.52 20.98 38.11
CA VAL B 99 -26.04 20.03 39.10
C VAL B 99 -26.81 18.73 38.92
N ARG B 100 -26.07 17.63 38.81
CA ARG B 100 -26.71 16.34 38.66
C ARG B 100 -26.19 15.37 39.71
N ILE B 101 -27.00 14.36 40.02
CA ILE B 101 -26.63 13.35 40.98
C ILE B 101 -26.29 12.07 40.25
N ILE B 102 -25.08 11.55 40.51
CA ILE B 102 -24.65 10.32 39.87
C ILE B 102 -24.43 9.25 40.93
N GLY B 103 -24.25 8.02 40.49
CA GLY B 103 -24.04 6.94 41.43
C GLY B 103 -23.01 5.96 40.92
N PHE B 104 -22.23 5.40 41.84
CA PHE B 104 -21.18 4.44 41.50
C PHE B 104 -21.41 3.14 42.25
N ASP B 105 -21.14 2.01 41.61
CA ASP B 105 -21.27 0.72 42.26
C ASP B 105 -19.90 0.06 42.19
N ASN B 106 -19.37 -0.31 43.35
CA ASN B 106 -18.05 -0.92 43.40
C ASN B 106 -18.09 -2.39 42.98
N VAL B 107 -19.28 -2.97 42.92
CA VAL B 107 -19.43 -4.37 42.52
C VAL B 107 -19.37 -4.50 41.00
N ARG B 108 -20.23 -3.77 40.30
CA ARG B 108 -20.21 -3.80 38.83
C ARG B 108 -19.00 -2.99 38.39
N GLN B 109 -18.45 -2.23 39.33
CA GLN B 109 -17.27 -1.40 39.10
C GLN B 109 -17.47 -0.29 38.07
N VAL B 110 -18.64 0.33 38.10
CA VAL B 110 -18.94 1.39 37.14
C VAL B 110 -19.88 2.44 37.71
N GLN B 111 -19.96 3.57 37.01
CA GLN B 111 -20.91 4.60 37.37
C GLN B 111 -22.16 3.96 36.79
N LEU B 112 -23.31 4.07 37.45
CA LEU B 112 -24.52 3.45 36.91
C LEU B 112 -25.80 4.26 37.09
N ILE B 113 -25.67 5.48 37.60
CA ILE B 113 -26.80 6.38 37.80
C ILE B 113 -26.39 7.79 37.42
N SER B 114 -27.35 8.57 36.93
CA SER B 114 -27.11 9.97 36.57
C SER B 114 -28.41 10.66 36.21
N PHE B 115 -28.82 11.62 37.06
CA PHE B 115 -30.04 12.37 36.80
C PHE B 115 -29.89 13.82 37.27
N ILE B 116 -30.51 14.73 36.53
CA ILE B 116 -30.43 16.15 36.84
C ILE B 116 -31.15 16.47 38.15
N ALA B 117 -30.56 17.36 38.94
CA ALA B 117 -31.13 17.74 40.23
C ALA B 117 -31.36 19.25 40.36
N TYR B 118 -30.61 20.02 39.59
CA TYR B 118 -30.74 21.48 39.62
C TYR B 118 -30.35 22.12 38.29
N LYS B 119 -31.17 23.06 37.84
CA LYS B 119 -30.93 23.81 36.62
C LYS B 119 -31.03 25.27 37.05
N PRO B 120 -30.14 26.13 36.55
CA PRO B 120 -30.16 27.55 36.91
C PRO B 120 -31.54 28.21 36.74
N PRO B 121 -31.58 29.56 36.78
CA PRO B 121 -32.84 30.27 36.63
C PRO B 121 -33.10 30.68 35.17
N GLY B 122 -32.54 29.92 34.23
CA GLY B 122 -32.73 30.22 32.83
C GLY B 122 -32.26 29.10 31.92
N CYS B 123 -32.47 27.88 32.35
CA CYS B 123 -32.06 26.71 31.58
C CYS B 123 -32.95 25.51 31.89
N GLY C 12 -56.26 10.13 4.17
CA GLY C 12 -55.69 10.72 5.39
C GLY C 12 -55.03 9.69 6.27
N PHE C 13 -54.05 10.14 7.05
CA PHE C 13 -53.38 9.25 7.97
C PHE C 13 -54.30 9.20 9.15
N LYS C 14 -54.92 8.06 9.36
CA LYS C 14 -55.76 7.96 10.52
C LYS C 14 -55.17 7.25 11.69
N ALA C 15 -54.96 5.94 11.65
CA ALA C 15 -54.55 5.46 12.94
C ALA C 15 -53.72 4.25 13.27
N GLY C 16 -53.85 3.94 14.56
CA GLY C 16 -53.17 2.82 15.18
C GLY C 16 -53.58 1.48 14.62
N VAL C 17 -53.49 0.52 15.55
CA VAL C 17 -53.82 -0.88 15.49
C VAL C 17 -54.73 -1.43 14.39
N LYS C 21 -55.26 -10.95 4.56
CA LYS C 21 -55.75 -11.44 3.23
C LYS C 21 -56.49 -10.35 2.47
N LEU C 22 -56.49 -9.14 3.01
CA LEU C 22 -57.18 -8.02 2.38
C LEU C 22 -56.25 -7.21 1.48
N THR C 23 -54.95 -7.52 1.52
CA THR C 23 -53.97 -6.80 0.72
C THR C 23 -52.83 -7.66 0.19
N TYR C 24 -52.43 -8.65 0.98
CA TYR C 24 -51.32 -9.51 0.60
C TYR C 24 -51.71 -10.81 -0.08
N TYR C 25 -53.01 -11.03 -0.23
CA TYR C 25 -53.49 -12.24 -0.90
C TYR C 25 -54.11 -11.78 -2.22
N THR C 26 -53.38 -12.00 -3.30
CA THR C 26 -53.79 -11.60 -4.65
C THR C 26 -53.78 -12.80 -5.59
N PRO C 27 -54.83 -13.62 -5.54
CA PRO C 27 -55.00 -14.83 -6.35
C PRO C 27 -54.91 -14.75 -7.87
N GLU C 28 -55.11 -13.57 -8.47
CA GLU C 28 -55.00 -13.48 -9.92
C GLU C 28 -53.80 -12.65 -10.38
N TYR C 29 -52.91 -12.35 -9.44
CA TYR C 29 -51.71 -11.59 -9.77
C TYR C 29 -50.90 -12.39 -10.79
N GLU C 30 -50.45 -11.73 -11.85
CA GLU C 30 -49.65 -12.40 -12.86
C GLU C 30 -48.20 -11.99 -12.59
N THR C 31 -47.38 -12.98 -12.25
CA THR C 31 -45.98 -12.74 -11.94
C THR C 31 -45.23 -12.05 -13.07
N LYS C 32 -44.30 -11.18 -12.71
CA LYS C 32 -43.49 -10.45 -13.67
C LYS C 32 -42.21 -11.25 -13.86
N ASP C 33 -41.62 -11.16 -15.04
CA ASP C 33 -40.39 -11.89 -15.32
C ASP C 33 -39.22 -11.45 -14.43
N THR C 34 -39.38 -10.33 -13.73
CA THR C 34 -38.33 -9.82 -12.85
C THR C 34 -38.58 -10.12 -11.37
N ASP C 35 -39.74 -10.69 -11.06
CA ASP C 35 -40.06 -11.02 -9.66
C ASP C 35 -39.26 -12.22 -9.17
N ILE C 36 -38.95 -12.22 -7.88
CA ILE C 36 -38.29 -13.36 -7.27
C ILE C 36 -39.50 -14.10 -6.70
N LEU C 37 -39.68 -15.36 -7.07
CA LEU C 37 -40.82 -16.13 -6.59
C LEU C 37 -40.41 -17.14 -5.53
N ALA C 38 -41.30 -17.38 -4.57
CA ALA C 38 -41.00 -18.33 -3.51
C ALA C 38 -42.18 -19.29 -3.31
N ALA C 39 -41.85 -20.55 -3.01
CA ALA C 39 -42.86 -21.57 -2.75
C ALA C 39 -42.64 -22.00 -1.30
N PHE C 40 -43.60 -21.65 -0.44
CA PHE C 40 -43.53 -21.96 0.99
C PHE C 40 -44.49 -23.08 1.38
N ARG C 41 -44.01 -24.03 2.16
CA ARG C 41 -44.88 -25.11 2.65
C ARG C 41 -45.32 -24.56 4.01
N VAL C 42 -46.59 -24.16 4.11
CA VAL C 42 -47.11 -23.57 5.33
C VAL C 42 -48.08 -24.44 6.12
N THR C 43 -47.89 -24.46 7.43
CA THR C 43 -48.77 -25.19 8.34
C THR C 43 -49.39 -24.15 9.27
N PRO C 44 -50.63 -23.73 8.97
CA PRO C 44 -51.33 -22.71 9.78
C PRO C 44 -51.67 -23.17 11.20
N GLN C 45 -51.80 -22.22 12.10
CA GLN C 45 -52.18 -22.51 13.48
C GLN C 45 -53.65 -22.90 13.45
N PRO C 46 -54.12 -23.64 14.45
CA PRO C 46 -55.53 -24.05 14.49
C PRO C 46 -56.44 -22.82 14.43
N GLY C 47 -57.41 -22.85 13.53
CA GLY C 47 -58.34 -21.74 13.40
C GLY C 47 -57.91 -20.66 12.43
N VAL C 48 -56.82 -20.89 11.71
CA VAL C 48 -56.31 -19.92 10.75
C VAL C 48 -56.54 -20.39 9.31
N PRO C 49 -57.38 -19.65 8.56
CA PRO C 49 -57.69 -19.99 7.17
C PRO C 49 -56.41 -20.05 6.31
N PRO C 50 -56.35 -20.99 5.36
CA PRO C 50 -55.14 -21.07 4.52
C PRO C 50 -54.89 -19.80 3.72
N GLU C 51 -55.95 -19.05 3.41
CA GLU C 51 -55.79 -17.81 2.66
C GLU C 51 -55.10 -16.77 3.53
N GLU C 52 -55.46 -16.74 4.82
CA GLU C 52 -54.83 -15.80 5.75
C GLU C 52 -53.42 -16.26 6.04
N ALA C 53 -53.24 -17.58 6.05
CA ALA C 53 -51.94 -18.16 6.31
C ALA C 53 -50.99 -17.73 5.21
N GLY C 54 -51.36 -18.04 3.97
CA GLY C 54 -50.52 -17.67 2.84
C GLY C 54 -50.40 -16.16 2.74
N ALA C 55 -51.41 -15.45 3.19
CA ALA C 55 -51.39 -13.99 3.14
C ALA C 55 -50.41 -13.42 4.16
N ALA C 56 -50.37 -14.02 5.35
CA ALA C 56 -49.47 -13.55 6.40
C ALA C 56 -48.03 -13.82 5.98
N VAL C 57 -47.81 -14.91 5.25
CA VAL C 57 -46.48 -15.26 4.79
C VAL C 57 -45.93 -14.12 3.94
N ALA C 58 -46.79 -13.59 3.07
CA ALA C 58 -46.41 -12.49 2.19
C ALA C 58 -46.17 -11.19 2.96
N ALA C 59 -47.09 -10.83 3.84
CA ALA C 59 -46.96 -9.60 4.61
C ALA C 59 -45.75 -9.60 5.53
N GLU C 60 -45.55 -10.70 6.26
CA GLU C 60 -44.44 -10.79 7.19
C GLU C 60 -43.07 -10.98 6.56
N SER C 61 -43.04 -11.18 5.23
CA SER C 61 -41.77 -11.31 4.55
C SER C 61 -41.60 -10.10 3.65
N SER C 62 -42.37 -9.05 3.92
CA SER C 62 -42.29 -7.81 3.17
C SER C 62 -42.67 -6.56 3.98
N THR C 63 -43.79 -5.94 3.65
CA THR C 63 -44.22 -4.69 4.30
C THR C 63 -45.19 -4.73 5.50
N GLY C 64 -45.46 -5.91 6.05
CA GLY C 64 -46.37 -5.96 7.19
C GLY C 64 -46.05 -4.95 8.27
N THR C 65 -47.08 -4.48 8.95
CA THR C 65 -46.91 -3.52 10.04
C THR C 65 -48.17 -3.59 10.90
N TRP C 66 -48.01 -3.93 12.18
CA TRP C 66 -49.14 -4.04 13.11
C TRP C 66 -50.02 -2.78 13.27
N THR C 67 -49.50 -1.56 13.06
CA THR C 67 -50.35 -0.37 13.22
C THR C 67 -50.01 0.54 12.01
N THR C 68 -50.92 1.45 11.68
CA THR C 68 -50.70 2.35 10.53
C THR C 68 -49.65 3.39 10.82
N VAL C 69 -48.76 3.62 9.86
CA VAL C 69 -47.70 4.61 10.01
C VAL C 69 -47.83 5.62 8.89
N TRP C 70 -47.76 6.92 9.23
CA TRP C 70 -47.92 7.97 8.22
C TRP C 70 -46.86 8.00 7.12
N THR C 71 -45.67 7.48 7.41
CA THR C 71 -44.60 7.47 6.43
C THR C 71 -44.96 6.65 5.19
N ASP C 72 -45.95 5.77 5.32
CA ASP C 72 -46.38 4.95 4.19
C ASP C 72 -46.95 5.87 3.10
N GLY C 73 -47.43 7.04 3.50
CA GLY C 73 -48.00 7.98 2.56
C GLY C 73 -46.96 8.74 1.74
N LEU C 74 -45.68 8.46 2.01
CA LEU C 74 -44.58 9.10 1.30
C LEU C 74 -44.08 8.27 0.13
N THR C 75 -44.70 7.12 -0.08
CA THR C 75 -44.29 6.24 -1.17
C THR C 75 -45.49 5.40 -1.61
N SER C 76 -45.23 4.44 -2.50
CA SER C 76 -46.28 3.55 -3.01
C SER C 76 -45.98 2.13 -2.55
N LEU C 77 -46.47 1.79 -1.35
CA LEU C 77 -46.22 0.47 -0.78
C LEU C 77 -46.62 -0.73 -1.64
N ASP C 78 -47.58 -0.56 -2.55
CA ASP C 78 -47.97 -1.68 -3.39
C ASP C 78 -46.81 -2.11 -4.29
N ARG C 79 -45.85 -1.22 -4.51
CA ARG C 79 -44.70 -1.54 -5.36
C ARG C 79 -43.63 -2.27 -4.56
N TYR C 80 -43.81 -2.35 -3.24
CA TYR C 80 -42.82 -3.00 -2.39
C TYR C 80 -43.32 -4.19 -1.58
N LYS C 81 -44.59 -4.53 -1.75
CA LYS C 81 -45.15 -5.64 -1.01
C LYS C 81 -44.94 -6.97 -1.70
N GLY C 82 -44.81 -8.02 -0.89
CA GLY C 82 -44.70 -9.35 -1.43
C GLY C 82 -46.17 -9.73 -1.60
N ARG C 83 -46.49 -10.58 -2.55
CA ARG C 83 -47.88 -10.98 -2.78
C ARG C 83 -48.04 -12.49 -2.84
N CYS C 84 -49.00 -13.02 -2.10
CA CYS C 84 -49.27 -14.44 -2.18
C CYS C 84 -50.25 -14.53 -3.35
N TYR C 85 -49.79 -15.08 -4.47
CA TYR C 85 -50.64 -15.16 -5.66
C TYR C 85 -51.28 -16.51 -5.91
N HIS C 86 -50.98 -17.49 -5.06
CA HIS C 86 -51.56 -18.82 -5.22
C HIS C 86 -51.34 -19.65 -3.97
N ILE C 87 -52.37 -20.41 -3.60
CA ILE C 87 -52.30 -21.29 -2.45
C ILE C 87 -52.95 -22.61 -2.86
N GLU C 88 -52.33 -23.72 -2.47
CA GLU C 88 -52.86 -25.03 -2.80
C GLU C 88 -52.49 -25.97 -1.67
N PRO C 89 -53.29 -27.02 -1.44
CA PRO C 89 -52.96 -27.92 -0.35
C PRO C 89 -51.89 -28.92 -0.75
N VAL C 90 -51.27 -29.51 0.27
CA VAL C 90 -50.26 -30.54 0.07
C VAL C 90 -51.06 -31.82 0.19
N VAL C 91 -51.14 -32.59 -0.89
CA VAL C 91 -51.92 -33.82 -0.87
C VAL C 91 -51.60 -34.72 0.32
N GLY C 92 -52.52 -34.76 1.29
CA GLY C 92 -52.36 -35.59 2.47
C GLY C 92 -52.37 -34.87 3.80
N GLU C 93 -52.49 -33.54 3.78
CA GLU C 93 -52.48 -32.77 5.03
C GLU C 93 -53.74 -31.94 5.25
N ASP C 94 -54.28 -32.02 6.47
CA ASP C 94 -55.48 -31.27 6.83
C ASP C 94 -55.07 -29.88 7.27
N ASN C 95 -53.78 -29.58 7.19
CA ASN C 95 -53.30 -28.28 7.59
C ASN C 95 -51.92 -27.94 7.04
N GLN C 96 -51.67 -28.31 5.79
CA GLN C 96 -50.40 -28.01 5.13
C GLN C 96 -50.67 -27.58 3.69
N TYR C 97 -50.13 -26.43 3.30
CA TYR C 97 -50.36 -25.90 1.97
C TYR C 97 -49.08 -25.32 1.37
N ILE C 98 -49.11 -25.10 0.06
CA ILE C 98 -47.96 -24.48 -0.60
C ILE C 98 -48.46 -23.10 -0.97
N ALA C 99 -47.81 -22.07 -0.41
CA ALA C 99 -48.19 -20.70 -0.71
C ALA C 99 -47.11 -20.10 -1.61
N TYR C 100 -47.53 -19.57 -2.75
CA TYR C 100 -46.59 -18.97 -3.69
C TYR C 100 -46.59 -17.47 -3.48
N VAL C 101 -45.41 -16.89 -3.32
CA VAL C 101 -45.28 -15.46 -3.08
C VAL C 101 -44.35 -14.81 -4.11
N ALA C 102 -44.71 -13.63 -4.58
CA ALA C 102 -43.91 -12.89 -5.56
C ALA C 102 -43.32 -11.65 -4.90
N TYR C 103 -42.01 -11.47 -5.02
CA TYR C 103 -41.29 -10.33 -4.45
C TYR C 103 -40.74 -9.44 -5.57
N PRO C 104 -40.99 -8.13 -5.49
CA PRO C 104 -40.50 -7.20 -6.52
C PRO C 104 -38.97 -7.21 -6.56
N LEU C 105 -38.42 -7.07 -7.76
CA LEU C 105 -36.98 -7.07 -7.95
C LEU C 105 -36.27 -6.00 -7.12
N ASP C 106 -36.90 -4.84 -6.99
CA ASP C 106 -36.33 -3.72 -6.24
C ASP C 106 -36.06 -3.95 -4.76
N LEU C 107 -36.59 -5.03 -4.20
CA LEU C 107 -36.37 -5.29 -2.78
C LEU C 107 -34.98 -5.83 -2.47
N PHE C 108 -34.31 -6.37 -3.49
CA PHE C 108 -33.03 -7.03 -3.30
C PHE C 108 -31.75 -6.30 -3.70
N GLU C 109 -30.72 -6.42 -2.88
CA GLU C 109 -29.46 -5.80 -3.24
C GLU C 109 -28.79 -6.70 -4.28
N GLU C 110 -28.34 -6.09 -5.36
CA GLU C 110 -27.66 -6.82 -6.42
C GLU C 110 -26.44 -7.57 -5.92
N GLY C 111 -26.27 -8.81 -6.39
CA GLY C 111 -25.13 -9.63 -6.02
C GLY C 111 -25.02 -10.11 -4.58
N SER C 112 -26.08 -9.95 -3.80
CA SER C 112 -26.03 -10.36 -2.39
C SER C 112 -26.97 -11.50 -1.99
N VAL C 113 -26.44 -12.72 -1.91
CA VAL C 113 -27.28 -13.83 -1.48
C VAL C 113 -27.71 -13.54 -0.04
N THR C 114 -26.82 -12.89 0.70
CA THR C 114 -27.11 -12.52 2.09
C THR C 114 -28.40 -11.71 2.15
N ASN C 115 -28.53 -10.72 1.28
CA ASN C 115 -29.74 -9.90 1.29
C ASN C 115 -30.96 -10.67 0.80
N MET C 116 -30.77 -11.53 -0.20
CA MET C 116 -31.90 -12.30 -0.70
C MET C 116 -32.48 -13.15 0.42
N PHE C 117 -31.62 -13.84 1.16
CA PHE C 117 -32.06 -14.67 2.27
C PHE C 117 -32.67 -13.82 3.39
N THR C 118 -32.02 -12.71 3.71
CA THR C 118 -32.55 -11.84 4.77
C THR C 118 -33.96 -11.35 4.42
N SER C 119 -34.11 -10.88 3.19
CA SER C 119 -35.39 -10.35 2.73
C SER C 119 -36.53 -11.37 2.70
N ILE C 120 -36.23 -12.59 2.29
CA ILE C 120 -37.27 -13.61 2.19
C ILE C 120 -37.48 -14.48 3.43
N VAL C 121 -36.41 -14.95 4.05
CA VAL C 121 -36.54 -15.82 5.23
C VAL C 121 -36.07 -15.20 6.53
N GLY C 122 -35.77 -13.91 6.51
CA GLY C 122 -35.27 -13.27 7.72
C GLY C 122 -36.24 -13.05 8.86
N ASN C 123 -37.54 -12.95 8.56
CA ASN C 123 -38.53 -12.67 9.59
C ASN C 123 -39.76 -13.57 9.72
N VAL C 124 -40.34 -13.95 8.59
CA VAL C 124 -41.56 -14.76 8.57
C VAL C 124 -41.65 -16.09 9.33
N PHE C 125 -40.54 -16.79 9.50
CA PHE C 125 -40.59 -18.08 10.18
C PHE C 125 -40.99 -18.07 11.65
N GLY C 126 -40.99 -16.89 12.26
CA GLY C 126 -41.35 -16.78 13.67
C GLY C 126 -42.76 -16.23 13.88
N PHE C 127 -43.45 -15.88 12.81
CA PHE C 127 -44.79 -15.38 12.93
C PHE C 127 -45.62 -16.47 13.66
N LYS C 128 -46.16 -16.24 14.89
CA LYS C 128 -46.99 -17.21 15.64
C LYS C 128 -48.30 -17.69 14.92
N ALA C 129 -48.81 -17.01 13.89
CA ALA C 129 -50.08 -17.52 13.27
C ALA C 129 -49.79 -18.79 12.42
N LEU C 130 -48.49 -19.05 12.30
CA LEU C 130 -47.93 -20.17 11.59
C LEU C 130 -47.32 -21.16 12.58
N ARG C 131 -47.75 -22.42 12.51
CA ARG C 131 -47.22 -23.44 13.40
C ARG C 131 -45.89 -23.94 12.86
N ALA C 132 -45.75 -23.95 11.54
CA ALA C 132 -44.52 -24.38 10.90
C ALA C 132 -44.44 -23.80 9.49
N LEU C 133 -43.22 -23.58 9.01
CA LEU C 133 -43.01 -23.01 7.69
C LEU C 133 -41.71 -23.51 7.08
N ARG C 134 -41.74 -23.90 5.82
CA ARG C 134 -40.54 -24.36 5.13
C ARG C 134 -40.47 -23.76 3.74
N LEU C 135 -39.34 -23.14 3.41
CA LEU C 135 -39.18 -22.56 2.08
C LEU C 135 -38.73 -23.72 1.19
N GLU C 136 -39.55 -24.05 0.20
CA GLU C 136 -39.27 -25.16 -0.69
C GLU C 136 -38.47 -24.82 -1.96
N ASP C 137 -38.74 -23.66 -2.56
CA ASP C 137 -38.05 -23.30 -3.80
C ASP C 137 -38.11 -21.80 -4.04
N LEU C 138 -37.23 -21.32 -4.91
CA LEU C 138 -37.17 -19.91 -5.27
C LEU C 138 -36.97 -19.79 -6.77
N ARG C 139 -37.72 -18.90 -7.41
CA ARG C 139 -37.54 -18.69 -8.84
C ARG C 139 -36.65 -17.46 -8.94
N ILE C 140 -35.38 -17.67 -9.29
CA ILE C 140 -34.42 -16.59 -9.43
C ILE C 140 -34.49 -16.05 -10.85
N PRO C 141 -35.00 -14.83 -11.02
CA PRO C 141 -35.11 -14.25 -12.37
C PRO C 141 -33.75 -13.89 -12.96
N PRO C 142 -33.59 -14.04 -14.28
CA PRO C 142 -32.33 -13.73 -14.94
C PRO C 142 -31.86 -12.33 -14.61
N THR C 143 -32.80 -11.39 -14.49
CA THR C 143 -32.44 -10.01 -14.18
C THR C 143 -31.70 -9.91 -12.86
N TYR C 144 -31.98 -10.79 -11.91
CA TYR C 144 -31.28 -10.76 -10.63
C TYR C 144 -30.03 -11.64 -10.65
N SER C 145 -30.11 -12.81 -11.26
CA SER C 145 -28.93 -13.69 -11.29
C SER C 145 -27.77 -13.10 -12.07
N LYS C 146 -28.05 -12.24 -13.05
CA LYS C 146 -26.98 -11.61 -13.81
C LYS C 146 -26.16 -10.62 -12.98
N THR C 147 -26.58 -10.35 -11.74
CA THR C 147 -25.83 -9.43 -10.89
C THR C 147 -24.85 -10.21 -10.01
N PHE C 148 -24.78 -11.52 -10.24
CA PHE C 148 -23.87 -12.41 -9.48
C PHE C 148 -22.79 -13.02 -10.36
N GLN C 149 -21.58 -13.14 -9.82
CA GLN C 149 -20.51 -13.77 -10.57
C GLN C 149 -20.87 -15.22 -10.83
N GLY C 150 -21.31 -15.91 -9.78
CA GLY C 150 -21.64 -17.31 -9.90
C GLY C 150 -20.37 -18.13 -9.67
N PRO C 151 -20.34 -19.39 -10.10
CA PRO C 151 -19.17 -20.26 -9.92
C PRO C 151 -17.88 -19.64 -10.44
N PRO C 152 -16.78 -19.77 -9.68
CA PRO C 152 -15.51 -19.19 -10.16
C PRO C 152 -15.15 -19.75 -11.53
N HIS C 153 -15.52 -21.01 -11.78
CA HIS C 153 -15.23 -21.65 -13.05
C HIS C 153 -16.38 -22.46 -13.63
N GLY C 154 -16.92 -23.37 -12.85
CA GLY C 154 -18.03 -24.16 -13.36
C GLY C 154 -17.61 -25.47 -14.00
N ILE C 155 -18.58 -26.37 -14.16
CA ILE C 155 -18.35 -27.70 -14.72
C ILE C 155 -17.45 -27.80 -15.96
N GLN C 156 -17.81 -27.10 -17.03
CA GLN C 156 -17.03 -27.20 -18.26
C GLN C 156 -15.61 -26.65 -18.13
N VAL C 157 -15.47 -25.48 -17.53
CA VAL C 157 -14.13 -24.91 -17.37
C VAL C 157 -13.28 -25.85 -16.53
N GLU C 158 -13.86 -26.41 -15.47
CA GLU C 158 -13.09 -27.30 -14.61
C GLU C 158 -12.56 -28.51 -15.37
N ARG C 159 -13.42 -29.15 -16.17
CA ARG C 159 -12.98 -30.31 -16.92
C ARG C 159 -11.83 -29.94 -17.86
N ASP C 160 -11.92 -28.78 -18.50
CA ASP C 160 -10.88 -28.33 -19.41
C ASP C 160 -9.56 -28.01 -18.70
N LYS C 161 -9.65 -27.39 -17.52
CA LYS C 161 -8.47 -27.04 -16.75
C LYS C 161 -7.72 -28.28 -16.25
N LEU C 162 -8.49 -29.29 -15.82
CA LEU C 162 -7.89 -30.52 -15.30
C LEU C 162 -7.67 -31.58 -16.38
N ASN C 163 -8.18 -31.31 -17.58
CA ASN C 163 -8.07 -32.23 -18.71
C ASN C 163 -8.65 -33.60 -18.36
N LYS C 164 -9.85 -33.60 -17.79
CA LYS C 164 -10.53 -34.83 -17.38
C LYS C 164 -11.92 -34.87 -18.03
N TYR C 165 -12.17 -35.96 -18.76
CA TYR C 165 -13.43 -36.12 -19.47
C TYR C 165 -14.00 -37.53 -19.44
N GLY C 166 -15.32 -37.61 -19.60
CA GLY C 166 -16.00 -38.89 -19.69
C GLY C 166 -16.22 -39.79 -18.48
N ARG C 167 -16.07 -39.25 -17.28
CA ARG C 167 -16.29 -40.07 -16.09
C ARG C 167 -16.42 -39.20 -14.87
N PRO C 168 -17.09 -39.71 -13.82
CA PRO C 168 -17.22 -38.93 -12.60
C PRO C 168 -15.81 -38.77 -12.04
N LEU C 169 -15.55 -37.68 -11.33
CA LEU C 169 -14.23 -37.49 -10.75
C LEU C 169 -14.24 -38.27 -9.43
N LEU C 170 -13.07 -38.64 -8.94
CA LEU C 170 -12.96 -39.40 -7.70
C LEU C 170 -12.10 -38.71 -6.66
N GLY C 171 -12.53 -38.81 -5.40
CA GLY C 171 -11.78 -38.21 -4.32
C GLY C 171 -11.82 -39.03 -3.06
N CYS C 172 -10.93 -38.72 -2.12
CA CYS C 172 -10.89 -39.41 -0.84
C CYS C 172 -10.84 -38.35 0.26
N THR C 173 -11.69 -38.52 1.26
CA THR C 173 -11.74 -37.58 2.38
C THR C 173 -10.84 -38.17 3.47
N ILE C 174 -9.78 -37.44 3.80
CA ILE C 174 -8.82 -37.93 4.79
C ILE C 174 -9.39 -38.14 6.19
N LYS C 175 -9.07 -39.28 6.77
CA LYS C 175 -9.49 -39.64 8.11
C LYS C 175 -8.31 -40.32 8.79
N PRO C 176 -8.20 -40.19 10.12
CA PRO C 176 -9.12 -39.44 10.98
C PRO C 176 -9.00 -37.95 10.68
N LYS C 177 -10.13 -37.24 10.76
CA LYS C 177 -10.13 -35.81 10.48
C LYS C 177 -9.14 -35.07 11.36
N LEU C 178 -9.13 -35.38 12.65
CA LEU C 178 -8.18 -34.75 13.56
C LEU C 178 -7.37 -35.80 14.30
N GLY C 179 -6.10 -35.49 14.56
CA GLY C 179 -5.25 -36.43 15.26
C GLY C 179 -3.96 -36.73 14.51
N LEU C 180 -3.96 -36.54 13.20
CA LEU C 180 -2.76 -36.79 12.41
C LEU C 180 -1.89 -35.55 12.35
N SER C 181 -0.58 -35.76 12.19
CA SER C 181 0.33 -34.64 12.06
C SER C 181 0.16 -34.19 10.61
N ALA C 182 0.55 -32.97 10.32
CA ALA C 182 0.43 -32.46 8.95
C ALA C 182 1.17 -33.36 7.97
N LYS C 183 2.34 -33.87 8.37
CA LYS C 183 3.11 -34.74 7.48
C LYS C 183 2.44 -36.10 7.26
N ASN C 184 1.96 -36.73 8.32
CA ASN C 184 1.31 -38.03 8.16
C ASN C 184 0.04 -37.85 7.33
N TYR C 185 -0.61 -36.71 7.50
CA TYR C 185 -1.82 -36.38 6.76
C TYR C 185 -1.45 -36.34 5.28
N GLY C 186 -0.40 -35.60 4.96
CA GLY C 186 0.05 -35.47 3.59
C GLY C 186 0.47 -36.81 2.99
N ARG C 187 1.05 -37.67 3.82
CA ARG C 187 1.48 -39.00 3.35
C ARG C 187 0.25 -39.75 2.87
N ALA C 188 -0.81 -39.72 3.67
CA ALA C 188 -2.05 -40.41 3.31
C ALA C 188 -2.57 -39.87 1.98
N CYS C 189 -2.49 -38.56 1.79
CA CYS C 189 -2.94 -37.92 0.56
C CYS C 189 -2.16 -38.41 -0.66
N TYR C 190 -0.84 -38.43 -0.56
CA TYR C 190 -0.01 -38.89 -1.67
C TYR C 190 -0.37 -40.31 -2.10
N GLU C 191 -0.49 -41.21 -1.13
CA GLU C 191 -0.81 -42.60 -1.44
C GLU C 191 -2.17 -42.74 -2.12
N CYS C 192 -3.15 -41.94 -1.70
CA CYS C 192 -4.47 -41.98 -2.32
C CYS C 192 -4.42 -41.50 -3.76
N LEU C 193 -3.80 -40.34 -3.96
CA LEU C 193 -3.70 -39.75 -5.29
C LEU C 193 -2.93 -40.60 -6.30
N ARG C 194 -1.81 -41.19 -5.87
CA ARG C 194 -1.00 -42.00 -6.77
C ARG C 194 -1.68 -43.27 -7.24
N GLY C 195 -2.72 -43.68 -6.52
CA GLY C 195 -3.45 -44.90 -6.88
C GLY C 195 -4.56 -44.72 -7.90
N GLY C 196 -4.87 -43.48 -8.26
CA GLY C 196 -5.93 -43.27 -9.24
C GLY C 196 -6.99 -42.24 -8.92
N LEU C 197 -6.98 -41.69 -7.71
CA LEU C 197 -7.97 -40.68 -7.35
C LEU C 197 -7.52 -39.32 -7.87
N ASP C 198 -8.47 -38.49 -8.25
CA ASP C 198 -8.18 -37.16 -8.78
C ASP C 198 -7.92 -36.16 -7.65
N PHE C 199 -8.61 -36.35 -6.53
CA PHE C 199 -8.48 -35.45 -5.39
C PHE C 199 -8.47 -36.15 -4.04
N THR C 200 -7.94 -35.44 -3.03
CA THR C 200 -7.98 -35.86 -1.64
C THR C 200 -8.66 -34.65 -1.00
N ASP C 202 -9.84 -32.23 2.71
CA ASP C 202 -9.81 -31.84 4.12
C ASP C 202 -11.23 -32.02 4.64
N ASP C 203 -11.38 -32.52 5.87
CA ASP C 203 -12.72 -32.65 6.44
C ASP C 203 -13.25 -31.24 6.64
N GLU C 204 -14.58 -31.09 6.70
CA GLU C 204 -15.18 -29.77 6.91
C GLU C 204 -14.66 -29.15 8.20
N ASN C 205 -14.36 -29.98 9.19
CA ASN C 205 -13.88 -29.50 10.50
C ASN C 205 -12.41 -29.11 10.51
N VAL C 206 -11.65 -29.61 9.55
CA VAL C 206 -10.23 -29.31 9.46
C VAL C 206 -10.00 -27.92 8.88
N ASN C 207 -9.60 -26.99 9.74
CA ASN C 207 -9.32 -25.62 9.34
C ASN C 207 -7.88 -25.42 9.80
N SER C 208 -7.70 -25.00 11.05
CA SER C 208 -6.37 -24.88 11.63
C SER C 208 -6.57 -25.20 13.11
N GLN C 209 -5.81 -26.16 13.62
CA GLN C 209 -5.97 -26.58 15.00
C GLN C 209 -4.67 -26.99 15.65
N PRO C 210 -4.68 -27.17 16.98
CA PRO C 210 -3.46 -27.58 17.66
C PRO C 210 -3.02 -28.91 17.05
N PHE C 211 -1.70 -29.10 16.91
CA PHE C 211 -1.13 -30.33 16.35
C PHE C 211 -1.16 -30.37 14.81
N MET C 212 -2.02 -29.59 14.17
CA MET C 212 -2.02 -29.52 12.71
C MET C 212 -2.48 -28.14 12.27
N ARG C 213 -1.54 -27.21 12.20
CA ARG C 213 -1.82 -25.85 11.79
C ARG C 213 -1.95 -25.82 10.27
N TRP C 214 -2.83 -24.97 9.77
CA TRP C 214 -3.09 -24.91 8.34
C TRP C 214 -1.91 -24.76 7.40
N ARG C 215 -0.99 -23.84 7.68
CA ARG C 215 0.11 -23.67 6.75
C ARG C 215 0.96 -24.93 6.60
N ASP C 216 1.17 -25.65 7.70
CA ASP C 216 1.94 -26.89 7.64
C ASP C 216 1.19 -27.91 6.77
N ARG C 217 -0.12 -28.00 6.97
CA ARG C 217 -0.92 -28.93 6.19
C ARG C 217 -0.84 -28.59 4.70
N PHE C 218 -0.93 -27.29 4.37
CA PHE C 218 -0.86 -26.86 2.98
C PHE C 218 0.48 -27.26 2.34
N VAL C 219 1.57 -27.08 3.08
CA VAL C 219 2.90 -27.44 2.55
C VAL C 219 3.01 -28.93 2.24
N PHE C 220 2.67 -29.78 3.20
CA PHE C 220 2.79 -31.22 2.99
C PHE C 220 1.79 -31.75 1.97
N CYS C 221 0.58 -31.19 1.93
CA CYS C 221 -0.40 -31.64 0.95
C CYS C 221 0.06 -31.23 -0.44
N ALA C 222 0.72 -30.09 -0.53
CA ALA C 222 1.24 -29.62 -1.81
C ALA C 222 2.32 -30.59 -2.30
N GLU C 223 3.18 -31.03 -1.39
CA GLU C 223 4.23 -31.97 -1.80
C GLU C 223 3.57 -33.24 -2.31
N ALA C 224 2.52 -33.68 -1.63
CA ALA C 224 1.79 -34.89 -2.00
C ALA C 224 1.13 -34.77 -3.36
N ILE C 225 0.50 -33.61 -3.59
CA ILE C 225 -0.16 -33.37 -4.87
C ILE C 225 0.82 -33.49 -6.01
N TYR C 226 1.95 -32.80 -5.90
CA TYR C 226 2.94 -32.82 -6.95
C TYR C 226 3.69 -34.14 -7.11
N LYS C 227 3.90 -34.85 -6.01
CA LYS C 227 4.61 -36.14 -6.10
C LYS C 227 3.74 -37.15 -6.85
N SER C 228 2.46 -37.20 -6.50
CA SER C 228 1.53 -38.12 -7.13
C SER C 228 1.26 -37.75 -8.59
N GLN C 229 1.22 -36.45 -8.87
CA GLN C 229 1.01 -35.99 -10.23
C GLN C 229 2.19 -36.37 -11.13
N ALA C 230 3.41 -36.21 -10.62
CA ALA C 230 4.60 -36.55 -11.39
C ALA C 230 4.66 -38.06 -11.63
N GLU C 231 4.26 -38.83 -10.62
CA GLU C 231 4.28 -40.28 -10.72
C GLU C 231 3.30 -40.86 -11.73
N THR C 232 2.06 -40.36 -11.70
CA THR C 232 1.00 -40.85 -12.58
C THR C 232 0.86 -40.15 -13.93
N GLY C 233 1.22 -38.88 -13.99
CA GLY C 233 1.09 -38.14 -15.22
C GLY C 233 -0.26 -37.45 -15.34
N GLU C 234 -1.15 -37.68 -14.38
CA GLU C 234 -2.49 -37.06 -14.39
C GLU C 234 -2.50 -35.89 -13.41
N ILE C 235 -3.27 -34.85 -13.71
CA ILE C 235 -3.37 -33.69 -12.82
C ILE C 235 -4.07 -34.09 -11.53
N LYS C 236 -3.51 -33.66 -10.40
CA LYS C 236 -4.06 -33.99 -9.09
C LYS C 236 -4.36 -32.73 -8.28
N GLY C 237 -5.18 -32.90 -7.24
CA GLY C 237 -5.51 -31.77 -6.39
C GLY C 237 -5.94 -32.22 -5.00
N HIS C 238 -6.02 -31.28 -4.07
CA HIS C 238 -6.44 -31.56 -2.71
C HIS C 238 -7.30 -30.39 -2.27
N TYR C 239 -8.51 -30.65 -1.81
CA TYR C 239 -9.38 -29.55 -1.39
C TYR C 239 -8.83 -28.99 -0.07
N LEU C 240 -8.04 -27.94 -0.18
CA LEU C 240 -7.44 -27.28 0.98
C LEU C 240 -8.49 -26.36 1.61
N ASN C 241 -8.93 -26.72 2.81
CA ASN C 241 -9.97 -25.94 3.48
C ASN C 241 -9.48 -24.58 3.95
N ALA C 242 -10.11 -23.53 3.43
CA ALA C 242 -9.75 -22.16 3.79
C ALA C 242 -10.73 -21.57 4.79
N THR C 243 -11.74 -22.35 5.17
CA THR C 243 -12.75 -21.90 6.12
C THR C 243 -12.02 -21.38 7.36
N ALA C 244 -12.39 -20.20 7.83
CA ALA C 244 -11.73 -19.61 8.99
C ALA C 244 -12.65 -18.78 9.87
N GLY C 245 -12.10 -18.27 10.97
CA GLY C 245 -12.88 -17.47 11.89
C GLY C 245 -13.17 -16.07 11.40
N THR C 246 -12.29 -15.55 10.55
CA THR C 246 -12.45 -14.20 10.00
C THR C 246 -12.16 -14.24 8.51
N CYS C 247 -12.63 -13.22 7.81
CA CYS C 247 -12.41 -13.15 6.37
C CYS C 247 -10.94 -12.96 6.06
N GLU C 248 -10.25 -12.19 6.91
CA GLU C 248 -8.83 -11.95 6.72
C GLU C 248 -8.05 -13.27 6.73
N GLU C 249 -8.38 -14.15 7.68
CA GLU C 249 -7.71 -15.45 7.78
C GLU C 249 -8.07 -16.32 6.58
N MET C 250 -9.35 -16.31 6.20
CA MET C 250 -9.83 -17.11 5.07
C MET C 250 -9.05 -16.77 3.80
N ILE C 251 -8.93 -15.48 3.50
CA ILE C 251 -8.21 -15.06 2.31
C ILE C 251 -6.71 -15.37 2.42
N LYS C 252 -6.17 -15.23 3.62
CA LYS C 252 -4.76 -15.51 3.88
C LYS C 252 -4.42 -16.94 3.46
N ARG C 253 -5.34 -17.87 3.72
CA ARG C 253 -5.13 -19.26 3.38
C ARG C 253 -5.27 -19.49 1.87
N ALA C 254 -6.22 -18.81 1.24
CA ALA C 254 -6.40 -18.94 -0.20
C ALA C 254 -5.16 -18.39 -0.90
N VAL C 255 -4.59 -17.31 -0.36
CA VAL C 255 -3.41 -16.69 -0.93
C VAL C 255 -2.20 -17.63 -0.95
N PHE C 256 -2.01 -18.41 0.11
CA PHE C 256 -0.88 -19.32 0.13
C PHE C 256 -1.12 -20.48 -0.85
N ALA C 257 -2.37 -20.92 -0.97
CA ALA C 257 -2.68 -21.99 -1.92
C ALA C 257 -2.33 -21.47 -3.31
N ARG C 258 -2.62 -20.19 -3.54
CA ARG C 258 -2.34 -19.54 -4.81
C ARG C 258 -0.83 -19.57 -5.05
N GLU C 259 -0.06 -19.21 -4.02
CA GLU C 259 1.40 -19.19 -4.12
C GLU C 259 1.94 -20.57 -4.45
N LEU C 260 1.35 -21.60 -3.85
CA LEU C 260 1.80 -22.97 -4.07
C LEU C 260 1.43 -23.47 -5.47
N GLY C 261 0.54 -22.75 -6.13
CA GLY C 261 0.12 -23.10 -7.48
C GLY C 261 -0.83 -24.26 -7.61
N VAL C 262 -1.45 -24.68 -6.51
CA VAL C 262 -2.37 -25.81 -6.53
C VAL C 262 -3.68 -25.41 -7.23
N PRO C 263 -4.44 -26.40 -7.73
CA PRO C 263 -5.68 -26.11 -8.44
C PRO C 263 -6.99 -25.87 -7.69
N ILE C 264 -7.09 -26.27 -6.44
CA ILE C 264 -8.38 -26.13 -5.76
C ILE C 264 -8.31 -25.90 -4.24
N VAL C 265 -9.27 -25.12 -3.74
CA VAL C 265 -9.38 -24.86 -2.31
C VAL C 265 -10.81 -25.19 -1.90
N MET C 266 -11.12 -25.07 -0.61
CA MET C 266 -12.42 -25.46 -0.09
C MET C 266 -13.01 -24.49 0.92
N HIS C 267 -14.33 -24.49 1.05
CA HIS C 267 -15.01 -23.63 2.01
C HIS C 267 -16.31 -24.26 2.49
N ASP C 268 -16.60 -24.10 3.78
CA ASP C 268 -17.85 -24.59 4.37
C ASP C 268 -18.74 -23.35 4.24
N TYR C 269 -19.50 -23.26 3.15
CA TYR C 269 -20.28 -22.05 2.91
C TYR C 269 -21.34 -21.61 3.90
N LEU C 270 -22.04 -22.57 4.52
CA LEU C 270 -23.09 -22.20 5.46
C LEU C 270 -22.56 -21.79 6.83
N THR C 271 -21.53 -22.47 7.32
CA THR C 271 -20.99 -22.11 8.62
C THR C 271 -20.08 -20.88 8.51
N GLY C 272 -19.40 -20.75 7.36
CA GLY C 272 -18.55 -19.59 7.17
C GLY C 272 -19.48 -18.41 6.87
N GLY C 273 -20.51 -18.67 6.08
CA GLY C 273 -21.48 -17.64 5.75
C GLY C 273 -21.38 -17.15 4.31
N PHE C 274 -22.48 -16.62 3.79
CA PHE C 274 -22.53 -16.15 2.42
C PHE C 274 -21.67 -14.94 2.11
N THR C 275 -21.57 -14.00 3.04
CA THR C 275 -20.75 -12.82 2.80
C THR C 275 -19.30 -13.27 2.58
N ALA C 276 -18.83 -14.17 3.43
CA ALA C 276 -17.48 -14.69 3.30
C ALA C 276 -17.34 -15.55 2.04
N ASN C 277 -18.32 -16.42 1.80
CA ASN C 277 -18.25 -17.27 0.62
C ASN C 277 -18.17 -16.48 -0.67
N THR C 278 -18.97 -15.43 -0.78
CA THR C 278 -18.95 -14.63 -2.00
C THR C 278 -17.58 -14.01 -2.20
N SER C 279 -16.99 -13.51 -1.11
CA SER C 279 -15.65 -12.90 -1.19
C SER C 279 -14.64 -13.94 -1.68
N LEU C 280 -14.74 -15.16 -1.16
CA LEU C 280 -13.81 -16.20 -1.57
C LEU C 280 -14.02 -16.61 -3.03
N ALA C 281 -15.28 -16.69 -3.45
CA ALA C 281 -15.59 -17.05 -4.83
C ALA C 281 -14.96 -16.00 -5.75
N HIS C 282 -14.99 -14.74 -5.32
CA HIS C 282 -14.40 -13.67 -6.11
C HIS C 282 -12.90 -13.83 -6.19
N TYR C 283 -12.27 -14.14 -5.06
CA TYR C 283 -10.83 -14.34 -5.03
C TYR C 283 -10.44 -15.49 -5.95
N CYS C 284 -11.18 -16.59 -5.88
CA CYS C 284 -10.90 -17.74 -6.72
C CYS C 284 -11.01 -17.43 -8.20
N ARG C 285 -12.02 -16.65 -8.58
CA ARG C 285 -12.19 -16.26 -9.97
C ARG C 285 -10.98 -15.43 -10.42
N ASP C 286 -10.58 -14.49 -9.58
CA ASP C 286 -9.45 -13.61 -9.88
C ASP C 286 -8.09 -14.31 -9.91
N ASN C 287 -8.00 -15.49 -9.31
CA ASN C 287 -6.74 -16.22 -9.23
C ASN C 287 -6.73 -17.63 -9.79
N GLY C 288 -7.74 -17.97 -10.59
CA GLY C 288 -7.81 -19.28 -11.21
C GLY C 288 -7.92 -20.50 -10.31
N LEU C 289 -8.44 -20.32 -9.10
CA LEU C 289 -8.59 -21.44 -8.17
C LEU C 289 -9.99 -22.07 -8.23
N LEU C 290 -10.05 -23.40 -8.26
CA LEU C 290 -11.34 -24.08 -8.24
C LEU C 290 -11.79 -24.02 -6.78
N LEU C 291 -13.09 -24.01 -6.55
CA LEU C 291 -13.62 -23.92 -5.19
C LEU C 291 -14.59 -25.05 -4.83
N HIS C 292 -14.14 -25.93 -3.93
CA HIS C 292 -14.96 -27.06 -3.48
C HIS C 292 -15.78 -26.60 -2.28
N ILE C 293 -17.10 -26.76 -2.38
CA ILE C 293 -18.00 -26.32 -1.31
C ILE C 293 -18.61 -27.47 -0.53
N HIS C 294 -18.42 -27.43 0.79
CA HIS C 294 -18.99 -28.44 1.68
C HIS C 294 -20.23 -27.81 2.32
N ARG C 295 -21.31 -28.58 2.40
CA ARG C 295 -22.57 -28.06 2.95
C ARG C 295 -22.81 -28.29 4.44
N ALA C 296 -21.74 -28.31 5.21
CA ALA C 296 -21.82 -28.50 6.66
C ALA C 296 -22.94 -27.66 7.29
N MET C 297 -23.70 -28.30 8.17
CA MET C 297 -24.82 -27.74 8.93
C MET C 297 -26.14 -27.63 8.15
N HIS C 298 -26.14 -28.02 6.88
CA HIS C 298 -27.36 -27.93 6.09
C HIS C 298 -28.53 -28.69 6.72
N ALA C 299 -28.26 -29.85 7.31
CA ALA C 299 -29.32 -30.66 7.93
C ALA C 299 -30.03 -29.98 9.10
N VAL C 300 -29.38 -28.99 9.70
CA VAL C 300 -30.00 -28.26 10.81
C VAL C 300 -31.20 -27.50 10.26
N ILE C 301 -31.10 -27.17 8.97
CA ILE C 301 -32.11 -26.40 8.26
C ILE C 301 -33.01 -27.17 7.29
N ASP C 302 -32.43 -28.12 6.57
CA ASP C 302 -33.20 -28.83 5.55
C ASP C 302 -33.69 -30.25 5.80
N ARG C 303 -33.52 -30.78 7.00
CA ARG C 303 -33.92 -32.15 7.29
C ARG C 303 -35.43 -32.39 7.39
N GLN C 304 -36.11 -31.59 8.21
CA GLN C 304 -37.54 -31.73 8.44
C GLN C 304 -38.42 -31.18 7.32
N LYS C 305 -39.42 -31.96 6.93
CA LYS C 305 -40.33 -31.54 5.86
C LYS C 305 -41.25 -30.40 6.28
N ASN C 306 -41.52 -30.30 7.58
CA ASN C 306 -42.45 -29.28 8.08
C ASN C 306 -41.88 -27.89 8.31
N HIS C 307 -40.57 -27.78 8.54
CA HIS C 307 -39.99 -26.48 8.84
C HIS C 307 -38.54 -26.33 8.37
N GLY C 308 -38.19 -25.12 7.93
CA GLY C 308 -36.83 -24.86 7.49
C GLY C 308 -36.73 -24.40 6.05
N MET C 309 -35.71 -24.90 5.35
CA MET C 309 -35.51 -24.55 3.95
C MET C 309 -35.02 -25.81 3.25
N HIS C 310 -35.64 -26.18 2.14
CA HIS C 310 -35.20 -27.37 1.42
C HIS C 310 -33.81 -27.13 0.87
N PHE C 311 -33.02 -28.20 0.74
CA PHE C 311 -31.67 -28.04 0.24
C PHE C 311 -31.60 -27.39 -1.14
N ARG C 312 -32.60 -27.62 -1.98
CA ARG C 312 -32.53 -27.02 -3.32
C ARG C 312 -32.42 -25.50 -3.27
N VAL C 313 -32.95 -24.88 -2.21
CA VAL C 313 -32.86 -23.43 -2.07
C VAL C 313 -31.41 -23.08 -1.70
N LEU C 314 -30.84 -23.86 -0.79
CA LEU C 314 -29.46 -23.65 -0.35
C LEU C 314 -28.51 -23.93 -1.51
N ALA C 315 -28.90 -24.83 -2.41
CA ALA C 315 -28.09 -25.18 -3.57
C ALA C 315 -28.10 -24.03 -4.58
N LYS C 316 -29.27 -23.48 -4.85
CA LYS C 316 -29.35 -22.37 -5.79
C LYS C 316 -28.57 -21.19 -5.24
N ALA C 317 -28.68 -20.97 -3.93
CA ALA C 317 -27.96 -19.88 -3.28
C ALA C 317 -26.45 -20.05 -3.46
N LEU C 318 -25.98 -21.28 -3.36
CA LEU C 318 -24.55 -21.53 -3.52
C LEU C 318 -24.10 -21.27 -4.95
N ARG C 319 -24.91 -21.70 -5.92
CA ARG C 319 -24.55 -21.49 -7.31
C ARG C 319 -24.39 -19.98 -7.56
N MET C 320 -25.29 -19.20 -6.97
CA MET C 320 -25.26 -17.74 -7.10
C MET C 320 -24.06 -17.11 -6.39
N SER C 321 -23.85 -17.48 -5.13
CA SER C 321 -22.73 -16.93 -4.34
C SER C 321 -21.40 -17.33 -4.96
N GLY C 322 -21.33 -18.58 -5.42
CA GLY C 322 -20.11 -19.06 -6.06
C GLY C 322 -19.48 -20.31 -5.50
N GLY C 323 -19.35 -21.33 -6.35
CA GLY C 323 -18.74 -22.58 -5.96
C GLY C 323 -18.58 -23.45 -7.20
N ASP C 324 -17.54 -24.27 -7.26
CA ASP C 324 -17.34 -25.14 -8.42
C ASP C 324 -17.81 -26.57 -8.15
N HIS C 325 -17.78 -26.97 -6.89
CA HIS C 325 -18.27 -28.29 -6.44
C HIS C 325 -19.21 -28.00 -5.27
N ILE C 326 -20.21 -28.85 -5.06
CA ILE C 326 -21.07 -28.72 -3.89
C ILE C 326 -21.55 -30.09 -3.52
N HIS C 327 -21.42 -30.44 -2.24
CA HIS C 327 -21.89 -31.77 -1.82
C HIS C 327 -23.40 -31.90 -2.08
N ALA C 328 -23.85 -33.06 -2.57
CA ALA C 328 -25.28 -33.27 -2.79
C ALA C 328 -25.89 -34.52 -2.20
N GLY C 329 -25.24 -35.21 -1.25
CA GLY C 329 -25.84 -36.43 -0.73
C GLY C 329 -25.00 -37.69 -0.78
N THR C 330 -25.65 -38.85 -0.72
CA THR C 330 -24.94 -40.12 -0.71
C THR C 330 -25.64 -41.28 -1.47
N VAL C 331 -26.88 -41.12 -1.90
CA VAL C 331 -27.57 -42.24 -2.56
C VAL C 331 -27.87 -43.23 -1.46
N GLU C 338 -33.33 -38.41 -0.93
CA GLU C 338 -34.31 -39.15 -1.77
C GLU C 338 -33.91 -39.05 -3.25
N ARG C 339 -34.32 -40.01 -4.06
CA ARG C 339 -33.94 -40.06 -5.47
C ARG C 339 -34.51 -39.00 -6.41
N GLU C 340 -35.83 -38.98 -6.59
CA GLU C 340 -36.46 -37.99 -7.47
C GLU C 340 -36.06 -36.58 -7.08
N MET C 341 -36.10 -36.31 -5.78
CA MET C 341 -35.76 -34.98 -5.28
C MET C 341 -34.32 -34.61 -5.54
N THR C 342 -33.42 -35.59 -5.40
CA THR C 342 -32.01 -35.35 -5.63
C THR C 342 -31.73 -35.07 -7.10
N LEU C 343 -32.34 -35.85 -7.99
CA LEU C 343 -32.13 -35.63 -9.42
C LEU C 343 -32.63 -34.24 -9.78
N GLY C 344 -33.68 -33.81 -9.10
CA GLY C 344 -34.23 -32.49 -9.36
C GLY C 344 -33.27 -31.36 -9.02
N PHE C 345 -32.72 -31.34 -7.81
CA PHE C 345 -31.83 -30.25 -7.48
C PHE C 345 -30.45 -30.41 -8.13
N VAL C 346 -30.13 -31.61 -8.58
CA VAL C 346 -28.86 -31.79 -9.27
C VAL C 346 -28.98 -31.05 -10.60
N ASP C 347 -30.14 -31.17 -11.25
CA ASP C 347 -30.36 -30.45 -12.51
C ASP C 347 -30.33 -28.95 -12.25
N LEU C 348 -30.92 -28.52 -11.14
CA LEU C 348 -30.95 -27.10 -10.79
C LEU C 348 -29.54 -26.56 -10.59
N LEU C 349 -28.63 -27.43 -10.15
CA LEU C 349 -27.24 -27.07 -9.93
C LEU C 349 -26.37 -27.10 -11.19
N ARG C 350 -26.65 -28.04 -12.08
CA ARG C 350 -25.84 -28.20 -13.29
C ARG C 350 -26.32 -27.58 -14.60
N ASP C 351 -27.62 -27.66 -14.85
CA ASP C 351 -28.18 -27.19 -16.11
C ASP C 351 -28.43 -25.69 -16.28
N ASP C 352 -28.64 -25.30 -17.52
CA ASP C 352 -28.88 -23.91 -17.87
C ASP C 352 -30.36 -23.56 -17.76
N PHE C 353 -31.21 -24.52 -18.13
CA PHE C 353 -32.66 -24.30 -18.09
C PHE C 353 -33.34 -25.54 -17.52
N ILE C 354 -34.10 -25.35 -16.44
CA ILE C 354 -34.79 -26.46 -15.80
C ILE C 354 -36.28 -26.18 -15.73
N GLU C 355 -37.06 -27.00 -16.43
CA GLU C 355 -38.51 -26.82 -16.44
C GLU C 355 -39.14 -27.30 -15.15
N LYS C 356 -40.24 -26.66 -14.76
CA LYS C 356 -40.97 -27.02 -13.55
C LYS C 356 -41.30 -28.50 -13.60
N ASP C 357 -41.24 -29.16 -12.46
CA ASP C 357 -41.52 -30.59 -12.38
C ASP C 357 -41.76 -30.96 -10.92
N ARG C 358 -43.01 -30.89 -10.49
CA ARG C 358 -43.34 -31.20 -9.09
C ARG C 358 -42.93 -32.60 -8.68
N ALA C 359 -42.90 -33.53 -9.63
CA ALA C 359 -42.50 -34.90 -9.33
C ALA C 359 -41.07 -34.93 -8.83
N ARG C 360 -40.28 -33.93 -9.21
CA ARG C 360 -38.88 -33.87 -8.78
C ARG C 360 -38.62 -32.66 -7.89
N GLY C 361 -39.69 -32.14 -7.29
CA GLY C 361 -39.58 -31.00 -6.40
C GLY C 361 -39.18 -29.67 -7.01
N ILE C 362 -39.30 -29.55 -8.32
CA ILE C 362 -38.96 -28.31 -8.99
C ILE C 362 -40.26 -27.51 -9.10
N PHE C 363 -40.45 -26.56 -8.19
CA PHE C 363 -41.66 -25.75 -8.15
C PHE C 363 -41.73 -24.65 -9.19
N PHE C 364 -40.58 -24.21 -9.68
CA PHE C 364 -40.51 -23.13 -10.66
C PHE C 364 -39.58 -23.45 -11.81
N THR C 365 -39.92 -22.97 -13.00
CA THR C 365 -39.03 -23.15 -14.14
C THR C 365 -37.86 -22.20 -13.83
N GLN C 366 -36.64 -22.71 -13.93
CA GLN C 366 -35.46 -21.92 -13.63
C GLN C 366 -34.53 -21.75 -14.82
N ASP C 367 -34.29 -20.49 -15.20
CA ASP C 367 -33.43 -20.14 -16.32
C ASP C 367 -32.18 -19.46 -15.74
N TRP C 368 -31.01 -20.05 -15.96
CA TRP C 368 -29.76 -19.50 -15.43
C TRP C 368 -28.99 -18.60 -16.41
N VAL C 369 -29.57 -18.38 -17.59
CA VAL C 369 -28.96 -17.57 -18.64
C VAL C 369 -27.43 -17.60 -18.71
N SER C 370 -26.92 -18.82 -18.90
CA SER C 370 -25.50 -19.09 -19.05
C SER C 370 -24.59 -19.03 -17.83
N MET C 371 -25.17 -18.89 -16.63
CA MET C 371 -24.32 -18.91 -15.44
C MET C 371 -23.86 -20.36 -15.38
N PRO C 372 -22.55 -20.60 -15.21
CA PRO C 372 -22.02 -21.96 -15.13
C PRO C 372 -22.68 -22.83 -14.08
N GLY C 373 -22.63 -24.15 -14.29
CA GLY C 373 -23.21 -25.08 -13.34
C GLY C 373 -22.18 -25.49 -12.30
N VAL C 374 -22.64 -26.19 -11.26
CA VAL C 374 -21.79 -26.66 -10.18
C VAL C 374 -21.75 -28.18 -10.19
N ILE C 375 -20.58 -28.76 -9.98
CA ILE C 375 -20.46 -30.21 -9.97
C ILE C 375 -20.96 -30.78 -8.63
N PRO C 376 -21.96 -31.66 -8.66
CA PRO C 376 -22.47 -32.24 -7.42
C PRO C 376 -21.51 -33.28 -6.90
N VAL C 377 -21.38 -33.37 -5.58
CA VAL C 377 -20.47 -34.33 -4.96
C VAL C 377 -21.19 -35.34 -4.07
N ALA C 378 -20.92 -36.62 -4.28
CA ALA C 378 -21.52 -37.69 -3.48
C ALA C 378 -20.49 -38.17 -2.46
N SER C 379 -20.96 -38.46 -1.25
CA SER C 379 -20.07 -38.92 -0.19
C SER C 379 -20.83 -39.83 0.77
N GLY C 380 -20.26 -40.09 1.94
CA GLY C 380 -20.93 -40.93 2.91
C GLY C 380 -20.36 -42.33 2.92
N GLY C 381 -21.11 -43.26 3.50
CA GLY C 381 -20.66 -44.63 3.60
C GLY C 381 -20.76 -45.41 2.30
N ILE C 382 -20.13 -44.90 1.24
CA ILE C 382 -20.16 -45.57 -0.05
C ILE C 382 -18.87 -46.33 -0.33
N HIS C 383 -18.99 -47.38 -1.14
CA HIS C 383 -17.84 -48.19 -1.51
C HIS C 383 -18.00 -48.73 -2.93
N VAL C 384 -17.02 -49.53 -3.37
CA VAL C 384 -17.03 -50.08 -4.73
C VAL C 384 -18.35 -50.67 -5.24
N TRP C 385 -19.09 -51.36 -4.40
CA TRP C 385 -20.35 -51.94 -4.85
C TRP C 385 -21.41 -50.91 -5.19
N HIS C 386 -21.22 -49.67 -4.74
CA HIS C 386 -22.17 -48.60 -5.02
C HIS C 386 -21.79 -47.86 -6.31
N MET C 387 -20.63 -48.19 -6.87
CA MET C 387 -20.18 -47.47 -8.07
C MET C 387 -21.16 -47.47 -9.24
N PRO C 388 -21.78 -48.62 -9.57
CA PRO C 388 -22.71 -48.61 -10.69
C PRO C 388 -23.90 -47.67 -10.45
N ALA C 389 -24.46 -47.72 -9.24
CA ALA C 389 -25.60 -46.90 -8.88
C ALA C 389 -25.25 -45.41 -8.90
N LEU C 390 -24.10 -45.06 -8.33
CA LEU C 390 -23.68 -43.67 -8.30
C LEU C 390 -23.48 -43.13 -9.71
N THR C 391 -22.85 -43.93 -10.56
CA THR C 391 -22.59 -43.54 -11.93
C THR C 391 -23.90 -43.35 -12.69
N GLU C 392 -24.86 -44.24 -12.44
CA GLU C 392 -26.16 -44.20 -13.10
C GLU C 392 -26.96 -42.96 -12.68
N ILE C 393 -26.98 -42.70 -11.38
CA ILE C 393 -27.73 -41.57 -10.81
C ILE C 393 -27.20 -40.19 -11.20
N PHE C 394 -25.90 -39.98 -10.99
CA PHE C 394 -25.29 -38.69 -11.27
C PHE C 394 -24.73 -38.47 -12.67
N GLY C 395 -24.32 -39.54 -13.34
CA GLY C 395 -23.75 -39.38 -14.67
C GLY C 395 -22.31 -38.92 -14.52
N ASP C 396 -21.68 -38.53 -15.63
CA ASP C 396 -20.27 -38.09 -15.60
C ASP C 396 -19.97 -36.82 -14.83
N ASP C 397 -20.87 -35.84 -14.85
CA ASP C 397 -20.60 -34.59 -14.16
C ASP C 397 -20.90 -34.62 -12.67
N SER C 398 -20.00 -35.28 -11.95
CA SER C 398 -20.11 -35.42 -10.51
C SER C 398 -18.74 -35.78 -9.96
N VAL C 399 -18.62 -35.75 -8.63
CA VAL C 399 -17.41 -36.15 -7.96
C VAL C 399 -17.89 -37.15 -6.91
N LEU C 400 -17.23 -38.29 -6.84
CA LEU C 400 -17.60 -39.32 -5.87
C LEU C 400 -16.49 -39.42 -4.82
N GLN C 401 -16.83 -39.12 -3.57
CA GLN C 401 -15.87 -39.15 -2.47
C GLN C 401 -15.92 -40.45 -1.66
N PHE C 402 -14.77 -41.12 -1.58
CA PHE C 402 -14.66 -42.36 -0.83
C PHE C 402 -13.66 -42.23 0.32
N GLY C 403 -14.14 -41.94 1.51
CA GLY C 403 -13.27 -41.80 2.66
C GLY C 403 -12.90 -43.19 3.17
N GLY C 404 -13.80 -43.79 3.94
CA GLY C 404 -13.56 -45.12 4.45
C GLY C 404 -13.39 -46.09 3.29
N GLY C 405 -14.03 -45.76 2.18
CA GLY C 405 -13.96 -46.59 0.98
C GLY C 405 -12.59 -46.67 0.35
N THR C 406 -11.66 -45.84 0.82
CA THR C 406 -10.30 -45.83 0.31
C THR C 406 -9.33 -46.19 1.44
N LEU C 407 -9.38 -45.41 2.53
CA LEU C 407 -8.51 -45.62 3.68
C LEU C 407 -8.84 -46.92 4.42
N GLY C 408 -9.92 -47.57 4.00
CA GLY C 408 -10.33 -48.81 4.64
C GLY C 408 -9.96 -50.05 3.84
N HIS C 409 -9.34 -49.87 2.69
CA HIS C 409 -8.92 -51.00 1.86
C HIS C 409 -7.87 -51.79 2.63
N PRO C 410 -7.95 -53.12 2.61
CA PRO C 410 -6.98 -53.95 3.33
C PRO C 410 -5.51 -53.80 2.92
N TRP C 411 -5.28 -53.28 1.71
CA TRP C 411 -3.91 -53.13 1.23
C TRP C 411 -3.38 -51.69 1.31
N GLY C 412 -4.16 -50.77 1.84
CA GLY C 412 -3.69 -49.40 1.94
C GLY C 412 -4.36 -48.44 0.98
N ASN C 413 -3.95 -47.17 1.04
CA ASN C 413 -4.55 -46.13 0.20
C ASN C 413 -4.33 -46.24 -1.30
N ALA C 414 -3.12 -46.56 -1.73
CA ALA C 414 -2.86 -46.67 -3.17
C ALA C 414 -3.75 -47.76 -3.78
N PRO C 415 -3.73 -48.98 -3.20
CA PRO C 415 -4.57 -50.05 -3.75
C PRO C 415 -6.06 -49.70 -3.62
N GLY C 416 -6.40 -48.99 -2.55
CA GLY C 416 -7.78 -48.60 -2.34
C GLY C 416 -8.27 -47.63 -3.40
N ALA C 417 -7.39 -46.71 -3.76
CA ALA C 417 -7.70 -45.72 -4.79
C ALA C 417 -7.86 -46.46 -6.12
N ALA C 418 -6.92 -47.36 -6.40
CA ALA C 418 -6.94 -48.15 -7.63
C ALA C 418 -8.24 -48.94 -7.74
N ALA C 419 -8.70 -49.51 -6.64
CA ALA C 419 -9.93 -50.30 -6.63
C ALA C 419 -11.11 -49.43 -7.05
N ASN C 420 -11.19 -48.23 -6.49
CA ASN C 420 -12.28 -47.32 -6.84
C ASN C 420 -12.18 -46.84 -8.28
N ARG C 421 -10.97 -46.50 -8.72
CA ARG C 421 -10.77 -46.03 -10.08
C ARG C 421 -11.12 -47.13 -11.08
N VAL C 422 -10.71 -48.37 -10.78
CA VAL C 422 -11.01 -49.50 -11.65
C VAL C 422 -12.52 -49.75 -11.69
N ALA C 423 -13.16 -49.78 -10.53
CA ALA C 423 -14.59 -50.01 -10.46
C ALA C 423 -15.34 -48.96 -11.27
N LEU C 424 -14.93 -47.71 -11.14
CA LEU C 424 -15.58 -46.63 -11.87
C LEU C 424 -15.39 -46.78 -13.37
N GLU C 425 -14.16 -47.00 -13.82
CA GLU C 425 -13.92 -47.13 -15.25
C GLU C 425 -14.61 -48.36 -15.83
N ALA C 426 -14.77 -49.40 -15.02
CA ALA C 426 -15.46 -50.61 -15.48
C ALA C 426 -16.91 -50.23 -15.74
N CYS C 427 -17.48 -49.45 -14.83
CA CYS C 427 -18.87 -49.00 -14.98
C CYS C 427 -19.03 -48.09 -16.18
N VAL C 428 -18.10 -47.17 -16.36
CA VAL C 428 -18.14 -46.24 -17.49
C VAL C 428 -18.05 -47.00 -18.81
N GLN C 429 -17.10 -47.93 -18.89
CA GLN C 429 -16.93 -48.69 -20.12
C GLN C 429 -18.21 -49.44 -20.48
N ALA C 430 -18.79 -50.13 -19.49
CA ALA C 430 -20.01 -50.89 -19.70
C ALA C 430 -21.16 -49.99 -20.14
N ARG C 431 -21.34 -48.88 -19.43
CA ARG C 431 -22.41 -47.95 -19.75
C ARG C 431 -22.27 -47.46 -21.19
N ASN C 432 -21.05 -47.08 -21.56
CA ASN C 432 -20.79 -46.60 -22.90
C ASN C 432 -21.10 -47.65 -23.96
N GLU C 433 -20.97 -48.92 -23.60
CA GLU C 433 -21.25 -50.01 -24.55
C GLU C 433 -22.74 -50.27 -24.68
N GLY C 434 -23.53 -49.65 -23.80
CA GLY C 434 -24.98 -49.83 -23.86
C GLY C 434 -25.59 -50.70 -22.79
N ARG C 435 -24.79 -51.11 -21.80
CA ARG C 435 -25.30 -51.95 -20.73
C ARG C 435 -26.06 -51.15 -19.68
N ASP C 436 -27.00 -51.82 -19.00
CA ASP C 436 -27.83 -51.20 -17.97
C ASP C 436 -27.15 -51.29 -16.61
N LEU C 437 -26.59 -50.18 -16.14
CA LEU C 437 -25.91 -50.16 -14.85
C LEU C 437 -26.83 -50.51 -13.69
N ALA C 438 -28.10 -50.13 -13.80
CA ALA C 438 -29.07 -50.40 -12.75
C ALA C 438 -29.39 -51.88 -12.58
N ARG C 439 -29.23 -52.65 -13.65
CA ARG C 439 -29.53 -54.07 -13.61
C ARG C 439 -28.32 -54.99 -13.69
N GLU C 440 -27.26 -54.52 -14.34
CA GLU C 440 -26.05 -55.31 -14.50
C GLU C 440 -24.91 -54.86 -13.61
N GLY C 441 -25.20 -53.92 -12.72
CA GLY C 441 -24.17 -53.38 -11.82
C GLY C 441 -23.29 -54.39 -11.10
N ASN C 442 -23.90 -55.30 -10.36
CA ASN C 442 -23.13 -56.29 -9.61
C ASN C 442 -22.29 -57.18 -10.52
N GLU C 443 -22.83 -57.54 -11.67
CA GLU C 443 -22.10 -58.38 -12.61
C GLU C 443 -20.91 -57.63 -13.20
N ILE C 444 -21.08 -56.32 -13.43
CA ILE C 444 -20.01 -55.51 -13.97
C ILE C 444 -18.85 -55.45 -12.99
N ILE C 445 -19.17 -55.31 -11.70
CA ILE C 445 -18.15 -55.24 -10.65
C ILE C 445 -17.49 -56.61 -10.46
N ARG C 446 -18.28 -57.67 -10.47
CA ARG C 446 -17.72 -59.02 -10.30
C ARG C 446 -16.76 -59.36 -11.43
N SER C 447 -17.09 -58.94 -12.64
CA SER C 447 -16.23 -59.21 -13.79
C SER C 447 -14.90 -58.49 -13.63
N ALA C 448 -14.97 -57.23 -13.22
CA ALA C 448 -13.76 -56.43 -13.02
C ALA C 448 -12.87 -57.04 -11.95
N CYS C 449 -13.47 -57.70 -10.97
CA CYS C 449 -12.73 -58.34 -9.89
C CYS C 449 -11.84 -59.45 -10.41
N LYS C 450 -12.22 -60.04 -11.53
CA LYS C 450 -11.45 -61.13 -12.08
C LYS C 450 -10.08 -60.76 -12.65
N TRP C 451 -9.87 -59.48 -12.97
CA TRP C 451 -8.58 -59.07 -13.50
C TRP C 451 -7.90 -58.01 -12.64
N SER C 452 -8.64 -57.49 -11.66
CA SER C 452 -8.10 -56.46 -10.76
C SER C 452 -8.04 -56.99 -9.33
N PRO C 453 -6.85 -57.42 -8.88
CA PRO C 453 -6.68 -57.93 -7.52
C PRO C 453 -7.06 -56.88 -6.47
N GLU C 454 -6.78 -55.62 -6.79
CA GLU C 454 -7.10 -54.52 -5.87
C GLU C 454 -8.61 -54.44 -5.65
N LEU C 455 -9.38 -54.52 -6.73
CA LEU C 455 -10.82 -54.44 -6.63
C LEU C 455 -11.38 -55.69 -5.93
N ALA C 456 -10.84 -56.86 -6.26
CA ALA C 456 -11.29 -58.10 -5.65
C ALA C 456 -11.15 -58.03 -4.13
N ALA C 457 -10.04 -57.47 -3.65
CA ALA C 457 -9.79 -57.36 -2.23
C ALA C 457 -10.82 -56.45 -1.56
N ALA C 458 -11.19 -55.37 -2.23
CA ALA C 458 -12.17 -54.44 -1.69
C ALA C 458 -13.56 -55.07 -1.70
N CYS C 459 -13.88 -55.78 -2.78
CA CYS C 459 -15.18 -56.42 -2.90
C CYS C 459 -15.44 -57.52 -1.89
N GLU C 460 -14.37 -58.11 -1.36
CA GLU C 460 -14.53 -59.17 -0.37
C GLU C 460 -14.79 -58.61 1.03
N ILE C 461 -14.33 -57.38 1.26
CA ILE C 461 -14.52 -56.76 2.56
C ILE C 461 -15.87 -56.05 2.73
N TRP C 462 -16.37 -55.44 1.66
CA TRP C 462 -17.62 -54.69 1.74
C TRP C 462 -18.84 -55.27 1.02
N LYS C 463 -18.85 -56.57 0.79
CA LYS C 463 -19.97 -57.22 0.11
C LYS C 463 -21.27 -57.13 0.91
N MET D 2 -1.14 -58.94 0.67
CA MET D 2 -1.12 -57.51 0.36
C MET D 2 -0.23 -57.26 -0.86
N GLN D 3 -0.74 -56.51 -1.83
CA GLN D 3 0.03 -56.21 -3.05
C GLN D 3 0.31 -54.71 -3.14
N VAL D 4 1.55 -54.37 -3.51
CA VAL D 4 1.97 -52.97 -3.62
C VAL D 4 1.70 -52.36 -4.99
N TRP D 5 1.02 -51.21 -5.01
CA TRP D 5 0.71 -50.55 -6.27
C TRP D 5 2.02 -50.07 -6.90
N PRO D 6 2.25 -50.41 -8.18
CA PRO D 6 3.47 -50.00 -8.88
C PRO D 6 3.76 -48.51 -8.83
N ILE D 7 5.04 -48.16 -8.78
CA ILE D 7 5.42 -46.75 -8.76
C ILE D 7 5.97 -46.30 -10.10
N GLU D 8 6.20 -47.26 -11.00
CA GLU D 8 6.72 -46.95 -12.33
C GLU D 8 6.13 -47.87 -13.40
N GLY D 9 6.17 -47.41 -14.65
CA GLY D 9 5.67 -48.20 -15.75
C GLY D 9 4.16 -48.33 -15.78
N ILE D 10 3.48 -47.45 -15.04
CA ILE D 10 2.02 -47.48 -14.96
C ILE D 10 1.45 -46.07 -15.14
N LYS D 11 2.16 -45.19 -15.82
CA LYS D 11 1.65 -43.83 -16.01
C LYS D 11 0.33 -43.87 -16.76
N LYS D 12 -0.56 -42.94 -16.43
CA LYS D 12 -1.90 -42.91 -16.99
C LYS D 12 -2.29 -41.84 -18.00
N PHE D 13 -3.48 -42.03 -18.58
CA PHE D 13 -4.02 -41.14 -19.61
C PHE D 13 -5.50 -40.87 -19.38
N GLU D 14 -5.86 -40.68 -18.11
CA GLU D 14 -7.23 -40.42 -17.72
C GLU D 14 -8.22 -41.55 -18.01
N THR D 15 -9.46 -41.21 -18.30
CA THR D 15 -10.53 -42.19 -18.52
C THR D 15 -10.26 -43.42 -19.38
N LEU D 16 -10.45 -44.57 -18.75
CA LEU D 16 -10.27 -45.90 -19.33
C LEU D 16 -8.85 -46.44 -19.26
N SER D 17 -7.90 -45.61 -18.84
CA SER D 17 -6.51 -46.05 -18.77
C SER D 17 -6.18 -47.00 -17.62
N TYR D 18 -7.15 -47.27 -16.75
CA TYR D 18 -6.92 -48.22 -15.66
C TYR D 18 -7.49 -49.59 -16.01
N LEU D 19 -8.10 -49.69 -17.18
CA LEU D 19 -8.65 -50.95 -17.65
C LEU D 19 -7.55 -51.68 -18.40
N PRO D 20 -7.69 -53.00 -18.58
CA PRO D 20 -6.66 -53.74 -19.31
C PRO D 20 -6.58 -53.16 -20.72
N PRO D 21 -5.47 -53.40 -21.43
CA PRO D 21 -5.36 -52.86 -22.79
C PRO D 21 -6.61 -53.19 -23.60
N LEU D 22 -7.18 -52.16 -24.22
CA LEU D 22 -8.40 -52.34 -25.02
C LEU D 22 -8.14 -53.02 -26.35
N THR D 23 -9.01 -53.96 -26.69
CA THR D 23 -8.90 -54.69 -27.94
C THR D 23 -9.56 -53.87 -29.04
N VAL D 24 -9.33 -54.25 -30.29
CA VAL D 24 -9.92 -53.54 -31.40
C VAL D 24 -11.43 -53.45 -31.16
N GLU D 25 -12.05 -54.58 -30.85
CA GLU D 25 -13.49 -54.61 -30.60
C GLU D 25 -13.86 -53.65 -29.47
N ASP D 26 -13.01 -53.57 -28.44
CA ASP D 26 -13.24 -52.68 -27.31
C ASP D 26 -13.29 -51.23 -27.80
N LEU D 27 -12.26 -50.85 -28.56
CA LEU D 27 -12.18 -49.50 -29.09
C LEU D 27 -13.38 -49.14 -29.96
N LEU D 28 -13.76 -50.05 -30.87
CA LEU D 28 -14.90 -49.79 -31.73
C LEU D 28 -16.14 -49.46 -30.91
N LYS D 29 -16.38 -50.21 -29.85
CA LYS D 29 -17.55 -49.97 -29.02
C LYS D 29 -17.52 -48.60 -28.38
N GLN D 30 -16.33 -48.14 -27.98
CA GLN D 30 -16.21 -46.82 -27.38
C GLN D 30 -16.41 -45.75 -28.45
N ILE D 31 -15.92 -46.02 -29.65
CA ILE D 31 -16.07 -45.08 -30.76
C ILE D 31 -17.55 -44.97 -31.14
N GLU D 32 -18.23 -46.11 -31.17
CA GLU D 32 -19.64 -46.14 -31.52
C GLU D 32 -20.49 -45.38 -30.49
N TYR D 33 -20.03 -45.37 -29.24
CA TYR D 33 -20.73 -44.67 -28.17
C TYR D 33 -20.73 -43.17 -28.51
N LEU D 34 -19.59 -42.69 -28.98
CA LEU D 34 -19.43 -41.31 -29.37
C LEU D 34 -20.37 -40.97 -30.52
N LEU D 35 -20.39 -41.83 -31.54
CA LEU D 35 -21.26 -41.61 -32.69
C LEU D 35 -22.74 -41.65 -32.33
N ARG D 36 -23.14 -42.63 -31.53
CA ARG D 36 -24.54 -42.75 -31.13
C ARG D 36 -24.97 -41.54 -30.31
N SER D 37 -24.01 -40.96 -29.58
CA SER D 37 -24.27 -39.79 -28.74
C SER D 37 -24.24 -38.50 -29.55
N LYS D 38 -23.97 -38.63 -30.84
CA LYS D 38 -23.91 -37.49 -31.73
C LYS D 38 -22.76 -36.54 -31.41
N TRP D 39 -21.64 -37.11 -30.99
CA TRP D 39 -20.45 -36.32 -30.70
C TRP D 39 -19.48 -36.58 -31.84
N VAL D 40 -18.56 -35.65 -32.06
CA VAL D 40 -17.60 -35.78 -33.15
C VAL D 40 -16.26 -36.34 -32.70
N PRO D 41 -15.82 -37.47 -33.28
CA PRO D 41 -14.54 -38.02 -32.85
C PRO D 41 -13.37 -37.29 -33.52
N CYS D 42 -12.24 -37.27 -32.84
CA CYS D 42 -11.03 -36.64 -33.36
C CYS D 42 -9.84 -37.33 -32.72
N LEU D 43 -8.76 -37.47 -33.47
CA LEU D 43 -7.56 -38.09 -32.94
C LEU D 43 -6.54 -37.01 -32.57
N GLU D 44 -5.73 -37.30 -31.57
CA GLU D 44 -4.69 -36.40 -31.09
C GLU D 44 -3.47 -37.25 -30.81
N PHE D 45 -2.29 -36.71 -31.05
CA PHE D 45 -1.07 -37.46 -30.79
C PHE D 45 0.02 -36.59 -30.20
N SER D 46 1.01 -37.24 -29.58
CA SER D 46 2.10 -36.54 -28.95
C SER D 46 3.21 -37.51 -28.59
N LYS D 47 4.45 -37.03 -28.56
CA LYS D 47 5.57 -37.88 -28.18
C LYS D 47 5.85 -37.73 -26.69
N VAL D 48 5.11 -36.83 -26.06
CA VAL D 48 5.20 -36.58 -24.63
C VAL D 48 3.80 -36.94 -24.13
N GLY D 49 3.72 -37.94 -23.26
CA GLY D 49 2.41 -38.38 -22.80
C GLY D 49 1.81 -37.81 -21.55
N PHE D 50 2.51 -36.94 -20.84
CA PHE D 50 1.96 -36.42 -19.59
C PHE D 50 2.11 -34.93 -19.40
N VAL D 51 1.40 -34.40 -18.41
CA VAL D 51 1.46 -32.97 -18.11
C VAL D 51 2.76 -32.58 -17.42
N TYR D 52 3.10 -31.30 -17.53
CA TYR D 52 4.28 -30.76 -16.90
C TYR D 52 4.08 -29.27 -16.69
N ARG D 53 4.95 -28.63 -15.93
CA ARG D 53 4.82 -27.21 -15.68
C ARG D 53 6.15 -26.53 -15.95
N GLU D 54 6.32 -26.05 -17.17
CA GLU D 54 7.54 -25.40 -17.58
C GLU D 54 7.42 -23.89 -17.67
N ASN D 55 6.30 -23.40 -18.19
CA ASN D 55 6.12 -21.97 -18.36
C ASN D 55 5.45 -21.21 -17.23
N HIS D 56 4.76 -21.93 -16.35
CA HIS D 56 4.08 -21.26 -15.24
C HIS D 56 3.62 -22.28 -14.22
N ARG D 57 3.41 -21.83 -12.98
CA ARG D 57 2.95 -22.72 -11.92
C ARG D 57 1.77 -22.11 -11.16
N SER D 58 1.09 -21.15 -11.78
CA SER D 58 -0.06 -20.51 -11.15
C SER D 58 -1.24 -21.49 -11.21
N PRO D 59 -2.25 -21.30 -10.34
CA PRO D 59 -3.42 -22.19 -10.32
C PRO D 59 -4.08 -22.42 -11.67
N GLY D 60 -4.31 -23.69 -12.00
CA GLY D 60 -4.96 -24.02 -13.25
C GLY D 60 -4.09 -24.00 -14.49
N TYR D 61 -2.82 -23.64 -14.35
CA TYR D 61 -1.95 -23.63 -15.52
C TYR D 61 -1.04 -24.84 -15.55
N TYR D 62 -1.07 -25.54 -16.68
CA TYR D 62 -0.24 -26.72 -16.88
C TYR D 62 0.14 -26.78 -18.35
N ASP D 63 1.33 -27.28 -18.63
CA ASP D 63 1.77 -27.47 -20.01
C ASP D 63 1.48 -28.94 -20.25
N GLY D 64 1.43 -29.35 -21.51
CA GLY D 64 1.20 -30.76 -21.79
C GLY D 64 -0.25 -31.24 -21.80
N ARG D 65 -1.21 -30.34 -21.61
CA ARG D 65 -2.61 -30.75 -21.64
C ARG D 65 -3.01 -30.92 -23.09
N TYR D 66 -2.64 -29.95 -23.92
CA TYR D 66 -2.91 -30.02 -25.35
C TYR D 66 -1.94 -30.98 -26.01
N TRP D 67 -2.44 -31.76 -26.97
CA TRP D 67 -1.60 -32.64 -27.75
C TRP D 67 -1.80 -32.08 -29.16
N THR D 68 -1.31 -32.78 -30.18
CA THR D 68 -1.45 -32.28 -31.54
C THR D 68 -2.60 -32.97 -32.26
N MET D 69 -3.41 -32.19 -32.96
CA MET D 69 -4.56 -32.74 -33.68
C MET D 69 -4.12 -33.54 -34.90
N TRP D 70 -4.74 -34.72 -35.08
CA TRP D 70 -4.45 -35.54 -36.25
C TRP D 70 -5.56 -35.16 -37.22
N LYS D 71 -5.19 -34.39 -38.24
CA LYS D 71 -6.16 -33.93 -39.23
C LYS D 71 -7.23 -33.09 -38.54
N LEU D 72 -8.51 -33.38 -38.79
CA LEU D 72 -9.59 -32.61 -38.17
C LEU D 72 -10.67 -33.49 -37.56
N PRO D 73 -11.57 -32.88 -36.74
CA PRO D 73 -12.63 -33.67 -36.13
C PRO D 73 -13.39 -34.30 -37.30
N MET D 74 -13.83 -35.54 -37.13
CA MET D 74 -14.54 -36.23 -38.20
C MET D 74 -16.03 -35.96 -38.24
N PHE D 75 -16.38 -34.72 -38.59
CA PHE D 75 -17.77 -34.30 -38.68
C PHE D 75 -18.54 -35.18 -39.67
N GLY D 76 -19.74 -35.59 -39.28
CA GLY D 76 -20.55 -36.42 -40.16
C GLY D 76 -20.19 -37.89 -40.19
N CYS D 77 -19.24 -38.31 -39.38
CA CYS D 77 -18.84 -39.70 -39.33
C CYS D 77 -20.00 -40.56 -38.81
N THR D 78 -20.28 -41.65 -39.51
CA THR D 78 -21.35 -42.56 -39.12
C THR D 78 -20.82 -43.99 -39.13
N ASP D 79 -19.51 -44.13 -39.25
CA ASP D 79 -18.87 -45.44 -39.28
C ASP D 79 -17.64 -45.49 -38.39
N ALA D 80 -17.76 -46.15 -37.25
CA ALA D 80 -16.67 -46.29 -36.29
C ALA D 80 -15.40 -46.84 -36.94
N THR D 81 -15.57 -47.60 -38.02
CA THR D 81 -14.44 -48.19 -38.74
C THR D 81 -13.54 -47.13 -39.35
N GLN D 82 -14.13 -46.00 -39.73
CA GLN D 82 -13.40 -44.89 -40.34
C GLN D 82 -12.41 -44.31 -39.33
N VAL D 83 -12.83 -44.28 -38.07
CA VAL D 83 -11.98 -43.75 -37.00
C VAL D 83 -10.81 -44.71 -36.79
N LEU D 84 -11.09 -46.01 -36.87
CA LEU D 84 -10.06 -47.02 -36.72
C LEU D 84 -9.01 -46.86 -37.80
N LYS D 85 -9.48 -46.56 -39.02
CA LYS D 85 -8.60 -46.38 -40.17
C LYS D 85 -7.60 -45.25 -39.92
N GLU D 86 -8.10 -44.13 -39.39
CA GLU D 86 -7.25 -42.99 -39.11
C GLU D 86 -6.25 -43.34 -38.02
N LEU D 87 -6.70 -44.08 -37.00
CA LEU D 87 -5.83 -44.48 -35.91
C LEU D 87 -4.66 -45.28 -36.47
N GLU D 88 -4.94 -46.17 -37.41
CA GLU D 88 -3.90 -46.98 -38.02
C GLU D 88 -2.93 -46.13 -38.82
N GLU D 89 -3.47 -45.14 -39.55
CA GLU D 89 -2.62 -44.24 -40.34
C GLU D 89 -1.69 -43.48 -39.40
N ALA D 90 -2.25 -42.97 -38.31
CA ALA D 90 -1.48 -42.21 -37.34
C ALA D 90 -0.35 -43.07 -36.76
N LYS D 91 -0.67 -44.31 -36.42
CA LYS D 91 0.32 -45.23 -35.86
C LYS D 91 1.44 -45.49 -36.87
N LYS D 92 1.08 -45.54 -38.15
CA LYS D 92 2.04 -45.79 -39.22
C LYS D 92 2.98 -44.61 -39.41
N ALA D 93 2.44 -43.40 -39.38
CA ALA D 93 3.23 -42.20 -39.56
C ALA D 93 3.99 -41.81 -38.29
N TYR D 94 3.41 -42.12 -37.14
CA TYR D 94 4.03 -41.80 -35.85
C TYR D 94 4.00 -42.99 -34.89
N PRO D 95 4.78 -44.04 -35.17
CA PRO D 95 4.78 -45.20 -34.29
C PRO D 95 5.37 -44.96 -32.90
N ASP D 96 6.10 -43.86 -32.75
CA ASP D 96 6.72 -43.54 -31.47
C ASP D 96 5.94 -42.47 -30.71
N ALA D 97 4.69 -42.24 -31.12
CA ALA D 97 3.85 -41.25 -30.46
C ALA D 97 2.63 -41.87 -29.81
N PHE D 98 2.13 -41.22 -28.76
CA PHE D 98 0.92 -41.69 -28.10
C PHE D 98 -0.22 -41.13 -28.94
N VAL D 99 -1.31 -41.86 -29.04
CA VAL D 99 -2.45 -41.39 -29.82
C VAL D 99 -3.70 -41.61 -28.98
N ARG D 100 -4.49 -40.56 -28.81
CA ARG D 100 -5.72 -40.69 -28.06
C ARG D 100 -6.90 -40.25 -28.90
N ILE D 101 -8.07 -40.72 -28.53
CA ILE D 101 -9.29 -40.38 -29.24
C ILE D 101 -10.10 -39.43 -28.36
N ILE D 102 -10.45 -38.28 -28.91
CA ILE D 102 -11.22 -37.31 -28.16
C ILE D 102 -12.55 -37.06 -28.87
N GLY D 103 -13.46 -36.38 -28.20
CA GLY D 103 -14.75 -36.10 -28.80
C GLY D 103 -15.24 -34.70 -28.48
N PHE D 104 -15.92 -34.09 -29.44
CA PHE D 104 -16.46 -32.75 -29.28
C PHE D 104 -17.97 -32.77 -29.42
N ASP D 105 -18.65 -31.91 -28.68
CA ASP D 105 -20.09 -31.80 -28.78
C ASP D 105 -20.42 -30.36 -29.10
N ASN D 106 -21.13 -30.13 -30.19
CA ASN D 106 -21.48 -28.77 -30.59
C ASN D 106 -22.65 -28.21 -29.78
N VAL D 107 -23.43 -29.11 -29.18
CA VAL D 107 -24.57 -28.68 -28.36
C VAL D 107 -24.09 -28.18 -27.00
N ARG D 108 -23.18 -28.91 -26.37
CA ARG D 108 -22.64 -28.47 -25.09
C ARG D 108 -21.53 -27.47 -25.37
N GLN D 109 -21.06 -27.47 -26.62
CA GLN D 109 -20.00 -26.57 -27.08
C GLN D 109 -18.67 -26.82 -26.37
N VAL D 110 -18.36 -28.09 -26.13
CA VAL D 110 -17.12 -28.43 -25.44
C VAL D 110 -16.55 -29.79 -25.83
N GLN D 111 -15.26 -29.98 -25.54
CA GLN D 111 -14.65 -31.28 -25.75
C GLN D 111 -15.21 -32.00 -24.54
N LEU D 112 -15.59 -33.27 -24.69
CA LEU D 112 -16.14 -33.99 -23.54
C LEU D 112 -15.73 -35.45 -23.54
N ILE D 113 -14.78 -35.79 -24.40
CA ILE D 113 -14.28 -37.16 -24.52
C ILE D 113 -12.77 -37.17 -24.68
N SER D 114 -12.13 -38.19 -24.11
CA SER D 114 -10.69 -38.37 -24.23
C SER D 114 -10.21 -39.68 -23.61
N PHE D 115 -9.73 -40.60 -24.46
CA PHE D 115 -9.20 -41.86 -23.98
C PHE D 115 -8.07 -42.34 -24.90
N ILE D 116 -7.04 -42.94 -24.31
CA ILE D 116 -5.88 -43.42 -25.04
C ILE D 116 -6.24 -44.58 -25.98
N ALA D 117 -5.67 -44.56 -27.18
CA ALA D 117 -5.95 -45.60 -28.17
C ALA D 117 -4.68 -46.32 -28.62
N TYR D 118 -3.53 -45.66 -28.46
CA TYR D 118 -2.26 -46.24 -28.84
C TYR D 118 -1.10 -45.71 -28.00
N LYS D 119 -0.22 -46.62 -27.61
CA LYS D 119 0.96 -46.26 -26.83
C LYS D 119 2.14 -46.87 -27.57
N PRO D 120 3.18 -46.07 -27.86
CA PRO D 120 4.36 -46.56 -28.58
C PRO D 120 5.08 -47.68 -27.84
N PRO D 121 5.95 -48.42 -28.55
CA PRO D 121 6.69 -49.52 -27.92
C PRO D 121 7.56 -49.06 -26.76
N GLY D 122 7.37 -49.66 -25.60
CA GLY D 122 8.15 -49.30 -24.43
C GLY D 122 7.53 -48.19 -23.60
N CYS D 123 6.21 -48.06 -23.68
CA CYS D 123 5.51 -47.03 -22.92
C CYS D 123 4.11 -47.48 -22.53
N GLY E 12 51.67 -23.56 14.28
CA GLY E 12 51.05 -23.50 12.79
C GLY E 12 49.55 -23.15 12.94
N PHE E 13 48.81 -24.22 12.60
CA PHE E 13 47.42 -24.36 12.96
C PHE E 13 47.68 -25.66 13.78
N LYS E 14 47.79 -25.51 15.08
CA LYS E 14 48.01 -26.70 15.87
C LYS E 14 46.69 -26.92 16.59
N ALA E 15 46.02 -28.01 16.25
CA ALA E 15 44.75 -28.31 16.87
C ALA E 15 44.96 -28.63 18.33
N GLY E 16 43.93 -28.38 19.13
CA GLY E 16 43.96 -28.65 20.55
C GLY E 16 43.73 -27.41 21.41
N VAL E 17 43.49 -27.64 22.69
CA VAL E 17 43.29 -26.54 23.66
C VAL E 17 44.63 -25.84 23.88
N LEU E 22 46.41 -15.30 28.40
CA LEU E 22 47.63 -15.26 27.55
C LEU E 22 47.46 -14.29 26.38
N THR E 23 46.29 -13.65 26.30
CA THR E 23 46.02 -12.72 25.20
C THR E 23 45.09 -11.56 25.59
N TYR E 24 44.23 -11.80 26.57
CA TYR E 24 43.23 -10.80 26.97
C TYR E 24 43.51 -9.87 28.14
N TYR E 25 44.65 -10.05 28.80
CA TYR E 25 45.00 -9.18 29.92
C TYR E 25 46.14 -8.28 29.45
N THR E 26 45.81 -7.03 29.12
CA THR E 26 46.78 -6.06 28.61
C THR E 26 46.86 -4.77 29.45
N PRO E 27 47.59 -4.82 30.57
CA PRO E 27 47.76 -3.67 31.47
C PRO E 27 48.44 -2.42 30.91
N GLU E 28 49.09 -2.54 29.76
CA GLU E 28 49.77 -1.38 29.17
C GLU E 28 49.00 -0.80 27.99
N TYR E 29 47.81 -1.35 27.73
CA TYR E 29 46.98 -0.89 26.64
C TYR E 29 46.48 0.51 26.89
N GLU E 30 46.55 1.35 25.87
CA GLU E 30 46.08 2.72 25.95
C GLU E 30 44.76 2.74 25.19
N THR E 31 43.66 2.98 25.90
CA THR E 31 42.34 2.99 25.26
C THR E 31 42.25 3.95 24.09
N LYS E 32 41.48 3.55 23.08
CA LYS E 32 41.28 4.38 21.90
C LYS E 32 39.98 5.17 22.11
N ASP E 33 39.93 6.36 21.52
CA ASP E 33 38.76 7.22 21.66
C ASP E 33 37.51 6.65 20.99
N THR E 34 37.67 5.55 20.26
CA THR E 34 36.54 4.90 19.59
C THR E 34 36.11 3.63 20.31
N ASP E 35 36.87 3.21 21.31
CA ASP E 35 36.54 2.01 22.08
C ASP E 35 35.33 2.22 22.98
N ILE E 36 34.56 1.16 23.19
CA ILE E 36 33.46 1.21 24.13
C ILE E 36 34.15 0.64 25.36
N LEU E 37 34.12 1.35 26.48
CA LEU E 37 34.78 0.86 27.68
C LEU E 37 33.78 0.35 28.70
N ALA E 38 34.18 -0.66 29.46
CA ALA E 38 33.29 -1.22 30.48
C ALA E 38 33.99 -1.33 31.82
N ALA E 39 33.24 -1.06 32.88
CA ALA E 39 33.76 -1.18 34.24
C ALA E 39 32.93 -2.29 34.89
N PHE E 40 33.57 -3.41 35.16
CA PHE E 40 32.92 -4.58 35.75
C PHE E 40 33.35 -4.77 37.21
N ARG E 41 32.39 -5.12 38.06
CA ARG E 41 32.71 -5.42 39.46
C ARG E 41 32.76 -6.95 39.41
N VAL E 42 33.98 -7.50 39.48
CA VAL E 42 34.17 -8.94 39.40
C VAL E 42 34.53 -9.62 40.72
N THR E 43 33.86 -10.75 40.99
CA THR E 43 34.13 -11.53 42.19
C THR E 43 34.62 -12.89 41.69
N PRO E 44 35.95 -13.12 41.69
CA PRO E 44 36.51 -14.40 41.22
C PRO E 44 36.18 -15.57 42.12
N GLN E 45 36.24 -16.78 41.57
CA GLN E 45 35.99 -17.98 42.35
C GLN E 45 37.22 -18.13 43.25
N PRO E 46 37.10 -18.88 44.35
CA PRO E 46 38.23 -19.07 45.27
C PRO E 46 39.42 -19.67 44.53
N GLY E 47 40.60 -19.12 44.77
CA GLY E 47 41.80 -19.64 44.12
C GLY E 47 42.08 -19.08 42.73
N VAL E 48 41.24 -18.14 42.29
CA VAL E 48 41.42 -17.53 40.97
C VAL E 48 42.03 -16.14 41.11
N PRO E 49 43.24 -15.94 40.58
CA PRO E 49 43.90 -14.63 40.67
C PRO E 49 43.14 -13.55 39.90
N PRO E 50 43.22 -12.29 40.36
CA PRO E 50 42.54 -11.18 39.69
C PRO E 50 42.92 -10.93 38.24
N GLU E 51 44.15 -11.30 37.86
CA GLU E 51 44.56 -11.08 36.48
C GLU E 51 43.92 -12.07 35.52
N GLU E 52 43.76 -13.32 35.96
CA GLU E 52 43.13 -14.30 35.10
C GLU E 52 41.64 -14.01 35.06
N ALA E 53 41.13 -13.44 36.16
CA ALA E 53 39.71 -13.10 36.25
C ALA E 53 39.41 -11.99 35.26
N GLY E 54 40.26 -10.97 35.24
CA GLY E 54 40.07 -9.86 34.32
C GLY E 54 40.21 -10.34 32.89
N ALA E 55 41.21 -11.18 32.65
CA ALA E 55 41.46 -11.72 31.32
C ALA E 55 40.23 -12.50 30.85
N ALA E 56 39.65 -13.29 31.75
CA ALA E 56 38.48 -14.09 31.41
C ALA E 56 37.27 -13.20 31.11
N VAL E 57 37.11 -12.13 31.85
CA VAL E 57 35.99 -11.23 31.60
C VAL E 57 36.11 -10.69 30.17
N ALA E 58 37.32 -10.30 29.79
CA ALA E 58 37.56 -9.77 28.45
C ALA E 58 37.43 -10.86 27.39
N ALA E 59 38.00 -12.03 27.65
CA ALA E 59 37.96 -13.14 26.70
C ALA E 59 36.55 -13.68 26.49
N GLU E 60 35.84 -13.93 27.58
CA GLU E 60 34.50 -14.49 27.49
C GLU E 60 33.44 -13.49 27.01
N SER E 61 33.81 -12.21 26.90
CA SER E 61 32.88 -11.21 26.39
C SER E 61 33.32 -10.76 25.01
N SER E 62 34.23 -11.51 24.40
CA SER E 62 34.71 -11.20 23.06
C SER E 62 35.06 -12.45 22.25
N THR E 63 36.32 -12.56 21.82
CA THR E 63 36.77 -13.68 20.99
C THR E 63 37.24 -14.96 21.67
N GLY E 64 37.03 -15.08 22.98
CA GLY E 64 37.46 -16.27 23.69
C GLY E 64 36.98 -17.59 23.10
N THR E 65 37.85 -18.59 23.09
CA THR E 65 37.51 -19.93 22.58
C THR E 65 38.28 -20.96 23.40
N TRP E 66 37.66 -22.10 23.68
CA TRP E 66 38.31 -23.13 24.49
C TRP E 66 39.38 -23.93 23.77
N THR E 67 39.21 -24.13 22.47
CA THR E 67 40.19 -24.89 21.70
C THR E 67 40.60 -24.07 20.49
N THR E 68 41.81 -24.30 19.99
CA THR E 68 42.29 -23.54 18.85
C THR E 68 41.53 -23.89 17.57
N VAL E 69 41.04 -22.86 16.87
CA VAL E 69 40.32 -23.05 15.63
C VAL E 69 41.15 -22.44 14.51
N TRP E 70 41.24 -23.14 13.39
CA TRP E 70 42.05 -22.68 12.27
C TRP E 70 41.53 -21.45 11.52
N THR E 71 40.23 -21.19 11.64
CA THR E 71 39.64 -20.05 10.96
C THR E 71 40.17 -18.71 11.49
N ASP E 72 40.78 -18.73 12.67
CA ASP E 72 41.34 -17.51 13.24
C ASP E 72 42.49 -17.01 12.37
N GLY E 73 43.06 -17.90 11.58
CA GLY E 73 44.16 -17.53 10.70
C GLY E 73 43.72 -16.80 9.45
N LEU E 74 42.40 -16.63 9.29
CA LEU E 74 41.84 -15.95 8.13
C LEU E 74 41.61 -14.47 8.42
N THR E 75 41.92 -14.03 9.63
CA THR E 75 41.72 -12.64 10.01
C THR E 75 42.75 -12.25 11.06
N SER E 76 42.61 -11.04 11.61
CA SER E 76 43.53 -10.55 12.64
C SER E 76 42.74 -10.38 13.94
N LEU E 77 42.68 -11.45 14.74
CA LEU E 77 41.92 -11.43 15.99
C LEU E 77 42.27 -10.38 17.02
N ASP E 78 43.44 -9.76 16.91
CA ASP E 78 43.80 -8.72 17.87
C ASP E 78 43.03 -7.43 17.60
N ARG E 79 42.37 -7.38 16.44
CA ARG E 79 41.58 -6.22 16.08
C ARG E 79 40.14 -6.39 16.57
N TYR E 80 39.82 -7.60 17.05
CA TYR E 80 38.47 -7.89 17.51
C TYR E 80 38.33 -8.35 18.95
N LYS E 81 39.44 -8.39 19.68
CA LYS E 81 39.38 -8.84 21.06
C LYS E 81 39.08 -7.74 22.05
N GLY E 82 38.44 -8.13 23.16
CA GLY E 82 38.17 -7.19 24.23
C GLY E 82 39.44 -7.27 25.07
N ARG E 83 39.84 -6.18 25.70
CA ARG E 83 41.05 -6.20 26.52
C ARG E 83 40.81 -5.67 27.93
N CYS E 84 41.27 -6.42 28.92
CA CYS E 84 41.16 -5.94 30.30
C CYS E 84 42.45 -5.16 30.48
N TYR E 85 42.36 -3.84 30.54
CA TYR E 85 43.54 -3.01 30.67
C TYR E 85 43.85 -2.51 32.09
N HIS E 86 43.01 -2.88 33.05
CA HIS E 86 43.23 -2.45 34.43
C HIS E 86 42.31 -3.22 35.36
N ILE E 87 42.84 -3.62 36.51
CA ILE E 87 42.04 -4.32 37.49
C ILE E 87 42.55 -3.95 38.87
N GLU E 88 41.64 -3.56 39.76
CA GLU E 88 42.01 -3.15 41.09
C GLU E 88 41.03 -3.65 42.14
N PRO E 89 41.52 -3.94 43.35
CA PRO E 89 40.69 -4.43 44.45
C PRO E 89 39.57 -3.45 44.77
N VAL E 90 38.37 -3.99 44.98
CA VAL E 90 37.21 -3.18 45.31
C VAL E 90 37.41 -2.72 46.74
N VAL E 91 36.68 -1.70 47.17
CA VAL E 91 36.82 -1.16 48.52
C VAL E 91 36.17 -1.95 49.66
N GLY E 92 36.99 -2.75 50.35
CA GLY E 92 36.48 -3.51 51.48
C GLY E 92 36.36 -5.02 51.30
N GLU E 93 36.71 -5.52 50.11
CA GLU E 93 36.61 -6.94 49.86
C GLU E 93 37.96 -7.66 49.89
N ASP E 94 37.89 -8.98 49.85
CA ASP E 94 39.06 -9.84 49.86
C ASP E 94 38.98 -10.69 48.60
N ASN E 95 38.08 -10.32 47.71
CA ASN E 95 37.91 -11.06 46.47
C ASN E 95 36.94 -10.38 45.49
N GLN E 96 36.90 -9.05 45.52
CA GLN E 96 36.06 -8.30 44.60
C GLN E 96 36.92 -7.20 43.98
N TYR E 97 36.83 -7.03 42.67
CA TYR E 97 37.65 -6.04 41.97
C TYR E 97 36.88 -5.30 40.89
N ILE E 98 37.43 -4.17 40.45
CA ILE E 98 36.82 -3.42 39.37
C ILE E 98 37.74 -3.67 38.18
N ALA E 99 37.21 -4.33 37.15
CA ALA E 99 38.00 -4.62 35.97
C ALA E 99 37.52 -3.75 34.82
N TYR E 100 38.46 -3.07 34.18
CA TYR E 100 38.15 -2.20 33.04
C TYR E 100 38.47 -2.95 31.76
N VAL E 101 37.50 -3.01 30.86
CA VAL E 101 37.67 -3.72 29.59
C VAL E 101 37.36 -2.80 28.40
N ALA E 102 38.18 -2.89 27.37
CA ALA E 102 38.00 -2.09 26.16
C ALA E 102 37.53 -2.95 25.00
N TYR E 103 36.49 -2.50 24.31
CA TYR E 103 35.92 -3.21 23.16
C TYR E 103 36.06 -2.37 21.90
N PRO E 104 36.62 -2.94 20.81
CA PRO E 104 36.78 -2.21 19.55
C PRO E 104 35.44 -1.78 18.98
N LEU E 105 35.42 -0.60 18.38
CA LEU E 105 34.21 -0.04 17.77
C LEU E 105 33.56 -0.98 16.76
N ASP E 106 34.36 -1.69 15.98
CA ASP E 106 33.85 -2.59 14.95
C ASP E 106 32.99 -3.76 15.41
N LEU E 107 33.00 -4.05 16.70
CA LEU E 107 32.21 -5.17 17.21
C LEU E 107 30.71 -4.87 17.25
N PHE E 108 30.36 -3.59 17.28
CA PHE E 108 28.97 -3.18 17.43
C PHE E 108 28.17 -2.73 16.23
N GLU E 109 26.92 -3.19 16.16
CA GLU E 109 26.06 -2.75 15.06
C GLU E 109 25.60 -1.34 15.40
N GLU E 110 25.75 -0.45 14.42
CA GLU E 110 25.36 0.94 14.59
C GLU E 110 23.86 1.07 14.91
N GLY E 111 23.56 1.96 15.87
CA GLY E 111 22.18 2.23 16.26
C GLY E 111 21.43 1.10 16.94
N SER E 112 22.14 0.09 17.43
CA SER E 112 21.48 -1.04 18.09
C SER E 112 21.91 -1.26 19.53
N VAL E 113 21.09 -0.81 20.47
CA VAL E 113 21.38 -1.01 21.89
C VAL E 113 21.31 -2.52 22.14
N THR E 114 20.43 -3.17 21.41
CA THR E 114 20.27 -4.62 21.53
C THR E 114 21.62 -5.30 21.29
N ASN E 115 22.33 -4.90 20.24
CA ASN E 115 23.62 -5.52 19.95
C ASN E 115 24.69 -5.11 20.96
N MET E 116 24.63 -3.87 21.44
CA MET E 116 25.63 -3.44 22.42
C MET E 116 25.52 -4.32 23.66
N PHE E 117 24.30 -4.52 24.16
CA PHE E 117 24.11 -5.34 25.35
C PHE E 117 24.48 -6.80 25.06
N THR E 118 24.05 -7.32 23.92
CA THR E 118 24.37 -8.69 23.56
C THR E 118 25.88 -8.90 23.54
N SER E 119 26.58 -7.98 22.88
CA SER E 119 28.02 -8.08 22.73
C SER E 119 28.80 -8.00 24.04
N ILE E 120 28.34 -7.17 24.97
CA ILE E 120 29.05 -7.00 26.23
C ILE E 120 28.58 -7.87 27.39
N VAL E 121 27.27 -7.97 27.60
CA VAL E 121 26.75 -8.76 28.70
C VAL E 121 26.02 -10.03 28.29
N GLY E 122 26.10 -10.38 27.01
CA GLY E 122 25.39 -11.55 26.55
C GLY E 122 25.89 -12.92 26.97
N ASN E 123 27.18 -13.02 27.29
CA ASN E 123 27.75 -14.33 27.62
C ASN E 123 28.54 -14.48 28.92
N VAL E 124 29.34 -13.47 29.23
CA VAL E 124 30.23 -13.51 30.39
C VAL E 124 29.72 -13.74 31.79
N PHE E 125 28.50 -13.34 32.10
CA PHE E 125 27.99 -13.49 33.45
C PHE E 125 27.82 -14.93 33.90
N GLY E 126 27.87 -15.87 32.95
CA GLY E 126 27.71 -17.26 33.31
C GLY E 126 29.02 -18.03 33.42
N PHE E 127 30.15 -17.37 33.24
CA PHE E 127 31.44 -18.07 33.31
C PHE E 127 31.69 -18.62 34.72
N LYS E 128 31.94 -19.93 34.81
CA LYS E 128 32.15 -20.58 36.08
C LYS E 128 33.31 -20.07 36.95
N ALA E 129 34.34 -19.52 36.33
CA ALA E 129 35.49 -19.02 37.08
C ALA E 129 35.15 -17.74 37.85
N LEU E 130 33.99 -17.17 37.56
CA LEU E 130 33.54 -15.95 38.23
C LEU E 130 32.37 -16.29 39.13
N ARG E 131 32.49 -15.99 40.43
CA ARG E 131 31.42 -16.26 41.38
C ARG E 131 30.25 -15.30 41.15
N ALA E 132 30.59 -14.06 40.82
CA ALA E 132 29.59 -13.03 40.57
C ALA E 132 30.19 -11.93 39.68
N LEU E 133 29.33 -11.22 38.97
CA LEU E 133 29.76 -10.17 38.07
C LEU E 133 28.69 -9.11 37.91
N ARG E 134 29.10 -7.84 37.95
CA ARG E 134 28.16 -6.74 37.78
C ARG E 134 28.76 -5.68 36.86
N LEU E 135 28.03 -5.29 35.82
CA LEU E 135 28.53 -4.25 34.93
C LEU E 135 28.12 -2.94 35.59
N GLU E 136 29.10 -2.13 35.96
CA GLU E 136 28.84 -0.86 36.63
C GLU E 136 28.68 0.35 35.70
N ASP E 137 29.47 0.40 34.63
CA ASP E 137 29.40 1.55 33.75
C ASP E 137 29.96 1.23 32.36
N LEU E 138 29.62 2.08 31.39
CA LEU E 138 30.08 1.94 30.02
C LEU E 138 30.45 3.31 29.47
N ARG E 139 31.58 3.41 28.79
CA ARG E 139 31.99 4.67 28.19
C ARG E 139 31.55 4.56 26.73
N ILE E 140 30.49 5.28 26.37
CA ILE E 140 29.98 5.25 25.00
C ILE E 140 30.70 6.33 24.21
N PRO E 141 31.55 5.94 23.25
CA PRO E 141 32.26 6.92 22.45
C PRO E 141 31.34 7.66 21.49
N PRO E 142 31.69 8.91 21.15
CA PRO E 142 30.88 9.71 20.24
C PRO E 142 30.70 9.01 18.90
N THR E 143 31.72 8.28 18.46
CA THR E 143 31.65 7.59 17.19
C THR E 143 30.53 6.54 17.16
N TYR E 144 30.13 6.06 18.33
CA TYR E 144 29.05 5.07 18.37
C TYR E 144 27.71 5.74 18.71
N SER E 145 27.72 6.65 19.67
CA SER E 145 26.48 7.32 20.05
C SER E 145 25.86 8.11 18.90
N LYS E 146 26.69 8.65 18.01
CA LYS E 146 26.16 9.42 16.88
C LYS E 146 25.40 8.56 15.87
N THR E 147 25.39 7.25 16.08
CA THR E 147 24.64 6.37 15.16
C THR E 147 23.25 6.09 15.73
N PHE E 148 22.91 6.76 16.83
CA PHE E 148 21.60 6.60 17.46
C PHE E 148 20.78 7.88 17.42
N GLN E 149 19.47 7.76 17.22
CA GLN E 149 18.62 8.95 17.21
C GLN E 149 18.63 9.58 18.59
N GLY E 150 18.50 8.74 19.61
CA GLY E 150 18.45 9.25 20.97
C GLY E 150 17.03 9.67 21.30
N PRO E 151 16.82 10.53 22.32
CA PRO E 151 15.47 10.96 22.69
C PRO E 151 14.67 11.54 21.53
N PRO E 152 13.37 11.21 21.44
CA PRO E 152 12.55 11.75 20.35
C PRO E 152 12.60 13.27 20.38
N HIS E 153 12.69 13.85 21.58
CA HIS E 153 12.74 15.30 21.70
C HIS E 153 13.78 15.83 22.69
N GLY E 154 13.75 15.33 23.91
CA GLY E 154 14.73 15.77 24.89
C GLY E 154 14.22 16.90 25.78
N ILE E 155 14.91 17.10 26.89
CA ILE E 155 14.54 18.11 27.88
C ILE E 155 14.16 19.48 27.36
N GLN E 156 15.06 20.11 26.61
CA GLN E 156 14.78 21.45 26.11
C GLN E 156 13.62 21.53 25.12
N VAL E 157 13.57 20.60 24.16
CA VAL E 157 12.47 20.64 23.21
C VAL E 157 11.15 20.41 23.92
N GLU E 158 11.13 19.52 24.91
CA GLU E 158 9.90 19.24 25.63
C GLU E 158 9.39 20.49 26.34
N ARG E 159 10.27 21.20 27.03
CA ARG E 159 9.85 22.42 27.72
C ARG E 159 9.28 23.42 26.74
N ASP E 160 9.91 23.56 25.57
CA ASP E 160 9.39 24.51 24.58
C ASP E 160 8.05 24.07 24.00
N LYS E 161 7.88 22.77 23.77
CA LYS E 161 6.62 22.27 23.22
C LYS E 161 5.46 22.44 24.20
N LEU E 162 5.73 22.21 25.48
CA LEU E 162 4.70 22.31 26.51
C LEU E 162 4.59 23.71 27.09
N ASN E 163 5.55 24.56 26.77
CA ASN E 163 5.60 25.94 27.24
C ASN E 163 5.63 25.98 28.77
N LYS E 164 6.50 25.16 29.34
CA LYS E 164 6.65 25.06 30.79
C LYS E 164 8.11 25.30 31.16
N TYR E 165 8.34 26.25 32.06
CA TYR E 165 9.70 26.61 32.46
C TYR E 165 9.87 26.91 33.95
N GLY E 166 11.09 26.73 34.44
CA GLY E 166 11.42 27.07 35.81
C GLY E 166 10.94 26.25 36.98
N ARG E 167 10.46 25.03 36.75
CA ARG E 167 10.01 24.20 37.85
C ARG E 167 9.91 22.76 37.42
N PRO E 168 9.97 21.83 38.38
CA PRO E 168 9.86 20.42 38.02
C PRO E 168 8.42 20.23 37.50
N LEU E 169 8.22 19.25 36.62
CA LEU E 169 6.88 18.99 36.12
C LEU E 169 6.21 18.10 37.15
N LEU E 170 4.88 18.09 37.18
CA LEU E 170 4.14 17.30 38.15
C LEU E 170 3.16 16.34 37.52
N GLY E 171 3.05 15.14 38.11
CA GLY E 171 2.11 14.17 37.58
C GLY E 171 1.50 13.29 38.66
N CYS E 172 0.42 12.61 38.30
CA CYS E 172 -0.24 11.68 39.21
C CYS E 172 -0.38 10.35 38.50
N THR E 173 -0.02 9.29 39.20
CA THR E 173 -0.12 7.94 38.66
C THR E 173 -1.46 7.41 39.13
N ILE E 174 -2.35 7.14 38.19
CA ILE E 174 -3.69 6.68 38.51
C ILE E 174 -3.76 5.34 39.21
N LYS E 175 -4.55 5.30 40.27
CA LYS E 175 -4.75 4.09 41.07
C LYS E 175 -6.23 4.05 41.44
N PRO E 176 -6.78 2.84 41.63
CA PRO E 176 -6.07 1.57 41.50
C PRO E 176 -5.68 1.32 40.04
N LYS E 177 -4.51 0.73 39.82
CA LYS E 177 -4.04 0.48 38.47
C LYS E 177 -5.04 -0.34 37.66
N LEU E 178 -5.61 -1.36 38.30
CA LEU E 178 -6.60 -2.21 37.62
C LEU E 178 -7.88 -2.29 38.44
N GLY E 179 -9.01 -2.28 37.75
CA GLY E 179 -10.30 -2.36 38.44
C GLY E 179 -11.27 -1.26 38.08
N LEU E 180 -10.76 -0.14 37.56
CA LEU E 180 -11.61 0.96 37.18
C LEU E 180 -12.04 0.82 35.72
N SER E 181 -13.21 1.34 35.41
CA SER E 181 -13.69 1.31 34.03
C SER E 181 -12.89 2.41 33.34
N ALA E 182 -12.81 2.34 32.02
CA ALA E 182 -12.06 3.37 31.28
C ALA E 182 -12.62 4.75 31.59
N LYS E 183 -13.93 4.88 31.70
CA LYS E 183 -14.51 6.18 32.00
C LYS E 183 -14.19 6.70 33.39
N ASN E 184 -14.31 5.86 34.42
CA ASN E 184 -14.01 6.30 35.78
C ASN E 184 -12.54 6.66 35.88
N TYR E 185 -11.71 5.92 35.14
CA TYR E 185 -10.27 6.14 35.09
C TYR E 185 -10.03 7.54 34.54
N GLY E 186 -10.70 7.84 33.42
CA GLY E 186 -10.57 9.15 32.80
C GLY E 186 -11.08 10.27 33.69
N ARG E 187 -12.11 9.99 34.47
CA ARG E 187 -12.66 11.00 35.37
C ARG E 187 -11.60 11.41 36.38
N ALA E 188 -10.92 10.42 36.94
CA ALA E 188 -9.86 10.67 37.91
C ALA E 188 -8.77 11.52 37.29
N CYS E 189 -8.45 11.24 36.03
CA CYS E 189 -7.42 12.00 35.33
C CYS E 189 -7.80 13.46 35.20
N TYR E 190 -9.02 13.71 34.71
CA TYR E 190 -9.49 15.07 34.55
C TYR E 190 -9.37 15.89 35.83
N GLU E 191 -9.83 15.31 36.94
CA GLU E 191 -9.78 16.01 38.22
C GLU E 191 -8.34 16.32 38.67
N CYS E 192 -7.41 15.39 38.40
CA CYS E 192 -6.03 15.61 38.77
C CYS E 192 -5.43 16.74 37.95
N LEU E 193 -5.63 16.68 36.64
CA LEU E 193 -5.10 17.69 35.74
C LEU E 193 -5.65 19.10 35.98
N ARG E 194 -6.94 19.21 36.27
CA ARG E 194 -7.56 20.50 36.47
C ARG E 194 -7.09 21.19 37.74
N GLY E 195 -6.53 20.42 38.68
CA GLY E 195 -6.05 20.98 39.92
C GLY E 195 -4.66 21.58 39.87
N GLY E 196 -3.93 21.34 38.79
CA GLY E 196 -2.59 21.89 38.69
C GLY E 196 -1.48 20.96 38.25
N LEU E 197 -1.77 19.67 38.09
CA LEU E 197 -0.73 18.74 37.64
C LEU E 197 -0.61 18.85 36.14
N ASP E 198 0.61 18.63 35.64
CA ASP E 198 0.87 18.70 34.22
C ASP E 198 0.47 17.40 33.52
N PHE E 199 0.65 16.29 34.23
CA PHE E 199 0.36 14.98 33.66
C PHE E 199 -0.33 14.00 34.60
N THR E 200 -1.00 13.02 34.01
CA THR E 200 -1.58 11.91 34.75
C THR E 200 -0.90 10.74 34.06
N ASP E 202 -0.53 6.25 33.22
CA ASP E 202 -0.95 4.85 33.21
C ASP E 202 0.08 4.06 34.00
N ASP E 203 -0.35 3.10 34.81
CA ASP E 203 0.59 2.29 35.55
C ASP E 203 1.37 1.47 34.53
N GLU E 204 2.55 1.00 34.90
CA GLU E 204 3.35 0.19 33.99
C GLU E 204 2.58 -1.06 33.58
N ASN E 205 1.73 -1.57 34.46
CA ASN E 205 0.94 -2.78 34.21
C ASN E 205 -0.27 -2.55 33.31
N VAL E 206 -0.72 -1.30 33.22
CA VAL E 206 -1.88 -0.96 32.41
C VAL E 206 -1.53 -0.86 30.93
N ASN E 207 -1.94 -1.87 30.17
CA ASN E 207 -1.70 -1.92 28.74
C ASN E 207 -3.09 -2.05 28.15
N SER E 208 -3.59 -3.28 28.05
CA SER E 208 -4.96 -3.51 27.59
C SER E 208 -5.38 -4.79 28.29
N GLN E 209 -6.48 -4.71 29.03
CA GLN E 209 -6.97 -5.85 29.79
C GLN E 209 -8.48 -5.93 29.82
N PRO E 210 -9.02 -7.05 30.31
CA PRO E 210 -10.48 -7.17 30.40
C PRO E 210 -10.97 -6.05 31.31
N PHE E 211 -12.11 -5.47 30.94
CA PHE E 211 -12.73 -4.37 31.69
C PHE E 211 -12.17 -2.99 31.38
N MET E 212 -10.94 -2.93 30.86
CA MET E 212 -10.37 -1.65 30.43
C MET E 212 -9.44 -1.89 29.25
N ARG E 213 -10.04 -1.89 28.07
CA ARG E 213 -9.29 -2.08 26.83
C ARG E 213 -8.62 -0.77 26.51
N TRP E 214 -7.45 -0.83 25.88
CA TRP E 214 -6.68 0.37 25.59
C TRP E 214 -7.35 1.48 24.79
N ARG E 215 -8.06 1.15 23.71
CA ARG E 215 -8.67 2.21 22.93
C ARG E 215 -9.71 3.00 23.72
N ASP E 216 -10.48 2.30 24.55
CA ASP E 216 -11.48 2.99 25.37
C ASP E 216 -10.77 3.92 26.35
N ARG E 217 -9.66 3.46 26.92
CA ARG E 217 -8.92 4.28 27.87
C ARG E 217 -8.37 5.52 27.18
N PHE E 218 -7.86 5.35 25.96
CA PHE E 218 -7.31 6.48 25.22
C PHE E 218 -8.39 7.53 24.93
N VAL E 219 -9.56 7.07 24.52
CA VAL E 219 -10.66 8.00 24.24
C VAL E 219 -11.03 8.81 25.47
N PHE E 220 -11.27 8.14 26.59
CA PHE E 220 -11.65 8.84 27.81
C PHE E 220 -10.54 9.71 28.40
N CYS E 221 -9.29 9.25 28.30
CA CYS E 221 -8.20 10.04 28.84
C CYS E 221 -8.00 11.29 27.96
N ALA E 222 -8.26 11.15 26.67
CA ALA E 222 -8.13 12.29 25.77
C ALA E 222 -9.20 13.33 26.13
N GLU E 223 -10.42 12.89 26.42
CA GLU E 223 -11.46 13.84 26.79
C GLU E 223 -11.02 14.56 28.06
N ALA E 224 -10.42 13.83 28.99
CA ALA E 224 -9.96 14.42 30.25
C ALA E 224 -8.84 15.43 30.03
N ILE E 225 -7.91 15.09 29.15
CA ILE E 225 -6.79 15.97 28.85
C ILE E 225 -7.30 17.31 28.31
N TYR E 226 -8.18 17.25 27.32
CA TYR E 226 -8.67 18.49 26.73
C TYR E 226 -9.64 19.27 27.61
N LYS E 227 -10.42 18.59 28.45
CA LYS E 227 -11.34 19.30 29.34
C LYS E 227 -10.54 20.10 30.36
N SER E 228 -9.53 19.47 30.95
CA SER E 228 -8.70 20.15 31.95
C SER E 228 -7.84 21.25 31.33
N GLN E 229 -7.37 21.02 30.11
CA GLN E 229 -6.54 22.01 29.43
C GLN E 229 -7.38 23.26 29.13
N ALA E 230 -8.61 23.06 28.66
CA ALA E 230 -9.47 24.19 28.34
C ALA E 230 -9.84 24.96 29.61
N GLU E 231 -10.05 24.23 30.70
CA GLU E 231 -10.42 24.84 31.98
C GLU E 231 -9.31 25.69 32.61
N THR E 232 -8.09 25.16 32.62
CA THR E 232 -6.95 25.83 33.22
C THR E 232 -6.16 26.75 32.30
N GLY E 233 -6.15 26.45 31.01
CA GLY E 233 -5.40 27.26 30.08
C GLY E 233 -3.96 26.81 29.91
N GLU E 234 -3.58 25.78 30.67
CA GLU E 234 -2.22 25.22 30.60
C GLU E 234 -2.25 23.90 29.82
N ILE E 235 -1.17 23.59 29.11
CA ILE E 235 -1.10 22.35 28.34
C ILE E 235 -1.04 21.15 29.26
N LYS E 236 -1.85 20.12 28.95
CA LYS E 236 -1.92 18.91 29.75
C LYS E 236 -1.62 17.66 28.94
N GLY E 237 -1.27 16.58 29.64
CA GLY E 237 -0.99 15.34 28.96
C GLY E 237 -1.21 14.15 29.88
N HIS E 238 -1.29 12.97 29.28
CA HIS E 238 -1.45 11.73 30.04
C HIS E 238 -0.51 10.72 29.41
N TYR E 239 0.34 10.08 30.21
CA TYR E 239 1.24 9.08 29.63
C TYR E 239 0.42 7.86 29.26
N LEU E 240 0.02 7.79 27.99
CA LEU E 240 -0.77 6.67 27.49
C LEU E 240 0.16 5.51 27.19
N ASN E 241 0.06 4.44 27.99
CA ASN E 241 0.93 3.29 27.82
C ASN E 241 0.67 2.51 26.54
N ALA E 242 1.69 2.45 25.68
CA ALA E 242 1.59 1.75 24.42
C ALA E 242 2.28 0.38 24.48
N THR E 243 2.80 0.04 25.66
CA THR E 243 3.48 -1.25 25.82
C THR E 243 2.52 -2.36 25.40
N ALA E 244 3.01 -3.31 24.61
CA ALA E 244 2.15 -4.37 24.12
C ALA E 244 2.88 -5.69 23.88
N GLY E 245 2.13 -6.72 23.50
CA GLY E 245 2.71 -8.03 23.27
C GLY E 245 3.51 -8.13 21.98
N THR E 246 3.16 -7.31 21.01
CA THR E 246 3.85 -7.31 19.72
C THR E 246 4.14 -5.87 19.28
N CYS E 247 5.06 -5.74 18.34
CA CYS E 247 5.42 -4.42 17.83
C CYS E 247 4.26 -3.83 17.05
N GLU E 248 3.51 -4.69 16.36
CA GLU E 248 2.36 -4.24 15.59
C GLU E 248 1.33 -3.59 16.51
N GLU E 249 1.06 -4.21 17.65
CA GLU E 249 0.10 -3.66 18.59
C GLU E 249 0.62 -2.36 19.20
N MET E 250 1.91 -2.35 19.56
CA MET E 250 2.53 -1.17 20.16
C MET E 250 2.37 0.05 19.26
N ILE E 251 2.71 -0.09 17.98
CA ILE E 251 2.59 1.02 17.04
C ILE E 251 1.14 1.41 16.81
N LYS E 252 0.23 0.44 16.79
CA LYS E 252 -1.18 0.73 16.57
C LYS E 252 -1.69 1.67 17.68
N ARG E 253 -1.20 1.48 18.90
CA ARG E 253 -1.62 2.33 20.00
C ARG E 253 -1.03 3.73 19.88
N ALA E 254 0.24 3.81 19.49
CA ALA E 254 0.88 5.12 19.32
C ALA E 254 0.16 5.86 18.18
N VAL E 255 -0.26 5.12 17.16
CA VAL E 255 -0.97 5.72 16.02
C VAL E 255 -2.29 6.38 16.44
N PHE E 256 -3.05 5.76 17.33
CA PHE E 256 -4.31 6.35 17.76
C PHE E 256 -4.03 7.58 18.63
N ALA E 257 -2.98 7.52 19.44
CA ALA E 257 -2.63 8.67 20.27
C ALA E 257 -2.31 9.82 19.32
N ARG E 258 -1.62 9.50 18.22
CA ARG E 258 -1.26 10.50 17.22
C ARG E 258 -2.53 11.11 16.64
N GLU E 259 -3.49 10.26 16.29
CA GLU E 259 -4.76 10.73 15.72
C GLU E 259 -5.49 11.65 16.69
N LEU E 260 -5.45 11.32 17.97
CA LEU E 260 -6.11 12.11 19.01
C LEU E 260 -5.41 13.45 19.25
N GLY E 261 -4.19 13.57 18.76
CA GLY E 261 -3.44 14.81 18.90
C GLY E 261 -2.85 15.10 20.27
N VAL E 262 -2.80 14.08 21.14
CA VAL E 262 -2.26 14.24 22.48
C VAL E 262 -0.73 14.35 22.43
N PRO E 263 -0.13 14.96 23.45
CA PRO E 263 1.32 15.15 23.48
C PRO E 263 2.27 14.05 23.93
N ILE E 264 1.79 13.04 24.63
CA ILE E 264 2.72 12.04 25.15
C ILE E 264 2.20 10.62 25.32
N VAL E 265 3.07 9.65 25.02
CA VAL E 265 2.76 8.24 25.18
C VAL E 265 3.83 7.65 26.10
N MET E 266 3.65 6.38 26.44
CA MET E 266 4.54 5.71 27.39
C MET E 266 4.94 4.30 26.97
N HIS E 267 6.08 3.83 27.50
CA HIS E 267 6.56 2.49 27.19
C HIS E 267 7.39 1.93 28.33
N ASP E 268 7.22 0.63 28.60
CA ASP E 268 7.99 -0.06 29.63
C ASP E 268 9.15 -0.62 28.79
N TYR E 269 10.25 0.13 28.68
CA TYR E 269 11.35 -0.29 27.83
C TYR E 269 12.07 -1.60 28.10
N LEU E 270 12.19 -1.99 29.36
CA LEU E 270 12.89 -3.23 29.69
C LEU E 270 12.04 -4.47 29.45
N THR E 271 10.76 -4.41 29.80
CA THR E 271 9.89 -5.57 29.58
C THR E 271 9.48 -5.66 28.12
N GLY E 272 9.31 -4.51 27.47
CA GLY E 272 8.96 -4.51 26.05
C GLY E 272 10.20 -4.87 25.25
N GLY E 273 11.35 -4.34 25.65
CA GLY E 273 12.59 -4.65 24.96
C GLY E 273 13.15 -3.49 24.18
N PHE E 274 14.48 -3.51 23.98
CA PHE E 274 15.14 -2.44 23.25
C PHE E 274 14.81 -2.36 21.77
N THR E 275 14.63 -3.50 21.12
CA THR E 275 14.30 -3.48 19.70
C THR E 275 12.96 -2.75 19.53
N ALA E 276 11.97 -3.11 20.34
CA ALA E 276 10.67 -2.46 20.27
C ALA E 276 10.77 -1.00 20.72
N ASN E 277 11.52 -0.73 21.79
CA ASN E 277 11.62 0.64 22.27
C ASN E 277 12.22 1.58 21.22
N THR E 278 13.26 1.11 20.53
CA THR E 278 13.90 1.94 19.52
C THR E 278 12.91 2.24 18.39
N SER E 279 12.11 1.24 18.01
CA SER E 279 11.11 1.44 16.96
C SER E 279 10.10 2.50 17.41
N LEU E 280 9.68 2.42 18.67
CA LEU E 280 8.72 3.39 19.18
C LEU E 280 9.33 4.78 19.24
N ALA E 281 10.59 4.87 19.65
CA ALA E 281 11.27 6.17 19.74
C ALA E 281 11.34 6.80 18.36
N HIS E 282 11.51 5.99 17.33
CA HIS E 282 11.56 6.50 15.96
C HIS E 282 10.19 7.03 15.55
N TYR E 283 9.14 6.27 15.87
CA TYR E 283 7.79 6.68 15.54
C TYR E 283 7.46 8.00 16.21
N CYS E 284 7.84 8.12 17.49
CA CYS E 284 7.57 9.34 18.25
C CYS E 284 8.29 10.55 17.65
N ARG E 285 9.53 10.36 17.19
CA ARG E 285 10.29 11.43 16.57
C ARG E 285 9.59 11.84 15.28
N ASP E 286 9.16 10.86 14.51
CA ASP E 286 8.49 11.11 13.24
C ASP E 286 7.11 11.74 13.37
N ASN E 287 6.51 11.63 14.54
CA ASN E 287 5.16 12.15 14.74
C ASN E 287 4.95 13.18 15.85
N GLY E 288 6.04 13.75 16.36
CA GLY E 288 5.95 14.77 17.38
C GLY E 288 5.44 14.36 18.75
N LEU E 289 5.55 13.08 19.08
CA LEU E 289 5.08 12.59 20.38
C LEU E 289 6.18 12.48 21.42
N LEU E 290 5.90 12.94 22.64
CA LEU E 290 6.86 12.82 23.73
C LEU E 290 6.74 11.38 24.18
N LEU E 291 7.83 10.82 24.69
CA LEU E 291 7.85 9.43 25.14
C LEU E 291 8.30 9.25 26.59
N HIS E 292 7.35 8.85 27.44
CA HIS E 292 7.62 8.63 28.86
C HIS E 292 8.04 7.17 29.05
N ILE E 293 9.20 6.96 29.66
CA ILE E 293 9.72 5.61 29.87
C ILE E 293 9.69 5.12 31.32
N HIS E 294 9.06 3.97 31.53
CA HIS E 294 8.98 3.37 32.86
C HIS E 294 10.04 2.25 32.91
N ARG E 295 10.77 2.18 34.00
CA ARG E 295 11.84 1.18 34.14
C ARG E 295 11.44 -0.14 34.79
N ALA E 296 10.19 -0.54 34.61
CA ALA E 296 9.68 -1.79 35.17
C ALA E 296 10.67 -2.95 34.97
N MET E 297 10.86 -3.72 36.05
CA MET E 297 11.74 -4.89 36.09
C MET E 297 13.23 -4.59 36.28
N HIS E 298 13.60 -3.31 36.32
CA HIS E 298 15.02 -2.96 36.48
C HIS E 298 15.66 -3.58 37.73
N ALA E 299 14.90 -3.65 38.83
CA ALA E 299 15.42 -4.19 40.09
C ALA E 299 15.79 -5.67 40.02
N VAL E 300 15.27 -6.38 39.02
CA VAL E 300 15.60 -7.78 38.85
C VAL E 300 17.07 -7.84 38.44
N ILE E 301 17.51 -6.80 37.74
CA ILE E 301 18.86 -6.68 37.21
C ILE E 301 19.82 -5.80 38.01
N ASP E 302 19.33 -4.68 38.53
CA ASP E 302 20.19 -3.73 39.22
C ASP E 302 20.16 -3.59 40.74
N ARG E 303 19.44 -4.46 41.44
CA ARG E 303 19.34 -4.34 42.90
C ARG E 303 20.60 -4.73 43.68
N GLN E 304 21.13 -5.90 43.39
CA GLN E 304 22.32 -6.41 44.10
C GLN E 304 23.64 -5.81 43.64
N LYS E 305 24.47 -5.43 44.60
CA LYS E 305 25.77 -4.85 44.29
C LYS E 305 26.77 -5.85 43.72
N ASN E 306 26.60 -7.13 44.04
CA ASN E 306 27.54 -8.16 43.58
C ASN E 306 27.29 -8.74 42.19
N HIS E 307 26.05 -8.65 41.71
CA HIS E 307 25.74 -9.24 40.41
C HIS E 307 24.62 -8.53 39.66
N GLY E 308 24.79 -8.41 38.35
CA GLY E 308 23.79 -7.77 37.51
C GLY E 308 24.34 -6.60 36.72
N MET E 309 23.54 -5.56 36.58
CA MET E 309 23.96 -4.35 35.86
C MET E 309 23.41 -3.17 36.63
N HIS E 310 24.26 -2.20 36.94
CA HIS E 310 23.78 -1.04 37.69
C HIS E 310 22.81 -0.25 36.81
N PHE E 311 21.85 0.40 37.44
CA PHE E 311 20.86 1.17 36.69
C PHE E 311 21.48 2.20 35.75
N ARG E 312 22.61 2.79 36.12
CA ARG E 312 23.21 3.80 35.25
C ARG E 312 23.50 3.27 33.85
N VAL E 313 23.77 1.97 33.72
CA VAL E 313 24.03 1.37 32.41
C VAL E 313 22.68 1.28 31.68
N LEU E 314 21.65 0.87 32.40
CA LEU E 314 20.32 0.76 31.83
C LEU E 314 19.81 2.15 31.45
N ALA E 315 20.29 3.17 32.16
CA ALA E 315 19.88 4.55 31.90
C ALA E 315 20.55 5.08 30.63
N LYS E 316 21.85 4.82 30.49
CA LYS E 316 22.56 5.27 29.30
C LYS E 316 21.95 4.59 28.07
N ALA E 317 21.63 3.32 28.22
CA ALA E 317 21.03 2.54 27.14
C ALA E 317 19.70 3.14 26.69
N LEU E 318 18.91 3.61 27.64
CA LEU E 318 17.62 4.21 27.30
C LEU E 318 17.82 5.54 26.58
N ARG E 319 18.78 6.34 27.03
CA ARG E 319 19.03 7.62 26.38
C ARG E 319 19.37 7.37 24.91
N MET E 320 20.17 6.35 24.66
CA MET E 320 20.58 5.97 23.31
C MET E 320 19.43 5.41 22.47
N SER E 321 18.67 4.48 23.05
CA SER E 321 17.54 3.86 22.35
C SER E 321 16.46 4.92 22.10
N GLY E 322 16.22 5.76 23.10
CA GLY E 322 15.24 6.82 22.95
C GLY E 322 14.13 6.90 23.96
N GLY E 323 14.04 8.05 24.63
CA GLY E 323 13.02 8.31 25.62
C GLY E 323 13.13 9.77 26.02
N ASP E 324 11.99 10.39 26.37
CA ASP E 324 12.00 11.79 26.79
C ASP E 324 11.99 11.92 28.31
N HIS E 325 11.39 10.94 28.98
CA HIS E 325 11.36 10.89 30.45
C HIS E 325 11.82 9.49 30.80
N ILE E 326 12.37 9.32 32.00
CA ILE E 326 12.74 8.00 32.48
C ILE E 326 12.69 8.03 34.01
N HIS E 327 12.05 7.02 34.60
CA HIS E 327 11.97 6.97 36.05
C HIS E 327 13.37 6.82 36.62
N ALA E 328 13.64 7.55 37.71
CA ALA E 328 14.95 7.54 38.34
C ALA E 328 14.95 7.31 39.87
N GLY E 329 13.81 6.92 40.43
CA GLY E 329 13.78 6.65 41.86
C GLY E 329 12.94 7.54 42.74
N THR E 330 13.34 7.62 44.01
CA THR E 330 12.61 8.42 45.02
C THR E 330 13.64 9.23 45.83
N VAL E 331 14.79 8.59 46.09
CA VAL E 331 15.94 9.09 46.88
C VAL E 331 15.61 9.63 48.29
N VAL E 332 14.33 9.97 48.50
CA VAL E 332 13.81 10.45 49.78
C VAL E 332 14.74 11.28 50.69
N GLU E 338 20.31 5.63 46.65
CA GLU E 338 21.43 6.35 47.33
C GLU E 338 21.64 7.70 46.64
N ARG E 339 21.62 8.77 47.45
CA ARG E 339 21.75 10.13 46.93
C ARG E 339 22.89 10.38 45.96
N GLU E 340 24.13 10.12 46.38
CA GLU E 340 25.28 10.35 45.52
C GLU E 340 25.19 9.58 44.20
N MET E 341 24.80 8.31 44.27
CA MET E 341 24.69 7.49 43.07
C MET E 341 23.59 8.00 42.14
N THR E 342 22.48 8.43 42.73
CA THR E 342 21.36 8.94 41.95
C THR E 342 21.75 10.22 41.22
N LEU E 343 22.41 11.13 41.92
CA LEU E 343 22.85 12.37 41.32
C LEU E 343 23.78 12.07 40.15
N GLY E 344 24.59 11.03 40.30
CA GLY E 344 25.51 10.65 39.25
C GLY E 344 24.81 10.22 37.96
N PHE E 345 23.88 9.28 38.04
CA PHE E 345 23.22 8.87 36.81
C PHE E 345 22.21 9.88 36.30
N VAL E 346 21.77 10.80 37.16
CA VAL E 346 20.86 11.84 36.70
C VAL E 346 21.67 12.75 35.77
N ASP E 347 22.92 13.01 36.14
CA ASP E 347 23.78 13.85 35.30
C ASP E 347 24.07 13.09 34.00
N LEU E 348 24.26 11.78 34.10
CA LEU E 348 24.53 10.98 32.91
C LEU E 348 23.35 11.00 31.95
N LEU E 349 22.15 11.16 32.50
CA LEU E 349 20.92 11.19 31.69
C LEU E 349 20.61 12.56 31.10
N ARG E 350 20.93 13.62 31.84
CA ARG E 350 20.62 14.98 31.40
C ARG E 350 21.71 15.79 30.72
N ASP E 351 22.95 15.67 31.20
CA ASP E 351 24.03 16.49 30.67
C ASP E 351 24.69 16.08 29.37
N ASP E 352 25.42 17.04 28.79
CA ASP E 352 26.13 16.81 27.54
C ASP E 352 27.51 16.23 27.80
N PHE E 353 28.11 16.63 28.92
CA PHE E 353 29.46 16.16 29.28
C PHE E 353 29.52 15.89 30.77
N ILE E 354 29.88 14.66 31.14
CA ILE E 354 29.97 14.28 32.56
C ILE E 354 31.37 13.78 32.88
N GLU E 355 32.06 14.46 33.79
CA GLU E 355 33.41 14.05 34.17
C GLU E 355 33.43 12.83 35.09
N LYS E 356 34.47 12.02 34.96
CA LYS E 356 34.63 10.83 35.79
C LYS E 356 34.48 11.22 37.26
N ASP E 357 33.72 10.43 38.02
CA ASP E 357 33.48 10.69 39.43
C ASP E 357 32.97 9.40 40.06
N ARG E 358 33.90 8.52 40.41
CA ARG E 358 33.54 7.24 40.99
C ARG E 358 32.75 7.33 42.29
N ALA E 359 32.89 8.43 43.02
CA ALA E 359 32.15 8.60 44.25
C ALA E 359 30.66 8.66 43.93
N ARG E 360 30.33 9.01 42.69
CA ARG E 360 28.94 9.09 42.25
C ARG E 360 28.64 8.01 41.22
N GLY E 361 29.49 6.98 41.19
CA GLY E 361 29.30 5.87 40.28
C GLY E 361 29.65 6.10 38.82
N ILE E 362 30.26 7.25 38.53
CA ILE E 362 30.66 7.59 37.16
C ILE E 362 32.10 7.11 36.97
N PHE E 363 32.26 5.93 36.37
CA PHE E 363 33.59 5.36 36.14
C PHE E 363 34.33 5.88 34.93
N PHE E 364 33.60 6.55 34.04
CA PHE E 364 34.20 7.07 32.82
C PHE E 364 33.66 8.46 32.50
N THR E 365 34.52 9.30 31.94
CA THR E 365 34.07 10.61 31.52
C THR E 365 33.18 10.27 30.32
N GLN E 366 31.99 10.86 30.28
CA GLN E 366 31.04 10.59 29.20
C GLN E 366 30.68 11.86 28.43
N ASP E 367 30.90 11.82 27.12
CA ASP E 367 30.61 12.94 26.23
C ASP E 367 29.47 12.50 25.32
N TRP E 368 28.35 13.21 25.35
CA TRP E 368 27.20 12.86 24.53
C TRP E 368 27.10 13.61 23.20
N VAL E 369 28.08 14.47 22.93
CA VAL E 369 28.13 15.26 21.71
C VAL E 369 26.77 15.72 21.18
N SER E 370 26.08 16.46 22.03
CA SER E 370 24.79 17.07 21.73
C SER E 370 23.54 16.18 21.64
N MET E 371 23.65 14.91 22.02
CA MET E 371 22.46 14.08 22.02
C MET E 371 21.65 14.67 23.17
N PRO E 372 20.35 14.95 22.94
CA PRO E 372 19.51 15.52 23.99
C PRO E 372 19.45 14.69 25.28
N GLY E 373 19.17 15.36 26.39
CA GLY E 373 19.06 14.67 27.66
C GLY E 373 17.64 14.16 27.89
N VAL E 374 17.49 13.31 28.90
CA VAL E 374 16.21 12.72 29.26
C VAL E 374 15.80 13.28 30.62
N ILE E 375 14.51 13.57 30.81
CA ILE E 375 14.07 14.11 32.09
C ILE E 375 13.85 12.97 33.08
N PRO E 376 14.53 13.02 34.24
CA PRO E 376 14.40 11.98 35.27
C PRO E 376 13.07 12.14 36.00
N VAL E 377 12.45 11.01 36.34
CA VAL E 377 11.15 11.05 37.02
C VAL E 377 11.22 10.43 38.41
N ALA E 378 10.79 11.19 39.41
CA ALA E 378 10.78 10.72 40.79
C ALA E 378 9.38 10.20 41.09
N SER E 379 9.29 9.04 41.73
CA SER E 379 7.99 8.46 42.06
C SER E 379 8.06 7.74 43.39
N GLY E 380 7.02 6.99 43.75
CA GLY E 380 7.05 6.28 45.01
C GLY E 380 6.16 6.90 46.07
N GLY E 381 6.38 6.52 47.32
CA GLY E 381 5.58 7.04 48.42
C GLY E 381 5.99 8.43 48.85
N ILE E 382 5.84 9.40 47.95
CA ILE E 382 6.21 10.77 48.27
C ILE E 382 4.97 11.65 48.39
N HIS E 383 5.08 12.71 49.18
CA HIS E 383 3.98 13.63 49.38
C HIS E 383 4.50 15.06 49.58
N VAL E 384 3.58 15.99 49.83
CA VAL E 384 3.93 17.39 49.99
C VAL E 384 5.16 17.73 50.84
N TRP E 385 5.34 17.04 51.96
CA TRP E 385 6.48 17.32 52.84
C TRP E 385 7.84 16.97 52.22
N HIS E 386 7.82 16.21 51.12
CA HIS E 386 9.06 15.82 50.44
C HIS E 386 9.40 16.80 49.33
N MET E 387 8.48 17.72 49.03
CA MET E 387 8.70 18.65 47.93
C MET E 387 10.02 19.43 48.01
N PRO E 388 10.37 19.97 49.18
CA PRO E 388 11.63 20.71 49.28
C PRO E 388 12.84 19.85 48.92
N ALA E 389 12.90 18.65 49.49
CA ALA E 389 14.00 17.73 49.24
C ALA E 389 14.05 17.32 47.77
N LEU E 390 12.90 16.96 47.21
CA LEU E 390 12.83 16.55 45.82
C LEU E 390 13.31 17.68 44.91
N THR E 391 12.85 18.88 45.19
CA THR E 391 13.24 20.04 44.38
C THR E 391 14.74 20.29 44.46
N GLU E 392 15.31 20.16 45.66
CA GLU E 392 16.74 20.39 45.81
C GLU E 392 17.59 19.30 45.18
N ILE E 393 17.14 18.06 45.27
CA ILE E 393 17.89 16.94 44.71
C ILE E 393 17.93 16.94 43.19
N PHE E 394 16.77 17.02 42.57
CA PHE E 394 16.66 16.98 41.12
C PHE E 394 16.73 18.32 40.39
N GLY E 395 16.32 19.40 41.03
CA GLY E 395 16.34 20.68 40.35
C GLY E 395 15.13 20.76 39.43
N ASP E 396 15.04 21.79 38.60
CA ASP E 396 13.89 21.97 37.72
C ASP E 396 13.66 20.92 36.64
N ASP E 397 14.73 20.37 36.08
CA ASP E 397 14.58 19.40 35.01
C ASP E 397 14.29 18.00 35.51
N SER E 398 13.05 17.82 35.94
CA SER E 398 12.58 16.55 36.47
C SER E 398 11.07 16.54 36.48
N VAL E 399 10.51 15.35 36.71
CA VAL E 399 9.06 15.19 36.80
C VAL E 399 8.85 14.50 38.15
N LEU E 400 7.93 15.03 38.95
CA LEU E 400 7.64 14.43 40.24
C LEU E 400 6.25 13.80 40.18
N GLN E 401 6.18 12.47 40.33
CA GLN E 401 4.93 11.74 40.28
C GLN E 401 4.34 11.48 41.66
N PHE E 402 3.12 11.95 41.88
CA PHE E 402 2.44 11.76 43.15
C PHE E 402 1.14 10.95 42.99
N GLY E 403 1.24 9.64 43.19
CA GLY E 403 0.06 8.80 43.07
C GLY E 403 -0.83 8.92 44.29
N GLY E 404 -0.46 8.21 45.35
CA GLY E 404 -1.23 8.27 46.57
C GLY E 404 -1.20 9.68 47.12
N GLY E 405 -0.15 10.42 46.77
CA GLY E 405 0.02 11.79 47.22
C GLY E 405 -0.99 12.77 46.63
N THR E 406 -1.78 12.30 45.66
CA THR E 406 -2.80 13.14 45.04
C THR E 406 -4.17 12.50 45.30
N LEU E 407 -4.30 11.24 44.89
CA LEU E 407 -5.54 10.49 45.05
C LEU E 407 -5.86 10.19 46.51
N GLY E 408 -4.93 10.53 47.40
CA GLY E 408 -5.13 10.29 48.82
C GLY E 408 -5.47 11.55 49.61
N HIS E 409 -5.55 12.69 48.92
CA HIS E 409 -5.88 13.96 49.57
C HIS E 409 -7.32 13.81 50.08
N PRO E 410 -7.59 14.27 51.31
CA PRO E 410 -8.93 14.18 51.88
C PRO E 410 -10.07 14.88 51.13
N TRP E 411 -9.74 15.84 50.26
CA TRP E 411 -10.77 16.54 49.52
C TRP E 411 -10.91 16.12 48.06
N GLY E 412 -10.14 15.12 47.64
CA GLY E 412 -10.25 14.67 46.26
C GLY E 412 -9.05 15.03 45.40
N ASN E 413 -9.09 14.58 44.15
CA ASN E 413 -8.00 14.80 43.20
C ASN E 413 -7.64 16.23 42.84
N ALA E 414 -8.64 17.07 42.57
CA ALA E 414 -8.35 18.46 42.21
C ALA E 414 -7.64 19.18 43.37
N PRO E 415 -8.18 19.09 44.59
CA PRO E 415 -7.51 19.76 45.71
C PRO E 415 -6.15 19.15 45.97
N GLY E 416 -6.04 17.84 45.72
CA GLY E 416 -4.79 17.13 45.92
C GLY E 416 -3.74 17.64 44.95
N ALA E 417 -4.14 17.83 43.70
CA ALA E 417 -3.23 18.34 42.67
C ALA E 417 -2.81 19.77 43.05
N ALA E 418 -3.78 20.58 43.47
CA ALA E 418 -3.50 21.96 43.85
C ALA E 418 -2.50 22.02 44.99
N ALA E 419 -2.65 21.13 45.96
CA ALA E 419 -1.73 21.08 47.09
C ALA E 419 -0.31 20.82 46.61
N ASN E 420 -0.13 19.85 45.71
CA ASN E 420 1.19 19.54 45.20
C ASN E 420 1.76 20.68 44.36
N ARG E 421 0.91 21.28 43.52
CA ARG E 421 1.36 22.38 42.67
C ARG E 421 1.76 23.59 43.53
N VAL E 422 0.98 23.85 44.57
CA VAL E 422 1.27 24.97 45.47
C VAL E 422 2.57 24.72 46.24
N ALA E 423 2.71 23.52 46.78
CA ALA E 423 3.91 23.16 47.53
C ALA E 423 5.13 23.33 46.65
N LEU E 424 5.05 22.83 45.42
CA LEU E 424 6.18 22.93 44.51
C LEU E 424 6.54 24.37 44.19
N GLU E 425 5.53 25.18 43.83
CA GLU E 425 5.83 26.57 43.50
C GLU E 425 6.35 27.35 44.71
N ALA E 426 5.91 26.96 45.90
CA ALA E 426 6.41 27.63 47.11
C ALA E 426 7.89 27.31 47.26
N CYS E 427 8.26 26.06 46.98
CA CYS E 427 9.66 25.66 47.07
C CYS E 427 10.49 26.37 46.01
N VAL E 428 9.97 26.41 44.79
CA VAL E 428 10.65 27.09 43.69
C VAL E 428 10.87 28.56 44.00
N GLN E 429 9.84 29.22 44.52
CA GLN E 429 9.96 30.64 44.85
C GLN E 429 11.05 30.86 45.88
N ALA E 430 11.00 30.09 46.97
CA ALA E 430 11.98 30.21 48.05
C ALA E 430 13.40 29.94 47.55
N ARG E 431 13.56 28.89 46.76
CA ARG E 431 14.87 28.55 46.22
C ARG E 431 15.42 29.69 45.37
N ASN E 432 14.56 30.23 44.50
CA ASN E 432 14.96 31.31 43.61
C ASN E 432 15.41 32.54 44.39
N GLU E 433 14.77 32.81 45.52
CA GLU E 433 15.13 33.96 46.34
C GLU E 433 16.45 33.73 47.05
N GLY E 434 16.93 32.49 47.03
CA GLY E 434 18.20 32.17 47.65
C GLY E 434 18.15 31.39 48.96
N ARG E 435 16.99 30.90 49.34
CA ARG E 435 16.85 30.15 50.58
C ARG E 435 17.34 28.71 50.44
N ASP E 436 17.71 28.10 51.56
CA ASP E 436 18.22 26.73 51.59
C ASP E 436 17.10 25.71 51.76
N LEU E 437 16.76 25.01 50.67
CA LEU E 437 15.70 24.02 50.72
C LEU E 437 16.02 22.84 51.65
N ALA E 438 17.30 22.51 51.76
CA ALA E 438 17.73 21.40 52.61
C ALA E 438 17.56 21.70 54.09
N ARG E 439 17.50 22.99 54.44
CA ARG E 439 17.39 23.39 55.84
C ARG E 439 16.08 24.09 56.20
N GLU E 440 15.48 24.78 55.24
CA GLU E 440 14.25 25.52 55.49
C GLU E 440 13.01 24.88 54.89
N GLY E 441 13.14 23.66 54.38
CA GLY E 441 12.01 22.98 53.77
C GLY E 441 10.69 22.99 54.51
N ASN E 442 10.69 22.49 55.74
CA ASN E 442 9.46 22.44 56.53
C ASN E 442 8.84 23.81 56.75
N GLU E 443 9.65 24.83 56.98
CA GLU E 443 9.16 26.18 57.19
C GLU E 443 8.53 26.74 55.92
N ILE E 444 9.14 26.44 54.78
CA ILE E 444 8.63 26.90 53.49
C ILE E 444 7.25 26.31 53.26
N ILE E 445 7.10 25.02 53.54
CA ILE E 445 5.81 24.36 53.36
C ILE E 445 4.78 24.88 54.36
N ARG E 446 5.17 24.99 55.63
CA ARG E 446 4.24 25.47 56.64
C ARG E 446 3.74 26.87 56.31
N SER E 447 4.63 27.72 55.82
CA SER E 447 4.25 29.09 55.46
C SER E 447 3.25 29.11 54.32
N ALA E 448 3.42 28.18 53.39
CA ALA E 448 2.52 28.08 52.24
C ALA E 448 1.14 27.61 52.66
N CYS E 449 1.08 26.84 53.74
CA CYS E 449 -0.19 26.32 54.26
C CYS E 449 -1.14 27.43 54.69
N LYS E 450 -0.57 28.56 55.07
CA LYS E 450 -1.37 29.70 55.51
C LYS E 450 -2.32 30.21 54.44
N TRP E 451 -1.84 30.31 53.20
CA TRP E 451 -2.69 30.80 52.12
C TRP E 451 -3.27 29.73 51.20
N SER E 452 -2.99 28.46 51.50
CA SER E 452 -3.51 27.37 50.69
C SER E 452 -4.20 26.31 51.55
N PRO E 453 -5.54 26.40 51.69
CA PRO E 453 -6.29 25.43 52.49
C PRO E 453 -6.04 24.00 51.99
N GLU E 454 -5.89 23.86 50.68
CA GLU E 454 -5.64 22.56 50.08
C GLU E 454 -4.33 21.96 50.61
N LEU E 455 -3.26 22.76 50.61
CA LEU E 455 -1.98 22.29 51.11
C LEU E 455 -2.06 22.01 52.61
N ALA E 456 -2.73 22.89 53.34
CA ALA E 456 -2.87 22.71 54.79
C ALA E 456 -3.51 21.36 55.10
N ALA E 457 -4.54 21.01 54.32
CA ALA E 457 -5.23 19.74 54.51
C ALA E 457 -4.29 18.56 54.24
N ALA E 458 -3.48 18.69 53.20
CA ALA E 458 -2.54 17.64 52.84
C ALA E 458 -1.48 17.47 53.92
N CYS E 459 -0.96 18.59 54.42
CA CYS E 459 0.08 18.55 55.44
C CYS E 459 -0.38 17.93 56.74
N GLU E 460 -1.67 18.06 57.05
CA GLU E 460 -2.20 17.49 58.28
C GLU E 460 -2.29 15.97 58.21
N ILE E 461 -2.56 15.45 57.02
CA ILE E 461 -2.69 14.02 56.81
C ILE E 461 -1.37 13.25 56.74
N TRP E 462 -0.36 13.83 56.09
CA TRP E 462 0.93 13.14 55.95
C TRP E 462 2.11 13.74 56.70
N LYS E 463 1.88 14.21 57.92
CA LYS E 463 2.97 14.78 58.70
C LYS E 463 3.82 13.71 59.38
N MET F 2 -14.57 20.01 53.63
CA MET F 2 -14.07 19.75 52.28
C MET F 2 -14.34 20.96 51.39
N GLN F 3 -13.34 21.39 50.64
CA GLN F 3 -13.51 22.54 49.75
C GLN F 3 -13.35 22.14 48.29
N VAL F 4 -14.19 22.70 47.43
CA VAL F 4 -14.18 22.39 46.01
C VAL F 4 -13.30 23.34 45.20
N TRP F 5 -12.41 22.78 44.39
CA TRP F 5 -11.52 23.59 43.58
C TRP F 5 -12.33 24.31 42.51
N PRO F 6 -12.16 25.64 42.39
CA PRO F 6 -12.88 26.46 41.41
C PRO F 6 -12.75 25.98 39.96
N ILE F 7 -13.82 26.15 39.19
CA ILE F 7 -13.82 25.74 37.79
C ILE F 7 -13.68 26.94 36.84
N GLU F 8 -13.80 28.15 37.37
CA GLU F 8 -13.69 29.36 36.56
C GLU F 8 -13.00 30.48 37.33
N GLY F 9 -12.49 31.46 36.60
CA GLY F 9 -11.83 32.60 37.21
C GLY F 9 -10.46 32.34 37.79
N ILE F 10 -9.98 31.10 37.64
CA ILE F 10 -8.67 30.71 38.16
C ILE F 10 -7.76 30.16 37.06
N LYS F 11 -7.89 30.68 35.83
CA LYS F 11 -7.03 30.19 34.77
C LYS F 11 -5.57 30.51 35.11
N LYS F 12 -4.66 29.68 34.61
CA LYS F 12 -3.25 29.82 34.95
C LYS F 12 -2.25 30.22 33.87
N PHE F 13 -1.04 30.54 34.32
CA PHE F 13 0.04 30.99 33.45
C PHE F 13 1.35 30.29 33.80
N GLU F 14 1.24 29.01 34.10
CA GLU F 14 2.39 28.19 34.45
C GLU F 14 3.11 28.58 35.75
N THR F 15 4.43 28.46 35.76
CA THR F 15 5.20 28.71 36.96
C THR F 15 4.97 29.98 37.77
N LEU F 16 4.60 29.76 39.04
CA LEU F 16 4.32 30.80 40.04
C LEU F 16 2.88 31.30 40.02
N SER F 17 2.08 30.84 39.06
CA SER F 17 0.70 31.31 38.98
C SER F 17 -0.25 30.66 39.99
N TYR F 18 0.27 29.77 40.83
CA TYR F 18 -0.55 29.16 41.87
C TYR F 18 -0.26 29.79 43.23
N LEU F 19 0.69 30.71 43.24
CA LEU F 19 1.04 31.42 44.46
C LEU F 19 0.12 32.63 44.49
N PRO F 20 -0.01 33.29 45.65
CA PRO F 20 -0.88 34.47 45.72
C PRO F 20 -0.30 35.54 44.81
N PRO F 21 -1.10 36.54 44.42
CA PRO F 21 -0.60 37.61 43.55
C PRO F 21 0.75 38.12 44.03
N LEU F 22 1.72 38.14 43.12
CA LEU F 22 3.08 38.59 43.44
C LEU F 22 3.15 40.10 43.65
N THR F 23 3.69 40.51 44.79
CA THR F 23 3.83 41.93 45.10
C THR F 23 5.06 42.43 44.36
N VAL F 24 5.26 43.74 44.37
CA VAL F 24 6.41 44.34 43.70
C VAL F 24 7.69 43.69 44.24
N GLU F 25 7.78 43.58 45.57
CA GLU F 25 8.95 42.98 46.20
C GLU F 25 9.18 41.56 45.69
N ASP F 26 8.11 40.76 45.67
CA ASP F 26 8.18 39.38 45.21
C ASP F 26 8.75 39.33 43.79
N LEU F 27 8.23 40.20 42.93
CA LEU F 27 8.69 40.24 41.55
C LEU F 27 10.19 40.60 41.48
N LEU F 28 10.58 41.62 42.23
CA LEU F 28 11.98 42.04 42.25
C LEU F 28 12.92 40.88 42.55
N LYS F 29 12.59 40.09 43.56
CA LYS F 29 13.42 38.96 43.92
C LYS F 29 13.51 37.91 42.82
N GLN F 30 12.39 37.68 42.13
CA GLN F 30 12.40 36.73 41.03
C GLN F 30 13.25 37.25 39.89
N ILE F 31 13.21 38.57 39.68
CA ILE F 31 14.02 39.17 38.61
C ILE F 31 15.50 39.11 39.00
N GLU F 32 15.79 39.36 40.28
CA GLU F 32 17.16 39.32 40.77
C GLU F 32 17.75 37.92 40.63
N TYR F 33 16.90 36.91 40.78
CA TYR F 33 17.34 35.52 40.64
C TYR F 33 17.83 35.30 39.22
N LEU F 34 17.12 35.92 38.27
CA LEU F 34 17.45 35.83 36.86
C LEU F 34 18.80 36.49 36.58
N LEU F 35 18.99 37.70 37.08
CA LEU F 35 20.23 38.42 36.88
C LEU F 35 21.40 37.71 37.56
N ARG F 36 21.18 37.22 38.78
CA ARG F 36 22.21 36.50 39.51
C ARG F 36 22.63 35.25 38.75
N SER F 37 21.67 34.61 38.10
CA SER F 37 21.93 33.38 37.36
C SER F 37 22.50 33.68 35.97
N LYS F 38 22.69 34.96 35.70
CA LYS F 38 23.22 35.41 34.42
C LYS F 38 22.31 35.08 33.24
N TRP F 39 21.00 35.22 33.48
CA TRP F 39 20.01 34.98 32.43
C TRP F 39 19.46 36.34 32.02
N VAL F 40 18.96 36.45 30.80
CA VAL F 40 18.45 37.72 30.29
C VAL F 40 16.94 37.85 30.40
N PRO F 41 16.46 38.85 31.17
CA PRO F 41 15.02 39.03 31.30
C PRO F 41 14.42 39.69 30.07
N CYS F 42 13.14 39.41 29.82
CA CYS F 42 12.43 39.99 28.69
C CYS F 42 10.95 39.97 29.04
N LEU F 43 10.22 40.98 28.56
CA LEU F 43 8.79 41.04 28.82
C LEU F 43 8.02 40.61 27.57
N GLU F 44 6.88 39.97 27.79
CA GLU F 44 6.00 39.51 26.71
C GLU F 44 4.59 39.84 27.12
N PHE F 45 3.74 40.19 26.16
CA PHE F 45 2.37 40.53 26.49
C PHE F 45 1.38 40.00 25.45
N SER F 46 0.12 39.87 25.87
CA SER F 46 -0.92 39.36 24.99
C SER F 46 -2.29 39.69 25.55
N LYS F 47 -3.27 39.81 24.67
CA LYS F 47 -4.63 40.09 25.09
C LYS F 47 -5.38 38.77 25.20
N VAL F 48 -4.71 37.70 24.81
CA VAL F 48 -5.24 36.35 24.89
C VAL F 48 -4.28 35.66 25.85
N GLY F 49 -4.78 35.20 26.99
CA GLY F 49 -3.87 34.62 27.95
C GLY F 49 -3.62 33.12 27.98
N PHE F 50 -4.28 32.35 27.12
CA PHE F 50 -4.09 30.91 27.17
C PHE F 50 -3.92 30.21 25.84
N VAL F 51 -3.57 28.93 25.90
CA VAL F 51 -3.35 28.15 24.69
C VAL F 51 -4.66 27.72 24.04
N TYR F 52 -4.58 27.43 22.75
CA TYR F 52 -5.73 26.98 21.99
C TYR F 52 -5.22 26.21 20.77
N ARG F 53 -6.12 25.55 20.06
CA ARG F 53 -5.72 24.78 18.88
C ARG F 53 -6.59 25.08 17.68
N GLU F 54 -6.26 26.18 17.00
CA GLU F 54 -7.01 26.61 15.84
C GLU F 54 -6.47 26.11 14.51
N ASN F 55 -5.15 26.16 14.33
CA ASN F 55 -4.57 25.75 13.06
C ASN F 55 -4.19 24.29 12.88
N HIS F 56 -4.07 23.56 13.98
CA HIS F 56 -3.70 22.15 13.89
C HIS F 56 -3.91 21.47 15.22
N ARG F 57 -4.04 20.15 15.19
CA ARG F 57 -4.23 19.38 16.41
C ARG F 57 -3.29 18.17 16.47
N SER F 58 -2.20 18.23 15.71
CA SER F 58 -1.23 17.15 15.71
C SER F 58 -0.42 17.22 17.01
N PRO F 59 0.20 16.11 17.42
CA PRO F 59 0.98 16.10 18.66
C PRO F 59 2.02 17.20 18.76
N GLY F 60 2.00 17.93 19.86
CA GLY F 60 2.98 18.98 20.06
C GLY F 60 2.64 20.31 19.43
N TYR F 61 1.55 20.38 18.67
CA TYR F 61 1.17 21.66 18.07
C TYR F 61 0.07 22.35 18.85
N TYR F 62 0.32 23.60 19.23
CA TYR F 62 -0.65 24.42 19.94
C TYR F 62 -0.45 25.86 19.50
N ASP F 63 -1.54 26.61 19.48
CA ASP F 63 -1.49 28.03 19.15
C ASP F 63 -1.51 28.71 20.51
N GLY F 64 -1.14 29.98 20.57
CA GLY F 64 -1.18 30.69 21.84
C GLY F 64 -0.03 30.46 22.79
N ARG F 65 1.00 29.74 22.36
CA ARG F 65 2.15 29.52 23.23
C ARG F 65 3.00 30.78 23.18
N TYR F 66 3.20 31.30 21.98
CA TYR F 66 3.95 32.55 21.81
C TYR F 66 3.05 33.73 22.15
N TRP F 67 3.63 34.74 22.78
CA TRP F 67 2.94 35.98 23.08
C TRP F 67 3.78 37.00 22.31
N THR F 68 3.56 38.28 22.51
CA THR F 68 4.31 39.30 21.80
C THR F 68 5.43 39.89 22.66
N MET F 69 6.60 40.06 22.06
CA MET F 69 7.75 40.61 22.78
C MET F 69 7.59 42.10 23.06
N TRP F 70 7.89 42.51 24.29
CA TRP F 70 7.85 43.92 24.64
C TRP F 70 9.28 44.37 24.41
N LYS F 71 9.50 45.14 23.36
CA LYS F 71 10.83 45.62 23.01
C LYS F 71 11.78 44.44 22.78
N LEU F 72 12.93 44.43 23.46
CA LEU F 72 13.89 43.33 23.29
C LEU F 72 14.40 42.79 24.62
N PRO F 73 15.08 41.64 24.60
CA PRO F 73 15.60 41.10 25.86
C PRO F 73 16.55 42.14 26.43
N MET F 74 16.55 42.29 27.75
CA MET F 74 17.39 43.30 28.38
C MET F 74 18.82 42.82 28.65
N PHE F 75 19.57 42.66 27.57
CA PHE F 75 20.96 42.21 27.63
C PHE F 75 21.80 43.19 28.45
N GLY F 76 22.66 42.66 29.29
CA GLY F 76 23.53 43.51 30.11
C GLY F 76 22.83 44.18 31.28
N CYS F 77 21.57 43.86 31.52
CA CYS F 77 20.83 44.44 32.64
C CYS F 77 21.45 43.99 33.96
N THR F 78 21.69 44.94 34.86
CA THR F 78 22.27 44.64 36.16
C THR F 78 21.42 45.19 37.29
N ASP F 79 20.34 45.89 36.93
CA ASP F 79 19.44 46.48 37.91
C ASP F 79 18.01 45.99 37.70
N ALA F 80 17.55 45.13 38.62
CA ALA F 80 16.21 44.55 38.53
C ALA F 80 15.12 45.63 38.43
N THR F 81 15.39 46.79 39.00
CA THR F 81 14.43 47.90 38.96
C THR F 81 14.13 48.34 37.54
N GLN F 82 15.10 48.15 36.65
CA GLN F 82 14.96 48.53 35.25
C GLN F 82 13.85 47.68 34.61
N VAL F 83 13.78 46.41 35.02
CA VAL F 83 12.78 45.50 34.48
C VAL F 83 11.38 45.93 34.94
N LEU F 84 11.27 46.36 36.18
CA LEU F 84 10.00 46.82 36.74
C LEU F 84 9.55 48.06 35.98
N LYS F 85 10.52 48.92 35.66
CA LYS F 85 10.25 50.14 34.92
C LYS F 85 9.57 49.81 33.60
N GLU F 86 10.12 48.83 32.89
CA GLU F 86 9.54 48.41 31.61
C GLU F 86 8.16 47.77 31.81
N LEU F 87 8.00 47.03 32.89
CA LEU F 87 6.70 46.39 33.17
C LEU F 87 5.66 47.48 33.31
N GLU F 88 6.00 48.56 34.02
CA GLU F 88 5.07 49.66 34.22
C GLU F 88 4.72 50.34 32.90
N GLU F 89 5.71 50.49 32.02
CA GLU F 89 5.46 51.11 30.72
C GLU F 89 4.49 50.24 29.92
N ALA F 90 4.73 48.93 29.94
CA ALA F 90 3.89 47.98 29.22
C ALA F 90 2.45 48.04 29.73
N LYS F 91 2.31 48.09 31.05
CA LYS F 91 1.00 48.16 31.66
C LYS F 91 0.27 49.45 31.26
N LYS F 92 1.04 50.52 31.15
CA LYS F 92 0.49 51.82 30.78
C LYS F 92 0.01 51.82 29.33
N ALA F 93 0.80 51.21 28.44
CA ALA F 93 0.47 51.14 27.03
C ALA F 93 -0.61 50.11 26.71
N TYR F 94 -0.58 48.99 27.43
CA TYR F 94 -1.54 47.91 27.22
C TYR F 94 -2.16 47.46 28.54
N PRO F 95 -2.98 48.31 29.18
CA PRO F 95 -3.60 47.95 30.45
C PRO F 95 -4.56 46.77 30.35
N ASP F 96 -4.98 46.45 29.13
CA ASP F 96 -5.90 45.34 28.90
C ASP F 96 -5.19 44.05 28.47
N ALA F 97 -3.88 44.02 28.61
CA ALA F 97 -3.12 42.84 28.21
C ALA F 97 -2.42 42.16 29.38
N PHE F 98 -2.20 40.85 29.26
CA PHE F 98 -1.49 40.11 30.27
C PHE F 98 -0.02 40.37 29.95
N VAL F 99 0.82 40.45 30.98
CA VAL F 99 2.24 40.67 30.76
C VAL F 99 3.00 39.68 31.62
N ARG F 100 3.94 38.96 31.02
CA ARG F 100 4.73 38.01 31.77
C ARG F 100 6.21 38.30 31.57
N ILE F 101 7.02 37.81 32.51
CA ILE F 101 8.46 38.01 32.45
C ILE F 101 9.09 36.67 32.10
N ILE F 102 9.90 36.65 31.05
CA ILE F 102 10.56 35.44 30.64
C ILE F 102 12.06 35.66 30.71
N GLY F 103 12.82 34.57 30.58
CA GLY F 103 14.26 34.68 30.65
C GLY F 103 14.94 33.77 29.65
N PHE F 104 16.05 34.25 29.09
CA PHE F 104 16.82 33.49 28.13
C PHE F 104 18.23 33.27 28.64
N ASP F 105 18.79 32.10 28.34
CA ASP F 105 20.15 31.78 28.75
C ASP F 105 20.92 31.46 27.48
N ASN F 106 22.01 32.19 27.25
CA ASN F 106 22.80 31.96 26.05
C ASN F 106 23.71 30.74 26.19
N VAL F 107 23.95 30.30 27.42
CA VAL F 107 24.79 29.14 27.65
C VAL F 107 24.00 27.86 27.32
N ARG F 108 22.78 27.78 27.84
CA ARG F 108 21.93 26.63 27.55
C ARG F 108 21.27 26.82 26.20
N GLN F 109 21.32 28.06 25.71
CA GLN F 109 20.75 28.42 24.41
C GLN F 109 19.24 28.20 24.31
N VAL F 110 18.52 28.52 25.38
CA VAL F 110 17.08 28.35 25.40
C VAL F 110 16.38 29.32 26.33
N GLN F 111 15.07 29.46 26.15
CA GLN F 111 14.28 30.29 27.06
C GLN F 111 14.19 29.33 28.23
N LEU F 112 14.25 29.83 29.46
CA LEU F 112 14.17 28.90 30.59
C LEU F 112 13.41 29.42 31.81
N ILE F 113 12.76 30.57 31.65
CA ILE F 113 11.97 31.16 32.73
C ILE F 113 10.74 31.82 32.11
N SER F 114 9.61 31.74 32.82
CA SER F 114 8.37 32.36 32.35
C SER F 114 7.37 32.45 33.51
N PHE F 115 7.07 33.68 33.94
CA PHE F 115 6.09 33.87 35.02
C PHE F 115 5.28 35.14 34.82
N ILE F 116 3.98 35.04 35.09
CA ILE F 116 3.06 36.17 34.91
C ILE F 116 3.40 37.31 35.88
N ALA F 117 3.33 38.53 35.39
CA ALA F 117 3.66 39.71 36.19
C ALA F 117 2.50 40.71 36.27
N TYR F 118 1.55 40.61 35.35
CA TYR F 118 0.40 41.50 35.34
C TYR F 118 -0.78 40.88 34.61
N LYS F 119 -1.96 41.05 35.19
CA LYS F 119 -3.20 40.55 34.62
C LYS F 119 -4.16 41.73 34.56
N PRO F 120 -4.79 41.95 33.39
CA PRO F 120 -5.74 43.06 33.22
C PRO F 120 -6.93 43.00 34.16
N PRO F 121 -7.55 44.16 34.44
CA PRO F 121 -8.71 44.22 35.33
C PRO F 121 -9.86 43.33 34.86
N GLY F 122 -10.15 42.29 35.64
CA GLY F 122 -11.21 41.36 35.28
C GLY F 122 -10.66 40.06 34.74
N CYS F 123 -9.34 39.91 34.78
CA CYS F 123 -8.68 38.69 34.31
C CYS F 123 -7.68 38.14 35.31
N GLY G 12 -16.54 4.25 54.52
CA GLY G 12 -16.15 5.68 54.36
C GLY G 12 -14.68 5.85 54.04
N PHE G 13 -14.36 6.88 53.28
CA PHE G 13 -12.98 7.17 52.88
C PHE G 13 -12.26 8.00 53.95
N LYS G 14 -11.09 7.55 54.39
CA LYS G 14 -10.35 8.32 55.39
C LYS G 14 -8.82 8.36 55.24
N ALA G 15 -8.24 9.53 55.46
CA ALA G 15 -6.82 9.76 55.41
C ALA G 15 -5.97 8.78 54.53
N GLY G 16 -5.90 7.51 54.95
CA GLY G 16 -5.11 6.44 54.32
C GLY G 16 -4.34 5.64 55.34
N VAL G 17 -3.09 5.33 54.94
CA VAL G 17 -2.14 4.69 55.90
C VAL G 17 -2.15 3.18 55.92
N LYS G 21 0.21 -6.84 54.83
CA LYS G 21 -0.29 -8.19 55.24
C LYS G 21 -1.76 -8.15 55.59
N LEU G 22 -2.24 -6.97 55.98
CA LEU G 22 -3.63 -6.78 56.35
C LEU G 22 -4.55 -7.07 55.17
N THR G 23 -3.99 -7.07 53.96
CA THR G 23 -4.77 -7.31 52.77
C THR G 23 -4.01 -8.10 51.72
N TYR G 24 -2.94 -8.79 52.11
CA TYR G 24 -2.16 -9.54 51.12
C TYR G 24 -1.63 -10.92 51.49
N TYR G 25 -1.62 -11.28 52.77
CA TYR G 25 -1.19 -12.62 53.16
C TYR G 25 -2.45 -13.39 53.51
N THR G 26 -2.91 -14.21 52.57
CA THR G 26 -4.14 -14.99 52.75
C THR G 26 -3.89 -16.50 52.69
N PRO G 27 -3.38 -17.08 53.78
CA PRO G 27 -3.08 -18.52 53.87
C PRO G 27 -4.27 -19.45 53.63
N GLU G 28 -5.48 -18.92 53.67
CA GLU G 28 -6.68 -19.72 53.46
C GLU G 28 -7.09 -19.79 52.00
N TYR G 29 -6.63 -18.81 51.22
CA TYR G 29 -6.96 -18.72 49.80
C TYR G 29 -6.73 -20.01 49.03
N GLU G 30 -7.77 -20.45 48.32
CA GLU G 30 -7.69 -21.64 47.50
C GLU G 30 -7.48 -21.14 46.08
N THR G 31 -6.37 -21.53 45.47
CA THR G 31 -6.05 -21.09 44.10
C THR G 31 -7.09 -21.50 43.07
N LYS G 32 -7.32 -20.62 42.11
CA LYS G 32 -8.27 -20.88 41.03
C LYS G 32 -7.50 -21.42 39.83
N ASP G 33 -8.14 -22.25 39.02
CA ASP G 33 -7.46 -22.82 37.86
C ASP G 33 -7.13 -21.79 36.79
N THR G 34 -7.63 -20.57 36.97
CA THR G 34 -7.35 -19.48 36.03
C THR G 34 -6.28 -18.53 36.55
N ASP G 35 -5.88 -18.69 37.81
CA ASP G 35 -4.85 -17.82 38.38
C ASP G 35 -3.47 -18.14 37.83
N ILE G 36 -2.63 -17.10 37.75
CA ILE G 36 -1.24 -17.31 37.36
C ILE G 36 -0.58 -17.40 38.72
N LEU G 37 0.19 -18.46 38.97
CA LEU G 37 0.83 -18.61 40.26
C LEU G 37 2.33 -18.35 40.17
N ALA G 38 2.89 -17.77 41.23
CA ALA G 38 4.33 -17.49 41.24
C ALA G 38 4.99 -17.99 42.51
N ALA G 39 6.18 -18.54 42.36
CA ALA G 39 6.95 -19.02 43.50
C ALA G 39 8.18 -18.12 43.63
N PHE G 40 8.19 -17.29 44.68
CA PHE G 40 9.29 -16.36 44.92
C PHE G 40 10.19 -16.81 46.07
N ARG G 41 11.50 -16.83 45.82
CA ARG G 41 12.45 -17.17 46.87
C ARG G 41 12.74 -15.80 47.49
N VAL G 42 12.25 -15.58 48.71
CA VAL G 42 12.44 -14.29 49.37
C VAL G 42 13.35 -14.31 50.58
N THR G 43 14.21 -13.30 50.65
CA THR G 43 15.13 -13.13 51.76
C THR G 43 14.75 -11.82 52.44
N PRO G 44 14.07 -11.90 53.60
CA PRO G 44 13.65 -10.70 54.33
C PRO G 44 14.80 -9.92 54.95
N GLN G 45 14.61 -8.61 55.07
CA GLN G 45 15.60 -7.74 55.69
C GLN G 45 15.55 -8.08 57.18
N PRO G 46 16.62 -7.75 57.93
CA PRO G 46 16.64 -8.04 59.37
C PRO G 46 15.40 -7.51 60.08
N GLY G 47 14.82 -8.33 60.95
CA GLY G 47 13.64 -7.91 61.69
C GLY G 47 12.31 -8.03 60.97
N VAL G 48 12.36 -8.34 59.67
CA VAL G 48 11.13 -8.47 58.90
C VAL G 48 10.58 -9.89 59.02
N PRO G 49 9.41 -10.04 59.65
CA PRO G 49 8.76 -11.34 59.84
C PRO G 49 8.51 -12.03 58.49
N PRO G 50 8.63 -13.37 58.46
CA PRO G 50 8.40 -14.08 57.19
C PRO G 50 7.02 -13.80 56.61
N GLU G 51 6.02 -13.65 57.48
CA GLU G 51 4.66 -13.38 57.04
C GLU G 51 4.53 -12.00 56.41
N GLU G 52 5.24 -11.02 56.95
CA GLU G 52 5.18 -9.66 56.43
C GLU G 52 5.85 -9.57 55.06
N ALA G 53 6.92 -10.34 54.87
CA ALA G 53 7.64 -10.34 53.61
C ALA G 53 6.77 -10.91 52.50
N GLY G 54 6.11 -12.03 52.79
CA GLY G 54 5.24 -12.66 51.81
C GLY G 54 4.13 -11.72 51.42
N ALA G 55 3.59 -11.02 52.41
CA ALA G 55 2.51 -10.07 52.17
C ALA G 55 3.02 -8.96 51.25
N ALA G 56 4.22 -8.46 51.54
CA ALA G 56 4.82 -7.40 50.75
C ALA G 56 5.05 -7.84 49.31
N VAL G 57 5.48 -9.09 49.13
CA VAL G 57 5.71 -9.61 47.78
C VAL G 57 4.41 -9.53 46.99
N ALA G 58 3.31 -9.93 47.61
CA ALA G 58 2.01 -9.90 46.96
C ALA G 58 1.51 -8.46 46.75
N ALA G 59 1.63 -7.64 47.78
CA ALA G 59 1.17 -6.25 47.70
C ALA G 59 1.94 -5.42 46.69
N GLU G 60 3.26 -5.47 46.75
CA GLU G 60 4.08 -4.67 45.86
C GLU G 60 4.17 -5.20 44.42
N SER G 61 3.57 -6.36 44.15
CA SER G 61 3.57 -6.88 42.79
C SER G 61 2.12 -6.83 42.30
N SER G 62 1.27 -6.15 43.06
CA SER G 62 -0.13 -6.00 42.68
C SER G 62 -0.72 -4.64 43.04
N THR G 63 -1.71 -4.63 43.92
CA THR G 63 -2.41 -3.40 44.29
C THR G 63 -2.05 -2.69 45.60
N GLY G 64 -0.86 -2.95 46.14
CA GLY G 64 -0.50 -2.30 47.40
C GLY G 64 -0.21 -0.81 47.27
N THR G 65 -0.89 0.01 48.06
CA THR G 65 -0.65 1.46 47.99
C THR G 65 -0.32 1.99 49.38
N TRP G 66 0.69 2.86 49.47
CA TRP G 66 1.14 3.43 50.74
C TRP G 66 0.10 4.24 51.54
N THR G 67 -0.74 5.01 50.86
CA THR G 67 -1.77 5.77 51.57
C THR G 67 -3.14 5.40 50.99
N THR G 68 -4.19 5.42 51.81
CA THR G 68 -5.52 5.06 51.32
C THR G 68 -5.99 6.04 50.25
N VAL G 69 -6.43 5.49 49.13
CA VAL G 69 -6.95 6.30 48.03
C VAL G 69 -8.44 5.99 47.92
N TRP G 70 -9.25 7.01 47.73
CA TRP G 70 -10.70 6.82 47.66
C TRP G 70 -11.19 6.18 46.36
N THR G 71 -10.37 6.23 45.31
CA THR G 71 -10.75 5.64 44.04
C THR G 71 -10.93 4.13 44.18
N ASP G 72 -10.33 3.56 45.23
CA ASP G 72 -10.47 2.13 45.47
C ASP G 72 -11.94 1.79 45.74
N GLY G 73 -12.70 2.81 46.13
CA GLY G 73 -14.11 2.60 46.41
C GLY G 73 -14.97 2.52 45.17
N LEU G 74 -14.36 2.69 44.00
CA LEU G 74 -15.09 2.64 42.73
C LEU G 74 -15.04 1.24 42.12
N THR G 75 -14.39 0.31 42.82
CA THR G 75 -14.29 -1.05 42.32
C THR G 75 -14.13 -2.03 43.49
N SER G 76 -13.86 -3.30 43.19
CA SER G 76 -13.69 -4.31 44.22
C SER G 76 -12.26 -4.85 44.22
N LEU G 77 -11.44 -4.34 45.14
CA LEU G 77 -10.03 -4.72 45.26
C LEU G 77 -9.70 -6.20 45.31
N ASP G 78 -10.38 -6.95 46.18
CA ASP G 78 -10.10 -8.38 46.33
C ASP G 78 -10.16 -9.14 45.01
N ARG G 79 -10.63 -8.47 43.95
CA ARG G 79 -10.74 -9.10 42.64
C ARG G 79 -9.48 -8.85 41.81
N TYR G 80 -8.66 -7.89 42.25
CA TYR G 80 -7.44 -7.55 41.53
C TYR G 80 -6.15 -7.66 42.32
N LYS G 81 -6.25 -8.06 43.59
CA LYS G 81 -5.05 -8.16 44.41
C LYS G 81 -4.34 -9.50 44.23
N GLY G 82 -3.01 -9.44 44.25
CA GLY G 82 -2.23 -10.66 44.17
C GLY G 82 -2.22 -11.07 45.62
N ARG G 83 -2.26 -12.36 45.91
CA ARG G 83 -2.24 -12.76 47.30
C ARG G 83 -1.28 -13.88 47.60
N CYS G 84 -0.55 -13.70 48.69
CA CYS G 84 0.40 -14.71 49.11
C CYS G 84 -0.44 -15.75 49.84
N TYR G 85 -0.59 -16.92 49.25
CA TYR G 85 -1.42 -17.96 49.84
C TYR G 85 -0.63 -19.05 50.57
N HIS G 86 0.69 -18.98 50.52
CA HIS G 86 1.50 -19.98 51.20
C HIS G 86 2.96 -19.52 51.32
N ILE G 87 3.56 -19.82 52.46
CA ILE G 87 4.95 -19.48 52.72
C ILE G 87 5.63 -20.70 53.29
N GLU G 88 6.75 -21.10 52.69
CA GLU G 88 7.49 -22.26 53.16
C GLU G 88 8.93 -21.90 53.46
N PRO G 89 9.42 -22.23 54.66
CA PRO G 89 10.82 -21.90 54.96
C PRO G 89 11.72 -22.77 54.09
N VAL G 90 12.88 -22.24 53.71
CA VAL G 90 13.81 -22.98 52.89
C VAL G 90 14.78 -23.76 53.76
N VAL G 91 14.76 -25.08 53.61
CA VAL G 91 15.64 -25.97 54.38
C VAL G 91 17.10 -25.55 54.30
N GLY G 92 17.70 -25.27 55.46
CA GLY G 92 19.09 -24.88 55.48
C GLY G 92 19.33 -23.38 55.59
N GLU G 93 18.27 -22.59 55.56
CA GLU G 93 18.38 -21.14 55.64
C GLU G 93 17.65 -20.59 56.85
N ASP G 94 18.29 -19.65 57.55
CA ASP G 94 17.70 -19.03 58.73
C ASP G 94 16.89 -17.81 58.31
N ASN G 95 16.99 -17.44 57.04
CA ASN G 95 16.28 -16.27 56.56
C ASN G 95 15.86 -16.34 55.09
N GLN G 96 15.41 -17.51 54.64
CA GLN G 96 14.97 -17.65 53.26
C GLN G 96 13.67 -18.45 53.21
N TYR G 97 12.73 -17.99 52.39
CA TYR G 97 11.45 -18.66 52.26
C TYR G 97 10.94 -18.61 50.83
N ILE G 98 10.02 -19.51 50.51
CA ILE G 98 9.40 -19.50 49.19
C ILE G 98 8.00 -18.96 49.44
N ALA G 99 7.71 -17.81 48.85
CA ALA G 99 6.39 -17.20 49.00
C ALA G 99 5.62 -17.45 47.72
N TYR G 100 4.45 -18.06 47.85
CA TYR G 100 3.61 -18.35 46.70
C TYR G 100 2.53 -17.29 46.58
N VAL G 101 2.43 -16.70 45.40
CA VAL G 101 1.46 -15.65 45.13
C VAL G 101 0.56 -16.02 43.95
N ALA G 102 -0.73 -15.76 44.09
CA ALA G 102 -1.70 -16.03 43.04
C ALA G 102 -2.18 -14.70 42.47
N TYR G 103 -2.14 -14.59 41.15
CA TYR G 103 -2.56 -13.38 40.44
C TYR G 103 -3.79 -13.70 39.59
N PRO G 104 -4.86 -12.91 39.74
CA PRO G 104 -6.08 -13.16 38.96
C PRO G 104 -5.83 -13.01 37.46
N LEU G 105 -6.52 -13.84 36.68
CA LEU G 105 -6.39 -13.84 35.22
C LEU G 105 -6.60 -12.46 34.59
N ASP G 106 -7.57 -11.71 35.11
CA ASP G 106 -7.90 -10.38 34.59
C ASP G 106 -6.80 -9.33 34.64
N LEU G 107 -5.72 -9.60 35.35
CA LEU G 107 -4.63 -8.61 35.44
C LEU G 107 -3.76 -8.61 34.21
N PHE G 108 -3.84 -9.68 33.43
CA PHE G 108 -2.96 -9.83 32.28
C PHE G 108 -3.51 -9.59 30.88
N GLU G 109 -2.72 -8.92 30.05
CA GLU G 109 -3.14 -8.70 28.68
C GLU G 109 -2.90 -10.00 27.93
N GLU G 110 -3.92 -10.45 27.21
CA GLU G 110 -3.83 -11.68 26.44
C GLU G 110 -2.70 -11.64 25.42
N GLY G 111 -1.99 -12.76 25.30
CA GLY G 111 -0.90 -12.89 24.34
C GLY G 111 0.34 -12.02 24.53
N SER G 112 0.47 -11.39 25.69
CA SER G 112 1.61 -10.51 25.94
C SER G 112 2.54 -10.96 27.06
N VAL G 113 3.65 -11.61 26.71
CA VAL G 113 4.63 -12.02 27.73
C VAL G 113 5.15 -10.73 28.37
N THR G 114 5.27 -9.69 27.56
CA THR G 114 5.74 -8.41 28.06
C THR G 114 4.90 -7.96 29.26
N ASN G 115 3.58 -8.06 29.13
CA ASN G 115 2.72 -7.65 30.23
C ASN G 115 2.78 -8.63 31.40
N MET G 116 2.92 -9.92 31.11
CA MET G 116 2.99 -10.89 32.19
C MET G 116 4.20 -10.59 33.08
N PHE G 117 5.35 -10.37 32.46
CA PHE G 117 6.56 -10.05 33.21
C PHE G 117 6.40 -8.71 33.94
N THR G 118 5.89 -7.70 33.23
CA THR G 118 5.71 -6.38 33.83
C THR G 118 4.85 -6.50 35.08
N SER G 119 3.73 -7.19 34.95
CA SER G 119 2.79 -7.36 36.06
C SER G 119 3.35 -8.10 37.27
N ILE G 120 4.14 -9.13 37.04
CA ILE G 120 4.67 -9.92 38.15
C ILE G 120 6.03 -9.50 38.70
N VAL G 121 6.99 -9.21 37.82
CA VAL G 121 8.33 -8.83 38.26
C VAL G 121 8.69 -7.39 37.97
N GLY G 122 7.72 -6.59 37.55
CA GLY G 122 8.02 -5.22 37.21
C GLY G 122 8.36 -4.26 38.35
N ASN G 123 7.88 -4.55 39.55
CA ASN G 123 8.11 -3.63 40.67
C ASN G 123 8.63 -4.17 42.00
N VAL G 124 8.16 -5.35 42.39
CA VAL G 124 8.52 -5.94 43.67
C VAL G 124 9.98 -6.17 44.06
N PHE G 125 10.86 -6.41 43.08
CA PHE G 125 12.26 -6.67 43.40
C PHE G 125 13.00 -5.50 44.03
N GLY G 126 12.43 -4.31 43.96
CA GLY G 126 13.06 -3.15 44.54
C GLY G 126 12.55 -2.77 45.91
N PHE G 127 11.59 -3.51 46.44
CA PHE G 127 11.03 -3.18 47.75
C PHE G 127 12.07 -3.30 48.86
N LYS G 128 12.23 -2.21 49.61
CA LYS G 128 13.22 -2.15 50.70
C LYS G 128 13.15 -3.23 51.77
N ALA G 129 11.96 -3.71 52.10
CA ALA G 129 11.82 -4.74 53.12
C ALA G 129 12.38 -6.10 52.70
N LEU G 130 12.68 -6.25 51.41
CA LEU G 130 13.23 -7.50 50.89
C LEU G 130 14.71 -7.35 50.57
N ARG G 131 15.57 -8.10 51.24
CA ARG G 131 17.01 -8.04 51.00
C ARG G 131 17.35 -8.59 49.61
N ALA G 132 16.67 -9.68 49.25
CA ALA G 132 16.88 -10.32 47.96
C ALA G 132 15.60 -11.03 47.57
N LEU G 133 15.39 -11.19 46.27
CA LEU G 133 14.19 -11.83 45.76
C LEU G 133 14.47 -12.52 44.43
N ARG G 134 13.99 -13.74 44.29
CA ARG G 134 14.18 -14.49 43.06
C ARG G 134 12.91 -15.23 42.64
N LEU G 135 12.44 -14.99 41.43
CA LEU G 135 11.26 -15.69 40.94
C LEU G 135 11.76 -17.05 40.46
N GLU G 136 11.26 -18.11 41.09
CA GLU G 136 11.67 -19.47 40.76
C GLU G 136 10.81 -20.17 39.70
N ASP G 137 9.51 -19.93 39.73
CA ASP G 137 8.62 -20.59 38.79
C ASP G 137 7.30 -19.84 38.65
N LEU G 138 6.57 -20.16 37.59
CA LEU G 138 5.26 -19.58 37.31
C LEU G 138 4.35 -20.68 36.81
N ARG G 139 3.12 -20.72 37.34
CA ARG G 139 2.15 -21.72 36.89
C ARG G 139 1.32 -20.95 35.86
N ILE G 140 1.54 -21.25 34.58
CA ILE G 140 0.79 -20.59 33.52
C ILE G 140 -0.48 -21.39 33.26
N PRO G 141 -1.64 -20.84 33.62
CA PRO G 141 -2.90 -21.55 33.41
C PRO G 141 -3.26 -21.66 31.94
N PRO G 142 -3.92 -22.77 31.54
CA PRO G 142 -4.31 -22.98 30.15
C PRO G 142 -5.14 -21.82 29.62
N THR G 143 -5.97 -21.24 30.48
CA THR G 143 -6.82 -20.12 30.07
C THR G 143 -6.01 -18.93 29.59
N TYR G 144 -4.76 -18.82 30.05
CA TYR G 144 -3.92 -17.71 29.61
C TYR G 144 -3.02 -18.14 28.45
N SER G 145 -2.40 -19.32 28.55
CA SER G 145 -1.52 -19.78 27.49
C SER G 145 -2.22 -19.96 26.14
N LYS G 146 -3.52 -20.24 26.15
CA LYS G 146 -4.25 -20.41 24.90
C LYS G 146 -4.36 -19.10 24.13
N THR G 147 -3.99 -17.98 24.75
CA THR G 147 -4.07 -16.69 24.07
C THR G 147 -2.75 -16.38 23.37
N PHE G 148 -1.83 -17.34 23.42
CA PHE G 148 -0.52 -17.19 22.79
C PHE G 148 -0.32 -18.16 21.62
N GLN G 149 0.33 -17.69 20.57
CA GLN G 149 0.60 -18.55 19.43
C GLN G 149 1.56 -19.65 19.87
N GLY G 150 2.62 -19.27 20.57
CA GLY G 150 3.61 -20.24 20.99
C GLY G 150 4.61 -20.43 19.87
N PRO G 151 5.36 -21.54 19.86
CA PRO G 151 6.36 -21.83 18.83
C PRO G 151 5.82 -21.74 17.39
N PRO G 152 6.60 -21.13 16.49
CA PRO G 152 6.12 -21.03 15.11
C PRO G 152 5.79 -22.41 14.56
N HIS G 153 6.55 -23.42 14.99
CA HIS G 153 6.32 -24.78 14.53
C HIS G 153 6.37 -25.83 15.64
N GLY G 154 7.44 -25.85 16.42
CA GLY G 154 7.53 -26.83 17.49
C GLY G 154 8.29 -28.08 17.09
N ILE G 155 8.67 -28.87 18.10
CA ILE G 155 9.46 -30.08 17.89
C ILE G 155 9.01 -31.03 16.77
N GLN G 156 7.77 -31.50 16.86
CA GLN G 156 7.28 -32.45 15.87
C GLN G 156 7.20 -31.89 14.45
N VAL G 157 6.67 -30.69 14.29
CA VAL G 157 6.58 -30.11 12.96
C VAL G 157 7.99 -29.91 12.38
N GLU G 158 8.93 -29.48 13.22
CA GLU G 158 10.28 -29.27 12.73
C GLU G 158 10.89 -30.56 12.19
N ARG G 159 10.74 -31.65 12.94
CA ARG G 159 11.28 -32.91 12.47
C ARG G 159 10.65 -33.33 11.15
N ASP G 160 9.34 -33.13 11.03
CA ASP G 160 8.67 -33.48 9.78
C ASP G 160 9.10 -32.59 8.62
N LYS G 161 9.31 -31.31 8.89
CA LYS G 161 9.73 -30.38 7.84
C LYS G 161 11.14 -30.69 7.35
N LEU G 162 12.03 -31.04 8.27
CA LEU G 162 13.41 -31.33 7.90
C LEU G 162 13.64 -32.80 7.56
N ASN G 163 12.63 -33.62 7.82
CA ASN G 163 12.70 -35.06 7.55
C ASN G 163 13.87 -35.69 8.31
N LYS G 164 13.99 -35.33 9.59
CA LYS G 164 15.05 -35.84 10.44
C LYS G 164 14.46 -36.51 11.67
N TYR G 165 14.80 -37.77 11.90
CA TYR G 165 14.25 -38.53 13.01
C TYR G 165 15.24 -39.42 13.74
N GLY G 166 14.92 -39.71 15.00
CA GLY G 166 15.71 -40.61 15.81
C GLY G 166 17.08 -40.25 16.32
N ARG G 167 17.42 -38.96 16.33
CA ARG G 167 18.72 -38.54 16.83
C ARG G 167 18.73 -37.05 17.09
N PRO G 168 19.61 -36.59 17.97
CA PRO G 168 19.68 -35.15 18.25
C PRO G 168 20.17 -34.51 16.96
N LEU G 169 19.85 -33.24 16.77
CA LEU G 169 20.31 -32.54 15.58
C LEU G 169 21.69 -31.99 15.93
N LEU G 170 22.50 -31.71 14.91
CA LEU G 170 23.85 -31.21 15.14
C LEU G 170 24.12 -29.90 14.41
N GLY G 171 24.86 -29.01 15.06
CA GLY G 171 25.19 -27.75 14.44
C GLY G 171 26.57 -27.28 14.85
N CYS G 172 27.12 -26.33 14.10
CA CYS G 172 28.42 -25.74 14.42
C CYS G 172 28.23 -24.23 14.50
N THR G 173 28.74 -23.62 15.55
CA THR G 173 28.64 -22.19 15.72
C THR G 173 29.91 -21.59 15.11
N ILE G 174 29.75 -20.79 14.07
CA ILE G 174 30.89 -20.21 13.37
C ILE G 174 31.79 -19.30 14.21
N LYS G 175 33.09 -19.54 14.10
CA LYS G 175 34.11 -18.76 14.79
C LYS G 175 35.27 -18.51 13.84
N PRO G 176 35.96 -17.37 13.98
CA PRO G 176 35.68 -16.35 15.00
C PRO G 176 34.37 -15.66 14.66
N LYS G 177 33.61 -15.28 15.69
CA LYS G 177 32.31 -14.63 15.48
C LYS G 177 32.45 -13.40 14.60
N LEU G 178 33.46 -12.58 14.88
CA LEU G 178 33.70 -11.37 14.11
C LEU G 178 35.13 -11.36 13.57
N GLY G 179 35.30 -10.86 12.36
CA GLY G 179 36.61 -10.79 11.75
C GLY G 179 36.68 -11.45 10.38
N LEU G 180 35.76 -12.35 10.09
CA LEU G 180 35.74 -13.01 8.80
C LEU G 180 34.91 -12.20 7.81
N SER G 181 35.24 -12.31 6.52
CA SER G 181 34.47 -11.63 5.49
C SER G 181 33.23 -12.51 5.34
N ALA G 182 32.16 -11.96 4.76
CA ALA G 182 30.94 -12.74 4.59
C ALA G 182 31.20 -14.01 3.78
N LYS G 183 32.03 -13.91 2.75
CA LYS G 183 32.33 -15.10 1.95
C LYS G 183 33.14 -16.15 2.70
N ASN G 184 34.19 -15.74 3.41
CA ASN G 184 34.99 -16.71 4.16
C ASN G 184 34.12 -17.37 5.20
N TYR G 185 33.18 -16.61 5.73
CA TYR G 185 32.24 -17.10 6.74
C TYR G 185 31.38 -18.19 6.10
N GLY G 186 30.84 -17.90 4.92
CA GLY G 186 30.01 -18.86 4.21
C GLY G 186 30.79 -20.11 3.85
N ARG G 187 32.06 -19.94 3.53
CA ARG G 187 32.90 -21.09 3.17
C ARG G 187 32.99 -22.02 4.36
N ALA G 188 33.22 -21.47 5.54
CA ALA G 188 33.32 -22.28 6.75
C ALA G 188 32.00 -23.04 6.94
N CYS G 189 30.89 -22.37 6.67
CA CYS G 189 29.57 -22.99 6.80
C CYS G 189 29.39 -24.18 5.87
N TYR G 190 29.73 -23.99 4.59
CA TYR G 190 29.59 -25.06 3.61
C TYR G 190 30.36 -26.31 4.02
N GLU G 191 31.61 -26.13 4.42
CA GLU G 191 32.45 -27.27 4.82
C GLU G 191 31.87 -27.99 6.04
N CYS G 192 31.30 -27.25 6.99
CA CYS G 192 30.70 -27.88 8.16
C CYS G 192 29.47 -28.72 7.78
N LEU G 193 28.58 -28.10 7.01
CA LEU G 193 27.36 -28.77 6.60
C LEU G 193 27.60 -30.01 5.73
N ARG G 194 28.53 -29.91 4.78
CA ARG G 194 28.78 -31.03 3.88
C ARG G 194 29.35 -32.25 4.61
N GLY G 195 29.91 -32.03 5.79
CA GLY G 195 30.50 -33.10 6.56
C GLY G 195 29.53 -33.89 7.42
N GLY G 196 28.28 -33.44 7.52
CA GLY G 196 27.32 -34.18 8.31
C GLY G 196 26.53 -33.41 9.35
N LEU G 197 26.83 -32.13 9.53
CA LEU G 197 26.08 -31.34 10.49
C LEU G 197 24.79 -30.87 9.81
N ASP G 198 23.73 -30.71 10.61
CA ASP G 198 22.45 -30.27 10.08
C ASP G 198 22.40 -28.76 9.91
N PHE G 199 23.05 -28.04 10.82
CA PHE G 199 23.05 -26.59 10.81
C PHE G 199 24.39 -25.94 11.12
N THR G 200 24.53 -24.69 10.70
CA THR G 200 25.68 -23.87 11.05
C THR G 200 24.96 -22.71 11.74
N ASP G 202 25.02 -18.44 13.40
CA ASP G 202 25.55 -17.09 13.61
C ASP G 202 25.69 -16.91 15.12
N ASP G 203 26.79 -16.31 15.55
CA ASP G 203 26.95 -16.07 16.97
C ASP G 203 25.85 -15.09 17.39
N GLU G 204 25.52 -15.08 18.67
CA GLU G 204 24.50 -14.17 19.17
C GLU G 204 24.89 -12.72 18.88
N ASN G 205 26.20 -12.45 18.85
CA ASN G 205 26.70 -11.10 18.61
C ASN G 205 26.70 -10.69 17.13
N VAL G 206 26.63 -11.68 16.26
CA VAL G 206 26.64 -11.43 14.83
C VAL G 206 25.26 -11.01 14.33
N ASN G 207 25.12 -9.71 14.02
CA ASN G 207 23.86 -9.16 13.51
C ASN G 207 24.26 -8.53 12.17
N SER G 208 24.68 -7.27 12.21
CA SER G 208 25.19 -6.61 11.02
C SER G 208 26.25 -5.66 11.54
N GLN G 209 27.46 -5.79 11.01
CA GLN G 209 28.58 -4.98 11.46
C GLN G 209 29.53 -4.59 10.35
N PRO G 210 30.45 -3.66 10.63
CA PRO G 210 31.41 -3.26 9.60
C PRO G 210 32.16 -4.53 9.18
N PHE G 211 32.50 -4.62 7.91
CA PHE G 211 33.23 -5.76 7.34
C PHE G 211 32.37 -7.00 7.08
N MET G 212 31.22 -7.11 7.73
CA MET G 212 30.31 -8.22 7.45
C MET G 212 28.87 -7.78 7.65
N ARG G 213 28.32 -7.18 6.60
CA ARG G 213 26.95 -6.70 6.65
C ARG G 213 26.01 -7.90 6.50
N TRP G 214 24.86 -7.84 7.17
CA TRP G 214 23.95 -8.96 7.18
C TRP G 214 23.49 -9.50 5.83
N ARG G 215 23.11 -8.65 4.89
CA ARG G 215 22.61 -9.18 3.62
C ARG G 215 23.69 -9.96 2.87
N ASP G 216 24.94 -9.51 2.95
CA ASP G 216 26.03 -10.22 2.30
C ASP G 216 26.19 -11.60 2.95
N ARG G 217 26.10 -11.63 4.28
CA ARG G 217 26.24 -12.89 5.00
C ARG G 217 25.10 -13.83 4.62
N PHE G 218 23.89 -13.31 4.51
CA PHE G 218 22.75 -14.14 4.14
C PHE G 218 22.95 -14.74 2.75
N VAL G 219 23.46 -13.95 1.82
CA VAL G 219 23.70 -14.44 0.46
C VAL G 219 24.70 -15.59 0.41
N PHE G 220 25.86 -15.41 1.03
CA PHE G 220 26.88 -16.46 1.02
C PHE G 220 26.51 -17.68 1.83
N CYS G 221 25.80 -17.48 2.95
CA CYS G 221 25.38 -18.61 3.76
C CYS G 221 24.32 -19.40 3.00
N ALA G 222 23.51 -18.71 2.21
CA ALA G 222 22.48 -19.38 1.42
C ALA G 222 23.18 -20.25 0.37
N GLU G 223 24.23 -19.71 -0.26
CA GLU G 223 24.95 -20.51 -1.26
C GLU G 223 25.50 -21.76 -0.59
N ALA G 224 26.02 -21.59 0.62
CA ALA G 224 26.60 -22.70 1.38
C ALA G 224 25.56 -23.75 1.76
N ILE G 225 24.39 -23.29 2.19
CA ILE G 225 23.32 -24.19 2.57
C ILE G 225 22.93 -25.08 1.40
N TYR G 226 22.71 -24.48 0.25
CA TYR G 226 22.30 -25.25 -0.92
C TYR G 226 23.40 -26.09 -1.54
N LYS G 227 24.65 -25.66 -1.45
CA LYS G 227 25.75 -26.43 -2.01
C LYS G 227 25.89 -27.73 -1.22
N SER G 228 25.89 -27.61 0.11
CA SER G 228 26.02 -28.78 0.97
C SER G 228 24.80 -29.70 0.88
N GLN G 229 23.61 -29.12 0.76
CA GLN G 229 22.41 -29.92 0.67
C GLN G 229 22.43 -30.76 -0.63
N ALA G 230 22.83 -30.14 -1.73
CA ALA G 230 22.88 -30.84 -3.01
C ALA G 230 23.94 -31.96 -2.97
N GLU G 231 25.04 -31.68 -2.29
CA GLU G 231 26.13 -32.66 -2.18
C GLU G 231 25.78 -33.89 -1.33
N THR G 232 25.17 -33.65 -0.17
CA THR G 232 24.83 -34.73 0.76
C THR G 232 23.47 -35.39 0.57
N GLY G 233 22.51 -34.63 0.06
CA GLY G 233 21.18 -35.17 -0.13
C GLY G 233 20.29 -34.95 1.08
N GLU G 234 20.86 -34.37 2.15
CA GLU G 234 20.11 -34.11 3.38
C GLU G 234 19.79 -32.62 3.48
N ILE G 235 18.65 -32.29 4.09
CA ILE G 235 18.26 -30.89 4.24
C ILE G 235 19.19 -30.17 5.21
N LYS G 236 19.63 -28.97 4.82
CA LYS G 236 20.55 -28.19 5.62
C LYS G 236 19.99 -26.81 5.95
N GLY G 237 20.56 -26.19 6.97
CA GLY G 237 20.11 -24.87 7.37
C GLY G 237 21.21 -24.11 8.09
N HIS G 238 21.00 -22.81 8.28
CA HIS G 238 21.94 -21.96 8.98
C HIS G 238 21.12 -20.98 9.80
N TYR G 239 21.39 -20.89 11.10
CA TYR G 239 20.60 -19.96 11.91
C TYR G 239 21.04 -18.54 11.56
N LEU G 240 20.28 -17.91 10.68
CA LEU G 240 20.55 -16.54 10.25
C LEU G 240 20.01 -15.59 11.31
N ASN G 241 20.91 -14.93 12.02
CA ASN G 241 20.51 -14.03 13.09
C ASN G 241 19.83 -12.77 12.56
N ALA G 242 18.57 -12.57 12.94
CA ALA G 242 17.81 -11.41 12.50
C ALA G 242 17.72 -10.35 13.60
N THR G 243 18.38 -10.61 14.73
CA THR G 243 18.38 -9.67 15.85
C THR G 243 18.84 -8.32 15.33
N ALA G 244 18.10 -7.26 15.65
CA ALA G 244 18.45 -5.93 15.17
C ALA G 244 18.12 -4.82 16.15
N GLY G 245 18.49 -3.60 15.78
CA GLY G 245 18.24 -2.45 16.64
C GLY G 245 16.79 -2.02 16.67
N THR G 246 16.05 -2.30 15.59
CA THR G 246 14.64 -1.93 15.47
C THR G 246 13.84 -3.10 14.92
N CYS G 247 12.53 -3.06 15.12
CA CYS G 247 11.68 -4.13 14.62
C CYS G 247 11.64 -4.09 13.10
N GLU G 248 11.74 -2.90 12.54
CA GLU G 248 11.74 -2.74 11.09
C GLU G 248 12.94 -3.48 10.47
N GLU G 249 14.11 -3.36 11.10
CA GLU G 249 15.31 -4.04 10.61
C GLU G 249 15.23 -5.54 10.82
N MET G 250 14.71 -5.94 11.98
CA MET G 250 14.56 -7.35 12.31
C MET G 250 13.70 -8.05 11.27
N ILE G 251 12.56 -7.45 10.94
CA ILE G 251 11.66 -8.03 9.96
C ILE G 251 12.26 -8.03 8.56
N LYS G 252 12.96 -6.95 8.21
CA LYS G 252 13.57 -6.85 6.88
C LYS G 252 14.54 -8.02 6.66
N ARG G 253 15.22 -8.44 7.72
CA ARG G 253 16.16 -9.54 7.63
C ARG G 253 15.43 -10.87 7.48
N ALA G 254 14.34 -11.05 8.22
CA ALA G 254 13.58 -12.29 8.11
C ALA G 254 12.95 -12.38 6.71
N VAL G 255 12.57 -11.22 6.16
CA VAL G 255 11.96 -11.16 4.84
C VAL G 255 12.93 -11.65 3.75
N PHE G 256 14.20 -11.27 3.85
CA PHE G 256 15.17 -11.72 2.86
C PHE G 256 15.43 -13.22 2.99
N ALA G 257 15.45 -13.71 4.23
CA ALA G 257 15.66 -15.14 4.46
C ALA G 257 14.50 -15.86 3.80
N ARG G 258 13.29 -15.30 3.94
CA ARG G 258 12.09 -15.88 3.35
C ARG G 258 12.26 -15.96 1.83
N GLU G 259 12.74 -14.85 1.24
CA GLU G 259 12.95 -14.80 -0.20
C GLU G 259 13.95 -15.85 -0.66
N LEU G 260 15.01 -16.03 0.13
CA LEU G 260 16.05 -17.02 -0.19
C LEU G 260 15.55 -18.44 -0.05
N GLY G 261 14.39 -18.61 0.60
CA GLY G 261 13.81 -19.93 0.76
C GLY G 261 14.47 -20.86 1.77
N VAL G 262 15.32 -20.30 2.63
CA VAL G 262 16.01 -21.09 3.64
C VAL G 262 15.05 -21.49 4.75
N PRO G 263 15.39 -22.55 5.49
CA PRO G 263 14.51 -23.04 6.57
C PRO G 263 14.50 -22.41 7.95
N ILE G 264 15.53 -21.68 8.33
CA ILE G 264 15.57 -21.17 9.69
C ILE G 264 16.28 -19.85 9.93
N VAL G 265 15.74 -19.06 10.86
CA VAL G 265 16.34 -17.78 11.24
C VAL G 265 16.58 -17.82 12.75
N MET G 266 17.20 -16.77 13.27
CA MET G 266 17.57 -16.72 14.69
C MET G 266 17.28 -15.38 15.36
N HIS G 267 17.08 -15.41 16.67
CA HIS G 267 16.84 -14.19 17.44
C HIS G 267 17.36 -14.32 18.87
N ASP G 268 17.95 -13.25 19.39
CA ASP G 268 18.44 -13.21 20.78
C ASP G 268 17.22 -12.62 21.49
N TYR G 269 16.32 -13.47 21.98
CA TYR G 269 15.09 -12.97 22.57
C TYR G 269 15.14 -12.05 23.79
N LEU G 270 16.13 -12.23 24.65
CA LEU G 270 16.21 -11.39 25.83
C LEU G 270 16.77 -10.00 25.57
N THR G 271 17.78 -9.90 24.70
CA THR G 271 18.36 -8.60 24.39
C THR G 271 17.51 -7.87 23.37
N GLY G 272 16.89 -8.61 22.46
CA GLY G 272 16.01 -7.98 21.48
C GLY G 272 14.73 -7.58 22.18
N GLY G 273 14.25 -8.44 23.08
CA GLY G 273 13.03 -8.14 23.82
C GLY G 273 11.83 -8.99 23.43
N PHE G 274 10.91 -9.18 24.37
CA PHE G 274 9.73 -10.00 24.11
C PHE G 274 8.75 -9.41 23.09
N THR G 275 8.59 -8.10 23.08
CA THR G 275 7.67 -7.50 22.12
C THR G 275 8.18 -7.81 20.70
N ALA G 276 9.47 -7.60 20.47
CA ALA G 276 10.06 -7.89 19.16
C ALA G 276 10.05 -9.39 18.88
N ASN G 277 10.38 -10.21 19.88
CA ASN G 277 10.41 -11.64 19.66
C ASN G 277 9.05 -12.21 19.25
N THR G 278 7.99 -11.74 19.90
CA THR G 278 6.66 -12.22 19.59
C THR G 278 6.32 -11.85 18.14
N SER G 279 6.67 -10.63 17.73
CA SER G 279 6.41 -10.19 16.36
C SER G 279 7.14 -11.11 15.38
N LEU G 280 8.38 -11.45 15.71
CA LEU G 280 9.15 -12.31 14.83
C LEU G 280 8.56 -13.72 14.81
N ALA G 281 8.11 -14.20 15.95
CA ALA G 281 7.51 -15.53 16.02
C ALA G 281 6.28 -15.60 15.13
N HIS G 282 5.54 -14.50 15.08
CA HIS G 282 4.35 -14.43 14.23
C HIS G 282 4.76 -14.44 12.76
N TYR G 283 5.78 -13.67 12.42
CA TYR G 283 6.24 -13.63 11.03
C TYR G 283 6.70 -15.03 10.62
N CYS G 284 7.43 -15.72 11.49
CA CYS G 284 7.90 -17.05 11.16
C CYS G 284 6.76 -18.04 10.95
N ARG G 285 5.73 -17.95 11.77
CA ARG G 285 4.57 -18.83 11.63
C ARG G 285 3.89 -18.56 10.28
N ASP G 286 3.76 -17.28 9.95
CA ASP G 286 3.11 -16.88 8.70
C ASP G 286 3.90 -17.19 7.44
N ASN G 287 5.20 -17.46 7.60
CA ASN G 287 6.04 -17.72 6.44
C ASN G 287 6.83 -19.03 6.45
N GLY G 288 6.44 -19.94 7.34
CA GLY G 288 7.09 -21.24 7.40
C GLY G 288 8.55 -21.31 7.82
N LEU G 289 9.03 -20.28 8.51
CA LEU G 289 10.42 -20.27 8.96
C LEU G 289 10.58 -20.81 10.39
N LEU G 290 11.60 -21.63 10.59
CA LEU G 290 11.90 -22.15 11.93
C LEU G 290 12.62 -21.01 12.65
N LEU G 291 12.49 -20.96 13.97
CA LEU G 291 13.12 -19.88 14.74
C LEU G 291 14.03 -20.39 15.86
N HIS G 292 15.33 -20.18 15.68
CA HIS G 292 16.32 -20.58 16.67
C HIS G 292 16.50 -19.43 17.67
N ILE G 293 16.34 -19.73 18.95
CA ILE G 293 16.46 -18.70 19.98
C ILE G 293 17.70 -18.82 20.86
N HIS G 294 18.47 -17.75 20.94
CA HIS G 294 19.67 -17.71 21.76
C HIS G 294 19.30 -16.96 23.04
N ARG G 295 19.76 -17.45 24.19
CA ARG G 295 19.42 -16.84 25.47
C ARG G 295 20.45 -15.83 26.01
N ALA G 296 21.13 -15.14 25.11
CA ALA G 296 22.12 -14.14 25.52
C ALA G 296 21.60 -13.24 26.62
N MET G 297 22.47 -12.99 27.60
CA MET G 297 22.22 -12.15 28.79
C MET G 297 21.42 -12.80 29.91
N HIS G 298 20.98 -14.04 29.72
CA HIS G 298 20.20 -14.71 30.75
C HIS G 298 20.93 -14.78 32.10
N ALA G 299 22.26 -15.00 32.07
CA ALA G 299 23.03 -15.11 33.31
C ALA G 299 23.07 -13.82 34.13
N VAL G 300 22.74 -12.69 33.51
CA VAL G 300 22.72 -11.42 34.23
C VAL G 300 21.56 -11.50 35.22
N ILE G 301 20.54 -12.27 34.83
CA ILE G 301 19.31 -12.46 35.58
C ILE G 301 19.17 -13.77 36.36
N ASP G 302 19.60 -14.87 35.76
CA ASP G 302 19.40 -16.18 36.37
C ASP G 302 20.55 -16.92 37.05
N ARG G 303 21.72 -16.29 37.16
CA ARG G 303 22.89 -16.93 37.77
C ARG G 303 22.82 -17.15 39.28
N GLN G 304 22.55 -16.07 40.02
CA GLN G 304 22.50 -16.14 41.48
C GLN G 304 21.24 -16.77 42.05
N LYS G 305 21.42 -17.64 43.04
CA LYS G 305 20.29 -18.32 43.65
C LYS G 305 19.43 -17.45 44.57
N ASN G 306 19.97 -16.31 45.01
CA ASN G 306 19.23 -15.44 45.92
C ASN G 306 18.48 -14.28 45.28
N HIS G 307 18.80 -13.96 44.03
CA HIS G 307 18.15 -12.83 43.38
C HIS G 307 18.08 -12.97 41.86
N GLY G 308 16.94 -12.56 41.29
CA GLY G 308 16.76 -12.61 39.86
C GLY G 308 15.56 -13.43 39.47
N MET G 309 15.70 -14.19 38.38
CA MET G 309 14.65 -15.07 37.88
C MET G 309 15.34 -16.34 37.41
N HIS G 310 14.84 -17.50 37.83
CA HIS G 310 15.47 -18.74 37.39
C HIS G 310 15.23 -18.92 35.90
N PHE G 311 16.15 -19.58 35.22
CA PHE G 311 16.00 -19.78 33.79
C PHE G 311 14.69 -20.46 33.39
N ARG G 312 14.16 -21.34 34.24
CA ARG G 312 12.92 -22.02 33.86
C ARG G 312 11.79 -21.03 33.60
N VAL G 313 11.82 -19.89 34.28
CA VAL G 313 10.78 -18.88 34.06
C VAL G 313 11.01 -18.24 32.69
N LEU G 314 12.28 -17.97 32.38
CA LEU G 314 12.64 -17.36 31.10
C LEU G 314 12.37 -18.35 29.97
N ALA G 315 12.43 -19.64 30.29
CA ALA G 315 12.18 -20.69 29.30
C ALA G 315 10.69 -20.79 29.00
N LYS G 316 9.86 -20.75 30.04
CA LYS G 316 8.41 -20.81 29.84
C LYS G 316 7.98 -19.60 29.04
N ALA G 317 8.57 -18.44 29.35
CA ALA G 317 8.23 -17.21 28.65
C ALA G 317 8.56 -17.29 27.16
N LEU G 318 9.68 -17.94 26.83
CA LEU G 318 10.06 -18.07 25.43
C LEU G 318 9.10 -19.03 24.72
N ARG G 319 8.72 -20.12 25.38
CA ARG G 319 7.80 -21.04 24.73
C ARG G 319 6.50 -20.29 24.39
N MET G 320 6.07 -19.42 25.29
CA MET G 320 4.85 -18.64 25.09
C MET G 320 4.98 -17.58 24.00
N SER G 321 6.08 -16.84 24.03
CA SER G 321 6.33 -15.78 23.06
C SER G 321 6.55 -16.38 21.67
N GLY G 322 7.34 -17.45 21.61
CA GLY G 322 7.57 -18.10 20.34
C GLY G 322 9.02 -18.39 19.98
N GLY G 323 9.32 -19.68 19.80
CA GLY G 323 10.65 -20.11 19.43
C GLY G 323 10.59 -21.60 19.13
N ASP G 324 11.39 -22.07 18.18
CA ASP G 324 11.40 -23.49 17.83
C ASP G 324 12.58 -24.21 18.50
N HIS G 325 13.65 -23.47 18.77
CA HIS G 325 14.85 -23.98 19.45
C HIS G 325 15.14 -22.97 20.56
N ILE G 326 15.77 -23.41 21.64
CA ILE G 326 16.20 -22.50 22.69
C ILE G 326 17.38 -23.11 23.41
N HIS G 327 18.44 -22.31 23.59
CA HIS G 327 19.64 -22.79 24.27
C HIS G 327 19.28 -23.15 25.71
N ALA G 328 19.78 -24.28 26.18
CA ALA G 328 19.49 -24.76 27.52
C ALA G 328 20.71 -25.12 28.36
N GLY G 329 21.89 -24.68 27.93
CA GLY G 329 23.07 -24.97 28.72
C GLY G 329 24.05 -25.97 28.16
N THR G 330 24.82 -26.57 29.05
CA THR G 330 25.83 -27.55 28.67
C THR G 330 25.88 -28.73 29.62
N VAL G 331 25.57 -28.47 30.89
CA VAL G 331 25.62 -29.49 31.95
C VAL G 331 27.06 -29.85 32.21
N VAL G 332 27.70 -30.45 31.22
CA VAL G 332 29.10 -30.84 31.32
C VAL G 332 29.97 -29.77 30.67
N GLU G 338 23.05 -27.47 36.44
CA GLU G 338 22.79 -28.61 37.37
C GLU G 338 21.89 -29.63 36.66
N ARG G 339 22.30 -30.89 36.69
CA ARG G 339 21.58 -31.97 36.02
C ARG G 339 20.07 -32.07 36.31
N GLU G 340 19.71 -32.31 37.57
CA GLU G 340 18.29 -32.42 37.92
C GLU G 340 17.52 -31.18 37.50
N MET G 341 18.10 -30.02 37.75
CA MET G 341 17.46 -28.76 37.40
C MET G 341 17.26 -28.60 35.91
N THR G 342 18.29 -28.94 35.14
CA THR G 342 18.21 -28.84 33.69
C THR G 342 17.15 -29.79 33.14
N LEU G 343 17.15 -31.03 33.62
CA LEU G 343 16.16 -32.01 33.16
C LEU G 343 14.76 -31.48 33.42
N GLY G 344 14.62 -30.75 34.53
CA GLY G 344 13.34 -30.19 34.90
C GLY G 344 12.84 -29.15 33.90
N PHE G 345 13.65 -28.15 33.58
CA PHE G 345 13.15 -27.15 32.63
C PHE G 345 13.14 -27.64 31.19
N VAL G 346 13.88 -28.71 30.92
CA VAL G 346 13.87 -29.28 29.59
C VAL G 346 12.48 -29.87 29.36
N ASP G 347 11.95 -30.54 30.38
CA ASP G 347 10.62 -31.11 30.27
C ASP G 347 9.60 -29.98 30.17
N LEU G 348 9.81 -28.91 30.93
CA LEU G 348 8.89 -27.78 30.90
C LEU G 348 8.86 -27.15 29.51
N LEU G 349 9.96 -27.30 28.78
CA LEU G 349 10.08 -26.76 27.43
C LEU G 349 9.53 -27.67 26.33
N ARG G 350 9.65 -28.97 26.52
CA ARG G 350 9.23 -29.93 25.51
C ARG G 350 7.89 -30.63 25.68
N ASP G 351 7.57 -31.00 26.92
CA ASP G 351 6.35 -31.75 27.20
C ASP G 351 5.03 -30.99 27.25
N ASP G 352 3.95 -31.75 27.11
CA ASP G 352 2.62 -31.16 27.14
C ASP G 352 2.12 -31.01 28.57
N PHE G 353 2.51 -31.94 29.43
CA PHE G 353 2.09 -31.92 30.83
C PHE G 353 3.27 -32.30 31.71
N ILE G 354 3.59 -31.43 32.68
CA ILE G 354 4.70 -31.67 33.58
C ILE G 354 4.22 -31.61 35.02
N GLU G 355 4.32 -32.73 35.73
CA GLU G 355 3.89 -32.79 37.12
C GLU G 355 4.88 -32.08 38.04
N LYS G 356 4.35 -31.49 39.11
CA LYS G 356 5.18 -30.81 40.11
C LYS G 356 6.25 -31.81 40.56
N ASP G 357 7.48 -31.33 40.69
CA ASP G 357 8.59 -32.18 41.10
C ASP G 357 9.70 -31.28 41.63
N ARG G 358 9.66 -31.00 42.94
CA ARG G 358 10.64 -30.12 43.55
C ARG G 358 12.07 -30.63 43.46
N ALA G 359 12.24 -31.94 43.31
CA ALA G 359 13.58 -32.51 43.19
C ALA G 359 14.19 -32.04 41.88
N ARG G 360 13.33 -31.61 40.95
CA ARG G 360 13.79 -31.13 39.66
C ARG G 360 13.47 -29.66 39.45
N GLY G 361 13.18 -28.95 40.54
CA GLY G 361 12.89 -27.53 40.46
C GLY G 361 11.57 -27.15 39.85
N ILE G 362 10.67 -28.11 39.70
CA ILE G 362 9.35 -27.84 39.14
C ILE G 362 8.43 -27.57 40.33
N PHE G 363 8.17 -26.29 40.58
CA PHE G 363 7.34 -25.87 41.70
C PHE G 363 5.84 -26.02 41.48
N PHE G 364 5.42 -26.00 40.21
CA PHE G 364 4.01 -26.11 39.87
C PHE G 364 3.78 -27.12 38.76
N THR G 365 2.63 -27.80 38.80
CA THR G 365 2.29 -28.72 37.74
C THR G 365 1.95 -27.79 36.57
N GLN G 366 2.53 -28.06 35.41
CA GLN G 366 2.31 -27.21 34.24
C GLN G 366 1.65 -27.96 33.09
N ASP G 367 0.49 -27.47 32.68
CA ASP G 367 -0.29 -28.05 31.59
C ASP G 367 -0.25 -27.08 30.41
N TRP G 368 0.31 -27.50 29.29
CA TRP G 368 0.43 -26.64 28.10
C TRP G 368 -0.72 -26.81 27.10
N VAL G 369 -1.67 -27.67 27.40
CA VAL G 369 -2.81 -27.93 26.52
C VAL G 369 -2.53 -27.86 25.02
N SER G 370 -1.58 -28.69 24.60
CA SER G 370 -1.18 -28.83 23.20
C SER G 370 -0.35 -27.75 22.53
N MET G 371 0.15 -26.77 23.30
CA MET G 371 1.03 -25.78 22.71
C MET G 371 2.27 -26.61 22.38
N PRO G 372 2.82 -26.47 21.16
CA PRO G 372 4.02 -27.24 20.80
C PRO G 372 5.21 -26.99 21.72
N GLY G 373 6.13 -27.96 21.74
CA GLY G 373 7.32 -27.85 22.56
C GLY G 373 8.46 -27.20 21.79
N VAL G 374 9.50 -26.82 22.53
CA VAL G 374 10.69 -26.18 21.97
C VAL G 374 11.87 -27.13 22.11
N ILE G 375 12.72 -27.19 21.08
CA ILE G 375 13.89 -28.06 21.13
C ILE G 375 15.02 -27.41 21.90
N PRO G 376 15.47 -28.05 22.99
CA PRO G 376 16.57 -27.50 23.79
C PRO G 376 17.89 -27.65 23.04
N VAL G 377 18.77 -26.66 23.18
CA VAL G 377 20.06 -26.67 22.50
C VAL G 377 21.23 -26.65 23.48
N ALA G 378 22.17 -27.56 23.30
CA ALA G 378 23.35 -27.66 24.15
C ALA G 378 24.54 -27.07 23.40
N SER G 379 25.42 -26.40 24.14
CA SER G 379 26.57 -25.74 23.52
C SER G 379 27.71 -25.59 24.52
N GLY G 380 28.72 -24.79 24.17
CA GLY G 380 29.84 -24.62 25.07
C GLY G 380 31.04 -25.42 24.62
N GLY G 381 32.00 -25.60 25.52
CA GLY G 381 33.19 -26.36 25.23
C GLY G 381 32.95 -27.86 25.22
N ILE G 382 32.11 -28.33 24.32
CA ILE G 382 31.85 -29.77 24.23
C ILE G 382 32.50 -30.36 22.99
N HIS G 383 32.83 -31.65 23.05
CA HIS G 383 33.47 -32.32 21.92
C HIS G 383 33.01 -33.77 21.84
N VAL G 384 33.52 -34.49 20.83
CA VAL G 384 33.15 -35.88 20.60
C VAL G 384 33.02 -36.78 21.82
N TRP G 385 33.92 -36.62 22.79
CA TRP G 385 33.83 -37.48 23.96
C TRP G 385 32.66 -37.18 24.89
N HIS G 386 32.01 -36.04 24.70
CA HIS G 386 30.86 -35.68 25.51
C HIS G 386 29.57 -36.22 24.89
N MET G 387 29.67 -36.71 23.66
CA MET G 387 28.49 -37.20 22.93
C MET G 387 27.63 -38.22 23.68
N PRO G 388 28.24 -39.23 24.33
CA PRO G 388 27.40 -40.20 25.05
C PRO G 388 26.59 -39.54 26.16
N ALA G 389 27.24 -38.68 26.94
CA ALA G 389 26.57 -37.98 28.03
C ALA G 389 25.47 -37.07 27.52
N LEU G 390 25.77 -36.29 26.48
CA LEU G 390 24.80 -35.37 25.91
C LEU G 390 23.57 -36.11 25.37
N THR G 391 23.81 -37.23 24.70
CA THR G 391 22.71 -38.02 24.15
C THR G 391 21.86 -38.61 25.25
N GLU G 392 22.49 -39.01 26.35
CA GLU G 392 21.80 -39.61 27.48
C GLU G 392 20.97 -38.58 28.24
N ILE G 393 21.54 -37.40 28.46
CA ILE G 393 20.85 -36.34 29.19
C ILE G 393 19.63 -35.77 28.46
N PHE G 394 19.84 -35.33 27.22
CA PHE G 394 18.78 -34.70 26.43
C PHE G 394 17.91 -35.62 25.57
N GLY G 395 18.45 -36.76 25.16
CA GLY G 395 17.66 -37.65 24.32
C GLY G 395 17.68 -37.13 22.89
N ASP G 396 16.83 -37.69 22.03
CA ASP G 396 16.79 -37.28 20.62
C ASP G 396 16.31 -35.86 20.35
N ASP G 397 15.33 -35.38 21.11
CA ASP G 397 14.80 -34.04 20.86
C ASP G 397 15.65 -32.93 21.44
N SER G 398 16.77 -32.68 20.78
CA SER G 398 17.70 -31.65 21.18
C SER G 398 18.60 -31.32 19.99
N VAL G 399 19.36 -30.23 20.12
CA VAL G 399 20.31 -29.84 19.10
C VAL G 399 21.62 -29.70 19.87
N LEU G 400 22.69 -30.28 19.35
CA LEU G 400 23.98 -30.19 19.99
C LEU G 400 24.89 -29.33 19.12
N GLN G 401 25.31 -28.18 19.65
CA GLN G 401 26.17 -27.24 18.93
C GLN G 401 27.64 -27.43 19.25
N PHE G 402 28.44 -27.69 18.23
CA PHE G 402 29.88 -27.87 18.39
C PHE G 402 30.65 -26.81 17.61
N GLY G 403 31.05 -25.75 18.30
CA GLY G 403 31.82 -24.68 17.67
C GLY G 403 33.27 -25.10 17.55
N GLY G 404 34.02 -24.92 18.63
CA GLY G 404 35.41 -25.32 18.63
C GLY G 404 35.53 -26.81 18.37
N GLY G 405 34.49 -27.55 18.74
CA GLY G 405 34.49 -28.99 18.55
C GLY G 405 34.40 -29.43 17.09
N THR G 406 34.23 -28.47 16.19
CA THR G 406 34.15 -28.78 14.76
C THR G 406 35.27 -28.03 14.03
N LEU G 407 35.31 -26.72 14.24
CA LEU G 407 36.30 -25.86 13.61
C LEU G 407 37.70 -26.09 14.19
N GLY G 408 37.77 -26.90 15.24
CA GLY G 408 39.04 -27.20 15.87
C GLY G 408 39.61 -28.54 15.47
N HIS G 409 38.90 -29.28 14.62
CA HIS G 409 39.38 -30.59 14.18
C HIS G 409 40.66 -30.34 13.37
N PRO G 410 41.69 -31.18 13.58
CA PRO G 410 42.96 -31.00 12.85
C PRO G 410 42.89 -31.10 11.34
N TRP G 411 41.83 -31.70 10.81
CA TRP G 411 41.69 -31.87 9.36
C TRP G 411 40.73 -30.90 8.69
N GLY G 412 40.11 -30.01 9.47
CA GLY G 412 39.20 -29.06 8.87
C GLY G 412 37.76 -29.29 9.27
N ASN G 413 36.88 -28.42 8.78
CA ASN G 413 35.45 -28.47 9.10
C ASN G 413 34.68 -29.69 8.65
N ALA G 414 34.88 -30.13 7.41
CA ALA G 414 34.15 -31.31 6.93
C ALA G 414 34.52 -32.54 7.77
N PRO G 415 35.82 -32.79 7.99
CA PRO G 415 36.19 -33.96 8.79
C PRO G 415 35.71 -33.78 10.23
N GLY G 416 35.71 -32.54 10.70
CA GLY G 416 35.25 -32.26 12.05
C GLY G 416 33.77 -32.55 12.18
N ALA G 417 33.01 -32.15 11.17
CA ALA G 417 31.57 -32.41 11.17
C ALA G 417 31.33 -33.91 11.12
N ALA G 418 32.07 -34.60 10.27
CA ALA G 418 31.93 -36.05 10.13
C ALA G 418 32.21 -36.76 11.46
N ALA G 419 33.24 -36.31 12.16
CA ALA G 419 33.60 -36.91 13.44
C ALA G 419 32.43 -36.80 14.42
N ASN G 420 31.83 -35.62 14.49
CA ASN G 420 30.71 -35.43 15.41
C ASN G 420 29.47 -36.22 14.99
N ARG G 421 29.20 -36.26 13.69
CA ARG G 421 28.04 -37.00 13.18
C ARG G 421 28.22 -38.50 13.45
N VAL G 422 29.44 -38.99 13.26
CA VAL G 422 29.76 -40.39 13.49
C VAL G 422 29.64 -40.72 14.97
N ALA G 423 30.23 -39.87 15.82
CA ALA G 423 30.16 -40.09 17.26
C ALA G 423 28.71 -40.14 17.72
N LEU G 424 27.90 -39.23 17.22
CA LEU G 424 26.49 -39.19 17.60
C LEU G 424 25.73 -40.44 17.15
N GLU G 425 25.89 -40.82 15.90
CA GLU G 425 25.18 -42.00 15.40
C GLU G 425 25.66 -43.27 16.09
N ALA G 426 26.91 -43.28 16.54
CA ALA G 426 27.45 -44.45 17.24
C ALA G 426 26.75 -44.56 18.60
N CYS G 427 26.54 -43.41 19.25
CA CYS G 427 25.86 -43.39 20.55
C CYS G 427 24.40 -43.78 20.38
N VAL G 428 23.76 -43.24 19.35
CA VAL G 428 22.35 -43.55 19.08
C VAL G 428 22.17 -45.04 18.82
N GLN G 429 23.01 -45.60 17.95
CA GLN G 429 22.91 -47.02 17.64
C GLN G 429 23.07 -47.85 18.92
N ALA G 430 24.10 -47.53 19.70
CA ALA G 430 24.37 -48.24 20.94
C ALA G 430 23.20 -48.14 21.92
N ARG G 431 22.67 -46.94 22.08
CA ARG G 431 21.54 -46.72 22.97
C ARG G 431 20.33 -47.54 22.53
N ASN G 432 20.05 -47.49 21.23
CA ASN G 432 18.91 -48.21 20.67
C ASN G 432 19.04 -49.71 20.89
N GLU G 433 20.27 -50.20 20.97
CA GLU G 433 20.50 -51.63 21.18
C GLU G 433 20.36 -52.01 22.65
N GLY G 434 20.23 -51.01 23.52
CA GLY G 434 20.07 -51.28 24.93
C GLY G 434 21.28 -51.03 25.80
N ARG G 435 22.37 -50.55 25.21
CA ARG G 435 23.59 -50.29 25.97
C ARG G 435 23.43 -49.05 26.85
N ASP G 436 24.17 -49.03 27.96
CA ASP G 436 24.14 -47.93 28.91
C ASP G 436 25.12 -46.84 28.51
N LEU G 437 24.62 -45.72 28.00
CA LEU G 437 25.47 -44.62 27.57
C LEU G 437 26.24 -44.00 28.74
N ALA G 438 25.66 -44.05 29.93
CA ALA G 438 26.28 -43.47 31.11
C ALA G 438 27.42 -44.33 31.67
N ARG G 439 27.61 -45.52 31.10
CA ARG G 439 28.67 -46.41 31.58
C ARG G 439 29.55 -46.97 30.47
N GLU G 440 29.02 -47.04 29.26
CA GLU G 440 29.77 -47.58 28.13
C GLU G 440 30.15 -46.49 27.13
N GLY G 441 29.89 -45.24 27.48
CA GLY G 441 30.20 -44.13 26.59
C GLY G 441 31.57 -44.14 25.93
N ASN G 442 32.62 -44.15 26.73
CA ASN G 442 33.97 -44.15 26.17
C ASN G 442 34.25 -45.36 25.28
N GLU G 443 33.71 -46.51 25.66
CA GLU G 443 33.90 -47.73 24.89
C GLU G 443 33.20 -47.63 23.53
N ILE G 444 32.01 -47.03 23.54
CA ILE G 444 31.25 -46.85 22.31
C ILE G 444 32.03 -45.92 21.37
N ILE G 445 32.58 -44.84 21.92
CA ILE G 445 33.35 -43.91 21.10
C ILE G 445 34.64 -44.56 20.59
N ARG G 446 35.32 -45.31 21.45
CA ARG G 446 36.55 -45.97 21.02
C ARG G 446 36.29 -46.95 19.90
N SER G 447 35.14 -47.63 19.95
CA SER G 447 34.79 -48.60 18.91
C SER G 447 34.59 -47.90 17.57
N ALA G 448 33.95 -46.75 17.58
CA ALA G 448 33.71 -46.01 16.34
C ALA G 448 35.04 -45.52 15.76
N CYS G 449 36.01 -45.27 16.62
CA CYS G 449 37.33 -44.82 16.16
C CYS G 449 38.00 -45.87 15.28
N LYS G 450 37.64 -47.13 15.45
CA LYS G 450 38.24 -48.20 14.65
C LYS G 450 37.97 -48.11 13.16
N TRP G 451 36.82 -47.59 12.78
CA TRP G 451 36.47 -47.48 11.37
C TRP G 451 36.35 -46.05 10.85
N SER G 452 36.40 -45.08 11.76
CA SER G 452 36.30 -43.68 11.36
C SER G 452 37.58 -42.91 11.65
N PRO G 453 38.42 -42.70 10.62
CA PRO G 453 39.67 -41.96 10.82
C PRO G 453 39.40 -40.53 11.30
N GLU G 454 38.27 -39.98 10.87
CA GLU G 454 37.90 -38.62 11.27
C GLU G 454 37.65 -38.53 12.77
N LEU G 455 36.90 -39.49 13.31
CA LEU G 455 36.63 -39.49 14.74
C LEU G 455 37.90 -39.81 15.51
N ALA G 456 38.68 -40.75 15.00
CA ALA G 456 39.93 -41.13 15.66
C ALA G 456 40.82 -39.91 15.87
N ALA G 457 40.92 -39.08 14.82
CA ALA G 457 41.73 -37.87 14.87
C ALA G 457 41.21 -36.88 15.90
N ALA G 458 39.88 -36.77 15.99
CA ALA G 458 39.26 -35.86 16.95
C ALA G 458 39.49 -36.35 18.37
N CYS G 459 39.36 -37.66 18.58
CA CYS G 459 39.53 -38.24 19.89
C CYS G 459 40.94 -38.11 20.47
N GLU G 460 41.94 -38.05 19.60
CA GLU G 460 43.32 -37.91 20.07
C GLU G 460 43.59 -36.51 20.57
N ILE G 461 43.04 -35.52 19.87
CA ILE G 461 43.25 -34.13 20.25
C ILE G 461 42.51 -33.75 21.53
N TRP G 462 41.27 -34.21 21.71
CA TRP G 462 40.51 -33.81 22.88
C TRP G 462 40.40 -34.70 24.12
N LYS G 463 39.98 -34.03 25.20
CA LYS G 463 39.80 -34.57 26.54
C LYS G 463 40.87 -35.52 27.08
N MET H 2 46.29 -35.85 7.29
CA MET H 2 45.04 -35.14 7.06
C MET H 2 44.32 -35.80 5.87
N GLN H 3 43.06 -36.19 6.08
CA GLN H 3 42.29 -36.83 5.01
C GLN H 3 41.13 -35.93 4.57
N VAL H 4 40.85 -35.95 3.27
CA VAL H 4 39.79 -35.12 2.69
C VAL H 4 38.45 -35.84 2.63
N TRP H 5 37.41 -35.21 3.16
CA TRP H 5 36.08 -35.80 3.15
C TRP H 5 35.59 -35.88 1.70
N PRO H 6 35.15 -37.06 1.26
CA PRO H 6 34.66 -37.27 -0.11
C PRO H 6 33.56 -36.29 -0.53
N ILE H 7 33.55 -35.92 -1.81
CA ILE H 7 32.54 -35.02 -2.33
C ILE H 7 31.48 -35.76 -3.14
N GLU H 8 31.77 -37.02 -3.48
CA GLU H 8 30.82 -37.82 -4.25
C GLU H 8 30.77 -39.28 -3.78
N GLY H 9 29.66 -39.94 -4.11
CA GLY H 9 29.48 -41.33 -3.75
C GLY H 9 29.17 -41.60 -2.30
N ILE H 10 28.97 -40.54 -1.52
CA ILE H 10 28.67 -40.68 -0.09
C ILE H 10 27.38 -39.97 0.30
N LYS H 11 26.42 -39.90 -0.61
CA LYS H 11 25.17 -39.24 -0.28
C LYS H 11 24.51 -39.96 0.89
N LYS H 12 23.79 -39.21 1.71
CA LYS H 12 23.20 -39.74 2.92
C LYS H 12 21.67 -39.89 3.01
N PHE H 13 21.25 -40.58 4.06
CA PHE H 13 19.84 -40.88 4.30
C PHE H 13 19.48 -40.65 5.76
N GLU H 14 20.01 -39.58 6.31
CA GLU H 14 19.76 -39.21 7.69
C GLU H 14 20.28 -40.22 8.72
N THR H 15 19.55 -40.37 9.83
CA THR H 15 20.01 -41.22 10.91
C THR H 15 20.53 -42.62 10.62
N LEU H 16 21.77 -42.83 11.04
CA LEU H 16 22.51 -44.09 10.88
C LEU H 16 23.25 -44.25 9.57
N SER H 17 23.06 -43.32 8.65
CA SER H 17 23.73 -43.44 7.35
C SER H 17 25.22 -43.07 7.34
N TYR H 18 25.74 -42.61 8.49
CA TYR H 18 27.17 -42.31 8.55
C TYR H 18 27.90 -43.49 9.18
N LEU H 19 27.13 -44.51 9.54
CA LEU H 19 27.71 -45.73 10.12
C LEU H 19 27.99 -46.68 8.96
N PRO H 20 28.87 -47.67 9.17
CA PRO H 20 29.13 -48.60 8.07
C PRO H 20 27.84 -49.34 7.74
N PRO H 21 27.77 -49.98 6.56
CA PRO H 21 26.56 -50.71 6.19
C PRO H 21 26.11 -51.64 7.32
N LEU H 22 24.84 -51.52 7.72
CA LEU H 22 24.30 -52.34 8.78
C LEU H 22 24.12 -53.79 8.37
N THR H 23 24.59 -54.71 9.21
CA THR H 23 24.46 -56.13 8.94
C THR H 23 23.01 -56.49 9.25
N VAL H 24 22.62 -57.73 8.94
CA VAL H 24 21.26 -58.17 9.22
C VAL H 24 21.04 -58.12 10.73
N GLU H 25 22.01 -58.61 11.49
CA GLU H 25 21.91 -58.59 12.94
C GLU H 25 21.76 -57.17 13.47
N ASP H 26 22.51 -56.23 12.90
CA ASP H 26 22.45 -54.83 13.31
C ASP H 26 21.06 -54.27 13.04
N LEU H 27 20.50 -54.61 11.88
CA LEU H 27 19.16 -54.16 11.50
C LEU H 27 18.13 -54.72 12.46
N LEU H 28 18.25 -56.02 12.77
CA LEU H 28 17.32 -56.66 13.69
C LEU H 28 17.29 -55.92 15.01
N LYS H 29 18.45 -55.53 15.50
CA LYS H 29 18.54 -54.81 16.77
C LYS H 29 17.82 -53.47 16.71
N GLN H 30 17.91 -52.78 15.58
CA GLN H 30 17.24 -51.49 15.45
C GLN H 30 15.72 -51.69 15.37
N ILE H 31 15.30 -52.72 14.66
CA ILE H 31 13.87 -53.02 14.54
C ILE H 31 13.33 -53.41 15.91
N GLU H 32 14.11 -54.20 16.64
CA GLU H 32 13.72 -54.65 17.97
C GLU H 32 13.55 -53.47 18.92
N TYR H 33 14.39 -52.45 18.74
CA TYR H 33 14.31 -51.24 19.57
C TYR H 33 12.95 -50.58 19.31
N LEU H 34 12.56 -50.58 18.04
CA LEU H 34 11.30 -50.01 17.63
C LEU H 34 10.13 -50.75 18.30
N LEU H 35 10.19 -52.08 18.28
CA LEU H 35 9.13 -52.90 18.87
C LEU H 35 9.08 -52.80 20.40
N ARG H 36 10.24 -52.75 21.05
CA ARG H 36 10.27 -52.63 22.51
C ARG H 36 9.69 -51.29 22.93
N SER H 37 9.91 -50.28 22.09
CA SER H 37 9.43 -48.93 22.36
C SER H 37 7.96 -48.80 21.97
N LYS H 38 7.36 -49.90 21.55
CA LYS H 38 5.97 -49.93 21.14
C LYS H 38 5.66 -48.99 19.99
N TRP H 39 6.58 -48.92 19.03
CA TRP H 39 6.39 -48.09 17.85
C TRP H 39 6.09 -49.03 16.68
N VAL H 40 5.42 -48.50 15.66
CA VAL H 40 5.04 -49.32 14.51
C VAL H 40 6.00 -49.21 13.33
N PRO H 41 6.65 -50.32 12.97
CA PRO H 41 7.58 -50.28 11.85
C PRO H 41 6.85 -50.26 10.50
N CYS H 42 7.47 -49.64 9.52
CA CYS H 42 6.90 -49.55 8.18
C CYS H 42 8.06 -49.38 7.21
N LEU H 43 7.93 -49.96 6.02
CA LEU H 43 8.97 -49.82 5.03
C LEU H 43 8.55 -48.80 3.98
N GLU H 44 9.54 -48.10 3.42
CA GLU H 44 9.30 -47.10 2.39
C GLU H 44 10.38 -47.30 1.36
N PHE H 45 10.06 -47.04 0.09
CA PHE H 45 11.04 -47.20 -0.96
C PHE H 45 10.92 -46.12 -2.01
N SER H 46 12.00 -45.92 -2.76
CA SER H 46 12.04 -44.91 -3.80
C SER H 46 13.22 -45.13 -4.74
N LYS H 47 13.07 -44.71 -5.98
CA LYS H 47 14.15 -44.85 -6.94
C LYS H 47 14.95 -43.56 -7.01
N VAL H 48 14.52 -42.58 -6.21
CA VAL H 48 15.18 -41.29 -6.07
C VAL H 48 15.49 -41.24 -4.58
N GLY H 49 16.77 -41.18 -4.23
CA GLY H 49 17.10 -41.21 -2.82
C GLY H 49 17.26 -39.92 -2.04
N PHE H 50 17.14 -38.77 -2.70
CA PHE H 50 17.37 -37.52 -2.00
C PHE H 50 16.36 -36.41 -2.24
N VAL H 51 16.44 -35.36 -1.42
CA VAL H 51 15.53 -34.24 -1.54
C VAL H 51 15.89 -33.33 -2.69
N TYR H 52 14.89 -32.60 -3.19
CA TYR H 52 15.08 -31.66 -4.27
C TYR H 52 13.99 -30.60 -4.17
N ARG H 53 14.09 -29.55 -4.97
CA ARG H 53 13.09 -28.50 -4.93
C ARG H 53 12.68 -28.16 -6.36
N GLU H 54 11.63 -28.81 -6.82
CA GLU H 54 11.12 -28.61 -8.16
C GLU H 54 9.85 -27.76 -8.21
N ASN H 55 8.95 -27.99 -7.26
CA ASN H 55 7.69 -27.27 -7.26
C ASN H 55 7.63 -25.98 -6.46
N HIS H 56 8.56 -25.78 -5.54
CA HIS H 56 8.56 -24.57 -4.75
C HIS H 56 9.87 -24.43 -3.99
N ARG H 57 10.19 -23.21 -3.58
CA ARG H 57 11.42 -22.95 -2.84
C ARG H 57 11.15 -22.07 -1.63
N SER H 58 9.90 -22.05 -1.18
CA SER H 58 9.53 -21.26 -0.02
C SER H 58 10.05 -21.99 1.22
N PRO H 59 10.23 -21.26 2.33
CA PRO H 59 10.72 -21.89 3.56
C PRO H 59 9.97 -23.15 3.98
N GLY H 60 10.71 -24.21 4.27
CA GLY H 60 10.10 -25.45 4.72
C GLY H 60 9.51 -26.32 3.63
N TYR H 61 9.57 -25.89 2.38
CA TYR H 61 9.04 -26.73 1.30
C TYR H 61 10.15 -27.43 0.53
N TYR H 62 10.03 -28.74 0.44
CA TYR H 62 10.99 -29.57 -0.29
C TYR H 62 10.23 -30.72 -0.93
N ASP H 63 10.74 -31.18 -2.07
CA ASP H 63 10.14 -32.33 -2.74
C ASP H 63 11.10 -33.46 -2.37
N GLY H 64 10.68 -34.70 -2.57
CA GLY H 64 11.56 -35.82 -2.26
C GLY H 64 11.66 -36.23 -0.80
N ARG H 65 10.86 -35.62 0.07
CA ARG H 65 10.90 -36.00 1.49
C ARG H 65 10.10 -37.28 1.64
N TYR H 66 8.94 -37.32 1.01
CA TYR H 66 8.09 -38.51 1.04
C TYR H 66 8.65 -39.54 0.07
N TRP H 67 8.60 -40.80 0.48
CA TRP H 67 8.99 -41.91 -0.39
C TRP H 67 7.68 -42.69 -0.50
N THR H 68 7.69 -43.84 -1.16
CA THR H 68 6.46 -44.62 -1.30
C THR H 68 6.34 -45.70 -0.23
N MET H 69 5.16 -45.85 0.33
CA MET H 69 4.94 -46.84 1.36
C MET H 69 4.94 -48.27 0.82
N TRP H 70 5.67 -49.15 1.48
CA TRP H 70 5.67 -50.56 1.08
C TRP H 70 4.56 -51.17 1.93
N LYS H 71 3.44 -51.50 1.29
CA LYS H 71 2.29 -52.06 1.98
C LYS H 71 1.79 -51.10 3.06
N LEU H 72 1.64 -51.58 4.30
CA LEU H 72 1.16 -50.73 5.39
C LEU H 72 2.02 -50.87 6.65
N PRO H 73 1.87 -49.93 7.60
CA PRO H 73 2.67 -50.03 8.82
C PRO H 73 2.30 -51.38 9.44
N MET H 74 3.28 -52.05 10.04
CA MET H 74 3.04 -53.35 10.62
C MET H 74 2.48 -53.30 12.04
N PHE H 75 1.24 -52.83 12.14
CA PHE H 75 0.56 -52.72 13.42
C PHE H 75 0.50 -54.08 14.10
N GLY H 76 0.77 -54.11 15.40
CA GLY H 76 0.73 -55.36 16.14
C GLY H 76 1.93 -56.27 15.97
N CYS H 77 2.89 -55.88 15.14
CA CYS H 77 4.08 -56.69 14.91
C CYS H 77 4.83 -56.90 16.23
N THR H 78 5.21 -58.14 16.50
CA THR H 78 5.94 -58.46 17.73
C THR H 78 7.18 -59.31 17.41
N ASP H 79 7.47 -59.46 16.12
CA ASP H 79 8.61 -60.25 15.68
C ASP H 79 9.40 -59.49 14.62
N ALA H 80 10.57 -58.99 15.01
CA ALA H 80 11.43 -58.22 14.12
C ALA H 80 11.72 -58.96 12.82
N THR H 81 11.75 -60.28 12.87
CA THR H 81 12.00 -61.10 11.70
C THR H 81 10.98 -60.85 10.59
N GLN H 82 9.76 -60.51 10.98
CA GLN H 82 8.69 -60.25 10.02
C GLN H 82 9.07 -59.02 9.18
N VAL H 83 9.69 -58.05 9.81
CA VAL H 83 10.10 -56.83 9.12
C VAL H 83 11.20 -57.15 8.11
N LEU H 84 12.13 -58.03 8.49
CA LEU H 84 13.21 -58.43 7.59
C LEU H 84 12.63 -59.11 6.36
N LYS H 85 11.61 -59.93 6.60
CA LYS H 85 10.94 -60.67 5.53
C LYS H 85 10.41 -59.69 4.50
N GLU H 86 9.75 -58.64 4.97
CA GLU H 86 9.19 -57.64 4.06
C GLU H 86 10.31 -56.89 3.35
N LEU H 87 11.41 -56.64 4.07
CA LEU H 87 12.55 -55.95 3.46
C LEU H 87 13.08 -56.77 2.31
N GLU H 88 13.19 -58.08 2.50
CA GLU H 88 13.69 -58.96 1.45
C GLU H 88 12.73 -58.98 0.26
N GLU H 89 11.44 -58.95 0.53
CA GLU H 89 10.44 -58.95 -0.55
C GLU H 89 10.57 -57.66 -1.36
N ALA H 90 10.72 -56.55 -0.65
CA ALA H 90 10.85 -55.24 -1.28
C ALA H 90 12.06 -55.22 -2.20
N LYS H 91 13.18 -55.71 -1.69
CA LYS H 91 14.43 -55.75 -2.47
C LYS H 91 14.28 -56.63 -3.70
N LYS H 92 13.50 -57.70 -3.56
CA LYS H 92 13.28 -58.63 -4.66
C LYS H 92 12.39 -57.98 -5.74
N ALA H 93 11.37 -57.24 -5.31
CA ALA H 93 10.46 -56.59 -6.23
C ALA H 93 11.05 -55.32 -6.82
N TYR H 94 11.85 -54.60 -6.03
CA TYR H 94 12.46 -53.36 -6.47
C TYR H 94 13.95 -53.32 -6.14
N PRO H 95 14.74 -54.17 -6.81
CA PRO H 95 16.18 -54.21 -6.57
C PRO H 95 16.92 -52.92 -6.91
N ASP H 96 16.28 -52.06 -7.70
CA ASP H 96 16.89 -50.80 -8.10
C ASP H 96 16.38 -49.60 -7.30
N ALA H 97 15.73 -49.87 -6.18
CA ALA H 97 15.19 -48.79 -5.35
C ALA H 97 15.81 -48.78 -3.95
N PHE H 98 15.85 -47.60 -3.34
CA PHE H 98 16.36 -47.49 -1.98
C PHE H 98 15.20 -47.90 -1.09
N VAL H 99 15.51 -48.55 0.03
CA VAL H 99 14.46 -48.96 0.95
C VAL H 99 14.87 -48.57 2.37
N ARG H 100 14.01 -47.82 3.04
CA ARG H 100 14.29 -47.42 4.40
C ARG H 100 13.20 -47.90 5.34
N ILE H 101 13.57 -48.04 6.61
CA ILE H 101 12.63 -48.48 7.63
C ILE H 101 12.25 -47.25 8.47
N ILE H 102 10.95 -47.02 8.60
CA ILE H 102 10.48 -45.89 9.39
C ILE H 102 9.60 -46.41 10.52
N GLY H 103 9.25 -45.53 11.45
CA GLY H 103 8.42 -45.96 12.56
C GLY H 103 7.43 -44.90 12.97
N PHE H 104 6.25 -45.34 13.39
CA PHE H 104 5.20 -44.43 13.84
C PHE H 104 4.83 -44.73 15.28
N ASP H 105 4.47 -43.70 16.02
CA ASP H 105 4.05 -43.86 17.40
C ASP H 105 2.66 -43.25 17.51
N ASN H 106 1.70 -44.05 17.95
CA ASN H 106 0.33 -43.56 18.08
C ASN H 106 0.16 -42.61 19.26
N VAL H 107 1.06 -42.68 20.23
CA VAL H 107 0.98 -41.81 21.41
C VAL H 107 1.43 -40.38 21.13
N ARG H 108 2.61 -40.23 20.53
CA ARG H 108 3.11 -38.90 20.19
C ARG H 108 2.43 -38.46 18.91
N GLN H 109 1.79 -39.44 18.26
CA GLN H 109 1.04 -39.21 17.02
C GLN H 109 1.87 -38.70 15.86
N VAL H 110 3.10 -39.19 15.74
CA VAL H 110 3.98 -38.77 14.65
C VAL H 110 4.91 -39.88 14.20
N GLN H 111 5.52 -39.67 13.04
CA GLN H 111 6.52 -40.60 12.55
C GLN H 111 7.70 -40.15 13.42
N LEU H 112 8.55 -41.08 13.85
CA LEU H 112 9.67 -40.68 14.70
C LEU H 112 10.95 -41.48 14.48
N ILE H 113 10.94 -42.36 13.48
CA ILE H 113 12.10 -43.17 13.15
C ILE H 113 12.26 -43.22 11.64
N SER H 114 13.51 -43.24 11.19
CA SER H 114 13.82 -43.34 9.76
C SER H 114 15.30 -43.65 9.52
N PHE H 115 15.58 -44.85 9.01
CA PHE H 115 16.95 -45.23 8.71
C PHE H 115 17.00 -46.11 7.47
N ILE H 116 18.04 -45.93 6.66
CA ILE H 116 18.22 -46.69 5.43
C ILE H 116 18.49 -48.18 5.71
N ALA H 117 17.86 -49.05 4.92
CA ALA H 117 18.02 -50.48 5.09
C ALA H 117 18.56 -51.19 3.86
N TYR H 118 18.45 -50.54 2.70
CA TYR H 118 18.93 -51.13 1.45
C TYR H 118 19.24 -50.08 0.39
N LYS H 119 20.30 -50.32 -0.37
CA LYS H 119 20.74 -49.44 -1.44
C LYS H 119 21.13 -50.33 -2.64
N PRO H 120 20.66 -49.98 -3.86
CA PRO H 120 20.93 -50.71 -5.11
C PRO H 120 22.44 -50.91 -5.34
N PRO H 121 22.87 -51.16 -6.59
CA PRO H 121 24.32 -51.34 -6.72
C PRO H 121 25.12 -50.07 -6.40
N GLY H 122 25.74 -49.47 -7.41
CA GLY H 122 26.53 -48.27 -7.20
C GLY H 122 25.73 -47.12 -6.59
N CYS H 123 25.08 -47.40 -5.47
CA CYS H 123 24.26 -46.42 -4.76
C CYS H 123 24.55 -46.47 -3.27
N GLY I 12 34.62 0.88 -46.07
CA GLY I 12 34.96 -0.24 -45.16
C GLY I 12 35.49 0.24 -43.82
N PHE I 13 35.63 -0.71 -42.89
CA PHE I 13 36.15 -0.43 -41.56
C PHE I 13 37.66 -0.63 -41.49
N LYS I 14 38.38 0.44 -41.21
CA LYS I 14 39.83 0.38 -41.07
C LYS I 14 40.12 0.72 -39.61
N ALA I 15 40.69 -0.24 -38.89
CA ALA I 15 41.01 0.01 -37.50
C ALA I 15 42.12 1.03 -37.54
N GLY I 16 42.16 1.88 -36.54
CA GLY I 16 43.19 2.90 -36.49
C GLY I 16 42.67 4.27 -36.08
N VAL I 17 43.61 5.17 -35.77
CA VAL I 17 43.29 6.52 -35.31
C VAL I 17 42.82 7.47 -36.42
N LEU I 22 37.82 17.08 -38.27
CA LEU I 22 37.56 16.39 -39.57
C LEU I 22 36.12 15.92 -39.67
N THR I 23 35.32 16.22 -38.64
CA THR I 23 33.93 15.80 -38.62
C THR I 23 33.09 16.64 -37.66
N TYR I 24 33.75 17.43 -36.81
CA TYR I 24 33.03 18.22 -35.82
C TYR I 24 33.04 19.74 -35.94
N TYR I 25 33.80 20.28 -36.89
CA TYR I 25 33.82 21.72 -37.09
C TYR I 25 33.11 21.99 -38.42
N THR I 26 31.83 22.34 -38.32
CA THR I 26 30.99 22.59 -39.49
C THR I 26 30.51 24.02 -39.61
N PRO I 27 31.37 24.92 -40.11
CA PRO I 27 31.02 26.33 -40.27
C PRO I 27 29.81 26.59 -41.17
N GLU I 28 29.50 25.63 -42.03
CA GLU I 28 28.38 25.76 -42.97
C GLU I 28 27.03 25.34 -42.37
N TYR I 29 27.07 24.72 -41.20
CA TYR I 29 25.85 24.24 -40.55
C TYR I 29 24.81 25.30 -40.19
N GLU I 30 23.57 25.02 -40.56
CA GLU I 30 22.47 25.93 -40.24
C GLU I 30 21.68 25.25 -39.12
N THR I 31 21.65 25.89 -37.96
CA THR I 31 20.95 25.35 -36.79
C THR I 31 19.50 25.01 -37.06
N LYS I 32 19.02 23.93 -36.45
CA LYS I 32 17.64 23.50 -36.59
C LYS I 32 16.86 24.04 -35.39
N ASP I 33 15.58 24.32 -35.59
CA ASP I 33 14.75 24.86 -34.51
C ASP I 33 14.59 23.89 -33.34
N THR I 34 15.01 22.64 -33.54
CA THR I 34 14.91 21.65 -32.50
C THR I 34 16.25 21.40 -31.80
N ASP I 35 17.32 22.02 -32.31
CA ASP I 35 18.63 21.85 -31.71
C ASP I 35 18.76 22.57 -30.38
N ILE I 36 19.59 22.02 -29.50
CA ILE I 36 19.91 22.67 -28.24
C ILE I 36 21.24 23.34 -28.61
N LEU I 37 21.34 24.64 -28.45
CA LEU I 37 22.57 25.34 -28.80
C LEU I 37 23.33 25.74 -27.54
N ALA I 38 24.65 25.76 -27.63
CA ALA I 38 25.48 26.13 -26.50
C ALA I 38 26.54 27.14 -26.91
N ALA I 39 26.80 28.10 -26.03
CA ALA I 39 27.82 29.11 -26.27
C ALA I 39 28.90 28.87 -25.23
N PHE I 40 30.07 28.40 -25.69
CA PHE I 40 31.21 28.10 -24.82
C PHE I 40 32.30 29.17 -24.96
N ARG I 41 32.90 29.55 -23.83
CA ARG I 41 34.01 30.49 -23.84
C ARG I 41 35.20 29.53 -23.71
N VAL I 42 35.95 29.36 -24.78
CA VAL I 42 37.06 28.42 -24.80
C VAL I 42 38.45 29.06 -24.82
N THR I 43 39.35 28.51 -24.01
CA THR I 43 40.74 28.97 -23.95
C THR I 43 41.59 27.76 -24.38
N PRO I 44 42.03 27.74 -25.64
CA PRO I 44 42.85 26.62 -26.12
C PRO I 44 44.24 26.59 -25.49
N GLN I 45 44.85 25.42 -25.45
CA GLN I 45 46.20 25.26 -24.91
C GLN I 45 47.11 25.92 -25.95
N PRO I 46 48.36 26.21 -25.57
CA PRO I 46 49.29 26.85 -26.52
C PRO I 46 49.47 26.00 -27.78
N GLY I 47 49.50 26.66 -28.93
CA GLY I 47 49.69 25.94 -30.17
C GLY I 47 48.45 25.27 -30.74
N VAL I 48 47.33 25.39 -30.02
CA VAL I 48 46.08 24.79 -30.48
C VAL I 48 45.28 25.83 -31.25
N PRO I 49 45.15 25.67 -32.58
CA PRO I 49 44.40 26.61 -33.41
C PRO I 49 42.93 26.73 -33.01
N PRO I 50 42.36 27.95 -33.13
CA PRO I 50 40.96 28.19 -32.77
C PRO I 50 39.93 27.30 -33.46
N GLU I 51 40.18 26.92 -34.71
CA GLU I 51 39.23 26.06 -35.41
C GLU I 51 39.32 24.64 -34.86
N GLU I 52 40.50 24.26 -34.37
CA GLU I 52 40.70 22.93 -33.82
C GLU I 52 40.09 22.84 -32.43
N ALA I 53 40.20 23.94 -31.68
CA ALA I 53 39.66 24.00 -30.33
C ALA I 53 38.14 23.81 -30.38
N GLY I 54 37.50 24.49 -31.32
CA GLY I 54 36.05 24.38 -31.46
C GLY I 54 35.59 22.98 -31.79
N ALA I 55 36.37 22.27 -32.61
CA ALA I 55 36.03 20.91 -33.00
C ALA I 55 36.08 19.96 -31.81
N ALA I 56 37.10 20.11 -30.98
CA ALA I 56 37.24 19.25 -29.81
C ALA I 56 36.08 19.47 -28.85
N VAL I 57 35.67 20.72 -28.69
CA VAL I 57 34.56 21.05 -27.82
C VAL I 57 33.32 20.27 -28.26
N ALA I 58 33.02 20.33 -29.55
CA ALA I 58 31.87 19.63 -30.10
C ALA I 58 32.05 18.11 -30.07
N ALA I 59 33.23 17.65 -30.46
CA ALA I 59 33.51 16.22 -30.49
C ALA I 59 33.52 15.58 -29.11
N GLU I 60 34.22 16.20 -28.17
CA GLU I 60 34.33 15.65 -26.83
C GLU I 60 33.08 15.82 -25.96
N SER I 61 32.09 16.54 -26.47
CA SER I 61 30.85 16.72 -25.74
C SER I 61 29.76 15.93 -26.47
N SER I 62 30.18 15.09 -27.42
CA SER I 62 29.24 14.27 -28.17
C SER I 62 29.79 12.91 -28.62
N THR I 63 29.90 12.71 -29.93
CA THR I 63 30.34 11.43 -30.52
C THR I 63 31.80 11.14 -30.81
N GLY I 64 32.71 12.08 -30.54
CA GLY I 64 34.11 11.81 -30.84
C GLY I 64 34.73 10.65 -30.09
N THR I 65 35.55 9.88 -30.83
CA THR I 65 36.28 8.75 -30.28
C THR I 65 37.74 8.87 -30.70
N TRP I 66 38.68 8.49 -29.85
CA TRP I 66 40.09 8.57 -30.19
C TRP I 66 40.51 7.62 -31.34
N THR I 67 39.81 6.50 -31.51
CA THR I 67 40.17 5.54 -32.58
C THR I 67 38.87 5.09 -33.26
N THR I 68 38.96 4.60 -34.50
CA THR I 68 37.79 4.18 -35.24
C THR I 68 37.16 2.93 -34.67
N VAL I 69 35.84 2.96 -34.53
CA VAL I 69 35.10 1.82 -34.02
C VAL I 69 34.14 1.36 -35.12
N TRP I 70 34.11 0.05 -35.37
CA TRP I 70 33.25 -0.49 -36.43
C TRP I 70 31.76 -0.29 -36.17
N THR I 71 31.38 -0.15 -34.91
CA THR I 71 29.99 0.03 -34.56
C THR I 71 29.37 1.30 -35.12
N ASP I 72 30.21 2.29 -35.43
CA ASP I 72 29.70 3.55 -36.00
C ASP I 72 28.99 3.26 -37.33
N GLY I 73 29.35 2.13 -37.94
CA GLY I 73 28.74 1.77 -39.21
C GLY I 73 27.33 1.19 -39.07
N LEU I 74 26.88 1.00 -37.83
CA LEU I 74 25.54 0.45 -37.58
C LEU I 74 24.49 1.54 -37.47
N THR I 75 24.93 2.80 -37.60
CA THR I 75 24.01 3.92 -37.51
C THR I 75 24.53 5.09 -38.34
N SER I 76 23.83 6.22 -38.30
CA SER I 76 24.23 7.41 -39.04
C SER I 76 24.69 8.45 -38.04
N LEU I 77 25.98 8.46 -37.74
CA LEU I 77 26.51 9.40 -36.77
C LEU I 77 26.39 10.89 -37.06
N ASP I 78 26.11 11.28 -38.30
CA ASP I 78 25.95 12.70 -38.58
C ASP I 78 24.66 13.19 -37.94
N ARG I 79 23.83 12.24 -37.52
CA ARG I 79 22.54 12.53 -36.90
C ARG I 79 22.67 12.74 -35.39
N TYR I 80 23.79 12.33 -34.82
CA TYR I 80 23.98 12.44 -33.37
C TYR I 80 25.16 13.28 -32.91
N LYS I 81 25.94 13.79 -33.85
CA LYS I 81 27.10 14.57 -33.46
C LYS I 81 26.76 16.02 -33.13
N GLY I 82 27.51 16.56 -32.17
CA GLY I 82 27.33 17.95 -31.83
C GLY I 82 28.25 18.63 -32.82
N ARG I 83 27.96 19.85 -33.22
CA ARG I 83 28.84 20.50 -34.16
C ARG I 83 29.06 21.96 -33.87
N CYS I 84 30.31 22.37 -34.00
CA CYS I 84 30.70 23.75 -33.77
C CYS I 84 30.46 24.49 -35.09
N TYR I 85 29.45 25.35 -35.12
CA TYR I 85 29.12 26.06 -36.34
C TYR I 85 29.67 27.48 -36.41
N HIS I 86 30.36 27.91 -35.36
CA HIS I 86 30.96 29.24 -35.33
C HIS I 86 31.86 29.40 -34.12
N ILE I 87 32.99 30.08 -34.32
CA ILE I 87 33.91 30.33 -33.22
C ILE I 87 34.55 31.69 -33.49
N GLU I 88 34.48 32.56 -32.50
CA GLU I 88 35.06 33.89 -32.66
C GLU I 88 35.84 34.35 -31.44
N PRO I 89 37.02 34.95 -31.68
CA PRO I 89 37.88 35.45 -30.61
C PRO I 89 37.19 36.52 -29.78
N VAL I 90 37.65 36.68 -28.54
CA VAL I 90 37.08 37.67 -27.64
C VAL I 90 38.13 38.75 -27.37
N VAL I 91 37.87 39.96 -27.86
CA VAL I 91 38.81 41.06 -27.65
C VAL I 91 38.79 41.42 -26.17
N GLY I 92 39.96 41.75 -25.62
CA GLY I 92 40.02 42.11 -24.21
C GLY I 92 40.47 40.98 -23.31
N GLU I 93 40.37 39.75 -23.80
CA GLU I 93 40.77 38.59 -23.02
C GLU I 93 41.91 37.90 -23.79
N ASP I 94 42.75 37.15 -23.10
CA ASP I 94 43.86 36.49 -23.77
C ASP I 94 43.57 35.07 -24.22
N ASN I 95 43.70 34.83 -25.52
CA ASN I 95 43.49 33.52 -26.11
C ASN I 95 42.15 32.92 -25.69
N GLN I 96 41.08 33.66 -25.94
CA GLN I 96 39.74 33.23 -25.58
C GLN I 96 38.83 33.35 -26.80
N TYR I 97 37.94 32.39 -26.96
CA TYR I 97 37.00 32.37 -28.08
C TYR I 97 35.64 31.92 -27.63
N ILE I 98 34.60 32.36 -28.34
CA ILE I 98 33.27 31.90 -28.03
C ILE I 98 32.97 30.90 -29.14
N ALA I 99 32.76 29.65 -28.75
CA ALA I 99 32.47 28.60 -29.73
C ALA I 99 31.01 28.21 -29.60
N TYR I 100 30.30 28.24 -30.73
CA TYR I 100 28.89 27.88 -30.75
C TYR I 100 28.75 26.44 -31.21
N VAL I 101 28.03 25.64 -30.42
CA VAL I 101 27.84 24.23 -30.73
C VAL I 101 26.36 23.86 -30.74
N ALA I 102 25.96 23.05 -31.72
CA ALA I 102 24.57 22.61 -31.84
C ALA I 102 24.46 21.12 -31.53
N TYR I 103 23.48 20.77 -30.70
CA TYR I 103 23.25 19.38 -30.30
C TYR I 103 21.86 18.95 -30.74
N PRO I 104 21.76 17.83 -31.46
CA PRO I 104 20.45 17.34 -31.92
C PRO I 104 19.52 17.01 -30.76
N LEU I 105 18.24 17.26 -30.98
CA LEU I 105 17.20 17.01 -29.98
C LEU I 105 17.20 15.58 -29.43
N ASP I 106 17.46 14.60 -30.30
CA ASP I 106 17.46 13.20 -29.91
C ASP I 106 18.51 12.77 -28.90
N LEU I 107 19.47 13.64 -28.60
CA LEU I 107 20.49 13.27 -27.63
C LEU I 107 20.00 13.35 -26.20
N PHE I 108 18.92 14.10 -26.00
CA PHE I 108 18.41 14.36 -24.66
C PHE I 108 17.19 13.61 -24.15
N GLU I 109 17.25 13.16 -22.90
CA GLU I 109 16.10 12.49 -22.31
C GLU I 109 15.11 13.57 -21.93
N GLU I 110 13.87 13.39 -22.37
CA GLU I 110 12.81 14.34 -22.09
C GLU I 110 12.63 14.55 -20.58
N GLY I 111 12.40 15.81 -20.20
CA GLY I 111 12.18 16.15 -18.80
C GLY I 111 13.32 15.96 -17.81
N SER I 112 14.53 15.75 -18.31
CA SER I 112 15.67 15.53 -17.42
C SER I 112 16.78 16.57 -17.53
N VAL I 113 16.79 17.54 -16.62
CA VAL I 113 17.85 18.54 -16.62
C VAL I 113 19.15 17.80 -16.33
N THR I 114 19.06 16.75 -15.52
CA THR I 114 20.23 15.94 -15.18
C THR I 114 20.89 15.43 -16.45
N ASN I 115 20.10 14.92 -17.39
CA ASN I 115 20.67 14.42 -18.63
C ASN I 115 21.17 15.54 -19.54
N MET I 116 20.47 16.67 -19.56
CA MET I 116 20.89 17.77 -20.41
C MET I 116 22.28 18.24 -19.97
N PHE I 117 22.49 18.39 -18.66
CA PHE I 117 23.78 18.81 -18.14
C PHE I 117 24.84 17.74 -18.41
N THR I 118 24.50 16.48 -18.16
CA THR I 118 25.44 15.39 -18.39
C THR I 118 25.89 15.38 -19.84
N SER I 119 24.92 15.50 -20.74
CA SER I 119 25.21 15.47 -22.17
C SER I 119 26.11 16.60 -22.68
N ILE I 120 25.89 17.81 -22.16
CA ILE I 120 26.66 18.96 -22.62
C ILE I 120 27.93 19.29 -21.83
N VAL I 121 27.87 19.25 -20.50
CA VAL I 121 29.04 19.57 -19.68
C VAL I 121 29.63 18.40 -18.91
N GLY I 122 29.17 17.20 -19.20
CA GLY I 122 29.68 16.05 -18.47
C GLY I 122 31.09 15.59 -18.73
N ASN I 123 31.63 15.89 -19.92
CA ASN I 123 32.95 15.40 -20.28
C ASN I 123 34.00 16.39 -20.80
N VAL I 124 33.56 17.29 -21.67
CA VAL I 124 34.45 18.23 -22.34
C VAL I 124 35.35 19.15 -21.52
N PHE I 125 34.95 19.51 -20.30
CA PHE I 125 35.76 20.41 -19.50
C PHE I 125 37.12 19.85 -19.06
N GLY I 126 37.27 18.53 -19.15
CA GLY I 126 38.53 17.93 -18.74
C GLY I 126 39.46 17.62 -19.91
N PHE I 127 39.07 18.04 -21.11
CA PHE I 127 39.88 17.76 -22.28
C PHE I 127 41.21 18.51 -22.23
N LYS I 128 42.31 17.76 -22.26
CA LYS I 128 43.65 18.34 -22.18
C LYS I 128 43.95 19.46 -23.17
N ALA I 129 43.39 19.38 -24.37
CA ALA I 129 43.63 20.41 -25.38
C ALA I 129 43.02 21.76 -25.02
N LEU I 130 42.17 21.78 -24.00
CA LEU I 130 41.52 23.01 -23.56
C LEU I 130 42.06 23.45 -22.21
N ARG I 131 42.71 24.61 -22.16
CA ARG I 131 43.27 25.11 -20.92
C ARG I 131 42.16 25.52 -19.95
N ALA I 132 41.08 26.06 -20.49
CA ALA I 132 39.95 26.49 -19.68
C ALA I 132 38.69 26.47 -20.54
N LEU I 133 37.54 26.27 -19.90
CA LEU I 133 36.28 26.22 -20.62
C LEU I 133 35.14 26.68 -19.73
N ARG I 134 34.27 27.52 -20.28
CA ARG I 134 33.11 28.00 -19.54
C ARG I 134 31.86 27.97 -20.41
N LEU I 135 30.79 27.38 -19.91
CA LEU I 135 29.54 27.37 -20.67
C LEU I 135 28.84 28.67 -20.31
N GLU I 136 28.62 29.52 -21.30
CA GLU I 136 27.98 30.82 -21.09
C GLU I 136 26.46 30.84 -21.25
N ASP I 137 25.93 30.10 -22.22
CA ASP I 137 24.49 30.11 -22.44
C ASP I 137 24.03 28.86 -23.20
N LEU I 138 22.71 28.59 -23.14
CA LEU I 138 22.11 27.45 -23.82
C LEU I 138 20.80 27.88 -24.45
N ARG I 139 20.57 27.49 -25.71
CA ARG I 139 19.31 27.80 -26.36
C ARG I 139 18.46 26.56 -26.18
N ILE I 140 17.47 26.64 -25.30
CA ILE I 140 16.58 25.51 -25.04
C ILE I 140 15.40 25.65 -25.99
N PRO I 141 15.29 24.74 -26.96
CA PRO I 141 14.19 24.81 -27.92
C PRO I 141 12.85 24.43 -27.30
N PRO I 142 11.76 25.01 -27.81
CA PRO I 142 10.43 24.71 -27.27
C PRO I 142 10.14 23.21 -27.30
N THR I 143 10.63 22.52 -28.33
CA THR I 143 10.40 21.09 -28.45
C THR I 143 10.97 20.29 -27.28
N TYR I 144 11.98 20.85 -26.60
CA TYR I 144 12.55 20.15 -25.46
C TYR I 144 11.97 20.69 -24.15
N SER I 145 11.82 22.00 -24.04
CA SER I 145 11.29 22.58 -22.82
C SER I 145 9.87 22.15 -22.51
N LYS I 146 9.08 21.83 -23.54
CA LYS I 146 7.71 21.39 -23.32
C LYS I 146 7.62 20.04 -22.63
N THR I 147 8.76 19.34 -22.50
CA THR I 147 8.77 18.04 -21.84
C THR I 147 9.02 18.19 -20.34
N PHE I 148 9.10 19.43 -19.87
CA PHE I 148 9.35 19.72 -18.46
C PHE I 148 8.16 20.42 -17.83
N GLN I 149 7.87 20.08 -16.57
CA GLN I 149 6.77 20.73 -15.86
C GLN I 149 7.12 22.20 -15.66
N GLY I 150 8.35 22.46 -15.22
CA GLY I 150 8.77 23.81 -14.96
C GLY I 150 8.34 24.20 -13.55
N PRO I 151 8.23 25.50 -13.25
CA PRO I 151 7.82 25.97 -11.92
C PRO I 151 6.52 25.35 -11.42
N PRO I 152 6.49 24.93 -10.15
CA PRO I 152 5.26 24.34 -9.59
C PRO I 152 4.09 25.31 -9.78
N HIS I 153 4.37 26.61 -9.72
CA HIS I 153 3.33 27.61 -9.88
C HIS I 153 3.73 28.79 -10.76
N GLY I 154 4.85 29.44 -10.45
CA GLY I 154 5.27 30.56 -11.27
C GLY I 154 4.78 31.90 -10.73
N ILE I 155 5.40 32.96 -11.22
CA ILE I 155 5.11 34.33 -10.79
C ILE I 155 3.64 34.72 -10.64
N GLN I 156 2.88 34.63 -11.72
CA GLN I 156 1.48 35.03 -11.66
C GLN I 156 0.64 34.21 -10.70
N VAL I 157 0.78 32.89 -10.74
CA VAL I 157 0.00 32.06 -9.85
C VAL I 157 0.35 32.35 -8.39
N GLU I 158 1.63 32.56 -8.10
CA GLU I 158 2.03 32.84 -6.73
C GLU I 158 1.37 34.12 -6.23
N ARG I 159 1.38 35.18 -7.05
CA ARG I 159 0.76 36.42 -6.64
C ARG I 159 -0.72 36.21 -6.36
N ASP I 160 -1.39 35.44 -7.20
CA ASP I 160 -2.81 35.18 -7.02
C ASP I 160 -3.08 34.34 -5.77
N LYS I 161 -2.21 33.37 -5.49
CA LYS I 161 -2.38 32.51 -4.32
C LYS I 161 -2.20 33.30 -3.01
N LEU I 162 -1.20 34.17 -2.99
CA LEU I 162 -0.91 34.95 -1.80
C LEU I 162 -1.68 36.27 -1.73
N ASN I 163 -2.34 36.61 -2.84
CA ASN I 163 -3.12 37.84 -2.96
C ASN I 163 -2.24 39.07 -2.71
N LYS I 164 -1.07 39.08 -3.34
CA LYS I 164 -0.12 40.18 -3.20
C LYS I 164 0.19 40.76 -4.57
N TYR I 165 0.00 42.07 -4.71
CA TYR I 165 0.20 42.73 -5.99
C TYR I 165 0.86 44.11 -5.90
N GLY I 166 1.51 44.50 -7.00
CA GLY I 166 2.11 45.81 -7.11
C GLY I 166 3.35 46.19 -6.33
N ARG I 167 4.09 45.22 -5.82
CA ARG I 167 5.31 45.52 -5.08
C ARG I 167 6.15 44.29 -4.92
N PRO I 168 7.46 44.46 -4.72
CA PRO I 168 8.32 43.31 -4.53
C PRO I 168 7.87 42.67 -3.22
N LEU I 169 8.14 41.38 -3.05
CA LEU I 169 7.77 40.70 -1.81
C LEU I 169 8.95 40.90 -0.86
N LEU I 170 8.71 40.75 0.44
CA LEU I 170 9.75 40.95 1.44
C LEU I 170 9.93 39.77 2.38
N GLY I 171 11.18 39.48 2.72
CA GLY I 171 11.44 38.38 3.63
C GLY I 171 12.64 38.64 4.51
N CYS I 172 12.78 37.84 5.56
CA CYS I 172 13.93 37.95 6.45
C CYS I 172 14.54 36.58 6.64
N THR I 173 15.85 36.49 6.49
CA THR I 173 16.56 35.23 6.66
C THR I 173 16.98 35.18 8.12
N ILE I 174 16.51 34.16 8.84
CA ILE I 174 16.81 34.03 10.27
C ILE I 174 18.26 33.78 10.62
N LYS I 175 18.74 34.56 11.59
CA LYS I 175 20.10 34.46 12.08
C LYS I 175 20.07 34.58 13.60
N PRO I 176 21.02 33.92 14.29
CA PRO I 176 22.09 33.11 13.68
C PRO I 176 21.48 31.85 13.06
N LYS I 177 22.02 31.44 11.92
CA LYS I 177 21.49 30.26 11.24
C LYS I 177 21.44 29.02 12.13
N LEU I 178 22.48 28.80 12.92
CA LEU I 178 22.50 27.65 13.81
C LEU I 178 22.86 28.08 15.22
N GLY I 179 22.22 27.48 16.21
CA GLY I 179 22.47 27.84 17.59
C GLY I 179 21.21 28.15 18.37
N LEU I 180 20.13 28.48 17.65
CA LEU I 180 18.88 28.79 18.31
C LEU I 180 18.05 27.52 18.46
N SER I 181 17.24 27.47 19.52
CA SER I 181 16.36 26.33 19.72
C SER I 181 15.26 26.53 18.69
N ALA I 182 14.52 25.47 18.36
CA ALA I 182 13.45 25.58 17.39
C ALA I 182 12.44 26.64 17.85
N LYS I 183 12.14 26.66 19.13
CA LYS I 183 11.18 27.64 19.62
C LYS I 183 11.68 29.08 19.53
N ASN I 184 12.92 29.34 19.94
CA ASN I 184 13.45 30.70 19.86
C ASN I 184 13.50 31.13 18.39
N TYR I 185 13.75 30.17 17.52
CA TYR I 185 13.82 30.39 16.09
C TYR I 185 12.44 30.87 15.59
N GLY I 186 11.39 30.13 15.96
CA GLY I 186 10.04 30.50 15.56
C GLY I 186 9.62 31.83 16.13
N ARG I 187 10.11 32.14 17.33
CA ARG I 187 9.77 33.41 17.97
C ARG I 187 10.29 34.55 17.09
N ALA I 188 11.52 34.41 16.63
CA ALA I 188 12.11 35.42 15.76
C ALA I 188 11.25 35.57 14.50
N CYS I 189 10.82 34.44 13.95
CA CYS I 189 10.00 34.45 12.75
C CYS I 189 8.69 35.23 12.95
N TYR I 190 7.99 34.92 14.04
CA TYR I 190 6.73 35.58 14.33
C TYR I 190 6.87 37.10 14.38
N GLU I 191 7.90 37.57 15.07
CA GLU I 191 8.11 39.01 15.20
C GLU I 191 8.41 39.68 13.86
N CYS I 192 9.16 39.02 12.99
CA CYS I 192 9.48 39.55 11.68
C CYS I 192 8.22 39.68 10.82
N LEU I 193 7.47 38.58 10.75
CA LEU I 193 6.25 38.52 9.96
C LEU I 193 5.18 39.51 10.40
N ARG I 194 5.00 39.66 11.71
CA ARG I 194 3.96 40.56 12.22
C ARG I 194 4.23 42.03 11.93
N GLY I 195 5.49 42.35 11.66
CA GLY I 195 5.87 43.73 11.38
C GLY I 195 5.68 44.17 9.94
N GLY I 196 5.38 43.23 9.05
CA GLY I 196 5.16 43.62 7.67
C GLY I 196 5.86 42.80 6.59
N LEU I 197 6.72 41.86 6.96
CA LEU I 197 7.39 41.04 5.96
C LEU I 197 6.44 39.94 5.51
N ASP I 198 6.58 39.50 4.26
CA ASP I 198 5.73 38.45 3.72
C ASP I 198 6.22 37.06 4.11
N PHE I 199 7.55 36.93 4.21
CA PHE I 199 8.17 35.66 4.54
C PHE I 199 9.35 35.75 5.49
N THR I 200 9.67 34.62 6.10
CA THR I 200 10.86 34.49 6.93
C THR I 200 11.50 33.28 6.24
N ASP I 202 14.60 29.90 6.23
CA ASP I 202 15.59 29.00 6.80
C ASP I 202 16.87 29.24 6.01
N ASP I 203 18.00 29.25 6.71
CA ASP I 203 19.27 29.42 6.00
C ASP I 203 19.45 28.19 5.11
N GLU I 204 20.26 28.31 4.07
CA GLU I 204 20.50 27.18 3.19
C GLU I 204 21.10 26.02 3.98
N ASN I 205 21.85 26.32 5.04
CA ASN I 205 22.50 25.30 5.86
C ASN I 205 21.57 24.61 6.85
N VAL I 206 20.46 25.28 7.16
CA VAL I 206 19.49 24.73 8.09
C VAL I 206 18.61 23.67 7.46
N ASN I 207 18.88 22.42 7.80
CA ASN I 207 18.14 21.26 7.30
C ASN I 207 17.62 20.61 8.59
N SER I 208 18.36 19.67 9.14
CA SER I 208 18.02 19.06 10.42
C SER I 208 19.35 18.83 11.11
N GLN I 209 19.50 19.35 12.32
CA GLN I 209 20.76 19.22 13.05
C GLN I 209 20.59 19.09 14.55
N PRO I 210 21.66 18.71 15.25
CA PRO I 210 21.54 18.60 16.71
C PRO I 210 21.09 19.95 17.24
N PHE I 211 20.22 19.94 18.24
CA PHE I 211 19.68 21.15 18.86
C PHE I 211 18.50 21.80 18.13
N MET I 212 18.34 21.49 16.85
CA MET I 212 17.18 21.99 16.10
C MET I 212 16.84 21.00 15.01
N ARG I 213 16.04 20.01 15.37
CA ARG I 213 15.62 18.98 14.43
C ARG I 213 14.51 19.58 13.58
N TRP I 214 14.48 19.20 12.29
CA TRP I 214 13.52 19.77 11.37
C TRP I 214 12.05 19.75 11.75
N ARG I 215 11.53 18.64 12.27
CA ARG I 215 10.11 18.61 12.58
C ARG I 215 9.72 19.62 13.67
N ASP I 216 10.60 19.82 14.65
CA ASP I 216 10.33 20.78 15.70
C ASP I 216 10.30 22.19 15.11
N ARG I 217 11.26 22.47 14.21
CA ARG I 217 11.31 23.77 13.57
C ARG I 217 10.04 24.03 12.76
N PHE I 218 9.59 23.02 12.03
CA PHE I 218 8.37 23.16 11.23
C PHE I 218 7.17 23.48 12.12
N VAL I 219 7.06 22.80 13.25
CA VAL I 219 5.97 23.04 14.18
C VAL I 219 5.95 24.48 14.71
N PHE I 220 7.08 24.93 15.24
CA PHE I 220 7.15 26.28 15.79
C PHE I 220 7.04 27.37 14.72
N CYS I 221 7.61 27.13 13.55
CA CYS I 221 7.51 28.12 12.48
C CYS I 221 6.06 28.19 11.99
N ALA I 222 5.36 27.07 12.04
CA ALA I 222 3.97 27.04 11.63
C ALA I 222 3.16 27.90 12.60
N GLU I 223 3.41 27.73 13.90
CA GLU I 223 2.69 28.53 14.89
C GLU I 223 2.94 30.02 14.61
N ALA I 224 4.18 30.37 14.29
CA ALA I 224 4.55 31.75 14.01
C ALA I 224 3.86 32.29 12.77
N ILE I 225 3.82 31.48 11.72
CA ILE I 225 3.17 31.88 10.48
C ILE I 225 1.71 32.24 10.74
N TYR I 226 0.99 31.35 11.38
CA TYR I 226 -0.42 31.58 11.64
C TYR I 226 -0.72 32.67 12.66
N LYS I 227 0.18 32.86 13.64
CA LYS I 227 -0.05 33.90 14.64
C LYS I 227 0.08 35.28 13.98
N SER I 228 1.12 35.46 13.17
CA SER I 228 1.34 36.73 12.49
C SER I 228 0.27 37.01 11.44
N GLN I 229 -0.18 35.97 10.75
CA GLN I 229 -1.21 36.12 9.73
C GLN I 229 -2.53 36.56 10.36
N ALA I 230 -2.87 35.97 11.50
CA ALA I 230 -4.10 36.33 12.19
C ALA I 230 -4.01 37.75 12.73
N GLU I 231 -2.82 38.13 13.18
CA GLU I 231 -2.62 39.46 13.73
C GLU I 231 -2.68 40.57 12.68
N THR I 232 -2.04 40.34 11.54
CA THR I 232 -1.98 41.35 10.47
C THR I 232 -3.09 41.28 9.42
N GLY I 233 -3.62 40.09 9.17
CA GLY I 233 -4.67 39.96 8.17
C GLY I 233 -4.12 39.67 6.79
N GLU I 234 -2.79 39.65 6.66
CA GLU I 234 -2.14 39.35 5.38
C GLU I 234 -1.57 37.94 5.40
N ILE I 235 -1.56 37.27 4.25
CA ILE I 235 -1.02 35.92 4.15
C ILE I 235 0.49 35.91 4.41
N LYS I 236 0.93 34.98 5.26
CA LYS I 236 2.33 34.86 5.62
C LYS I 236 2.90 33.48 5.29
N GLY I 237 4.23 33.40 5.22
CA GLY I 237 4.87 32.14 4.93
C GLY I 237 6.29 32.09 5.47
N HIS I 238 6.87 30.89 5.48
CA HIS I 238 8.24 30.72 5.93
C HIS I 238 8.86 29.66 5.02
N TYR I 239 9.99 29.98 4.41
CA TYR I 239 10.61 28.98 3.53
C TYR I 239 11.19 27.86 4.38
N LEU I 240 10.43 26.79 4.54
CA LEU I 240 10.84 25.63 5.32
C LEU I 240 11.76 24.78 4.44
N ASN I 241 13.04 24.74 4.80
CA ASN I 241 14.02 23.99 4.02
C ASN I 241 13.80 22.49 4.09
N ALA I 242 13.55 21.87 2.94
CA ALA I 242 13.32 20.43 2.88
C ALA I 242 14.56 19.70 2.33
N THR I 243 15.65 20.44 2.12
CA THR I 243 16.89 19.87 1.62
C THR I 243 17.31 18.77 2.58
N ALA I 244 17.67 17.60 2.04
CA ALA I 244 18.04 16.49 2.90
C ALA I 244 19.10 15.57 2.30
N GLY I 245 19.51 14.58 3.09
CA GLY I 245 20.52 13.64 2.62
C GLY I 245 20.03 12.65 1.60
N THR I 246 18.74 12.34 1.64
CA THR I 246 18.12 11.38 0.73
C THR I 246 16.79 11.93 0.22
N CYS I 247 16.31 11.38 -0.89
CA CYS I 247 15.04 11.83 -1.44
C CYS I 247 13.90 11.45 -0.51
N GLU I 248 14.05 10.33 0.18
CA GLU I 248 13.01 9.89 1.12
C GLU I 248 12.83 10.93 2.22
N GLU I 249 13.94 11.44 2.77
CA GLU I 249 13.89 12.44 3.83
C GLU I 249 13.35 13.77 3.32
N MET I 250 13.78 14.16 2.12
CA MET I 250 13.33 15.40 1.51
C MET I 250 11.80 15.41 1.36
N ILE I 251 11.25 14.33 0.81
CA ILE I 251 9.80 14.24 0.62
C ILE I 251 9.06 14.20 1.95
N LYS I 252 9.63 13.49 2.92
CA LYS I 252 9.03 13.38 4.25
C LYS I 252 8.84 14.77 4.87
N ARG I 253 9.79 15.66 4.62
CA ARG I 253 9.69 17.02 5.14
C ARG I 253 8.64 17.83 4.39
N ALA I 254 8.58 17.68 3.07
CA ALA I 254 7.58 18.40 2.29
C ALA I 254 6.18 17.90 2.67
N VAL I 255 6.08 16.61 3.00
CA VAL I 255 4.80 16.01 3.39
C VAL I 255 4.26 16.63 4.69
N PHE I 256 5.15 16.89 5.66
CA PHE I 256 4.69 17.48 6.91
C PHE I 256 4.29 18.94 6.69
N ALA I 257 5.00 19.65 5.80
CA ALA I 257 4.65 21.03 5.51
C ALA I 257 3.26 21.02 4.89
N ARG I 258 3.00 20.03 4.06
CA ARG I 258 1.70 19.89 3.41
C ARG I 258 0.63 19.69 4.49
N GLU I 259 0.89 18.80 5.44
CA GLU I 259 -0.05 18.54 6.52
C GLU I 259 -0.35 19.80 7.33
N LEU I 260 0.70 20.60 7.57
CA LEU I 260 0.55 21.83 8.33
C LEU I 260 -0.22 22.89 7.57
N GLY I 261 -0.33 22.69 6.26
CA GLY I 261 -1.07 23.61 5.41
C GLY I 261 -0.37 24.92 5.09
N VAL I 262 0.94 24.98 5.29
CA VAL I 262 1.70 26.19 5.01
C VAL I 262 1.87 26.38 3.51
N PRO I 263 2.10 27.62 3.07
CA PRO I 263 2.24 27.90 1.64
C PRO I 263 3.54 27.64 0.89
N ILE I 264 4.66 27.57 1.60
CA ILE I 264 5.91 27.44 0.87
C ILE I 264 7.03 26.64 1.56
N VAL I 265 7.79 25.89 0.75
CA VAL I 265 8.92 25.11 1.25
C VAL I 265 10.16 25.55 0.46
N MET I 266 11.32 25.03 0.84
CA MET I 266 12.57 25.43 0.22
C MET I 266 13.51 24.27 -0.11
N HIS I 267 14.40 24.49 -1.09
CA HIS I 267 15.37 23.47 -1.47
C HIS I 267 16.65 24.11 -2.01
N ASP I 268 17.80 23.53 -1.67
CA ASP I 268 19.09 24.01 -2.17
C ASP I 268 19.28 23.13 -3.40
N TYR I 269 18.83 23.60 -4.56
CA TYR I 269 18.89 22.76 -5.74
C TYR I 269 20.21 22.25 -6.26
N LEU I 270 21.28 23.01 -6.12
CA LEU I 270 22.58 22.56 -6.62
C LEU I 270 23.24 21.51 -5.71
N THR I 271 23.13 21.69 -4.40
CA THR I 271 23.73 20.73 -3.48
C THR I 271 22.85 19.50 -3.32
N GLY I 272 21.54 19.68 -3.39
CA GLY I 272 20.65 18.53 -3.30
C GLY I 272 20.69 17.79 -4.63
N GLY I 273 20.76 18.55 -5.73
CA GLY I 273 20.83 17.94 -7.04
C GLY I 273 19.57 18.07 -7.87
N PHE I 274 19.71 18.02 -9.18
CA PHE I 274 18.58 18.16 -10.09
C PHE I 274 17.59 17.02 -10.06
N THR I 275 18.06 15.79 -9.88
CA THR I 275 17.14 14.66 -9.84
C THR I 275 16.21 14.84 -8.64
N ALA I 276 16.76 15.22 -7.50
CA ALA I 276 15.95 15.42 -6.30
C ALA I 276 15.09 16.68 -6.44
N ASN I 277 15.66 17.73 -7.00
CA ASN I 277 14.89 18.96 -7.15
C ASN I 277 13.68 18.77 -8.04
N THR I 278 13.85 18.05 -9.14
CA THR I 278 12.74 17.82 -10.05
C THR I 278 11.66 17.03 -9.33
N SER I 279 12.06 16.05 -8.53
CA SER I 279 11.08 15.27 -7.77
C SER I 279 10.32 16.16 -6.82
N LEU I 280 11.03 17.07 -6.15
CA LEU I 280 10.38 17.98 -5.22
C LEU I 280 9.44 18.94 -5.95
N ALA I 281 9.87 19.43 -7.11
CA ALA I 281 9.04 20.34 -7.87
C ALA I 281 7.72 19.68 -8.27
N HIS I 282 7.78 18.38 -8.56
CA HIS I 282 6.57 17.63 -8.92
C HIS I 282 5.67 17.50 -7.70
N TYR I 283 6.27 17.17 -6.56
CA TYR I 283 5.49 17.04 -5.33
C TYR I 283 4.79 18.37 -5.03
N CYS I 284 5.52 19.48 -5.17
CA CYS I 284 4.95 20.79 -4.90
C CYS I 284 3.79 21.12 -5.85
N ARG I 285 3.92 20.76 -7.12
CA ARG I 285 2.85 20.99 -8.08
C ARG I 285 1.63 20.17 -7.67
N ASP I 286 1.85 18.92 -7.31
CA ASP I 286 0.78 18.01 -6.92
C ASP I 286 0.10 18.37 -5.60
N ASN I 287 0.76 19.18 -4.77
CA ASN I 287 0.21 19.53 -3.46
C ASN I 287 0.02 21.02 -3.15
N GLY I 288 0.10 21.86 -4.17
CA GLY I 288 -0.12 23.28 -4.01
C GLY I 288 0.91 24.07 -3.21
N LEU I 289 2.12 23.54 -3.10
CA LEU I 289 3.18 24.21 -2.36
C LEU I 289 4.09 25.06 -3.24
N LEU I 290 4.39 26.28 -2.79
CA LEU I 290 5.31 27.15 -3.49
C LEU I 290 6.70 26.62 -3.17
N LEU I 291 7.65 26.82 -4.08
CA LEU I 291 9.01 26.31 -3.87
C LEU I 291 10.09 27.38 -4.00
N HIS I 292 10.71 27.73 -2.87
CA HIS I 292 11.77 28.73 -2.84
C HIS I 292 13.10 28.02 -3.07
N ILE I 293 13.85 28.45 -4.08
CA ILE I 293 15.13 27.82 -4.40
C ILE I 293 16.34 28.64 -4.03
N HIS I 294 17.25 28.05 -3.24
CA HIS I 294 18.49 28.71 -2.84
C HIS I 294 19.59 28.16 -3.75
N ARG I 295 20.46 29.03 -4.25
CA ARG I 295 21.52 28.61 -5.15
C ARG I 295 22.87 28.29 -4.50
N ALA I 296 22.84 27.82 -3.26
CA ALA I 296 24.07 27.47 -2.54
C ALA I 296 25.03 26.68 -3.42
N MET I 297 26.31 27.05 -3.34
CA MET I 297 27.40 26.43 -4.09
C MET I 297 27.60 26.94 -5.53
N HIS I 298 26.70 27.79 -6.00
CA HIS I 298 26.80 28.28 -7.37
C HIS I 298 28.14 28.96 -7.69
N ALA I 299 28.71 29.68 -6.73
CA ALA I 299 29.97 30.40 -6.93
C ALA I 299 31.16 29.46 -7.16
N VAL I 300 31.02 28.21 -6.76
CA VAL I 300 32.09 27.23 -6.97
C VAL I 300 32.22 27.01 -8.48
N ILE I 301 31.07 27.15 -9.16
CA ILE I 301 30.95 26.93 -10.60
C ILE I 301 30.86 28.17 -11.49
N ASP I 302 30.16 29.19 -11.02
CA ASP I 302 29.91 30.37 -11.84
C ASP I 302 30.67 31.66 -11.58
N ARG I 303 31.67 31.64 -10.73
CA ARG I 303 32.38 32.88 -10.42
C ARG I 303 33.43 33.33 -11.43
N GLN I 304 34.35 32.43 -11.77
CA GLN I 304 35.44 32.77 -12.67
C GLN I 304 35.01 32.86 -14.13
N LYS I 305 35.41 33.93 -14.80
CA LYS I 305 35.07 34.14 -16.20
C LYS I 305 35.70 33.12 -17.15
N ASN I 306 36.86 32.58 -16.79
CA ASN I 306 37.56 31.64 -17.65
C ASN I 306 37.12 30.19 -17.59
N HIS I 307 36.46 29.79 -16.51
CA HIS I 307 36.09 28.39 -16.39
C HIS I 307 34.85 28.15 -15.53
N GLY I 308 34.02 27.21 -15.95
CA GLY I 308 32.82 26.87 -15.21
C GLY I 308 31.56 26.96 -16.04
N MET I 309 30.51 27.49 -15.43
CA MET I 309 29.22 27.68 -16.10
C MET I 309 28.65 28.97 -15.56
N HIS I 310 28.25 29.88 -16.44
CA HIS I 310 27.69 31.15 -15.98
C HIS I 310 26.36 30.87 -15.28
N PHE I 311 26.02 31.69 -14.29
CA PHE I 311 24.79 31.48 -13.56
C PHE I 311 23.56 31.43 -14.45
N ARG I 312 23.54 32.14 -15.56
CA ARG I 312 22.36 32.13 -16.41
C ARG I 312 22.00 30.73 -16.89
N VAL I 313 23.00 29.86 -17.04
CA VAL I 313 22.72 28.48 -17.47
C VAL I 313 22.11 27.73 -16.30
N LEU I 314 22.63 27.98 -15.09
CA LEU I 314 22.12 27.34 -13.89
C LEU I 314 20.71 27.85 -13.59
N ALA I 315 20.43 29.08 -14.04
CA ALA I 315 19.12 29.68 -13.83
C ALA I 315 18.09 29.05 -14.77
N LYS I 316 18.47 28.89 -16.03
CA LYS I 316 17.58 28.28 -17.01
C LYS I 316 17.25 26.85 -16.59
N ALA I 317 18.26 26.14 -16.09
CA ALA I 317 18.08 24.76 -15.65
C ALA I 317 17.10 24.70 -14.49
N LEU I 318 17.18 25.66 -13.58
CA LEU I 318 16.27 25.65 -12.45
C LEU I 318 14.84 25.92 -12.93
N ARG I 319 14.66 26.86 -13.84
CA ARG I 319 13.32 27.15 -14.33
C ARG I 319 12.72 25.86 -14.92
N MET I 320 13.54 25.11 -15.64
CA MET I 320 13.12 23.86 -16.25
C MET I 320 12.84 22.75 -15.23
N SER I 321 13.77 22.55 -14.30
CA SER I 321 13.64 21.52 -13.27
C SER I 321 12.45 21.86 -12.37
N GLY I 322 12.33 23.13 -12.01
CA GLY I 322 11.22 23.57 -11.19
C GLY I 322 11.53 24.35 -9.93
N GLY I 323 10.98 25.57 -9.86
CA GLY I 323 11.17 26.42 -8.70
C GLY I 323 10.28 27.65 -8.85
N ASP I 324 9.77 28.19 -7.76
CA ASP I 324 8.92 29.38 -7.83
C ASP I 324 9.69 30.66 -7.52
N HIS I 325 10.76 30.53 -6.73
CA HIS I 325 11.66 31.65 -6.40
C HIS I 325 13.05 31.11 -6.65
N ILE I 326 13.99 32.01 -6.93
CA ILE I 326 15.39 31.61 -7.07
C ILE I 326 16.26 32.83 -6.76
N HIS I 327 17.27 32.63 -5.92
CA HIS I 327 18.17 33.71 -5.57
C HIS I 327 18.90 34.17 -6.80
N ALA I 328 19.01 35.49 -6.96
CA ALA I 328 19.66 36.07 -8.12
C ALA I 328 20.76 37.09 -7.79
N GLY I 329 21.19 37.17 -6.53
CA GLY I 329 22.26 38.09 -6.21
C GLY I 329 21.97 39.18 -5.22
N THR I 330 22.70 40.29 -5.36
CA THR I 330 22.57 41.45 -4.48
C THR I 330 22.39 42.71 -5.30
N GLU I 338 27.24 42.01 -11.58
CA GLU I 338 27.22 42.99 -12.71
C GLU I 338 25.77 43.30 -13.08
N ARG I 339 25.46 44.59 -13.27
CA ARG I 339 24.11 45.03 -13.58
C ARG I 339 23.49 44.55 -14.90
N GLU I 340 24.15 44.82 -16.02
CA GLU I 340 23.61 44.38 -17.32
C GLU I 340 23.42 42.87 -17.38
N MET I 341 24.40 42.13 -16.87
CA MET I 341 24.31 40.68 -16.89
C MET I 341 23.18 40.18 -16.01
N THR I 342 22.96 40.84 -14.89
CA THR I 342 21.88 40.43 -13.98
C THR I 342 20.51 40.67 -14.61
N LEU I 343 20.32 41.85 -15.21
CA LEU I 343 19.04 42.16 -15.85
C LEU I 343 18.79 41.12 -16.93
N GLY I 344 19.88 40.69 -17.56
CA GLY I 344 19.77 39.71 -18.62
C GLY I 344 19.22 38.38 -18.15
N PHE I 345 19.81 37.79 -17.10
CA PHE I 345 19.29 36.51 -16.66
C PHE I 345 18.00 36.62 -15.86
N VAL I 346 17.68 37.82 -15.38
CA VAL I 346 16.42 38.01 -14.67
C VAL I 346 15.32 37.87 -15.72
N ASP I 347 15.54 38.45 -16.90
CA ASP I 347 14.56 38.34 -17.97
C ASP I 347 14.47 36.87 -18.41
N LEU I 348 15.60 36.18 -18.46
CA LEU I 348 15.59 34.78 -18.85
C LEU I 348 14.79 33.95 -17.86
N LEU I 349 14.75 34.39 -16.61
CA LEU I 349 14.01 33.69 -15.57
C LEU I 349 12.52 34.02 -15.51
N ARG I 350 12.17 35.27 -15.81
CA ARG I 350 10.78 35.70 -15.71
C ARG I 350 9.94 35.78 -16.99
N ASP I 351 10.57 36.19 -18.09
CA ASP I 351 9.84 36.39 -19.33
C ASP I 351 9.54 35.16 -20.18
N ASP I 352 8.58 35.33 -21.09
CA ASP I 352 8.17 34.26 -21.98
C ASP I 352 9.06 34.23 -23.22
N PHE I 353 9.49 35.41 -23.66
CA PHE I 353 10.35 35.51 -24.84
C PHE I 353 11.44 36.52 -24.59
N ILE I 354 12.70 36.10 -24.78
CA ILE I 354 13.84 36.98 -24.57
C ILE I 354 14.70 37.02 -25.82
N GLU I 355 14.78 38.19 -26.45
CA GLU I 355 15.57 38.33 -27.66
C GLU I 355 17.07 38.32 -27.39
N LYS I 356 17.82 37.79 -28.35
CA LYS I 356 19.28 37.75 -28.26
C LYS I 356 19.77 39.15 -27.93
N ASP I 357 20.65 39.24 -26.94
CA ASP I 357 21.20 40.53 -26.51
C ASP I 357 22.53 40.28 -25.80
N ARG I 358 23.61 40.24 -26.58
CA ARG I 358 24.94 39.98 -26.04
C ARG I 358 25.42 41.00 -25.02
N ALA I 359 24.94 42.23 -25.13
CA ALA I 359 25.34 43.28 -24.19
C ALA I 359 24.84 42.90 -22.80
N ARG I 360 23.91 41.96 -22.74
CA ARG I 360 23.36 41.50 -21.47
C ARG I 360 23.60 40.02 -21.22
N GLY I 361 24.56 39.44 -21.93
CA GLY I 361 24.88 38.03 -21.75
C GLY I 361 23.89 37.05 -22.34
N ILE I 362 22.95 37.55 -23.13
CA ILE I 362 21.96 36.67 -23.76
C ILE I 362 22.47 36.32 -25.15
N PHE I 363 23.15 35.17 -25.25
CA PHE I 363 23.74 34.71 -26.50
C PHE I 363 22.76 34.13 -27.51
N PHE I 364 21.59 33.72 -27.02
CA PHE I 364 20.58 33.12 -27.87
C PHE I 364 19.19 33.65 -27.55
N THR I 365 18.35 33.77 -28.57
CA THR I 365 16.97 34.19 -28.34
C THR I 365 16.35 33.00 -27.65
N GLN I 366 15.65 33.24 -26.53
CA GLN I 366 15.03 32.17 -25.77
C GLN I 366 13.51 32.32 -25.72
N ASP I 367 12.81 31.30 -26.18
CA ASP I 367 11.35 31.26 -26.21
C ASP I 367 10.89 30.15 -25.27
N TRP I 368 10.19 30.52 -24.20
CA TRP I 368 9.74 29.55 -23.21
C TRP I 368 8.34 28.98 -23.45
N VAL I 369 7.72 29.38 -24.55
CA VAL I 369 6.37 28.91 -24.92
C VAL I 369 5.41 28.69 -23.75
N SER I 370 5.23 29.74 -22.96
CA SER I 370 4.32 29.76 -21.82
C SER I 370 4.70 29.02 -20.54
N MET I 371 5.94 28.54 -20.45
CA MET I 371 6.35 27.92 -19.21
C MET I 371 6.37 29.10 -18.24
N PRO I 372 5.81 28.94 -17.03
CA PRO I 372 5.79 30.05 -16.07
C PRO I 372 7.18 30.54 -15.70
N GLY I 373 7.24 31.80 -15.25
CA GLY I 373 8.50 32.39 -14.85
C GLY I 373 8.78 32.18 -13.38
N VAL I 374 10.01 32.46 -12.98
CA VAL I 374 10.48 32.31 -11.60
C VAL I 374 10.77 33.68 -11.00
N ILE I 375 10.38 33.88 -9.76
CA ILE I 375 10.62 35.16 -9.09
C ILE I 375 12.06 35.24 -8.60
N PRO I 376 12.82 36.25 -9.07
CA PRO I 376 14.21 36.40 -8.62
C PRO I 376 14.25 36.97 -7.20
N VAL I 377 15.20 36.49 -6.41
CA VAL I 377 15.36 36.93 -5.03
C VAL I 377 16.69 37.63 -4.80
N ALA I 378 16.64 38.84 -4.24
CA ALA I 378 17.85 39.62 -3.94
C ALA I 378 18.15 39.45 -2.46
N SER I 379 19.43 39.27 -2.12
CA SER I 379 19.83 39.06 -0.74
C SER I 379 21.22 39.64 -0.50
N GLY I 380 21.80 39.31 0.64
CA GLY I 380 23.12 39.81 0.98
C GLY I 380 23.08 40.95 2.00
N GLY I 381 24.10 41.78 1.96
CA GLY I 381 24.17 42.89 2.90
C GLY I 381 23.40 44.12 2.46
N ILE I 382 22.08 43.97 2.32
CA ILE I 382 21.24 45.08 1.90
C ILE I 382 20.40 45.57 3.08
N HIS I 383 20.07 46.85 3.04
CA HIS I 383 19.25 47.48 4.08
C HIS I 383 18.36 48.56 3.48
N VAL I 384 17.58 49.21 4.33
CA VAL I 384 16.65 50.24 3.88
C VAL I 384 17.13 51.24 2.83
N TRP I 385 18.37 51.68 2.93
CA TRP I 385 18.89 52.65 1.96
C TRP I 385 19.04 52.09 0.54
N HIS I 386 19.03 50.76 0.41
CA HIS I 386 19.16 50.12 -0.89
C HIS I 386 17.80 49.87 -1.54
N MET I 387 16.73 50.09 -0.78
CA MET I 387 15.37 49.83 -1.28
C MET I 387 15.05 50.48 -2.62
N PRO I 388 15.40 51.77 -2.81
CA PRO I 388 15.07 52.40 -4.09
C PRO I 388 15.77 51.70 -5.26
N ALA I 389 17.06 51.42 -5.09
CA ALA I 389 17.85 50.77 -6.12
C ALA I 389 17.31 49.38 -6.44
N LEU I 390 17.04 48.60 -5.40
CA LEU I 390 16.52 47.25 -5.58
C LEU I 390 15.19 47.26 -6.33
N THR I 391 14.32 48.20 -5.98
CA THR I 391 13.03 48.32 -6.63
C THR I 391 13.19 48.72 -8.09
N GLU I 392 14.13 49.63 -8.35
CA GLU I 392 14.39 50.10 -9.71
C GLU I 392 14.96 48.98 -10.58
N ILE I 393 15.93 48.24 -10.04
CA ILE I 393 16.58 47.16 -10.77
C ILE I 393 15.67 45.97 -11.08
N PHE I 394 15.06 45.41 -10.05
CA PHE I 394 14.22 44.23 -10.19
C PHE I 394 12.74 44.45 -10.51
N GLY I 395 12.20 45.59 -10.09
CA GLY I 395 10.79 45.85 -10.35
C GLY I 395 9.96 45.07 -9.35
N ASP I 396 8.65 45.05 -9.55
CA ASP I 396 7.75 44.36 -8.63
C ASP I 396 7.90 42.86 -8.49
N ASP I 397 8.18 42.17 -9.59
CA ASP I 397 8.30 40.71 -9.52
C ASP I 397 9.66 40.24 -9.00
N SER I 398 9.82 40.35 -7.70
CA SER I 398 11.05 39.96 -7.04
C SER I 398 10.76 39.81 -5.56
N VAL I 399 11.71 39.21 -4.85
CA VAL I 399 11.60 39.06 -3.40
C VAL I 399 12.88 39.68 -2.88
N LEU I 400 12.75 40.55 -1.89
CA LEU I 400 13.92 41.21 -1.31
C LEU I 400 14.10 40.65 0.10
N GLN I 401 15.21 39.95 0.33
CA GLN I 401 15.51 39.33 1.62
C GLN I 401 16.44 40.17 2.49
N PHE I 402 15.97 40.52 3.69
CA PHE I 402 16.77 41.29 4.64
C PHE I 402 17.01 40.53 5.94
N GLY I 403 18.20 39.96 6.07
CA GLY I 403 18.54 39.22 7.27
C GLY I 403 19.00 40.19 8.34
N GLY I 404 20.25 40.61 8.25
CA GLY I 404 20.78 41.55 9.22
C GLY I 404 19.99 42.85 9.15
N GLY I 405 19.46 43.14 7.96
CA GLY I 405 18.68 44.35 7.77
C GLY I 405 17.38 44.38 8.54
N THR I 406 17.02 43.24 9.14
CA THR I 406 15.79 43.15 9.92
C THR I 406 16.09 42.86 11.39
N LEU I 407 16.81 41.77 11.64
CA LEU I 407 17.16 41.42 13.01
C LEU I 407 18.20 42.35 13.59
N GLY I 408 18.66 43.30 12.79
CA GLY I 408 19.66 44.24 13.24
C GLY I 408 19.07 45.60 13.62
N HIS I 409 17.77 45.76 13.45
CA HIS I 409 17.10 47.02 13.80
C HIS I 409 17.22 47.19 15.31
N PRO I 410 17.56 48.40 15.77
CA PRO I 410 17.72 48.66 17.20
C PRO I 410 16.50 48.41 18.09
N TRP I 411 15.31 48.36 17.48
CA TRP I 411 14.09 48.15 18.26
C TRP I 411 13.54 46.72 18.17
N GLY I 412 14.24 45.85 17.44
CA GLY I 412 13.76 44.48 17.32
C GLY I 412 13.22 44.11 15.94
N ASN I 413 12.82 42.86 15.80
CA ASN I 413 12.30 42.33 14.54
C ASN I 413 11.04 42.97 13.97
N ALA I 414 10.02 43.16 14.81
CA ALA I 414 8.78 43.76 14.33
C ALA I 414 9.04 45.16 13.78
N PRO I 415 9.72 46.02 14.56
CA PRO I 415 9.99 47.38 14.05
C PRO I 415 10.92 47.34 12.84
N GLY I 416 11.81 46.36 12.80
CA GLY I 416 12.73 46.23 11.68
C GLY I 416 11.99 45.85 10.42
N ALA I 417 11.00 44.97 10.56
CA ALA I 417 10.19 44.54 9.44
C ALA I 417 9.37 45.72 8.95
N ALA I 418 8.80 46.48 9.88
CA ALA I 418 8.00 47.63 9.53
C ALA I 418 8.83 48.66 8.77
N ALA I 419 10.07 48.86 9.21
CA ALA I 419 10.95 49.82 8.55
C ALA I 419 11.16 49.41 7.09
N ASN I 420 11.42 48.13 6.86
CA ASN I 420 11.62 47.66 5.50
C ASN I 420 10.34 47.74 4.67
N ARG I 421 9.22 47.37 5.26
CA ARG I 421 7.94 47.41 4.55
C ARG I 421 7.58 48.85 4.18
N VAL I 422 7.82 49.77 5.10
CA VAL I 422 7.53 51.20 4.88
C VAL I 422 8.46 51.75 3.79
N ALA I 423 9.74 51.43 3.88
CA ALA I 423 10.71 51.90 2.89
C ALA I 423 10.30 51.41 1.50
N LEU I 424 9.90 50.15 1.40
CA LEU I 424 9.49 49.60 0.13
C LEU I 424 8.25 50.26 -0.43
N GLU I 425 7.22 50.42 0.41
CA GLU I 425 5.99 51.02 -0.08
C GLU I 425 6.20 52.48 -0.46
N ALA I 426 7.13 53.17 0.21
CA ALA I 426 7.41 54.56 -0.11
C ALA I 426 8.04 54.62 -1.51
N CYS I 427 8.92 53.66 -1.81
CA CYS I 427 9.57 53.60 -3.11
C CYS I 427 8.54 53.28 -4.19
N VAL I 428 7.68 52.30 -3.91
CA VAL I 428 6.63 51.91 -4.84
C VAL I 428 5.72 53.09 -5.14
N GLN I 429 5.26 53.78 -4.10
CA GLN I 429 4.38 54.93 -4.31
C GLN I 429 5.06 55.97 -5.20
N ALA I 430 6.31 56.29 -4.88
CA ALA I 430 7.06 57.28 -5.65
C ALA I 430 7.23 56.85 -7.10
N ARG I 431 7.62 55.60 -7.31
CA ARG I 431 7.81 55.09 -8.67
C ARG I 431 6.50 55.19 -9.44
N ASN I 432 5.42 54.76 -8.80
CA ASN I 432 4.10 54.80 -9.42
C ASN I 432 3.70 56.21 -9.83
N GLU I 433 4.15 57.19 -9.07
CA GLU I 433 3.83 58.59 -9.36
C GLU I 433 4.69 59.15 -10.48
N GLY I 434 5.70 58.38 -10.88
CA GLY I 434 6.57 58.82 -11.96
C GLY I 434 7.93 59.34 -11.54
N ARG I 435 8.28 59.18 -10.28
CA ARG I 435 9.57 59.66 -9.78
C ARG I 435 10.71 58.73 -10.19
N ASP I 436 11.91 59.29 -10.27
CA ASP I 436 13.11 58.54 -10.65
C ASP I 436 13.78 57.92 -9.42
N LEU I 437 13.60 56.63 -9.23
CA LEU I 437 14.19 55.93 -8.09
C LEU I 437 15.72 55.95 -8.13
N ALA I 438 16.28 55.94 -9.33
CA ALA I 438 17.73 55.94 -9.50
C ALA I 438 18.39 57.25 -9.11
N ARG I 439 17.61 58.32 -9.02
CA ARG I 439 18.17 59.63 -8.68
C ARG I 439 17.57 60.26 -7.43
N GLU I 440 16.32 59.93 -7.14
CA GLU I 440 15.63 60.49 -5.97
C GLU I 440 15.56 59.51 -4.82
N GLY I 441 16.26 58.38 -4.96
CA GLY I 441 16.25 57.36 -3.93
C GLY I 441 16.40 57.83 -2.49
N ASN I 442 17.50 58.51 -2.19
CA ASN I 442 17.74 58.99 -0.82
C ASN I 442 16.66 59.95 -0.33
N GLU I 443 16.18 60.83 -1.22
CA GLU I 443 15.15 61.78 -0.83
C GLU I 443 13.85 61.07 -0.48
N ILE I 444 13.49 60.07 -1.27
CA ILE I 444 12.28 59.30 -1.03
C ILE I 444 12.33 58.65 0.35
N ILE I 445 13.46 58.05 0.68
CA ILE I 445 13.63 57.41 1.97
C ILE I 445 13.62 58.44 3.10
N ARG I 446 14.32 59.56 2.91
CA ARG I 446 14.36 60.58 3.95
C ARG I 446 12.97 61.13 4.25
N SER I 447 12.14 61.26 3.21
CA SER I 447 10.79 61.77 3.39
C SER I 447 9.95 60.80 4.21
N ALA I 448 10.14 59.50 3.96
CA ALA I 448 9.39 58.49 4.69
C ALA I 448 9.82 58.48 6.15
N CYS I 449 11.07 58.87 6.40
CA CYS I 449 11.57 58.91 7.77
C CYS I 449 10.81 59.95 8.60
N LYS I 450 10.27 60.96 7.93
CA LYS I 450 9.51 62.01 8.60
C LYS I 450 8.31 61.49 9.39
N TRP I 451 7.58 60.54 8.82
CA TRP I 451 6.40 60.01 9.49
C TRP I 451 6.52 58.58 10.02
N SER I 452 7.67 57.96 9.81
CA SER I 452 7.90 56.59 10.29
C SER I 452 9.09 56.52 11.23
N PRO I 453 8.83 56.50 12.55
CA PRO I 453 9.92 56.42 13.54
C PRO I 453 10.73 55.14 13.36
N GLU I 454 10.06 54.07 12.95
CA GLU I 454 10.73 52.79 12.74
C GLU I 454 11.76 52.92 11.63
N LEU I 455 11.37 53.53 10.51
CA LEU I 455 12.31 53.71 9.39
C LEU I 455 13.41 54.68 9.79
N ALA I 456 13.04 55.76 10.48
CA ALA I 456 14.01 56.75 10.92
C ALA I 456 15.10 56.09 11.75
N ALA I 457 14.71 55.20 12.65
CA ALA I 457 15.67 54.50 13.51
C ALA I 457 16.59 53.59 12.71
N ALA I 458 16.06 52.96 11.67
CA ALA I 458 16.85 52.08 10.82
C ALA I 458 17.85 52.89 10.00
N CYS I 459 17.36 53.96 9.38
CA CYS I 459 18.21 54.80 8.55
C CYS I 459 19.41 55.38 9.30
N GLU I 460 19.24 55.65 10.58
CA GLU I 460 20.32 56.21 11.38
C GLU I 460 21.46 55.24 11.60
N ILE I 461 21.15 53.95 11.64
CA ILE I 461 22.16 52.92 11.87
C ILE I 461 23.01 52.52 10.67
N TRP I 462 22.39 52.40 9.50
CA TRP I 462 23.13 51.98 8.31
C TRP I 462 23.35 53.01 7.21
N LYS I 463 23.51 54.27 7.58
CA LYS I 463 23.72 55.33 6.59
C LYS I 463 25.11 55.28 5.96
N MET J 2 13.15 53.09 22.22
CA MET J 2 12.67 51.86 21.60
C MET J 2 11.13 51.86 21.66
N GLN J 3 10.49 51.73 20.50
CA GLN J 3 9.03 51.71 20.45
C GLN J 3 8.52 50.33 20.05
N VAL J 4 7.34 49.98 20.55
CA VAL J 4 6.75 48.68 20.29
C VAL J 4 5.70 48.68 19.18
N TRP J 5 5.89 47.81 18.20
CA TRP J 5 4.96 47.73 17.09
C TRP J 5 3.60 47.24 17.62
N PRO J 6 2.53 47.99 17.33
CA PRO J 6 1.17 47.65 17.78
C PRO J 6 0.72 46.23 17.43
N ILE J 7 -0.05 45.62 18.34
CA ILE J 7 -0.56 44.28 18.11
C ILE J 7 -2.02 44.30 17.67
N GLU J 8 -2.67 45.45 17.83
CA GLU J 8 -4.07 45.57 17.45
C GLU J 8 -4.39 46.90 16.76
N GLY J 9 -5.49 46.90 16.01
CA GLY J 9 -5.93 48.09 15.31
C GLY J 9 -5.06 48.53 14.15
N ILE J 10 -4.12 47.67 13.75
CA ILE J 10 -3.21 47.98 12.65
C ILE J 10 -3.29 46.90 11.56
N LYS J 11 -4.42 46.22 11.44
CA LYS J 11 -4.53 45.19 10.41
C LYS J 11 -4.30 45.81 9.04
N LYS J 12 -3.72 45.01 8.15
CA LYS J 12 -3.34 45.49 6.83
C LYS J 12 -4.09 44.99 5.61
N PHE J 13 -3.79 45.61 4.48
CA PHE J 13 -4.45 45.31 3.22
C PHE J 13 -3.45 45.29 2.06
N GLU J 14 -2.29 44.70 2.33
CA GLU J 14 -1.24 44.60 1.35
C GLU J 14 -0.66 45.92 0.87
N THR J 15 -0.30 46.00 -0.42
CA THR J 15 0.36 47.19 -0.95
C THR J 15 -0.21 48.57 -0.67
N LEU J 16 0.65 49.39 -0.08
CA LEU J 16 0.38 50.79 0.28
C LEU J 16 -0.29 50.97 1.65
N SER J 17 -0.68 49.86 2.29
CA SER J 17 -1.35 49.96 3.57
C SER J 17 -0.45 50.27 4.77
N TYR J 18 0.85 50.42 4.53
CA TYR J 18 1.77 50.76 5.61
C TYR J 18 2.10 52.25 5.52
N LEU J 19 1.55 52.90 4.50
CA LEU J 19 1.74 54.33 4.30
C LEU J 19 0.63 55.06 5.04
N PRO J 20 0.82 56.36 5.33
CA PRO J 20 -0.23 57.10 6.03
C PRO J 20 -1.46 57.15 5.13
N PRO J 21 -2.65 57.41 5.71
CA PRO J 21 -3.87 57.48 4.91
C PRO J 21 -3.64 58.36 3.67
N LEU J 22 -3.97 57.84 2.51
CA LEU J 22 -3.79 58.57 1.25
C LEU J 22 -4.76 59.73 1.10
N THR J 23 -4.25 60.88 0.66
CA THR J 23 -5.10 62.05 0.45
C THR J 23 -5.76 61.83 -0.91
N VAL J 24 -6.80 62.61 -1.20
CA VAL J 24 -7.47 62.45 -2.49
C VAL J 24 -6.44 62.62 -3.60
N GLU J 25 -5.56 63.62 -3.45
CA GLU J 25 -4.53 63.87 -4.44
C GLU J 25 -3.64 62.64 -4.61
N ASP J 26 -3.23 62.06 -3.48
CA ASP J 26 -2.39 60.86 -3.49
C ASP J 26 -3.07 59.73 -4.24
N LEU J 27 -4.35 59.51 -3.96
CA LEU J 27 -5.13 58.46 -4.60
C LEU J 27 -5.19 58.68 -6.11
N LEU J 28 -5.52 59.91 -6.51
CA LEU J 28 -5.62 60.22 -7.94
C LEU J 28 -4.34 59.81 -8.66
N LYS J 29 -3.19 60.08 -8.05
CA LYS J 29 -1.92 59.74 -8.67
C LYS J 29 -1.76 58.23 -8.86
N GLN J 30 -2.22 57.44 -7.89
CA GLN J 30 -2.12 56.00 -8.01
C GLN J 30 -3.06 55.49 -9.10
N ILE J 31 -4.22 56.12 -9.21
CA ILE J 31 -5.18 55.72 -10.25
C ILE J 31 -4.61 56.09 -11.60
N GLU J 32 -4.00 57.28 -11.69
CA GLU J 32 -3.42 57.73 -12.95
C GLU J 32 -2.32 56.77 -13.41
N TYR J 33 -1.57 56.22 -12.46
CA TYR J 33 -0.51 55.26 -12.76
C TYR J 33 -1.12 54.04 -13.46
N LEU J 34 -2.27 53.61 -12.97
CA LEU J 34 -2.96 52.46 -13.54
C LEU J 34 -3.37 52.77 -14.98
N LEU J 35 -3.95 53.95 -15.19
CA LEU J 35 -4.39 54.35 -16.51
C LEU J 35 -3.23 54.55 -17.48
N ARG J 36 -2.14 55.16 -17.02
CA ARG J 36 -0.98 55.38 -17.87
C ARG J 36 -0.36 54.05 -18.30
N SER J 37 -0.41 53.09 -17.39
CA SER J 37 0.15 51.77 -17.64
C SER J 37 -0.78 50.92 -18.50
N LYS J 38 -1.91 51.51 -18.90
CA LYS J 38 -2.88 50.81 -19.73
C LYS J 38 -3.53 49.63 -19.02
N TRP J 39 -3.73 49.77 -17.72
CA TRP J 39 -4.36 48.72 -16.93
C TRP J 39 -5.78 49.17 -16.63
N VAL J 40 -6.66 48.22 -16.36
CA VAL J 40 -8.06 48.52 -16.10
C VAL J 40 -8.41 48.55 -14.61
N PRO J 41 -8.84 49.72 -14.10
CA PRO J 41 -9.19 49.84 -12.69
C PRO J 41 -10.55 49.23 -12.40
N CYS J 42 -10.71 48.71 -11.18
CA CYS J 42 -11.96 48.12 -10.74
C CYS J 42 -12.04 48.25 -9.23
N LEU J 43 -13.23 48.46 -8.71
CA LEU J 43 -13.40 48.57 -7.27
C LEU J 43 -13.93 47.27 -6.69
N GLU J 44 -13.55 46.98 -5.45
CA GLU J 44 -13.99 45.77 -4.75
C GLU J 44 -14.28 46.16 -3.32
N PHE J 45 -15.32 45.56 -2.73
CA PHE J 45 -15.66 45.88 -1.36
C PHE J 45 -16.01 44.66 -0.55
N SER J 46 -15.91 44.80 0.77
CA SER J 46 -16.20 43.70 1.68
C SER J 46 -16.41 44.21 3.09
N LYS J 47 -17.25 43.51 3.85
CA LYS J 47 -17.48 43.90 5.24
C LYS J 47 -16.51 43.14 6.13
N VAL J 48 -15.76 42.23 5.52
CA VAL J 48 -14.73 41.43 6.20
C VAL J 48 -13.43 41.85 5.50
N GLY J 49 -12.50 42.41 6.26
CA GLY J 49 -11.28 42.89 5.63
C GLY J 49 -10.07 41.99 5.53
N PHE J 50 -10.13 40.79 6.09
CA PHE J 50 -8.95 39.94 6.08
C PHE J 50 -9.17 38.48 5.74
N VAL J 51 -8.07 37.76 5.52
CA VAL J 51 -8.13 36.36 5.17
C VAL J 51 -8.43 35.47 6.37
N TYR J 52 -8.98 34.30 6.08
CA TYR J 52 -9.30 33.31 7.10
C TYR J 52 -9.29 31.95 6.43
N ARG J 53 -9.43 30.88 7.21
CA ARG J 53 -9.43 29.55 6.65
C ARG J 53 -10.54 28.72 7.29
N GLU J 54 -11.73 28.85 6.73
CA GLU J 54 -12.89 28.15 7.24
C GLU J 54 -13.18 26.86 6.50
N ASN J 55 -13.01 26.86 5.18
CA ASN J 55 -13.33 25.67 4.40
C ASN J 55 -12.23 24.68 4.14
N HIS J 56 -10.98 25.13 4.26
CA HIS J 56 -9.87 24.22 4.01
C HIS J 56 -8.59 24.83 4.54
N ARG J 57 -7.60 23.99 4.78
CA ARG J 57 -6.32 24.44 5.28
C ARG J 57 -5.17 23.83 4.48
N SER J 58 -5.46 23.36 3.28
CA SER J 58 -4.42 22.77 2.44
C SER J 58 -3.54 23.90 1.90
N PRO J 59 -2.32 23.59 1.47
CA PRO J 59 -1.42 24.63 0.95
C PRO J 59 -2.02 25.49 -0.16
N GLY J 60 -1.91 26.80 0.00
CA GLY J 60 -2.41 27.72 -1.00
C GLY J 60 -3.90 27.99 -0.94
N TYR J 61 -4.62 27.36 -0.01
CA TYR J 61 -6.05 27.64 0.08
C TYR J 61 -6.34 28.55 1.24
N TYR J 62 -7.06 29.63 0.95
CA TYR J 62 -7.47 30.61 1.95
C TYR J 62 -8.82 31.15 1.56
N ASP J 63 -9.62 31.52 2.54
CA ASP J 63 -10.92 32.12 2.29
C ASP J 63 -10.66 33.60 2.52
N GLY J 64 -11.54 34.45 2.02
CA GLY J 64 -11.36 35.88 2.23
C GLY J 64 -10.39 36.59 1.30
N ARG J 65 -9.87 35.90 0.29
CA ARG J 65 -8.96 36.56 -0.65
C ARG J 65 -9.82 37.36 -1.62
N TYR J 66 -10.91 36.75 -2.08
CA TYR J 66 -11.83 37.43 -2.98
C TYR J 66 -12.73 38.35 -2.16
N TRP J 67 -13.01 39.53 -2.71
CA TRP J 67 -13.95 40.46 -2.10
C TRP J 67 -15.03 40.55 -3.18
N THR J 68 -15.98 41.46 -3.02
CA THR J 68 -17.07 41.59 -4.00
C THR J 68 -16.79 42.71 -4.99
N MET J 69 -17.04 42.45 -6.27
CA MET J 69 -16.81 43.44 -7.31
C MET J 69 -17.84 44.56 -7.27
N TRP J 70 -17.37 45.80 -7.34
CA TRP J 70 -18.28 46.94 -7.39
C TRP J 70 -18.49 47.18 -8.88
N LYS J 71 -19.66 46.82 -9.37
CA LYS J 71 -19.99 46.97 -10.78
C LYS J 71 -19.01 46.15 -11.63
N LEU J 72 -18.41 46.78 -12.64
CA LEU J 72 -17.45 46.08 -13.50
C LEU J 72 -16.16 46.84 -13.69
N PRO J 73 -15.12 46.17 -14.23
CA PRO J 73 -13.85 46.87 -14.44
C PRO J 73 -14.17 48.03 -15.38
N MET J 74 -13.51 49.16 -15.17
CA MET J 74 -13.78 50.35 -15.98
C MET J 74 -12.96 50.39 -17.26
N PHE J 75 -13.34 49.52 -18.20
CA PHE J 75 -12.65 49.42 -19.49
C PHE J 75 -12.76 50.73 -20.26
N GLY J 76 -11.65 51.13 -20.89
CA GLY J 76 -11.64 52.36 -21.66
C GLY J 76 -11.57 53.63 -20.83
N CYS J 77 -11.50 53.49 -19.51
CA CYS J 77 -11.42 54.64 -18.63
C CYS J 77 -10.16 55.44 -18.93
N THR J 78 -10.31 56.74 -19.15
CA THR J 78 -9.16 57.60 -19.43
C THR J 78 -9.18 58.81 -18.51
N ASP J 79 -10.05 58.76 -17.49
CA ASP J 79 -10.15 59.84 -16.53
C ASP J 79 -10.18 59.31 -15.11
N ALA J 80 -9.08 59.50 -14.39
CA ALA J 80 -8.96 59.03 -13.01
C ALA J 80 -10.08 59.51 -12.11
N THR J 81 -10.61 60.70 -12.39
CA THR J 81 -11.70 61.24 -11.58
C THR J 81 -12.93 60.33 -11.62
N GLN J 82 -13.06 59.59 -12.71
CA GLN J 82 -14.18 58.66 -12.90
C GLN J 82 -14.12 57.57 -11.83
N VAL J 83 -12.91 57.10 -11.55
CA VAL J 83 -12.72 56.06 -10.54
C VAL J 83 -13.08 56.62 -9.18
N LEU J 84 -12.70 57.87 -8.94
CA LEU J 84 -12.99 58.54 -7.68
C LEU J 84 -14.50 58.65 -7.48
N LYS J 85 -15.20 58.96 -8.57
CA LYS J 85 -16.65 59.09 -8.55
C LYS J 85 -17.26 57.79 -8.05
N GLU J 86 -16.81 56.68 -8.61
CA GLU J 86 -17.30 55.37 -8.22
C GLU J 86 -16.95 55.05 -6.77
N LEU J 87 -15.75 55.45 -6.34
CA LEU J 87 -15.34 55.19 -4.95
C LEU J 87 -16.29 55.89 -3.99
N GLU J 88 -16.69 57.11 -4.35
CA GLU J 88 -17.61 57.87 -3.52
C GLU J 88 -18.99 57.22 -3.46
N GLU J 89 -19.42 56.65 -4.59
CA GLU J 89 -20.72 55.98 -4.63
C GLU J 89 -20.71 54.74 -3.74
N ALA J 90 -19.61 53.99 -3.82
CA ALA J 90 -19.47 52.78 -3.02
C ALA J 90 -19.49 53.10 -1.52
N LYS J 91 -18.78 54.15 -1.15
CA LYS J 91 -18.71 54.58 0.26
C LYS J 91 -20.10 54.96 0.74
N LYS J 92 -20.85 55.60 -0.14
CA LYS J 92 -22.21 56.04 0.16
C LYS J 92 -23.13 54.84 0.32
N ALA J 93 -23.03 53.88 -0.59
CA ALA J 93 -23.86 52.69 -0.55
C ALA J 93 -23.47 51.73 0.57
N TYR J 94 -22.17 51.63 0.82
CA TYR J 94 -21.64 50.73 1.85
C TYR J 94 -20.62 51.43 2.74
N PRO J 95 -21.08 52.35 3.59
CA PRO J 95 -20.18 53.08 4.50
C PRO J 95 -19.48 52.21 5.53
N ASP J 96 -20.02 51.03 5.78
CA ASP J 96 -19.44 50.11 6.77
C ASP J 96 -18.60 49.00 6.12
N ALA J 97 -18.25 49.18 4.86
CA ALA J 97 -17.46 48.18 4.15
C ALA J 97 -16.10 48.74 3.74
N PHE J 98 -15.12 47.86 3.63
CA PHE J 98 -13.80 48.26 3.18
C PHE J 98 -13.92 48.31 1.66
N VAL J 99 -13.18 49.21 1.03
CA VAL J 99 -13.20 49.33 -0.42
C VAL J 99 -11.78 49.45 -0.92
N ARG J 100 -11.40 48.59 -1.87
CA ARG J 100 -10.07 48.66 -2.43
C ARG J 100 -10.14 48.81 -3.94
N ILE J 101 -9.07 49.33 -4.50
CA ILE J 101 -8.98 49.53 -5.94
C ILE J 101 -8.01 48.48 -6.47
N ILE J 102 -8.46 47.73 -7.49
CA ILE J 102 -7.62 46.72 -8.10
C ILE J 102 -7.44 47.04 -9.57
N GLY J 103 -6.51 46.35 -10.22
CA GLY J 103 -6.27 46.60 -11.63
C GLY J 103 -6.02 45.33 -12.41
N PHE J 104 -6.49 45.31 -13.66
CA PHE J 104 -6.31 44.15 -14.52
C PHE J 104 -5.53 44.55 -15.77
N ASP J 105 -4.66 43.65 -16.23
CA ASP J 105 -3.87 43.87 -17.43
C ASP J 105 -4.31 42.77 -18.40
N ASN J 106 -4.79 43.15 -19.59
CA ASN J 106 -5.21 42.14 -20.55
C ASN J 106 -4.02 41.52 -21.27
N VAL J 107 -2.85 42.17 -21.18
CA VAL J 107 -1.64 41.66 -21.83
C VAL J 107 -1.01 40.56 -20.99
N ARG J 108 -0.79 40.85 -19.71
CA ARG J 108 -0.23 39.87 -18.81
C ARG J 108 -1.34 38.89 -18.46
N GLN J 109 -2.57 39.30 -18.76
CA GLN J 109 -3.77 38.49 -18.53
C GLN J 109 -4.02 38.16 -17.06
N VAL J 110 -3.68 39.10 -16.18
CA VAL J 110 -3.86 38.88 -14.75
C VAL J 110 -4.23 40.15 -13.99
N GLN J 111 -4.67 39.96 -12.75
CA GLN J 111 -4.94 41.09 -11.88
C GLN J 111 -3.52 41.42 -11.44
N LEU J 112 -3.16 42.71 -11.40
CA LEU J 112 -1.80 43.07 -10.99
C LEU J 112 -1.69 44.28 -10.06
N ILE J 113 -2.82 44.72 -9.52
CA ILE J 113 -2.84 45.86 -8.61
C ILE J 113 -3.94 45.64 -7.57
N SER J 114 -3.70 46.13 -6.36
CA SER J 114 -4.68 46.05 -5.28
C SER J 114 -4.24 46.87 -4.07
N PHE J 115 -4.90 47.99 -3.83
CA PHE J 115 -4.60 48.84 -2.68
C PHE J 115 -5.87 49.39 -2.05
N ILE J 116 -5.87 49.53 -0.73
CA ILE J 116 -7.06 50.03 -0.05
C ILE J 116 -7.30 51.49 -0.36
N ALA J 117 -8.57 51.84 -0.52
CA ALA J 117 -8.97 53.20 -0.83
C ALA J 117 -9.92 53.77 0.23
N TYR J 118 -10.59 52.88 0.97
CA TYR J 118 -11.52 53.30 2.02
C TYR J 118 -11.66 52.28 3.13
N LYS J 119 -11.67 52.77 4.36
CA LYS J 119 -11.82 51.92 5.54
C LYS J 119 -12.95 52.53 6.36
N PRO J 120 -13.94 51.72 6.74
CA PRO J 120 -15.08 52.20 7.54
C PRO J 120 -14.68 52.83 8.87
N PRO J 121 -15.58 53.64 9.45
CA PRO J 121 -15.32 54.30 10.74
C PRO J 121 -15.04 53.30 11.86
N GLY J 122 -13.82 53.31 12.35
CA GLY J 122 -13.44 52.39 13.40
C GLY J 122 -12.72 51.17 12.85
N CYS J 123 -12.28 51.26 11.59
CA CYS J 123 -11.58 50.16 10.96
C CYS J 123 -10.26 50.60 10.33
N GLY K 12 25.49 45.25 26.02
CA GLY K 12 24.36 44.36 25.63
C GLY K 12 24.24 44.27 24.12
N PHE K 13 23.12 44.75 23.59
CA PHE K 13 22.92 44.76 22.15
C PHE K 13 23.13 46.17 21.60
N LYS K 14 24.09 46.28 20.69
CA LYS K 14 24.41 47.55 20.07
C LYS K 14 24.27 47.41 18.56
N ALA K 15 23.11 47.82 18.05
CA ALA K 15 22.84 47.74 16.63
C ALA K 15 23.91 48.45 15.81
N GLY K 16 24.18 47.93 14.62
CA GLY K 16 25.19 48.54 13.77
C GLY K 16 26.28 47.62 13.29
N VAL K 17 27.12 48.12 12.40
CA VAL K 17 28.23 47.37 11.84
C VAL K 17 29.47 47.52 12.70
N LYS K 21 37.34 38.75 11.21
CA LYS K 21 38.63 38.30 11.80
C LYS K 21 38.69 38.61 13.28
N LEU K 22 37.81 39.51 13.73
CA LEU K 22 37.75 39.89 15.13
C LEU K 22 37.08 38.78 15.92
N THR K 23 36.88 37.64 15.28
CA THR K 23 36.23 36.50 15.92
C THR K 23 36.52 35.18 15.20
N TYR K 24 36.83 35.25 13.91
CA TYR K 24 37.04 34.05 13.12
C TYR K 24 38.47 33.62 12.77
N TYR K 25 39.46 34.27 13.36
CA TYR K 25 40.85 33.91 13.09
C TYR K 25 41.54 33.50 14.40
N THR K 26 41.73 32.20 14.59
CA THR K 26 42.32 31.64 15.80
C THR K 26 43.53 30.75 15.53
N PRO K 27 44.73 31.35 15.35
CA PRO K 27 45.98 30.64 15.07
C PRO K 27 46.49 29.58 16.04
N GLU K 28 46.00 29.55 17.27
CA GLU K 28 46.45 28.54 18.21
C GLU K 28 45.34 27.59 18.63
N TYR K 29 44.27 27.55 17.83
CA TYR K 29 43.16 26.66 18.11
C TYR K 29 43.62 25.23 17.89
N GLU K 30 43.31 24.36 18.84
CA GLU K 30 43.67 22.96 18.73
C GLU K 30 42.42 22.24 18.24
N THR K 31 42.52 21.65 17.05
CA THR K 31 41.37 20.96 16.47
C THR K 31 40.85 19.83 17.34
N LYS K 32 39.53 19.67 17.33
CA LYS K 32 38.87 18.60 18.07
C LYS K 32 38.75 17.39 17.14
N ASP K 33 38.76 16.21 17.74
CA ASP K 33 38.64 14.96 16.99
C ASP K 33 37.31 14.85 16.24
N THR K 34 36.34 15.66 16.67
CA THR K 34 35.01 15.66 16.06
C THR K 34 34.79 16.76 15.03
N ASP K 35 35.76 17.66 14.90
CA ASP K 35 35.66 18.75 13.94
C ASP K 35 35.82 18.25 12.51
N ILE K 36 35.14 18.92 11.58
CA ILE K 36 35.32 18.62 10.17
C ILE K 36 36.33 19.70 9.78
N LEU K 37 37.46 19.31 9.20
CA LEU K 37 38.48 20.28 8.83
C LEU K 37 38.51 20.48 7.32
N ALA K 38 38.83 21.70 6.91
CA ALA K 38 38.91 22.03 5.49
C ALA K 38 40.21 22.75 5.16
N ALA K 39 40.78 22.45 4.00
CA ALA K 39 42.01 23.10 3.54
C ALA K 39 41.60 23.85 2.27
N PHE K 40 41.61 25.17 2.36
CA PHE K 40 41.23 26.04 1.24
C PHE K 40 42.44 26.73 0.59
N ARG K 41 42.51 26.70 -0.74
CA ARG K 41 43.58 27.40 -1.44
C ARG K 41 42.94 28.76 -1.70
N VAL K 42 43.42 29.79 -1.00
CA VAL K 42 42.84 31.12 -1.12
C VAL K 42 43.72 32.14 -1.82
N THR K 43 43.11 32.91 -2.71
CA THR K 43 43.80 33.98 -3.42
C THR K 43 43.08 35.28 -3.04
N PRO K 44 43.65 36.04 -2.10
CA PRO K 44 43.05 37.30 -1.64
C PRO K 44 43.05 38.36 -2.74
N GLN K 45 42.13 39.31 -2.64
CA GLN K 45 42.07 40.41 -3.60
C GLN K 45 43.23 41.33 -3.25
N PRO K 46 43.62 42.22 -4.18
CA PRO K 46 44.72 43.14 -3.89
C PRO K 46 44.40 43.97 -2.65
N GLY K 47 45.36 44.10 -1.74
CA GLY K 47 45.15 44.88 -0.54
C GLY K 47 44.51 44.10 0.60
N VAL K 48 44.56 42.78 0.50
CA VAL K 48 43.99 41.93 1.54
C VAL K 48 45.03 41.07 2.23
N PRO K 49 45.32 41.35 3.51
CA PRO K 49 46.32 40.54 4.21
C PRO K 49 45.86 39.09 4.33
N PRO K 50 46.79 38.13 4.20
CA PRO K 50 46.45 36.70 4.30
C PRO K 50 45.71 36.32 5.58
N GLU K 51 46.01 37.03 6.67
CA GLU K 51 45.36 36.74 7.94
C GLU K 51 43.88 37.11 7.84
N GLU K 52 43.57 38.19 7.14
CA GLU K 52 42.20 38.64 6.97
C GLU K 52 41.43 37.69 6.04
N ALA K 53 42.10 37.29 4.96
CA ALA K 53 41.50 36.38 3.99
C ALA K 53 41.05 35.09 4.67
N GLY K 54 41.92 34.53 5.50
CA GLY K 54 41.58 33.29 6.20
C GLY K 54 40.39 33.48 7.12
N ALA K 55 40.36 34.61 7.82
CA ALA K 55 39.25 34.91 8.72
C ALA K 55 37.96 34.99 7.91
N ALA K 56 38.04 35.64 6.74
CA ALA K 56 36.87 35.78 5.87
C ALA K 56 36.35 34.42 5.42
N VAL K 57 37.26 33.54 5.04
CA VAL K 57 36.86 32.20 4.59
C VAL K 57 36.09 31.47 5.69
N ALA K 58 36.58 31.57 6.93
CA ALA K 58 35.93 30.91 8.05
C ALA K 58 34.58 31.55 8.39
N ALA K 59 34.55 32.87 8.46
CA ALA K 59 33.33 33.60 8.78
C ALA K 59 32.25 33.46 7.72
N GLU K 60 32.63 33.59 6.45
CA GLU K 60 31.67 33.49 5.36
C GLU K 60 31.20 32.08 5.08
N SER K 61 31.83 31.09 5.71
CA SER K 61 31.39 29.71 5.53
C SER K 61 30.81 29.23 6.85
N SER K 62 30.46 30.17 7.73
CA SER K 62 29.87 29.82 9.02
C SER K 62 28.90 30.87 9.59
N THR K 63 29.30 31.54 10.67
CA THR K 63 28.45 32.51 11.36
C THR K 63 28.63 33.99 11.09
N GLY K 64 29.43 34.35 10.09
CA GLY K 64 29.63 35.77 9.80
C GLY K 64 28.36 36.53 9.45
N THR K 65 28.18 37.71 10.04
CA THR K 65 27.01 38.56 9.81
C THR K 65 27.47 40.01 9.64
N TRP K 66 27.04 40.67 8.56
CA TRP K 66 27.45 42.04 8.28
C TRP K 66 27.14 43.04 9.38
N THR K 67 25.95 42.93 9.97
CA THR K 67 25.57 43.83 11.05
C THR K 67 25.29 42.99 12.29
N THR K 68 25.33 43.63 13.45
CA THR K 68 25.07 42.91 14.68
C THR K 68 23.58 42.61 14.86
N VAL K 69 23.24 41.33 14.95
CA VAL K 69 21.85 40.92 15.14
C VAL K 69 21.72 40.57 16.62
N TRP K 70 20.63 41.01 17.24
CA TRP K 70 20.42 40.77 18.67
C TRP K 70 20.15 39.30 19.05
N THR K 71 19.66 38.51 18.10
CA THR K 71 19.36 37.12 18.36
C THR K 71 20.61 36.31 18.71
N ASP K 72 21.78 36.85 18.38
CA ASP K 72 23.04 36.18 18.69
C ASP K 72 23.18 36.01 20.20
N GLY K 73 22.50 36.88 20.95
CA GLY K 73 22.57 36.81 22.40
C GLY K 73 21.75 35.70 23.03
N LEU K 74 21.03 34.96 22.19
CA LEU K 74 20.19 33.86 22.66
C LEU K 74 20.92 32.52 22.59
N THR K 75 22.19 32.55 22.22
CA THR K 75 22.98 31.33 22.12
C THR K 75 24.46 31.67 22.29
N SER K 76 25.32 30.69 22.08
CA SER K 76 26.76 30.90 22.20
C SER K 76 27.40 30.66 20.84
N LEU K 77 27.48 31.70 20.02
CA LEU K 77 28.05 31.58 18.68
C LEU K 77 29.46 31.02 18.60
N ASP K 78 30.24 31.15 19.66
CA ASP K 78 31.59 30.61 19.64
C ASP K 78 31.54 29.09 19.44
N ARG K 79 30.39 28.48 19.75
CA ARG K 79 30.26 27.03 19.60
C ARG K 79 29.78 26.65 18.20
N TYR K 80 29.45 27.64 17.38
CA TYR K 80 28.96 27.39 16.03
C TYR K 80 29.76 28.03 14.91
N LYS K 81 30.82 28.75 15.27
CA LYS K 81 31.63 29.41 14.26
C LYS K 81 32.72 28.51 13.68
N GLY K 82 33.04 28.76 12.41
CA GLY K 82 34.11 28.03 11.78
C GLY K 82 35.34 28.83 12.18
N ARG K 83 36.47 28.17 12.35
CA ARG K 83 37.68 28.88 12.76
C ARG K 83 38.87 28.62 11.84
N CYS K 84 39.51 29.69 11.39
CA CYS K 84 40.69 29.52 10.55
C CYS K 84 41.81 29.40 11.59
N TYR K 85 42.34 28.18 11.76
CA TYR K 85 43.37 27.96 12.76
C TYR K 85 44.79 27.91 12.23
N HIS K 86 44.94 28.12 10.93
CA HIS K 86 46.27 28.12 10.33
C HIS K 86 46.23 28.63 8.90
N ILE K 87 47.24 29.42 8.54
CA ILE K 87 47.37 29.95 7.21
C ILE K 87 48.83 29.84 6.82
N GLU K 88 49.10 29.40 5.60
CA GLU K 88 50.46 29.26 5.10
C GLU K 88 50.48 29.57 3.62
N PRO K 89 51.61 30.07 3.11
CA PRO K 89 51.66 30.38 1.68
C PRO K 89 51.86 29.13 0.83
N VAL K 90 51.48 29.21 -0.44
CA VAL K 90 51.68 28.12 -1.38
C VAL K 90 53.01 28.46 -2.05
N VAL K 91 54.00 27.61 -1.91
CA VAL K 91 55.31 27.89 -2.48
C VAL K 91 55.29 28.38 -3.93
N GLY K 92 55.73 29.63 -4.12
CA GLY K 92 55.79 30.21 -5.45
C GLY K 92 54.80 31.31 -5.78
N GLU K 93 53.73 31.44 -5.00
CA GLU K 93 52.72 32.46 -5.25
C GLU K 93 52.89 33.69 -4.39
N ASP K 94 52.67 34.87 -4.99
CA ASP K 94 52.77 36.13 -4.28
C ASP K 94 51.41 36.43 -3.67
N ASN K 95 50.43 35.59 -3.96
CA ASN K 95 49.09 35.82 -3.45
C ASN K 95 48.19 34.59 -3.38
N GLN K 96 48.77 33.44 -3.01
CA GLN K 96 48.00 32.22 -2.87
C GLN K 96 48.40 31.58 -1.54
N TYR K 97 47.42 31.20 -0.73
CA TYR K 97 47.70 30.60 0.57
C TYR K 97 46.75 29.44 0.86
N ILE K 98 47.13 28.59 1.82
CA ILE K 98 46.27 27.50 2.22
C ILE K 98 45.75 27.90 3.59
N ALA K 99 44.44 28.05 3.71
CA ALA K 99 43.82 28.40 4.98
C ALA K 99 43.10 27.17 5.52
N TYR K 100 43.45 26.78 6.73
CA TYR K 100 42.83 25.62 7.36
C TYR K 100 41.70 26.09 8.26
N VAL K 101 40.52 25.50 8.06
CA VAL K 101 39.34 25.87 8.84
C VAL K 101 38.74 24.67 9.55
N ALA K 102 38.30 24.89 10.79
CA ALA K 102 37.70 23.83 11.58
C ALA K 102 36.22 24.16 11.80
N TYR K 103 35.36 23.18 11.50
CA TYR K 103 33.91 23.34 11.65
C TYR K 103 33.40 22.39 12.72
N PRO K 104 32.62 22.90 13.69
CA PRO K 104 32.09 22.04 14.75
C PRO K 104 31.16 20.96 14.20
N LEU K 105 31.22 19.79 14.81
CA LEU K 105 30.38 18.65 14.39
C LEU K 105 28.89 18.98 14.33
N ASP K 106 28.42 19.78 15.28
CA ASP K 106 27.00 20.15 15.36
C ASP K 106 26.42 20.92 14.18
N LEU K 107 27.26 21.44 13.30
CA LEU K 107 26.75 22.18 12.16
C LEU K 107 26.18 21.29 11.07
N PHE K 108 26.56 20.02 11.08
CA PHE K 108 26.18 19.10 10.02
C PHE K 108 25.07 18.09 10.25
N GLU K 109 24.19 17.95 9.28
CA GLU K 109 23.13 16.95 9.42
C GLU K 109 23.76 15.58 9.17
N GLU K 110 23.47 14.66 10.07
CA GLU K 110 23.99 13.32 9.97
C GLU K 110 23.56 12.62 8.67
N GLY K 111 24.50 11.93 8.04
CA GLY K 111 24.23 11.19 6.81
C GLY K 111 23.92 11.98 5.56
N SER K 112 24.16 13.30 5.59
CA SER K 112 23.86 14.13 4.43
C SER K 112 25.06 14.81 3.79
N VAL K 113 25.58 14.25 2.70
CA VAL K 113 26.70 14.87 2.01
C VAL K 113 26.20 16.21 1.50
N THR K 114 24.92 16.25 1.12
CA THR K 114 24.30 17.46 0.63
C THR K 114 24.50 18.61 1.62
N ASN K 115 24.22 18.33 2.90
CA ASN K 115 24.37 19.37 3.91
C ASN K 115 25.84 19.69 4.19
N MET K 116 26.71 18.68 4.10
CA MET K 116 28.13 18.94 4.34
C MET K 116 28.65 19.92 3.30
N PHE K 117 28.31 19.69 2.04
CA PHE K 117 28.75 20.59 0.97
C PHE K 117 28.10 21.96 1.11
N THR K 118 26.79 21.98 1.37
CA THR K 118 26.09 23.25 1.53
C THR K 118 26.74 24.09 2.63
N SER K 119 27.01 23.45 3.76
CA SER K 119 27.58 24.15 4.90
C SER K 119 28.98 24.69 4.68
N ILE K 120 29.81 23.94 3.97
CA ILE K 120 31.19 24.36 3.74
C ILE K 120 31.44 25.15 2.45
N VAL K 121 30.88 24.72 1.33
CA VAL K 121 31.11 25.43 0.08
C VAL K 121 29.88 26.14 -0.49
N GLY K 122 28.80 26.19 0.29
CA GLY K 122 27.60 26.81 -0.20
C GLY K 122 27.59 28.31 -0.39
N ASN K 123 28.42 29.04 0.35
CA ASN K 123 28.41 30.49 0.30
C ASN K 123 29.73 31.24 0.09
N VAL K 124 30.78 30.78 0.75
CA VAL K 124 32.08 31.44 0.73
C VAL K 124 32.76 31.74 -0.60
N PHE K 125 32.53 30.91 -1.63
CA PHE K 125 33.20 31.13 -2.91
C PHE K 125 32.83 32.41 -3.65
N GLY K 126 31.76 33.07 -3.22
CA GLY K 126 31.35 34.30 -3.87
C GLY K 126 31.69 35.55 -3.09
N PHE K 127 32.55 35.42 -2.08
CA PHE K 127 32.92 36.58 -1.26
C PHE K 127 33.86 37.50 -2.04
N LYS K 128 33.45 38.76 -2.21
CA LYS K 128 34.23 39.73 -2.97
C LYS K 128 35.68 39.93 -2.55
N ALA K 129 35.98 39.77 -1.26
CA ALA K 129 37.34 39.95 -0.77
C ALA K 129 38.31 38.87 -1.26
N LEU K 130 37.76 37.80 -1.83
CA LEU K 130 38.57 36.71 -2.34
C LEU K 130 38.51 36.71 -3.86
N ARG K 131 39.67 36.79 -4.51
CA ARG K 131 39.70 36.77 -5.98
C ARG K 131 39.42 35.36 -6.49
N ALA K 132 39.88 34.35 -5.76
CA ALA K 132 39.65 32.96 -6.13
C ALA K 132 39.73 32.07 -4.89
N LEU K 133 39.06 30.93 -4.96
CA LEU K 133 39.05 30.00 -3.83
C LEU K 133 38.87 28.57 -4.29
N ARG K 134 39.62 27.65 -3.71
CA ARG K 134 39.50 26.25 -4.08
C ARG K 134 39.57 25.37 -2.83
N LEU K 135 38.58 24.50 -2.64
CA LEU K 135 38.60 23.60 -1.49
C LEU K 135 39.48 22.42 -1.92
N GLU K 136 40.61 22.25 -1.26
CA GLU K 136 41.56 21.18 -1.60
C GLU K 136 41.32 19.85 -0.89
N ASP K 137 40.90 19.89 0.37
CA ASP K 137 40.72 18.66 1.13
C ASP K 137 39.81 18.87 2.33
N LEU K 138 39.27 17.77 2.86
CA LEU K 138 38.40 17.80 4.02
C LEU K 138 38.77 16.65 4.95
N ARG K 139 38.85 16.91 6.25
CA ARG K 139 39.15 15.85 7.21
C ARG K 139 37.78 15.44 7.75
N ILE K 140 37.29 14.29 7.30
CA ILE K 140 36.00 13.81 7.74
C ILE K 140 36.23 12.98 8.99
N PRO K 141 35.77 13.47 10.16
CA PRO K 141 35.96 12.74 11.40
C PRO K 141 35.11 11.48 11.49
N PRO K 142 35.62 10.44 12.16
CA PRO K 142 34.90 9.18 12.33
C PRO K 142 33.52 9.38 12.92
N THR K 143 33.39 10.36 13.82
CA THR K 143 32.10 10.63 14.43
C THR K 143 31.06 11.04 13.41
N TYR K 144 31.50 11.66 12.30
CA TYR K 144 30.54 12.07 11.27
C TYR K 144 30.39 11.01 10.19
N SER K 145 31.49 10.38 9.78
CA SER K 145 31.40 9.35 8.74
C SER K 145 30.58 8.14 9.18
N LYS K 146 30.55 7.87 10.48
CA LYS K 146 29.77 6.73 10.98
C LYS K 146 28.27 6.95 10.86
N THR K 147 27.85 8.14 10.41
CA THR K 147 26.42 8.40 10.23
C THR K 147 26.02 8.14 8.77
N PHE K 148 26.98 7.64 7.98
CA PHE K 148 26.75 7.34 6.57
C PHE K 148 26.88 5.86 6.27
N GLN K 149 26.05 5.36 5.36
CA GLN K 149 26.12 3.96 4.97
C GLN K 149 27.44 3.71 4.27
N GLY K 150 27.77 4.57 3.31
CA GLY K 150 29.00 4.40 2.56
C GLY K 150 28.73 3.50 1.37
N PRO K 151 29.75 2.89 0.76
CA PRO K 151 29.52 2.01 -0.39
C PRO K 151 28.52 0.91 -0.13
N PRO K 152 27.64 0.63 -1.12
CA PRO K 152 26.66 -0.44 -0.93
C PRO K 152 27.36 -1.75 -0.57
N HIS K 153 28.56 -1.96 -1.12
CA HIS K 153 29.32 -3.18 -0.85
C HIS K 153 30.80 -2.95 -0.59
N GLY K 154 31.47 -2.26 -1.51
CA GLY K 154 32.88 -2.00 -1.31
C GLY K 154 33.78 -3.00 -2.00
N ILE K 155 35.05 -2.64 -2.12
CA ILE K 155 36.05 -3.45 -2.80
C ILE K 155 36.07 -4.94 -2.48
N GLN K 156 36.23 -5.28 -1.20
CA GLN K 156 36.32 -6.68 -0.83
C GLN K 156 35.04 -7.47 -1.06
N VAL K 157 33.89 -6.89 -0.70
CA VAL K 157 32.63 -7.59 -0.92
C VAL K 157 32.42 -7.81 -2.40
N GLU K 158 32.75 -6.81 -3.21
CA GLU K 158 32.56 -6.95 -4.66
C GLU K 158 33.36 -8.10 -5.23
N ARG K 159 34.62 -8.22 -4.83
CA ARG K 159 35.45 -9.31 -5.34
C ARG K 159 34.87 -10.66 -4.93
N ASP K 160 34.37 -10.75 -3.70
CA ASP K 160 33.79 -12.01 -3.22
C ASP K 160 32.49 -12.33 -3.95
N LYS K 161 31.67 -11.33 -4.22
CA LYS K 161 30.41 -11.56 -4.91
C LYS K 161 30.64 -12.03 -6.35
N LEU K 162 31.60 -11.42 -7.02
CA LEU K 162 31.91 -11.75 -8.40
C LEU K 162 32.91 -12.89 -8.55
N ASN K 163 33.52 -13.30 -7.44
CA ASN K 163 34.52 -14.36 -7.42
C ASN K 163 35.69 -14.02 -8.35
N LYS K 164 36.19 -12.80 -8.23
CA LYS K 164 37.30 -12.33 -9.04
C LYS K 164 38.43 -11.82 -8.14
N TYR K 165 39.63 -12.36 -8.34
CA TYR K 165 40.79 -12.00 -7.51
C TYR K 165 42.11 -11.89 -8.26
N GLY K 166 43.02 -11.10 -7.69
CA GLY K 166 44.36 -10.98 -8.24
C GLY K 166 44.64 -10.20 -9.52
N ARG K 167 43.70 -9.39 -9.98
CA ARG K 167 43.93 -8.61 -11.19
C ARG K 167 42.92 -7.49 -11.30
N PRO K 168 43.27 -6.44 -12.05
CA PRO K 168 42.31 -5.35 -12.21
C PRO K 168 41.13 -5.92 -12.99
N LEU K 169 39.96 -5.34 -12.81
CA LEU K 169 38.79 -5.80 -13.54
C LEU K 169 38.83 -5.07 -14.88
N LEU K 170 38.19 -5.64 -15.89
CA LEU K 170 38.19 -5.05 -17.23
C LEU K 170 36.79 -4.77 -17.75
N GLY K 171 36.64 -3.64 -18.43
CA GLY K 171 35.34 -3.30 -18.98
C GLY K 171 35.45 -2.57 -20.30
N CYS K 172 34.33 -2.50 -21.01
CA CYS K 172 34.27 -1.78 -22.28
C CYS K 172 33.09 -0.85 -22.28
N THR K 173 33.33 0.41 -22.63
CA THR K 173 32.27 1.41 -22.69
C THR K 173 31.72 1.38 -24.11
N ILE K 174 30.44 1.06 -24.25
CA ILE K 174 29.82 0.96 -25.57
C ILE K 174 29.73 2.27 -26.35
N LYS K 175 30.11 2.19 -27.62
CA LYS K 175 30.07 3.34 -28.53
C LYS K 175 29.59 2.79 -29.87
N PRO K 176 28.93 3.67 -30.68
CA PRO K 176 28.65 5.05 -30.26
C PRO K 176 27.65 5.06 -29.11
N LYS K 177 27.78 6.03 -28.21
CA LYS K 177 26.88 6.11 -27.06
C LYS K 177 25.43 6.17 -27.48
N LEU K 178 25.12 7.05 -28.40
CA LEU K 178 23.75 7.17 -28.90
C LEU K 178 23.71 6.93 -30.40
N GLY K 179 22.66 6.27 -30.87
CA GLY K 179 22.54 5.99 -32.29
C GLY K 179 22.28 4.52 -32.57
N LEU K 180 22.60 3.66 -31.61
CA LEU K 180 22.39 2.23 -31.80
C LEU K 180 21.01 1.84 -31.26
N SER K 181 20.43 0.81 -31.85
CA SER K 181 19.15 0.31 -31.39
C SER K 181 19.50 -0.47 -30.13
N ALA K 182 18.53 -0.67 -29.25
CA ALA K 182 18.79 -1.41 -28.02
C ALA K 182 19.37 -2.79 -28.33
N LYS K 183 18.83 -3.45 -29.35
CA LYS K 183 19.33 -4.78 -29.71
C LYS K 183 20.77 -4.75 -30.23
N ASN K 184 21.07 -3.82 -31.13
CA ASN K 184 22.44 -3.76 -31.66
C ASN K 184 23.43 -3.42 -30.55
N TYR K 185 22.94 -2.64 -29.58
CA TYR K 185 23.73 -2.22 -28.42
C TYR K 185 24.07 -3.47 -27.59
N GLY K 186 23.05 -4.28 -27.31
CA GLY K 186 23.25 -5.49 -26.54
C GLY K 186 24.14 -6.48 -27.26
N ARG K 187 24.06 -6.48 -28.58
CA ARG K 187 24.87 -7.38 -29.40
C ARG K 187 26.35 -7.04 -29.16
N ALA K 188 26.66 -5.75 -29.20
CA ALA K 188 28.03 -5.31 -28.97
C ALA K 188 28.49 -5.74 -27.57
N CYS K 189 27.59 -5.64 -26.60
CA CYS K 189 27.92 -6.02 -25.23
C CYS K 189 28.27 -7.51 -25.12
N TYR K 190 27.41 -8.36 -25.68
CA TYR K 190 27.66 -9.80 -25.64
C TYR K 190 29.03 -10.16 -26.21
N GLU K 191 29.37 -9.60 -27.36
CA GLU K 191 30.65 -9.91 -27.99
C GLU K 191 31.83 -9.47 -27.13
N CYS K 192 31.71 -8.32 -26.46
CA CYS K 192 32.78 -7.84 -25.59
C CYS K 192 32.97 -8.76 -24.39
N LEU K 193 31.86 -9.07 -23.72
CA LEU K 193 31.89 -9.92 -22.54
C LEU K 193 32.41 -11.34 -22.81
N ARG K 194 31.98 -11.94 -23.93
CA ARG K 194 32.39 -13.30 -24.24
C ARG K 194 33.89 -13.43 -24.53
N GLY K 195 34.53 -12.32 -24.87
CA GLY K 195 35.95 -12.34 -25.18
C GLY K 195 36.89 -12.21 -23.99
N GLY K 196 36.35 -11.91 -22.81
CA GLY K 196 37.21 -11.79 -21.65
C GLY K 196 37.01 -10.59 -20.74
N LEU K 197 36.20 -9.63 -21.14
CA LEU K 197 35.98 -8.47 -20.28
C LEU K 197 34.96 -8.85 -19.19
N ASP K 198 35.10 -8.25 -18.02
CA ASP K 198 34.19 -8.53 -16.92
C ASP K 198 32.90 -7.74 -17.06
N PHE K 199 33.01 -6.52 -17.59
CA PHE K 199 31.86 -5.65 -17.74
C PHE K 199 31.79 -4.90 -19.06
N THR K 200 30.59 -4.44 -19.39
CA THR K 200 30.37 -3.57 -20.53
C THR K 200 29.69 -2.40 -19.84
N ASP K 202 27.29 1.50 -19.98
CA ASP K 202 26.44 2.55 -20.58
C ASP K 202 27.21 3.86 -20.45
N ASP K 203 27.20 4.67 -21.50
CA ASP K 203 27.88 5.96 -21.42
C ASP K 203 27.16 6.80 -20.37
N GLU K 204 27.84 7.80 -19.81
CA GLU K 204 27.21 8.65 -18.81
C GLU K 204 25.96 9.31 -19.38
N ASN K 205 25.98 9.61 -20.68
CA ASN K 205 24.85 10.28 -21.35
C ASN K 205 23.69 9.35 -21.67
N VAL K 206 23.94 8.04 -21.68
CA VAL K 206 22.89 7.07 -21.99
C VAL K 206 22.01 6.80 -20.78
N ASN K 207 20.79 7.32 -20.82
CA ASN K 207 19.81 7.14 -19.75
C ASN K 207 18.61 6.52 -20.47
N SER K 208 17.75 7.36 -21.02
CA SER K 208 16.62 6.87 -21.82
C SER K 208 16.40 7.95 -22.86
N GLN K 209 16.41 7.57 -24.13
CA GLN K 209 16.26 8.53 -25.21
C GLN K 209 15.51 7.97 -26.41
N PRO K 210 15.12 8.86 -27.34
CA PRO K 210 14.40 8.40 -28.54
C PRO K 210 15.30 7.38 -29.24
N PHE K 211 14.69 6.29 -29.71
CA PHE K 211 15.40 5.21 -30.41
C PHE K 211 16.03 4.16 -29.50
N MET K 212 16.31 4.51 -28.25
CA MET K 212 16.82 3.52 -27.30
C MET K 212 16.29 3.87 -25.91
N ARG K 213 15.08 3.40 -25.63
CA ARG K 213 14.45 3.63 -24.35
C ARG K 213 15.13 2.69 -23.34
N TRP K 214 15.24 3.13 -22.10
CA TRP K 214 15.95 2.35 -21.10
C TRP K 214 15.50 0.92 -20.84
N ARG K 215 14.19 0.66 -20.76
CA ARG K 215 13.77 -0.71 -20.47
C ARG K 215 14.18 -1.67 -21.57
N ASP K 216 14.13 -1.21 -22.82
CA ASP K 216 14.54 -2.06 -23.94
C ASP K 216 16.03 -2.37 -23.80
N ARG K 217 16.81 -1.35 -23.47
CA ARG K 217 18.25 -1.54 -23.31
C ARG K 217 18.55 -2.55 -22.21
N PHE K 218 17.83 -2.45 -21.10
CA PHE K 218 18.03 -3.36 -19.98
C PHE K 218 17.74 -4.80 -20.37
N VAL K 219 16.67 -5.01 -21.13
CA VAL K 219 16.32 -6.36 -21.56
C VAL K 219 17.41 -6.98 -22.44
N PHE K 220 17.81 -6.28 -23.49
CA PHE K 220 18.83 -6.81 -24.38
C PHE K 220 20.21 -6.94 -23.71
N CYS K 221 20.55 -6.00 -22.83
CA CYS K 221 21.84 -6.09 -22.16
C CYS K 221 21.82 -7.28 -21.21
N ALA K 222 20.66 -7.56 -20.62
CA ALA K 222 20.50 -8.70 -19.72
C ALA K 222 20.73 -9.98 -20.51
N GLU K 223 20.13 -10.09 -21.69
CA GLU K 223 20.32 -11.28 -22.50
C GLU K 223 21.80 -11.45 -22.82
N ALA K 224 22.48 -10.33 -23.11
CA ALA K 224 23.91 -10.35 -23.43
C ALA K 224 24.74 -10.79 -22.23
N ILE K 225 24.42 -10.27 -21.06
CA ILE K 225 25.13 -10.62 -19.83
C ILE K 225 25.08 -12.14 -19.59
N TYR K 226 23.87 -12.69 -19.64
CA TYR K 226 23.72 -14.10 -19.37
C TYR K 226 24.22 -15.02 -20.48
N LYS K 227 24.19 -14.56 -21.73
CA LYS K 227 24.67 -15.39 -22.83
C LYS K 227 26.20 -15.52 -22.71
N SER K 228 26.87 -14.39 -22.46
CA SER K 228 28.33 -14.41 -22.33
C SER K 228 28.77 -15.15 -21.07
N GLN K 229 28.01 -15.01 -19.98
CA GLN K 229 28.36 -15.70 -18.74
C GLN K 229 28.27 -17.21 -18.93
N ALA K 230 27.21 -17.67 -19.59
CA ALA K 230 27.03 -19.11 -19.81
C ALA K 230 28.12 -19.66 -20.72
N GLU K 231 28.52 -18.86 -21.70
CA GLU K 231 29.54 -19.27 -22.66
C GLU K 231 30.94 -19.39 -22.07
N THR K 232 31.32 -18.40 -21.26
CA THR K 232 32.65 -18.36 -20.65
C THR K 232 32.78 -19.04 -19.29
N GLY K 233 31.69 -19.04 -18.52
CA GLY K 233 31.73 -19.64 -17.21
C GLY K 233 32.13 -18.66 -16.12
N GLU K 234 32.41 -17.41 -16.52
CA GLU K 234 32.79 -16.35 -15.58
C GLU K 234 31.62 -15.38 -15.40
N ILE K 235 31.48 -14.84 -14.19
CA ILE K 235 30.40 -13.90 -13.91
C ILE K 235 30.60 -12.60 -14.70
N LYS K 236 29.52 -12.14 -15.33
CA LYS K 236 29.56 -10.93 -16.15
C LYS K 236 28.56 -9.88 -15.68
N GLY K 237 28.77 -8.64 -16.09
CA GLY K 237 27.85 -7.59 -15.72
C GLY K 237 27.89 -6.44 -16.72
N HIS K 238 26.90 -5.57 -16.64
CA HIS K 238 26.83 -4.40 -17.51
C HIS K 238 26.37 -3.24 -16.63
N TYR K 239 27.14 -2.15 -16.60
CA TYR K 239 26.73 -1.01 -15.77
C TYR K 239 25.50 -0.38 -16.41
N LEU K 240 24.32 -0.76 -15.93
CA LEU K 240 23.07 -0.22 -16.45
C LEU K 240 22.82 1.14 -15.81
N ASN K 241 22.87 2.19 -16.61
CA ASN K 241 22.71 3.55 -16.12
C ASN K 241 21.28 3.84 -15.67
N ALA K 242 21.13 4.16 -14.39
CA ALA K 242 19.82 4.47 -13.81
C ALA K 242 19.63 5.98 -13.63
N THR K 243 20.64 6.76 -14.04
CA THR K 243 20.56 8.21 -13.92
C THR K 243 19.27 8.67 -14.60
N ALA K 244 18.50 9.52 -13.94
CA ALA K 244 17.24 9.98 -14.52
C ALA K 244 16.87 11.41 -14.12
N GLY K 245 15.75 11.88 -14.68
CA GLY K 245 15.31 13.23 -14.40
C GLY K 245 14.71 13.38 -13.01
N THR K 246 14.13 12.31 -12.49
CA THR K 246 13.51 12.33 -11.17
C THR K 246 13.95 11.12 -10.36
N CYS K 247 13.79 11.20 -9.05
CA CYS K 247 14.17 10.10 -8.18
C CYS K 247 13.26 8.90 -8.40
N GLU K 248 12.01 9.16 -8.76
CA GLU K 248 11.06 8.08 -9.00
C GLU K 248 11.49 7.26 -10.22
N GLU K 249 11.92 7.95 -11.28
CA GLU K 249 12.37 7.27 -12.50
C GLU K 249 13.67 6.52 -12.24
N MET K 250 14.56 7.13 -11.46
CA MET K 250 15.84 6.50 -11.12
C MET K 250 15.63 5.16 -10.41
N ILE K 251 14.78 5.16 -9.39
CA ILE K 251 14.53 3.94 -8.63
C ILE K 251 13.80 2.90 -9.47
N LYS K 252 12.90 3.35 -10.34
CA LYS K 252 12.18 2.43 -11.22
C LYS K 252 13.14 1.64 -12.10
N ARG K 253 14.22 2.28 -12.52
CA ARG K 253 15.20 1.61 -13.37
C ARG K 253 16.00 0.60 -12.53
N ALA K 254 16.37 0.99 -11.32
CA ALA K 254 17.11 0.11 -10.44
C ALA K 254 16.22 -1.10 -10.10
N VAL K 255 14.93 -0.85 -9.94
CA VAL K 255 13.98 -1.92 -9.62
C VAL K 255 13.94 -2.99 -10.72
N PHE K 256 13.94 -2.58 -11.98
CA PHE K 256 13.91 -3.57 -13.06
C PHE K 256 15.24 -4.31 -13.14
N ALA K 257 16.35 -3.62 -12.88
CA ALA K 257 17.64 -4.29 -12.90
C ALA K 257 17.60 -5.38 -11.84
N ARG K 258 17.00 -5.05 -10.70
CA ARG K 258 16.86 -5.99 -9.59
C ARG K 258 16.04 -7.20 -10.01
N GLU K 259 14.95 -6.96 -10.74
CA GLU K 259 14.07 -8.04 -11.22
C GLU K 259 14.83 -8.94 -12.18
N LEU K 260 15.67 -8.36 -13.01
CA LEU K 260 16.45 -9.12 -13.99
C LEU K 260 17.55 -9.93 -13.33
N GLY K 261 17.84 -9.60 -12.07
CA GLY K 261 18.85 -10.33 -11.31
C GLY K 261 20.30 -10.04 -11.67
N VAL K 262 20.54 -8.94 -12.38
CA VAL K 262 21.89 -8.59 -12.79
C VAL K 262 22.65 -8.04 -11.60
N PRO K 263 23.98 -8.09 -11.65
CA PRO K 263 24.84 -7.62 -10.55
C PRO K 263 25.17 -6.15 -10.35
N ILE K 264 25.03 -5.32 -11.38
CA ILE K 264 25.45 -3.93 -11.21
C ILE K 264 24.69 -2.86 -12.00
N VAL K 265 24.50 -1.70 -11.37
CA VAL K 265 23.84 -0.56 -12.03
C VAL K 265 24.79 0.62 -11.96
N MET K 266 24.39 1.75 -12.55
CA MET K 266 25.25 2.91 -12.63
C MET K 266 24.54 4.24 -12.37
N HIS K 267 25.30 5.25 -11.94
CA HIS K 267 24.73 6.57 -11.67
C HIS K 267 25.78 7.67 -11.89
N ASP K 268 25.33 8.79 -12.46
CA ASP K 268 26.21 9.95 -12.67
C ASP K 268 25.93 10.75 -11.40
N TYR K 269 26.74 10.53 -10.36
CA TYR K 269 26.47 11.18 -9.08
C TYR K 269 26.44 12.69 -8.97
N LEU K 270 27.28 13.38 -9.73
CA LEU K 270 27.31 14.84 -9.65
C LEU K 270 26.17 15.50 -10.42
N THR K 271 25.81 14.95 -11.58
CA THR K 271 24.72 15.53 -12.36
C THR K 271 23.36 15.11 -11.81
N GLY K 272 23.28 13.89 -11.27
CA GLY K 272 22.05 13.43 -10.66
C GLY K 272 21.92 14.13 -9.31
N GLY K 273 23.06 14.24 -8.61
CA GLY K 273 23.05 14.91 -7.32
C GLY K 273 23.20 13.98 -6.14
N PHE K 274 23.73 14.50 -5.04
CA PHE K 274 23.95 13.70 -3.83
C PHE K 274 22.70 13.17 -3.15
N THR K 275 21.62 13.95 -3.13
CA THR K 275 20.39 13.47 -2.50
C THR K 275 19.91 12.22 -3.24
N ALA K 276 19.87 12.29 -4.57
CA ALA K 276 19.47 11.15 -5.37
C ALA K 276 20.47 10.00 -5.26
N ASN K 277 21.76 10.34 -5.29
CA ASN K 277 22.77 9.29 -5.20
C ASN K 277 22.69 8.52 -3.89
N THR K 278 22.52 9.23 -2.79
CA THR K 278 22.44 8.56 -1.49
C THR K 278 21.25 7.61 -1.47
N SER K 279 20.13 8.06 -2.04
CA SER K 279 18.93 7.22 -2.09
C SER K 279 19.20 5.97 -2.91
N LEU K 280 19.90 6.12 -4.03
CA LEU K 280 20.21 4.97 -4.86
C LEU K 280 21.17 4.03 -4.13
N ALA K 281 22.17 4.59 -3.44
CA ALA K 281 23.12 3.77 -2.70
C ALA K 281 22.40 2.93 -1.65
N HIS K 282 21.37 3.51 -1.04
CA HIS K 282 20.59 2.78 -0.05
C HIS K 282 19.82 1.65 -0.72
N TYR K 283 19.22 1.95 -1.88
CA TYR K 283 18.47 0.92 -2.58
C TYR K 283 19.39 -0.24 -2.96
N CYS K 284 20.58 0.10 -3.45
CA CYS K 284 21.54 -0.92 -3.86
C CYS K 284 21.97 -1.80 -2.69
N ARG K 285 22.16 -1.19 -1.52
CA ARG K 285 22.54 -1.95 -0.32
C ARG K 285 21.40 -2.90 0.05
N ASP K 286 20.17 -2.40 0.03
CA ASP K 286 19.01 -3.20 0.38
C ASP K 286 18.68 -4.32 -0.60
N ASN K 287 19.23 -4.24 -1.81
CA ASN K 287 18.93 -5.24 -2.84
C ASN K 287 20.11 -5.97 -3.47
N GLY K 288 21.28 -5.83 -2.84
CA GLY K 288 22.47 -6.51 -3.31
C GLY K 288 23.04 -6.10 -4.66
N LEU K 289 22.78 -4.87 -5.08
CA LEU K 289 23.29 -4.38 -6.36
C LEU K 289 24.58 -3.59 -6.20
N LEU K 290 25.55 -3.86 -7.09
CA LEU K 290 26.80 -3.12 -7.07
C LEU K 290 26.45 -1.78 -7.74
N LEU K 291 27.17 -0.74 -7.39
CA LEU K 291 26.90 0.60 -7.94
C LEU K 291 28.12 1.27 -8.56
N HIS K 292 28.12 1.36 -9.89
CA HIS K 292 29.21 2.00 -10.63
C HIS K 292 28.94 3.50 -10.75
N ILE K 293 29.87 4.32 -10.28
CA ILE K 293 29.70 5.76 -10.31
C ILE K 293 30.56 6.48 -11.34
N HIS K 294 29.91 7.23 -12.22
CA HIS K 294 30.61 8.02 -13.23
C HIS K 294 30.69 9.44 -12.68
N ARG K 295 31.85 10.09 -12.86
CA ARG K 295 32.04 11.43 -12.33
C ARG K 295 31.77 12.58 -13.30
N ALA K 296 30.84 12.37 -14.22
CA ALA K 296 30.46 13.40 -15.19
C ALA K 296 30.29 14.79 -14.59
N MET K 297 30.89 15.78 -15.26
CA MET K 297 30.86 17.19 -14.90
C MET K 297 31.86 17.61 -13.82
N HIS K 298 32.63 16.65 -13.31
CA HIS K 298 33.60 16.97 -12.27
C HIS K 298 34.61 18.05 -12.72
N ALA K 299 34.99 18.01 -13.99
CA ALA K 299 35.97 18.96 -14.51
C ALA K 299 35.46 20.41 -14.51
N VAL K 300 34.15 20.58 -14.43
CA VAL K 300 33.59 21.92 -14.39
C VAL K 300 34.00 22.53 -13.05
N ILE K 301 34.15 21.67 -12.06
CA ILE K 301 34.50 22.04 -10.69
C ILE K 301 35.96 21.85 -10.28
N ASP K 302 36.58 20.77 -10.74
CA ASP K 302 37.94 20.46 -10.32
C ASP K 302 39.12 20.66 -11.25
N ARG K 303 38.92 21.26 -12.41
CA ARG K 303 40.03 21.44 -13.37
C ARG K 303 41.06 22.51 -13.03
N GLN K 304 40.60 23.71 -12.68
CA GLN K 304 41.50 24.82 -12.38
C GLN K 304 42.10 24.78 -10.97
N LYS K 305 43.42 24.98 -10.87
CA LYS K 305 44.09 24.96 -9.59
C LYS K 305 43.70 26.12 -8.66
N ASN K 306 43.29 27.24 -9.25
CA ASN K 306 42.95 28.43 -8.47
C ASN K 306 41.52 28.55 -7.95
N HIS K 307 40.59 27.81 -8.51
CA HIS K 307 39.20 27.94 -8.08
C HIS K 307 38.40 26.65 -8.28
N GLY K 308 37.51 26.37 -7.33
CA GLY K 308 36.67 25.19 -7.43
C GLY K 308 36.85 24.25 -6.25
N MET K 309 36.86 22.95 -6.54
CA MET K 309 37.05 21.93 -5.52
C MET K 309 37.88 20.82 -6.15
N HIS K 310 38.94 20.40 -5.46
CA HIS K 310 39.78 19.33 -6.00
C HIS K 310 38.98 18.03 -6.02
N PHE K 311 39.25 17.18 -7.01
CA PHE K 311 38.53 15.92 -7.11
C PHE K 311 38.60 15.07 -5.85
N ARG K 312 39.68 15.15 -5.08
CA ARG K 312 39.77 14.33 -3.89
C ARG K 312 38.62 14.63 -2.92
N VAL K 313 38.12 15.86 -2.94
CA VAL K 313 37.00 16.21 -2.07
C VAL K 313 35.74 15.56 -2.62
N LEU K 314 35.59 15.59 -3.94
CA LEU K 314 34.44 14.99 -4.59
C LEU K 314 34.49 13.47 -4.43
N ALA K 315 35.70 12.94 -4.33
CA ALA K 315 35.92 11.51 -4.16
C ALA K 315 35.50 11.07 -2.76
N LYS K 316 35.92 11.82 -1.74
CA LYS K 316 35.57 11.48 -0.38
C LYS K 316 34.06 11.53 -0.24
N ALA K 317 33.45 12.56 -0.83
CA ALA K 317 32.01 12.74 -0.80
C ALA K 317 31.28 11.55 -1.40
N LEU K 318 31.81 11.00 -2.48
CA LEU K 318 31.16 9.86 -3.10
C LEU K 318 31.29 8.62 -2.21
N ARG K 319 32.46 8.44 -1.60
CA ARG K 319 32.65 7.29 -0.72
C ARG K 319 31.59 7.33 0.38
N MET K 320 31.36 8.53 0.92
CA MET K 320 30.39 8.75 1.98
C MET K 320 28.94 8.56 1.51
N SER K 321 28.57 9.18 0.39
CA SER K 321 27.22 9.08 -0.15
C SER K 321 26.95 7.64 -0.57
N GLY K 322 27.94 7.01 -1.18
CA GLY K 322 27.80 5.62 -1.58
C GLY K 322 28.05 5.27 -3.04
N GLY K 323 29.03 4.39 -3.25
CA GLY K 323 29.38 3.93 -4.58
C GLY K 323 30.35 2.77 -4.46
N ASP K 324 30.31 1.83 -5.40
CA ASP K 324 31.22 0.68 -5.35
C ASP K 324 32.40 0.87 -6.30
N HIS K 325 32.18 1.63 -7.37
CA HIS K 325 33.22 1.98 -8.36
C HIS K 325 33.13 3.48 -8.54
N ILE K 326 34.24 4.12 -8.86
CA ILE K 326 34.21 5.55 -9.16
C ILE K 326 35.33 5.83 -10.15
N HIS K 327 35.03 6.58 -11.20
CA HIS K 327 36.04 6.91 -12.18
C HIS K 327 37.11 7.78 -11.52
N ALA K 328 38.36 7.51 -11.85
CA ALA K 328 39.47 8.24 -11.27
C ALA K 328 40.47 8.77 -12.30
N GLY K 329 40.03 8.86 -13.55
CA GLY K 329 40.91 9.38 -14.58
C GLY K 329 41.63 8.35 -15.41
N THR K 330 42.74 8.79 -16.00
CA THR K 330 43.57 7.96 -16.86
C THR K 330 44.99 7.94 -16.31
N VAL K 331 45.60 9.12 -16.34
CA VAL K 331 46.99 9.37 -15.93
C VAL K 331 47.75 9.36 -17.24
N VAL K 332 47.68 8.23 -17.93
CA VAL K 332 48.33 8.09 -19.23
C VAL K 332 47.27 8.05 -20.33
N GLU K 338 47.49 13.93 -12.71
CA GLU K 338 48.91 13.95 -12.24
C GLU K 338 49.15 12.76 -11.31
N ARG K 339 50.17 11.97 -11.65
CA ARG K 339 50.54 10.76 -10.92
C ARG K 339 50.51 10.80 -9.38
N GLU K 340 51.33 11.64 -8.77
CA GLU K 340 51.37 11.73 -7.31
C GLU K 340 50.01 12.08 -6.71
N MET K 341 49.33 13.04 -7.33
CA MET K 341 48.02 13.49 -6.87
C MET K 341 47.01 12.37 -6.99
N THR K 342 47.09 11.63 -8.10
CA THR K 342 46.19 10.52 -8.36
C THR K 342 46.37 9.39 -7.35
N LEU K 343 47.62 9.01 -7.10
CA LEU K 343 47.89 7.94 -6.14
C LEU K 343 47.33 8.36 -4.79
N GLY K 344 47.44 9.66 -4.50
CA GLY K 344 46.93 10.18 -3.25
C GLY K 344 45.44 9.98 -3.07
N PHE K 345 44.61 10.45 -4.00
CA PHE K 345 43.18 10.28 -3.83
C PHE K 345 42.71 8.84 -4.06
N VAL K 346 43.52 8.03 -4.71
CA VAL K 346 43.17 6.63 -4.89
C VAL K 346 43.25 5.98 -3.50
N ASP K 347 44.28 6.33 -2.75
CA ASP K 347 44.41 5.79 -1.40
C ASP K 347 43.26 6.30 -0.53
N LEU K 348 42.86 7.55 -0.73
CA LEU K 348 41.76 8.12 0.05
C LEU K 348 40.44 7.40 -0.25
N LEU K 349 40.33 6.86 -1.46
CA LEU K 349 39.12 6.15 -1.87
C LEU K 349 39.10 4.68 -1.45
N ARG K 350 40.27 4.04 -1.45
CA ARG K 350 40.38 2.62 -1.12
C ARG K 350 40.78 2.21 0.29
N ASP K 351 41.70 2.92 0.90
CA ASP K 351 42.21 2.55 2.21
C ASP K 351 41.39 2.91 3.44
N ASP K 352 41.73 2.27 4.56
CA ASP K 352 41.05 2.50 5.82
C ASP K 352 41.66 3.67 6.58
N PHE K 353 42.98 3.83 6.47
CA PHE K 353 43.68 4.90 7.16
C PHE K 353 44.73 5.48 6.22
N ILE K 354 44.66 6.79 5.98
CA ILE K 354 45.59 7.47 5.10
C ILE K 354 46.29 8.62 5.82
N GLU K 355 47.60 8.53 5.98
CA GLU K 355 48.34 9.57 6.67
C GLU K 355 48.54 10.81 5.79
N LYS K 356 48.59 11.97 6.43
CA LYS K 356 48.83 13.23 5.74
C LYS K 356 50.07 13.07 4.88
N ASP K 357 50.07 13.68 3.69
CA ASP K 357 51.20 13.60 2.76
C ASP K 357 51.04 14.71 1.72
N ARG K 358 51.57 15.89 2.00
CA ARG K 358 51.44 17.00 1.06
C ARG K 358 51.98 16.68 -0.32
N ALA K 359 52.98 15.82 -0.40
CA ALA K 359 53.57 15.45 -1.68
C ALA K 359 52.52 14.77 -2.56
N ARG K 360 51.53 14.15 -1.94
CA ARG K 360 50.47 13.48 -2.69
C ARG K 360 49.12 14.18 -2.53
N GLY K 361 49.16 15.45 -2.14
CA GLY K 361 47.95 16.22 -1.99
C GLY K 361 47.03 15.81 -0.85
N ILE K 362 47.55 15.06 0.11
CA ILE K 362 46.76 14.64 1.26
C ILE K 362 47.04 15.63 2.38
N PHE K 363 46.13 16.58 2.57
CA PHE K 363 46.30 17.63 3.57
C PHE K 363 45.99 17.20 4.99
N PHE K 364 45.15 16.18 5.13
CA PHE K 364 44.77 15.69 6.45
C PHE K 364 44.86 14.18 6.56
N THR K 365 45.20 13.70 7.76
CA THR K 365 45.23 12.27 7.99
C THR K 365 43.74 11.92 7.99
N GLN K 366 43.38 10.87 7.23
CA GLN K 366 41.98 10.46 7.12
C GLN K 366 41.76 9.04 7.63
N ASP K 367 40.90 8.92 8.63
CA ASP K 367 40.59 7.61 9.23
C ASP K 367 39.13 7.27 8.87
N TRP K 368 38.93 6.17 8.15
CA TRP K 368 37.59 5.77 7.74
C TRP K 368 36.87 4.78 8.65
N VAL K 369 37.52 4.39 9.75
CA VAL K 369 36.95 3.46 10.71
C VAL K 369 36.10 2.34 10.11
N SER K 370 36.71 1.61 9.19
CA SER K 370 36.11 0.46 8.52
C SER K 370 35.05 0.67 7.46
N MET K 371 34.80 1.91 7.05
CA MET K 371 33.86 2.14 5.97
C MET K 371 34.57 1.54 4.76
N PRO K 372 33.89 0.67 4.00
CA PRO K 372 34.50 0.05 2.82
C PRO K 372 35.07 1.04 1.81
N GLY K 373 36.06 0.59 1.03
CA GLY K 373 36.66 1.43 0.01
C GLY K 373 35.93 1.31 -1.31
N VAL K 374 36.26 2.20 -2.24
CA VAL K 374 35.64 2.24 -3.57
C VAL K 374 36.70 1.86 -4.60
N ILE K 375 36.30 1.11 -5.63
CA ILE K 375 37.23 0.71 -6.67
C ILE K 375 37.39 1.83 -7.70
N PRO K 376 38.62 2.34 -7.89
CA PRO K 376 38.86 3.42 -8.85
C PRO K 376 38.83 2.86 -10.27
N VAL K 377 38.28 3.64 -11.20
CA VAL K 377 38.16 3.21 -12.59
C VAL K 377 38.93 4.10 -13.54
N ALA K 378 39.78 3.49 -14.38
CA ALA K 378 40.57 4.24 -15.36
C ALA K 378 39.88 4.12 -16.71
N SER K 379 39.86 5.21 -17.48
CA SER K 379 39.23 5.21 -18.79
C SER K 379 40.00 6.13 -19.74
N GLY K 380 39.35 6.55 -20.83
CA GLY K 380 40.02 7.43 -21.78
C GLY K 380 40.59 6.68 -22.96
N GLY K 381 41.43 7.39 -23.72
CA GLY K 381 42.10 6.84 -24.88
C GLY K 381 43.22 5.92 -24.45
N ILE K 382 42.86 4.78 -23.90
CA ILE K 382 43.87 3.81 -23.48
C ILE K 382 43.75 2.52 -24.27
N HIS K 383 44.87 1.84 -24.47
CA HIS K 383 44.87 0.58 -25.20
C HIS K 383 45.88 -0.40 -24.61
N VAL K 384 46.03 -1.55 -25.26
CA VAL K 384 46.93 -2.59 -24.79
C VAL K 384 48.34 -2.16 -24.35
N TRP K 385 48.96 -1.22 -25.05
CA TRP K 385 50.30 -0.79 -24.69
C TRP K 385 50.35 -0.05 -23.35
N HIS K 386 49.20 0.38 -22.86
CA HIS K 386 49.12 1.10 -21.58
C HIS K 386 48.90 0.14 -20.42
N MET K 387 48.63 -1.13 -20.70
CA MET K 387 48.35 -2.09 -19.65
C MET K 387 49.40 -2.18 -18.54
N PRO K 388 50.68 -2.28 -18.91
CA PRO K 388 51.71 -2.35 -17.86
C PRO K 388 51.65 -1.13 -16.93
N ALA K 389 51.61 0.06 -17.52
CA ALA K 389 51.55 1.29 -16.75
C ALA K 389 50.30 1.36 -15.87
N LEU K 390 49.15 1.02 -16.44
CA LEU K 390 47.91 1.06 -15.68
C LEU K 390 47.96 0.08 -14.52
N THR K 391 48.47 -1.12 -14.76
CA THR K 391 48.57 -2.13 -13.72
C THR K 391 49.51 -1.69 -12.62
N GLU K 392 50.61 -1.04 -12.99
CA GLU K 392 51.60 -0.58 -12.02
C GLU K 392 51.05 0.57 -11.15
N ILE K 393 50.37 1.51 -11.79
CA ILE K 393 49.81 2.66 -11.09
C ILE K 393 48.71 2.29 -10.09
N PHE K 394 47.67 1.64 -10.58
CA PHE K 394 46.52 1.28 -9.76
C PHE K 394 46.58 -0.04 -8.98
N GLY K 395 47.36 -0.99 -9.45
CA GLY K 395 47.41 -2.27 -8.75
C GLY K 395 46.15 -3.05 -9.08
N ASP K 396 45.95 -4.18 -8.40
CA ASP K 396 44.78 -5.03 -8.65
C ASP K 396 43.40 -4.43 -8.38
N ASP K 397 43.27 -3.63 -7.33
CA ASP K 397 41.97 -3.06 -7.02
C ASP K 397 41.59 -1.85 -7.84
N SER K 398 41.21 -2.13 -9.09
CA SER K 398 40.82 -1.09 -10.03
C SER K 398 40.05 -1.73 -11.18
N VAL K 399 39.39 -0.89 -11.97
CA VAL K 399 38.68 -1.37 -13.15
C VAL K 399 39.29 -0.56 -14.27
N LEU K 400 39.64 -1.22 -15.38
CA LEU K 400 40.22 -0.53 -16.52
C LEU K 400 39.21 -0.61 -17.67
N GLN K 401 38.72 0.56 -18.08
CA GLN K 401 37.72 0.64 -19.16
C GLN K 401 38.34 0.93 -20.52
N PHE K 402 38.11 0.02 -21.46
CA PHE K 402 38.62 0.17 -22.82
C PHE K 402 37.48 0.27 -23.83
N GLY K 403 37.13 1.49 -24.20
CA GLY K 403 36.06 1.69 -25.16
C GLY K 403 36.59 1.49 -26.57
N GLY K 404 37.26 2.51 -27.09
CA GLY K 404 37.82 2.40 -28.42
C GLY K 404 38.83 1.27 -28.45
N GLY K 405 39.48 1.05 -27.31
CA GLY K 405 40.49 0.00 -27.22
C GLY K 405 39.94 -1.41 -27.37
N THR K 406 38.62 -1.54 -27.44
CA THR K 406 38.00 -2.85 -27.62
C THR K 406 37.21 -2.85 -28.92
N LEU K 407 36.30 -1.89 -29.06
CA LEU K 407 35.48 -1.79 -30.27
C LEU K 407 36.28 -1.32 -31.46
N GLY K 408 37.54 -0.99 -31.23
CA GLY K 408 38.40 -0.53 -32.30
C GLY K 408 39.34 -1.61 -32.81
N HIS K 409 39.28 -2.79 -32.20
CA HIS K 409 40.13 -3.90 -32.62
C HIS K 409 39.75 -4.29 -34.04
N PRO K 410 40.76 -4.56 -34.89
CA PRO K 410 40.46 -4.95 -36.28
C PRO K 410 39.63 -6.21 -36.50
N TRP K 411 39.56 -7.09 -35.51
CA TRP K 411 38.79 -8.33 -35.67
C TRP K 411 37.45 -8.33 -34.95
N GLY K 412 37.09 -7.24 -34.30
CA GLY K 412 35.81 -7.20 -33.60
C GLY K 412 35.95 -7.15 -32.10
N ASN K 413 34.80 -7.09 -31.42
CA ASN K 413 34.74 -7.00 -29.97
C ASN K 413 35.29 -8.18 -29.18
N ALA K 414 34.95 -9.40 -29.56
CA ALA K 414 35.43 -10.57 -28.84
C ALA K 414 36.96 -10.65 -28.92
N PRO K 415 37.54 -10.50 -30.12
CA PRO K 415 39.01 -10.56 -30.20
C PRO K 415 39.59 -9.35 -29.49
N GLY K 416 38.86 -8.24 -29.53
CA GLY K 416 39.32 -7.02 -28.89
C GLY K 416 39.38 -7.21 -27.38
N ALA K 417 38.36 -7.86 -26.85
CA ALA K 417 38.31 -8.13 -25.42
C ALA K 417 39.41 -9.11 -25.03
N ALA K 418 39.60 -10.14 -25.86
CA ALA K 418 40.64 -11.14 -25.59
C ALA K 418 42.02 -10.48 -25.55
N ALA K 419 42.26 -9.56 -26.47
CA ALA K 419 43.54 -8.88 -26.52
C ALA K 419 43.79 -8.14 -25.21
N ASN K 420 42.77 -7.46 -24.71
CA ASN K 420 42.91 -6.73 -23.45
C ASN K 420 43.08 -7.66 -22.26
N ARG K 421 42.29 -8.72 -22.20
CA ARG K 421 42.38 -9.68 -21.09
C ARG K 421 43.76 -10.36 -21.11
N VAL K 422 44.26 -10.68 -22.29
CA VAL K 422 45.57 -11.32 -22.41
C VAL K 422 46.68 -10.36 -21.99
N ALA K 423 46.62 -9.13 -22.46
CA ALA K 423 47.62 -8.13 -22.11
C ALA K 423 47.66 -7.95 -20.60
N LEU K 424 46.50 -7.85 -19.98
CA LEU K 424 46.44 -7.66 -18.53
C LEU K 424 47.02 -8.86 -17.78
N GLU K 425 46.59 -10.07 -18.14
CA GLU K 425 47.09 -11.25 -17.43
C GLU K 425 48.59 -11.44 -17.63
N ALA K 426 49.10 -11.01 -18.78
CA ALA K 426 50.54 -11.11 -19.05
C ALA K 426 51.26 -10.17 -18.08
N CYS K 427 50.68 -9.00 -17.87
CA CYS K 427 51.26 -8.01 -16.96
C CYS K 427 51.20 -8.52 -15.52
N VAL K 428 50.05 -9.05 -15.14
CA VAL K 428 49.88 -9.57 -13.78
C VAL K 428 50.86 -10.71 -13.54
N GLN K 429 50.97 -11.64 -14.48
CA GLN K 429 51.89 -12.76 -14.30
C GLN K 429 53.31 -12.25 -14.10
N ALA K 430 53.75 -11.35 -14.97
CA ALA K 430 55.09 -10.79 -14.91
C ALA K 430 55.34 -10.09 -13.59
N ARG K 431 54.39 -9.26 -13.17
CA ARG K 431 54.52 -8.54 -11.91
C ARG K 431 54.64 -9.51 -10.75
N ASN K 432 53.79 -10.54 -10.74
CA ASN K 432 53.80 -11.53 -9.68
C ASN K 432 55.14 -12.27 -9.61
N GLU K 433 55.79 -12.44 -10.76
CA GLU K 433 57.08 -13.12 -10.80
C GLU K 433 58.20 -12.20 -10.32
N GLY K 434 57.86 -10.93 -10.14
CA GLY K 434 58.86 -9.97 -9.66
C GLY K 434 59.43 -9.02 -10.68
N ARG K 435 58.88 -9.01 -11.90
CA ARG K 435 59.38 -8.13 -12.95
C ARG K 435 58.91 -6.69 -12.76
N ASP K 436 59.70 -5.75 -13.27
CA ASP K 436 59.41 -4.32 -13.17
C ASP K 436 58.52 -3.87 -14.33
N LEU K 437 57.23 -3.69 -14.07
CA LEU K 437 56.30 -3.26 -15.11
C LEU K 437 56.67 -1.90 -15.69
N ALA K 438 57.20 -1.04 -14.84
CA ALA K 438 57.59 0.30 -15.27
C ALA K 438 58.73 0.29 -16.27
N ARG K 439 59.58 -0.73 -16.23
CA ARG K 439 60.71 -0.81 -17.14
C ARG K 439 60.63 -1.92 -18.18
N GLU K 440 59.91 -2.98 -17.89
CA GLU K 440 59.79 -4.10 -18.82
C GLU K 440 58.43 -4.22 -19.50
N GLY K 441 57.58 -3.23 -19.27
CA GLY K 441 56.24 -3.24 -19.86
C GLY K 441 56.15 -3.58 -21.33
N ASN K 442 56.84 -2.81 -22.17
CA ASN K 442 56.79 -3.07 -23.61
C ASN K 442 57.28 -4.48 -23.95
N GLU K 443 58.34 -4.92 -23.28
CA GLU K 443 58.88 -6.26 -23.53
C GLU K 443 57.85 -7.34 -23.14
N ILE K 444 57.11 -7.09 -22.07
CA ILE K 444 56.09 -8.03 -21.61
C ILE K 444 54.97 -8.14 -22.63
N ILE K 445 54.53 -7.00 -23.17
CA ILE K 445 53.47 -7.01 -24.17
C ILE K 445 53.96 -7.66 -25.46
N ARG K 446 55.17 -7.32 -25.89
CA ARG K 446 55.71 -7.89 -27.12
C ARG K 446 55.82 -9.41 -27.01
N SER K 447 56.23 -9.90 -25.85
CA SER K 447 56.35 -11.34 -25.66
C SER K 447 54.98 -12.01 -25.76
N ALA K 448 53.96 -11.37 -25.21
CA ALA K 448 52.61 -11.93 -25.26
C ALA K 448 52.09 -11.97 -26.69
N CYS K 449 52.55 -11.05 -27.53
CA CYS K 449 52.13 -11.01 -28.92
C CYS K 449 52.57 -12.25 -29.68
N LYS K 450 53.64 -12.89 -29.22
CA LYS K 450 54.15 -14.09 -29.87
C LYS K 450 53.20 -15.29 -29.85
N TRP K 451 52.37 -15.39 -28.81
CA TRP K 451 51.44 -16.51 -28.72
C TRP K 451 49.97 -16.12 -28.81
N SER K 452 49.69 -14.83 -28.76
CA SER K 452 48.32 -14.34 -28.85
C SER K 452 48.09 -13.53 -30.12
N PRO K 453 47.49 -14.15 -31.14
CA PRO K 453 47.22 -13.47 -32.41
C PRO K 453 46.32 -12.24 -32.22
N GLU K 454 45.40 -12.35 -31.27
CA GLU K 454 44.48 -11.25 -30.97
C GLU K 454 45.24 -10.03 -30.46
N LEU K 455 46.19 -10.26 -29.55
CA LEU K 455 46.97 -9.15 -28.99
C LEU K 455 47.90 -8.58 -30.06
N ALA K 456 48.49 -9.48 -30.86
CA ALA K 456 49.40 -9.06 -31.93
C ALA K 456 48.69 -8.09 -32.87
N ALA K 457 47.46 -8.41 -33.23
CA ALA K 457 46.67 -7.58 -34.13
C ALA K 457 46.42 -6.21 -33.53
N ALA K 458 46.12 -6.18 -32.23
CA ALA K 458 45.85 -4.93 -31.55
C ALA K 458 47.13 -4.10 -31.47
N CYS K 459 48.24 -4.75 -31.15
CA CYS K 459 49.50 -4.04 -31.01
C CYS K 459 50.01 -3.40 -32.31
N GLU K 460 49.63 -3.96 -33.45
CA GLU K 460 50.07 -3.37 -34.71
C GLU K 460 49.29 -2.11 -35.04
N ILE K 461 48.05 -2.05 -34.58
CA ILE K 461 47.19 -0.91 -34.84
C ILE K 461 47.47 0.30 -33.95
N TRP K 462 47.79 0.07 -32.67
CA TRP K 462 48.03 1.16 -31.73
C TRP K 462 49.44 1.38 -31.19
N LYS K 463 50.46 0.96 -31.94
CA LYS K 463 51.84 1.13 -31.49
C LYS K 463 52.25 2.61 -31.43
N MET L 2 41.50 -12.00 -40.30
CA MET L 2 40.57 -11.87 -39.17
C MET L 2 40.30 -13.26 -38.59
N GLN L 3 40.46 -13.40 -37.27
CA GLN L 3 40.20 -14.67 -36.62
C GLN L 3 39.01 -14.59 -35.66
N VAL L 4 38.19 -15.63 -35.65
CA VAL L 4 36.99 -15.67 -34.80
C VAL L 4 37.26 -16.30 -33.44
N TRP L 5 36.89 -15.60 -32.37
CA TRP L 5 37.10 -16.10 -31.01
C TRP L 5 36.21 -17.32 -30.81
N PRO L 6 36.79 -18.44 -30.35
CA PRO L 6 36.03 -19.67 -30.13
C PRO L 6 34.81 -19.51 -29.22
N ILE L 7 33.76 -20.27 -29.49
CA ILE L 7 32.55 -20.22 -28.69
C ILE L 7 32.45 -21.41 -27.75
N GLU L 8 33.31 -22.40 -27.93
CA GLU L 8 33.29 -23.58 -27.07
C GLU L 8 34.70 -24.12 -26.80
N GLY L 9 34.83 -24.90 -25.73
CA GLY L 9 36.11 -25.48 -25.38
C GLY L 9 37.12 -24.52 -24.78
N ILE L 10 36.71 -23.28 -24.55
CA ILE L 10 37.59 -22.27 -23.98
C ILE L 10 36.98 -21.65 -22.71
N LYS L 11 36.21 -22.43 -21.96
CA LYS L 11 35.62 -21.88 -20.74
C LYS L 11 36.75 -21.46 -19.81
N LYS L 12 36.50 -20.42 -19.01
CA LYS L 12 37.53 -19.86 -18.13
C LYS L 12 37.42 -20.02 -16.62
N PHE L 13 38.49 -19.62 -15.94
CA PHE L 13 38.60 -19.76 -14.50
C PHE L 13 39.21 -18.51 -13.88
N GLU L 14 38.81 -17.36 -14.40
CA GLU L 14 39.30 -16.07 -13.94
C GLU L 14 40.80 -15.83 -14.14
N THR L 15 41.43 -15.10 -13.23
CA THR L 15 42.84 -14.73 -13.36
C THR L 15 43.85 -15.79 -13.76
N LEU L 16 44.54 -15.49 -14.86
CA LEU L 16 45.57 -16.33 -15.47
C LEU L 16 45.05 -17.39 -16.43
N SER L 17 43.73 -17.57 -16.51
CA SER L 17 43.17 -18.58 -17.40
C SER L 17 43.18 -18.24 -18.88
N TYR L 18 43.60 -17.02 -19.22
CA TYR L 18 43.70 -16.63 -20.63
C TYR L 18 45.15 -16.78 -21.11
N LEU L 19 46.03 -17.19 -20.21
CA LEU L 19 47.42 -17.41 -20.56
C LEU L 19 47.56 -18.88 -20.97
N PRO L 20 48.66 -19.22 -21.66
CA PRO L 20 48.84 -20.63 -22.07
C PRO L 20 48.94 -21.48 -20.81
N PRO L 21 48.66 -22.79 -20.94
CA PRO L 21 48.73 -23.68 -19.77
C PRO L 21 49.99 -23.42 -18.94
N LEU L 22 49.79 -23.18 -17.64
CA LEU L 22 50.90 -22.91 -16.74
C LEU L 22 51.77 -24.14 -16.51
N THR L 23 53.07 -23.97 -16.71
CA THR L 23 54.03 -25.05 -16.51
C THR L 23 54.28 -25.16 -15.02
N VAL L 24 55.00 -26.21 -14.62
CA VAL L 24 55.28 -26.38 -13.20
C VAL L 24 56.09 -25.17 -12.71
N GLU L 25 57.09 -24.75 -13.49
CA GLU L 25 57.90 -23.60 -13.09
C GLU L 25 57.01 -22.36 -12.95
N ASP L 26 56.08 -22.19 -13.88
CA ASP L 26 55.16 -21.05 -13.86
C ASP L 26 54.33 -21.06 -12.58
N LEU L 27 53.80 -22.24 -12.24
CA LEU L 27 52.99 -22.37 -11.03
C LEU L 27 53.83 -22.05 -9.80
N LEU L 28 55.04 -22.59 -9.75
CA LEU L 28 55.93 -22.34 -8.62
C LEU L 28 56.15 -20.86 -8.38
N LYS L 29 56.36 -20.10 -9.45
CA LYS L 29 56.58 -18.67 -9.32
C LYS L 29 55.34 -17.96 -8.78
N GLN L 30 54.16 -18.42 -9.19
CA GLN L 30 52.93 -17.80 -8.71
C GLN L 30 52.72 -18.14 -7.24
N ILE L 31 53.11 -19.34 -6.85
CA ILE L 31 52.97 -19.75 -5.46
C ILE L 31 53.98 -18.99 -4.59
N GLU L 32 55.18 -18.77 -5.14
CA GLU L 32 56.23 -18.03 -4.41
C GLU L 32 55.81 -16.59 -4.20
N TYR L 33 55.05 -16.05 -5.15
CA TYR L 33 54.57 -14.67 -5.05
C TYR L 33 53.65 -14.59 -3.84
N LEU L 34 52.84 -15.63 -3.67
CA LEU L 34 51.91 -15.70 -2.55
C LEU L 34 52.69 -15.75 -1.24
N LEU L 35 53.72 -16.58 -1.17
CA LEU L 35 54.52 -16.70 0.04
C LEU L 35 55.31 -15.44 0.35
N ARG L 36 55.89 -14.81 -0.67
CA ARG L 36 56.65 -13.58 -0.45
C ARG L 36 55.74 -12.48 0.06
N SER L 37 54.49 -12.49 -0.42
CA SER L 37 53.51 -11.49 -0.03
C SER L 37 52.88 -11.80 1.33
N LYS L 38 53.32 -12.90 1.93
CA LYS L 38 52.82 -13.33 3.23
C LYS L 38 51.34 -13.71 3.22
N TRP L 39 50.91 -14.35 2.13
CA TRP L 39 49.54 -14.81 2.02
C TRP L 39 49.57 -16.32 2.21
N VAL L 40 48.44 -16.91 2.58
CA VAL L 40 48.38 -18.35 2.82
C VAL L 40 47.75 -19.10 1.65
N PRO L 41 48.50 -20.03 1.04
CA PRO L 41 47.97 -20.79 -0.08
C PRO L 41 47.02 -21.90 0.36
N CYS L 42 46.05 -22.21 -0.48
CA CYS L 42 45.09 -23.27 -0.19
C CYS L 42 44.61 -23.82 -1.51
N LEU L 43 44.31 -25.11 -1.55
CA LEU L 43 43.83 -25.73 -2.77
C LEU L 43 42.33 -25.97 -2.69
N GLU L 44 41.66 -25.83 -3.83
CA GLU L 44 40.21 -26.03 -3.95
C GLU L 44 39.97 -26.90 -5.16
N PHE L 45 38.96 -27.76 -5.09
CA PHE L 45 38.66 -28.61 -6.24
C PHE L 45 37.17 -28.80 -6.44
N SER L 46 36.79 -29.17 -7.67
CA SER L 46 35.38 -29.34 -8.00
C SER L 46 35.22 -30.11 -9.29
N LYS L 47 34.13 -30.86 -9.41
CA LYS L 47 33.88 -31.60 -10.64
C LYS L 47 33.07 -30.72 -11.58
N VAL L 48 32.57 -29.61 -11.04
CA VAL L 48 31.81 -28.62 -11.78
C VAL L 48 32.73 -27.41 -11.85
N GLY L 49 33.07 -26.97 -13.05
CA GLY L 49 34.00 -25.86 -13.15
C GLY L 49 33.50 -24.44 -13.31
N PHE L 50 32.19 -24.25 -13.41
CA PHE L 50 31.68 -22.91 -13.62
C PHE L 50 30.48 -22.53 -12.77
N VAL L 51 30.16 -21.24 -12.76
CA VAL L 51 29.03 -20.76 -11.98
C VAL L 51 27.70 -21.07 -12.66
N TYR L 52 26.64 -21.12 -11.86
CA TYR L 52 25.31 -21.37 -12.35
C TYR L 52 24.34 -20.70 -11.38
N ARG L 53 23.06 -20.69 -11.72
CA ARG L 53 22.07 -20.07 -10.85
C ARG L 53 20.86 -20.96 -10.68
N GLU L 54 20.99 -21.96 -9.82
CA GLU L 54 19.92 -22.90 -9.57
C GLU L 54 18.98 -22.50 -8.44
N ASN L 55 19.53 -22.01 -7.34
CA ASN L 55 18.70 -21.67 -6.19
C ASN L 55 18.13 -20.27 -6.11
N HIS L 56 18.73 -19.33 -6.83
CA HIS L 56 18.22 -17.97 -6.78
C HIS L 56 18.83 -17.18 -7.94
N ARG L 57 18.17 -16.09 -8.31
CA ARG L 57 18.64 -15.24 -9.38
C ARG L 57 18.62 -13.77 -8.97
N SER L 58 18.61 -13.52 -7.66
CA SER L 58 18.62 -12.15 -7.16
C SER L 58 20.02 -11.56 -7.35
N PRO L 59 20.15 -10.23 -7.37
CA PRO L 59 21.46 -9.61 -7.56
C PRO L 59 22.55 -10.11 -6.62
N GLY L 60 23.69 -10.47 -7.20
CA GLY L 60 24.80 -10.94 -6.40
C GLY L 60 24.75 -12.39 -5.97
N TYR L 61 23.66 -13.10 -6.26
CA TYR L 61 23.58 -14.50 -5.89
C TYR L 61 23.90 -15.41 -7.07
N TYR L 62 24.85 -16.32 -6.84
CA TYR L 62 25.25 -17.30 -7.85
C TYR L 62 25.63 -18.58 -7.11
N ASP L 63 25.40 -19.71 -7.76
CA ASP L 63 25.80 -21.00 -7.21
C ASP L 63 27.10 -21.30 -7.93
N GLY L 64 27.89 -22.24 -7.43
CA GLY L 64 29.13 -22.59 -8.11
C GLY L 64 30.32 -21.67 -7.89
N ARG L 65 30.20 -20.68 -7.01
CA ARG L 65 31.34 -19.82 -6.74
C ARG L 65 32.26 -20.57 -5.80
N TYR L 66 31.69 -21.19 -4.77
CA TYR L 66 32.47 -21.98 -3.83
C TYR L 66 32.80 -23.33 -4.45
N TRP L 67 34.01 -23.81 -4.21
CA TRP L 67 34.41 -25.14 -4.64
C TRP L 67 34.70 -25.81 -3.31
N THR L 68 35.27 -27.00 -3.32
CA THR L 68 35.56 -27.71 -2.08
C THR L 68 37.02 -27.56 -1.66
N MET L 69 37.24 -27.32 -0.37
CA MET L 69 38.58 -27.15 0.15
C MET L 69 39.36 -28.46 0.18
N TRP L 70 40.61 -28.42 -0.27
CA TRP L 70 41.47 -29.60 -0.23
C TRP L 70 42.21 -29.41 1.09
N LYS L 71 41.87 -30.21 2.09
CA LYS L 71 42.51 -30.11 3.40
C LYS L 71 42.30 -28.70 3.97
N LEU L 72 43.37 -28.05 4.41
CA LEU L 72 43.25 -26.71 4.99
C LEU L 72 44.28 -25.73 4.41
N PRO L 73 44.10 -24.42 4.68
CA PRO L 73 45.06 -23.46 4.16
C PRO L 73 46.41 -23.84 4.77
N MET L 74 47.48 -23.71 3.98
CA MET L 74 48.80 -24.09 4.46
C MET L 74 49.50 -23.00 5.27
N PHE L 75 48.97 -22.75 6.45
CA PHE L 75 49.52 -21.74 7.36
C PHE L 75 50.97 -22.04 7.69
N GLY L 76 51.82 -21.03 7.61
CA GLY L 76 53.22 -21.22 7.93
C GLY L 76 54.06 -21.84 6.82
N CYS L 77 53.47 -22.00 5.64
CA CYS L 77 54.20 -22.59 4.52
C CYS L 77 55.31 -21.65 4.08
N THR L 78 56.52 -22.18 3.95
CA THR L 78 57.66 -21.40 3.51
C THR L 78 58.32 -22.08 2.31
N ASP L 79 57.72 -23.17 1.87
CA ASP L 79 58.26 -23.94 0.74
C ASP L 79 57.18 -24.17 -0.34
N ALA L 80 57.26 -23.41 -1.42
CA ALA L 80 56.31 -23.50 -2.51
C ALA L 80 56.15 -24.93 -3.03
N THR L 81 57.22 -25.72 -2.92
CA THR L 81 57.20 -27.11 -3.37
C THR L 81 56.15 -27.92 -2.63
N GLN L 82 55.89 -27.54 -1.39
CA GLN L 82 54.91 -28.23 -0.55
C GLN L 82 53.51 -28.09 -1.18
N VAL L 83 53.26 -26.93 -1.76
CA VAL L 83 51.97 -26.66 -2.39
C VAL L 83 51.81 -27.56 -3.61
N LEU L 84 52.90 -27.75 -4.36
CA LEU L 84 52.90 -28.59 -5.54
C LEU L 84 52.62 -30.04 -5.17
N LYS L 85 53.23 -30.48 -4.07
CA LYS L 85 53.06 -31.84 -3.58
C LYS L 85 51.57 -32.10 -3.33
N GLU L 86 50.91 -31.15 -2.67
CA GLU L 86 49.49 -31.29 -2.39
C GLU L 86 48.71 -31.30 -3.70
N LEU L 87 49.12 -30.47 -4.65
CA LEU L 87 48.44 -30.43 -5.94
C LEU L 87 48.48 -31.82 -6.57
N GLU L 88 49.64 -32.47 -6.49
CA GLU L 88 49.79 -33.80 -7.05
C GLU L 88 48.91 -34.83 -6.35
N GLU L 89 48.78 -34.72 -5.03
CA GLU L 89 47.93 -35.64 -4.28
C GLU L 89 46.48 -35.47 -4.72
N ALA L 90 46.05 -34.21 -4.85
CA ALA L 90 44.67 -33.94 -5.25
C ALA L 90 44.40 -34.48 -6.65
N LYS L 91 45.35 -34.28 -7.56
CA LYS L 91 45.19 -34.78 -8.93
C LYS L 91 45.10 -36.29 -8.92
N LYS L 92 45.80 -36.91 -7.98
CA LYS L 92 45.82 -38.36 -7.85
C LYS L 92 44.49 -38.86 -7.31
N ALA L 93 43.98 -38.21 -6.26
CA ALA L 93 42.71 -38.60 -5.64
C ALA L 93 41.49 -38.22 -6.48
N TYR L 94 41.59 -37.12 -7.21
CA TYR L 94 40.48 -36.64 -8.04
C TYR L 94 40.97 -36.24 -9.43
N PRO L 95 41.39 -37.22 -10.24
CA PRO L 95 41.87 -36.92 -11.59
C PRO L 95 40.81 -36.29 -12.50
N ASP L 96 39.54 -36.45 -12.11
CA ASP L 96 38.42 -35.92 -12.88
C ASP L 96 37.89 -34.57 -12.38
N ALA L 97 38.63 -33.92 -11.50
CA ALA L 97 38.19 -32.64 -10.97
C ALA L 97 39.14 -31.50 -11.31
N PHE L 98 38.58 -30.28 -11.35
CA PHE L 98 39.39 -29.10 -11.60
C PHE L 98 40.00 -28.77 -10.25
N VAL L 99 41.22 -28.24 -10.24
CA VAL L 99 41.87 -27.86 -9.00
C VAL L 99 42.46 -26.48 -9.18
N ARG L 100 42.15 -25.57 -8.26
CA ARG L 100 42.68 -24.22 -8.33
C ARG L 100 43.40 -23.87 -7.03
N ILE L 101 44.32 -22.92 -7.12
CA ILE L 101 45.07 -22.48 -5.96
C ILE L 101 44.53 -21.12 -5.54
N ILE L 102 44.17 -20.99 -4.27
CA ILE L 102 43.65 -19.74 -3.76
C ILE L 102 44.57 -19.24 -2.66
N GLY L 103 44.35 -18.01 -2.21
CA GLY L 103 45.19 -17.47 -1.17
C GLY L 103 44.39 -16.61 -0.21
N PHE L 104 44.77 -16.66 1.06
CA PHE L 104 44.10 -15.88 2.09
C PHE L 104 45.10 -14.95 2.76
N ASP L 105 44.64 -13.75 3.11
CA ASP L 105 45.47 -12.78 3.80
C ASP L 105 44.79 -12.45 5.12
N ASN L 106 45.49 -12.67 6.23
CA ASN L 106 44.90 -12.40 7.53
C ASN L 106 44.90 -10.92 7.88
N VAL L 107 45.74 -10.13 7.20
CA VAL L 107 45.81 -8.70 7.45
C VAL L 107 44.63 -7.99 6.77
N ARG L 108 44.40 -8.30 5.49
CA ARG L 108 43.29 -7.70 4.78
C ARG L 108 42.02 -8.47 5.16
N GLN L 109 42.22 -9.63 5.79
CA GLN L 109 41.13 -10.49 6.25
C GLN L 109 40.21 -10.99 5.14
N VAL L 110 40.78 -11.28 3.98
CA VAL L 110 39.98 -11.75 2.85
C VAL L 110 40.73 -12.69 1.92
N GLN L 111 39.97 -13.44 1.12
CA GLN L 111 40.59 -14.31 0.13
C GLN L 111 40.98 -13.26 -0.91
N LEU L 112 42.14 -13.39 -1.53
CA LEU L 112 42.55 -12.39 -2.52
C LEU L 112 43.32 -12.96 -3.71
N ILE L 113 43.32 -14.28 -3.83
CA ILE L 113 44.01 -14.96 -4.94
C ILE L 113 43.20 -16.17 -5.39
N SER L 114 43.23 -16.45 -6.69
CA SER L 114 42.53 -17.60 -7.24
C SER L 114 42.94 -17.85 -8.70
N PHE L 115 43.62 -18.96 -8.95
CA PHE L 115 44.03 -19.29 -10.32
C PHE L 115 44.00 -20.82 -10.52
N ILE L 116 43.56 -21.23 -11.70
CA ILE L 116 43.45 -22.65 -12.03
C ILE L 116 44.83 -23.30 -12.09
N ALA L 117 44.93 -24.51 -11.55
CA ALA L 117 46.21 -25.23 -11.52
C ALA L 117 46.14 -26.56 -12.28
N TYR L 118 44.96 -27.17 -12.29
CA TYR L 118 44.75 -28.44 -12.97
C TYR L 118 43.35 -28.55 -13.56
N LYS L 119 43.28 -29.10 -14.75
CA LYS L 119 42.01 -29.31 -15.44
C LYS L 119 42.03 -30.77 -15.86
N PRO L 120 40.97 -31.52 -15.52
CA PRO L 120 40.93 -32.94 -15.87
C PRO L 120 41.02 -33.17 -17.38
N PRO L 121 41.95 -34.04 -17.82
CA PRO L 121 42.03 -34.27 -19.27
C PRO L 121 40.68 -34.83 -19.71
N GLY L 122 39.85 -33.90 -20.16
CA GLY L 122 38.50 -34.20 -20.60
C GLY L 122 37.78 -32.88 -20.37
N CYS L 123 38.58 -31.87 -20.07
CA CYS L 123 38.10 -30.52 -19.80
C CYS L 123 39.20 -29.49 -20.08
N GLY M 12 -19.77 -33.03 -42.72
CA GLY M 12 -18.32 -32.72 -42.87
C GLY M 12 -18.06 -31.22 -42.81
N PHE M 13 -16.78 -30.86 -43.03
CA PHE M 13 -16.26 -29.47 -42.95
C PHE M 13 -16.39 -28.45 -44.10
N LYS M 14 -15.66 -28.68 -45.20
CA LYS M 14 -15.68 -27.97 -46.53
C LYS M 14 -15.99 -26.44 -46.56
N ALA M 15 -15.17 -25.75 -47.38
CA ALA M 15 -15.07 -24.27 -47.49
C ALA M 15 -15.41 -23.39 -48.74
N GLY M 16 -16.15 -22.30 -48.52
CA GLY M 16 -16.59 -21.43 -49.62
C GLY M 16 -17.04 -20.04 -49.21
N VAL M 17 -17.95 -19.41 -49.97
CA VAL M 17 -18.48 -18.06 -49.66
C VAL M 17 -19.89 -18.08 -50.23
N LEU M 22 -28.53 -16.18 -45.95
CA LEU M 22 -28.93 -17.61 -45.91
C LEU M 22 -29.02 -18.09 -44.47
N THR M 23 -28.89 -17.17 -43.52
CA THR M 23 -28.94 -17.52 -42.11
C THR M 23 -29.30 -16.34 -41.20
N TYR M 24 -28.98 -15.13 -41.64
CA TYR M 24 -29.21 -13.94 -40.82
C TYR M 24 -30.49 -13.14 -41.01
N TYR M 25 -31.30 -13.48 -42.00
CA TYR M 25 -32.56 -12.77 -42.18
C TYR M 25 -33.68 -13.71 -41.74
N THR M 26 -34.27 -13.40 -40.58
CA THR M 26 -35.31 -14.22 -40.00
C THR M 26 -36.57 -13.42 -39.66
N PRO M 27 -37.39 -13.11 -40.68
CA PRO M 27 -38.62 -12.35 -40.47
C PRO M 27 -39.65 -13.02 -39.56
N GLU M 28 -39.43 -14.30 -39.27
CA GLU M 28 -40.34 -15.05 -38.41
C GLU M 28 -39.90 -15.06 -36.94
N TYR M 29 -38.70 -14.57 -36.68
CA TYR M 29 -38.15 -14.53 -35.34
C TYR M 29 -38.94 -13.70 -34.34
N GLU M 30 -39.13 -14.26 -33.15
CA GLU M 30 -39.83 -13.56 -32.08
C GLU M 30 -38.75 -13.17 -31.08
N THR M 31 -38.61 -11.88 -30.83
CA THR M 31 -37.57 -11.42 -29.91
C THR M 31 -37.73 -11.97 -28.50
N LYS M 32 -36.59 -12.20 -27.84
CA LYS M 32 -36.58 -12.71 -26.47
C LYS M 32 -36.46 -11.50 -25.56
N ASP M 33 -36.99 -11.62 -24.35
CA ASP M 33 -36.93 -10.51 -23.41
C ASP M 33 -35.51 -10.20 -22.95
N THR M 34 -34.56 -11.06 -23.31
CA THR M 34 -33.15 -10.87 -22.94
C THR M 34 -32.31 -10.35 -24.10
N ASP M 35 -32.90 -10.29 -25.29
CA ASP M 35 -32.18 -9.80 -26.46
C ASP M 35 -31.93 -8.31 -26.42
N ILE M 36 -30.80 -7.88 -26.97
CA ILE M 36 -30.51 -6.47 -27.09
C ILE M 36 -31.03 -6.25 -28.51
N LEU M 37 -31.92 -5.28 -28.68
CA LEU M 37 -32.48 -5.02 -30.02
C LEU M 37 -31.90 -3.74 -30.58
N ALA M 38 -31.78 -3.68 -31.90
CA ALA M 38 -31.24 -2.51 -32.56
C ALA M 38 -32.07 -2.12 -33.77
N ALA M 39 -32.25 -0.82 -33.96
CA ALA M 39 -32.98 -0.29 -35.10
C ALA M 39 -31.99 0.50 -35.94
N PHE M 40 -31.67 -0.04 -37.12
CA PHE M 40 -30.71 0.58 -38.04
C PHE M 40 -31.40 1.24 -39.22
N ARG M 41 -30.93 2.42 -39.60
CA ARG M 41 -31.45 3.11 -40.77
C ARG M 41 -30.41 2.71 -41.82
N VAL M 42 -30.80 1.83 -42.74
CA VAL M 42 -29.88 1.31 -43.75
C VAL M 42 -30.11 1.80 -45.17
N THR M 43 -29.04 2.20 -45.83
CA THR M 43 -29.09 2.66 -47.22
C THR M 43 -28.27 1.68 -48.06
N PRO M 44 -28.92 0.66 -48.64
CA PRO M 44 -28.21 -0.34 -49.45
C PRO M 44 -27.57 0.27 -50.70
N GLN M 45 -26.56 -0.42 -51.23
CA GLN M 45 -25.91 0.03 -52.45
C GLN M 45 -26.90 -0.30 -53.57
N PRO M 46 -26.82 0.41 -54.70
CA PRO M 46 -27.74 0.13 -55.81
C PRO M 46 -27.71 -1.35 -56.19
N GLY M 47 -28.88 -1.93 -56.39
CA GLY M 47 -28.95 -3.33 -56.78
C GLY M 47 -29.00 -4.33 -55.62
N VAL M 48 -28.75 -3.86 -54.41
CA VAL M 48 -28.79 -4.74 -53.24
C VAL M 48 -30.20 -4.69 -52.64
N PRO M 49 -30.99 -5.76 -52.81
CA PRO M 49 -32.35 -5.76 -52.26
C PRO M 49 -32.37 -5.61 -50.74
N PRO M 50 -33.48 -5.05 -50.21
CA PRO M 50 -33.69 -4.82 -48.78
C PRO M 50 -33.49 -6.03 -47.87
N GLU M 51 -33.80 -7.23 -48.35
CA GLU M 51 -33.63 -8.43 -47.53
C GLU M 51 -32.16 -8.77 -47.33
N GLU M 52 -31.36 -8.63 -48.38
CA GLU M 52 -29.93 -8.96 -48.29
C GLU M 52 -29.19 -7.99 -47.37
N ALA M 53 -29.53 -6.72 -47.47
CA ALA M 53 -28.89 -5.70 -46.65
C ALA M 53 -29.16 -5.96 -45.18
N GLY M 54 -30.41 -6.30 -44.87
CA GLY M 54 -30.78 -6.60 -43.49
C GLY M 54 -29.97 -7.77 -42.96
N ALA M 55 -29.87 -8.82 -43.77
CA ALA M 55 -29.10 -10.00 -43.36
C ALA M 55 -27.63 -9.63 -43.16
N ALA M 56 -27.12 -8.77 -44.05
CA ALA M 56 -25.72 -8.34 -43.97
C ALA M 56 -25.48 -7.52 -42.70
N VAL M 57 -26.41 -6.64 -42.36
CA VAL M 57 -26.26 -5.83 -41.16
C VAL M 57 -26.15 -6.77 -39.95
N ALA M 58 -27.00 -7.79 -39.92
CA ALA M 58 -26.99 -8.76 -38.82
C ALA M 58 -25.74 -9.63 -38.86
N ALA M 59 -25.39 -10.13 -40.04
CA ALA M 59 -24.22 -10.99 -40.19
C ALA M 59 -22.92 -10.26 -39.87
N GLU M 60 -22.76 -9.07 -40.44
CA GLU M 60 -21.54 -8.30 -40.24
C GLU M 60 -21.42 -7.61 -38.88
N SER M 61 -22.42 -7.80 -38.02
CA SER M 61 -22.37 -7.24 -36.68
C SER M 61 -22.45 -8.41 -35.69
N SER M 62 -22.25 -9.61 -36.21
CA SER M 62 -22.25 -10.81 -35.37
C SER M 62 -21.27 -11.88 -35.87
N THR M 63 -21.80 -13.00 -36.35
CA THR M 63 -20.98 -14.13 -36.79
C THR M 63 -20.64 -14.31 -38.27
N GLY M 64 -20.96 -13.35 -39.13
CA GLY M 64 -20.66 -13.49 -40.54
C GLY M 64 -19.20 -13.78 -40.85
N THR M 65 -18.97 -14.70 -41.78
CA THR M 65 -17.60 -15.07 -42.19
C THR M 65 -17.62 -15.38 -43.68
N TRP M 66 -16.66 -14.85 -44.43
CA TRP M 66 -16.58 -15.05 -45.88
C TRP M 66 -16.38 -16.49 -46.31
N THR M 67 -15.63 -17.27 -45.55
CA THR M 67 -15.41 -18.66 -45.94
C THR M 67 -15.78 -19.61 -44.80
N THR M 68 -16.19 -20.82 -45.16
CA THR M 68 -16.57 -21.79 -44.15
C THR M 68 -15.36 -22.17 -43.30
N VAL M 69 -15.48 -21.97 -42.00
CA VAL M 69 -14.41 -22.32 -41.07
C VAL M 69 -14.98 -23.51 -40.30
N TRP M 70 -14.18 -24.56 -40.15
CA TRP M 70 -14.65 -25.77 -39.48
C TRP M 70 -14.80 -25.67 -37.97
N THR M 71 -14.24 -24.63 -37.36
CA THR M 71 -14.35 -24.45 -35.92
C THR M 71 -15.81 -24.20 -35.54
N ASP M 72 -16.60 -23.81 -36.54
CA ASP M 72 -18.03 -23.57 -36.32
C ASP M 72 -18.71 -24.86 -35.84
N GLY M 73 -18.14 -26.00 -36.20
CA GLY M 73 -18.72 -27.27 -35.81
C GLY M 73 -18.48 -27.67 -34.37
N LEU M 74 -17.74 -26.84 -33.64
CA LEU M 74 -17.44 -27.13 -32.23
C LEU M 74 -18.42 -26.41 -31.32
N THR M 75 -19.39 -25.71 -31.92
CA THR M 75 -20.37 -24.96 -31.13
C THR M 75 -21.68 -24.84 -31.92
N SER M 76 -22.64 -24.10 -31.37
CA SER M 76 -23.93 -23.90 -32.03
C SER M 76 -24.05 -22.43 -32.40
N LEU M 77 -23.59 -22.09 -33.61
CA LEU M 77 -23.59 -20.72 -34.10
C LEU M 77 -24.92 -19.99 -34.05
N ASP M 78 -26.03 -20.72 -34.22
CA ASP M 78 -27.33 -20.08 -34.20
C ASP M 78 -27.60 -19.39 -32.87
N ARG M 79 -26.95 -19.85 -31.80
CA ARG M 79 -27.13 -19.25 -30.49
C ARG M 79 -26.34 -17.96 -30.33
N TYR M 80 -25.47 -17.66 -31.31
CA TYR M 80 -24.63 -16.47 -31.23
C TYR M 80 -24.82 -15.47 -32.39
N LYS M 81 -25.72 -15.77 -33.31
CA LYS M 81 -25.91 -14.87 -34.43
C LYS M 81 -26.89 -13.73 -34.16
N GLY M 82 -26.66 -12.61 -34.85
CA GLY M 82 -27.56 -11.48 -34.74
C GLY M 82 -28.58 -11.79 -35.81
N ARG M 83 -29.81 -11.32 -35.67
CA ARG M 83 -30.85 -11.60 -36.65
C ARG M 83 -31.66 -10.39 -37.06
N CYS M 84 -31.80 -10.20 -38.36
CA CYS M 84 -32.63 -9.11 -38.85
C CYS M 84 -34.01 -9.73 -38.89
N TYR M 85 -34.90 -9.31 -37.98
CA TYR M 85 -36.24 -9.89 -37.93
C TYR M 85 -37.32 -9.04 -38.56
N HIS M 86 -36.95 -7.86 -39.05
CA HIS M 86 -37.90 -6.96 -39.69
C HIS M 86 -37.18 -5.87 -40.45
N ILE M 87 -37.68 -5.56 -41.64
CA ILE M 87 -37.10 -4.50 -42.46
C ILE M 87 -38.27 -3.81 -43.14
N GLU M 88 -38.22 -2.49 -43.22
CA GLU M 88 -39.29 -1.75 -43.87
C GLU M 88 -38.75 -0.46 -44.46
N PRO M 89 -39.32 -0.03 -45.59
CA PRO M 89 -38.91 1.20 -46.28
C PRO M 89 -39.17 2.36 -45.35
N VAL M 90 -38.34 3.39 -45.37
CA VAL M 90 -38.60 4.49 -44.47
C VAL M 90 -38.80 5.84 -45.15
N VAL M 91 -39.92 6.44 -44.75
CA VAL M 91 -40.45 7.74 -45.16
C VAL M 91 -39.78 8.62 -46.21
N GLY M 92 -40.18 8.47 -47.47
CA GLY M 92 -39.65 9.29 -48.55
C GLY M 92 -38.45 8.79 -49.32
N GLU M 93 -37.97 7.59 -49.00
CA GLU M 93 -36.81 7.05 -49.69
C GLU M 93 -37.15 5.97 -50.71
N ASP M 94 -36.19 5.72 -51.60
CA ASP M 94 -36.34 4.70 -52.63
C ASP M 94 -35.28 3.65 -52.35
N ASN M 95 -34.43 3.94 -51.37
CA ASN M 95 -33.36 3.03 -51.02
C ASN M 95 -32.91 3.16 -49.56
N GLN M 96 -33.83 3.52 -48.67
CA GLN M 96 -33.52 3.64 -47.25
C GLN M 96 -34.56 2.85 -46.46
N TYR M 97 -34.09 2.08 -45.48
CA TYR M 97 -34.97 1.25 -44.67
C TYR M 97 -34.58 1.25 -43.20
N ILE M 98 -35.50 0.77 -42.36
CA ILE M 98 -35.22 0.63 -40.94
C ILE M 98 -35.15 -0.89 -40.78
N ALA M 99 -33.99 -1.39 -40.36
CA ALA M 99 -33.81 -2.81 -40.14
C ALA M 99 -33.68 -3.08 -38.65
N TYR M 100 -34.50 -4.00 -38.15
CA TYR M 100 -34.48 -4.36 -36.74
C TYR M 100 -33.66 -5.64 -36.54
N VAL M 101 -32.67 -5.56 -35.67
CA VAL M 101 -31.79 -6.70 -35.42
C VAL M 101 -31.79 -7.09 -33.94
N ALA M 102 -31.79 -8.39 -33.68
CA ALA M 102 -31.77 -8.91 -32.32
C ALA M 102 -30.45 -9.60 -32.03
N TYR M 103 -29.82 -9.23 -30.92
CA TYR M 103 -28.55 -9.79 -30.50
C TYR M 103 -28.73 -10.54 -29.18
N PRO M 104 -28.24 -11.80 -29.11
CA PRO M 104 -28.35 -12.62 -27.90
C PRO M 104 -27.61 -11.97 -26.72
N LEU M 105 -28.18 -12.13 -25.53
CA LEU M 105 -27.61 -11.58 -24.31
C LEU M 105 -26.18 -12.02 -24.05
N ASP M 106 -25.86 -13.27 -24.40
CA ASP M 106 -24.54 -13.83 -24.20
C ASP M 106 -23.38 -13.18 -24.96
N LEU M 107 -23.70 -12.34 -25.95
CA LEU M 107 -22.64 -11.69 -26.72
C LEU M 107 -21.95 -10.56 -25.99
N PHE M 108 -22.61 -10.03 -24.97
CA PHE M 108 -22.12 -8.86 -24.25
C PHE M 108 -21.47 -9.04 -22.89
N GLU M 109 -20.36 -8.33 -22.66
CA GLU M 109 -19.72 -8.39 -21.35
C GLU M 109 -20.54 -7.54 -20.40
N GLU M 110 -20.84 -8.12 -19.25
CA GLU M 110 -21.62 -7.43 -18.22
C GLU M 110 -20.97 -6.12 -17.76
N GLY M 111 -21.79 -5.07 -17.66
CA GLY M 111 -21.31 -3.78 -17.20
C GLY M 111 -20.36 -3.01 -18.09
N SER M 112 -20.24 -3.41 -19.35
CA SER M 112 -19.33 -2.74 -20.28
C SER M 112 -19.99 -2.09 -21.47
N VAL M 113 -20.20 -0.78 -21.42
CA VAL M 113 -20.78 -0.06 -22.55
C VAL M 113 -19.80 -0.21 -23.71
N THR M 114 -18.52 -0.20 -23.37
CA THR M 114 -17.46 -0.35 -24.37
C THR M 114 -17.69 -1.61 -25.19
N ASN M 115 -17.99 -2.73 -24.54
CA ASN M 115 -18.22 -3.96 -25.29
C ASN M 115 -19.55 -3.93 -26.04
N MET M 116 -20.57 -3.29 -25.47
CA MET M 116 -21.85 -3.23 -26.15
C MET M 116 -21.69 -2.47 -27.47
N PHE M 117 -20.99 -1.34 -27.43
CA PHE M 117 -20.75 -0.57 -28.65
C PHE M 117 -19.88 -1.36 -29.63
N THR M 118 -18.79 -1.94 -29.14
CA THR M 118 -17.91 -2.72 -30.00
C THR M 118 -18.66 -3.82 -30.72
N SER M 119 -19.47 -4.56 -29.97
CA SER M 119 -20.22 -5.68 -30.51
C SER M 119 -21.24 -5.32 -31.59
N ILE M 120 -21.94 -4.20 -31.40
CA ILE M 120 -22.96 -3.80 -32.34
C ILE M 120 -22.52 -2.85 -33.47
N VAL M 121 -21.75 -1.82 -33.13
CA VAL M 121 -21.33 -0.86 -34.14
C VAL M 121 -19.84 -0.93 -34.47
N GLY M 122 -19.15 -1.93 -33.94
CA GLY M 122 -17.73 -2.03 -34.18
C GLY M 122 -17.26 -2.40 -35.58
N ASN M 123 -18.09 -3.12 -36.32
CA ASN M 123 -17.69 -3.60 -37.65
C ASN M 123 -18.59 -3.31 -38.85
N VAL M 124 -19.89 -3.45 -38.66
CA VAL M 124 -20.86 -3.29 -39.75
C VAL M 124 -20.90 -2.00 -40.56
N PHE M 125 -20.53 -0.87 -39.97
CA PHE M 125 -20.60 0.39 -40.71
C PHE M 125 -19.67 0.51 -41.92
N GLY M 126 -18.71 -0.41 -42.03
CA GLY M 126 -17.78 -0.37 -43.15
C GLY M 126 -18.06 -1.36 -44.26
N PHE M 127 -19.11 -2.17 -44.10
CA PHE M 127 -19.46 -3.17 -45.11
C PHE M 127 -19.84 -2.50 -46.43
N LYS M 128 -19.06 -2.77 -47.47
CA LYS M 128 -19.28 -2.17 -48.79
C LYS M 128 -20.67 -2.30 -49.41
N ALA M 129 -21.40 -3.35 -49.05
CA ALA M 129 -22.74 -3.55 -49.61
C ALA M 129 -23.71 -2.48 -49.09
N LEU M 130 -23.28 -1.73 -48.08
CA LEU M 130 -24.10 -0.68 -47.50
C LEU M 130 -23.53 0.69 -47.82
N ARG M 131 -24.32 1.52 -48.51
CA ARG M 131 -23.89 2.88 -48.87
C ARG M 131 -23.77 3.73 -47.62
N ALA M 132 -24.72 3.56 -46.70
CA ALA M 132 -24.72 4.32 -45.47
C ALA M 132 -25.49 3.53 -44.41
N LEU M 133 -25.19 3.81 -43.15
CA LEU M 133 -25.82 3.11 -42.04
C LEU M 133 -25.84 4.00 -40.80
N ARG M 134 -26.98 4.02 -40.11
CA ARG M 134 -27.10 4.81 -38.89
C ARG M 134 -27.84 4.01 -37.83
N LEU M 135 -27.25 3.93 -36.64
CA LEU M 135 -27.91 3.21 -35.55
C LEU M 135 -28.85 4.22 -34.90
N GLU M 136 -30.15 3.96 -34.95
CA GLU M 136 -31.14 4.87 -34.40
C GLU M 136 -31.52 4.61 -32.94
N ASP M 137 -31.61 3.35 -32.55
CA ASP M 137 -32.02 3.05 -31.18
C ASP M 137 -31.59 1.65 -30.76
N LEU M 138 -31.58 1.41 -29.45
CA LEU M 138 -31.21 0.12 -28.87
C LEU M 138 -32.18 -0.21 -27.75
N ARG M 139 -32.69 -1.44 -27.73
CA ARG M 139 -33.58 -1.87 -26.67
C ARG M 139 -32.68 -2.57 -25.66
N ILE M 140 -32.40 -1.91 -24.54
CA ILE M 140 -31.53 -2.49 -23.52
C ILE M 140 -32.41 -3.28 -22.56
N PRO M 141 -32.26 -4.63 -22.56
CA PRO M 141 -33.06 -5.47 -21.68
C PRO M 141 -32.64 -5.34 -20.22
N PRO M 142 -33.61 -5.48 -19.29
CA PRO M 142 -33.32 -5.37 -17.86
C PRO M 142 -32.20 -6.33 -17.44
N THR M 143 -32.14 -7.49 -18.09
CA THR M 143 -31.11 -8.47 -17.75
C THR M 143 -29.70 -7.97 -18.02
N TYR M 144 -29.58 -6.98 -18.89
CA TYR M 144 -28.28 -6.43 -19.19
C TYR M 144 -28.06 -5.12 -18.42
N SER M 145 -29.09 -4.27 -18.37
CA SER M 145 -28.93 -3.00 -17.66
C SER M 145 -28.66 -3.17 -16.16
N LYS M 146 -29.15 -4.25 -15.56
CA LYS M 146 -28.90 -4.48 -14.13
C LYS M 146 -27.45 -4.83 -13.82
N THR M 147 -26.62 -4.99 -14.85
CA THR M 147 -25.21 -5.30 -14.63
C THR M 147 -24.39 -3.99 -14.60
N PHE M 148 -25.09 -2.86 -14.70
CA PHE M 148 -24.44 -1.54 -14.69
C PHE M 148 -24.83 -0.72 -13.46
N GLN M 149 -23.88 0.04 -12.93
CA GLN M 149 -24.17 0.88 -11.78
C GLN M 149 -25.18 1.95 -12.17
N GLY M 150 -24.93 2.59 -13.32
CA GLY M 150 -25.80 3.66 -13.77
C GLY M 150 -25.33 4.96 -13.15
N PRO M 151 -26.17 6.00 -13.12
CA PRO M 151 -25.79 7.29 -12.54
C PRO M 151 -25.29 7.18 -11.10
N PRO M 152 -24.21 7.91 -10.77
CA PRO M 152 -23.69 7.86 -9.41
C PRO M 152 -24.79 8.19 -8.40
N HIS M 153 -25.69 9.09 -8.78
CA HIS M 153 -26.78 9.48 -7.89
C HIS M 153 -28.14 9.56 -8.58
N GLY M 154 -28.23 10.30 -9.67
CA GLY M 154 -29.50 10.41 -10.36
C GLY M 154 -30.32 11.61 -9.93
N ILE M 155 -31.34 11.92 -10.72
CA ILE M 155 -32.22 13.06 -10.49
C ILE M 155 -32.74 13.28 -9.06
N GLN M 156 -33.46 12.30 -8.53
CA GLN M 156 -34.02 12.46 -7.20
C GLN M 156 -32.97 12.61 -6.09
N VAL M 157 -31.93 11.79 -6.12
CA VAL M 157 -30.90 11.89 -5.10
C VAL M 157 -30.22 13.26 -5.18
N GLU M 158 -29.96 13.74 -6.39
CA GLU M 158 -29.31 15.03 -6.54
C GLU M 158 -30.15 16.14 -5.91
N ARG M 159 -31.44 16.15 -6.21
CA ARG M 159 -32.32 17.18 -5.64
C ARG M 159 -32.29 17.15 -4.12
N ASP M 160 -32.27 15.96 -3.55
CA ASP M 160 -32.23 15.82 -2.09
C ASP M 160 -30.90 16.26 -1.51
N LYS M 161 -29.79 15.94 -2.18
CA LYS M 161 -28.47 16.32 -1.69
C LYS M 161 -28.27 17.84 -1.73
N LEU M 162 -28.79 18.48 -2.78
CA LEU M 162 -28.64 19.91 -2.93
C LEU M 162 -29.78 20.70 -2.30
N ASN M 163 -30.84 19.99 -1.91
CA ASN M 163 -32.01 20.59 -1.28
C ASN M 163 -32.63 21.63 -2.21
N LYS M 164 -32.81 21.24 -3.46
CA LYS M 164 -33.38 22.11 -4.48
C LYS M 164 -34.57 21.40 -5.12
N TYR M 165 -35.73 22.06 -5.10
CA TYR M 165 -36.96 21.47 -5.62
C TYR M 165 -37.84 22.45 -6.38
N GLY M 166 -38.65 21.91 -7.29
CA GLY M 166 -39.62 22.71 -8.03
C GLY M 166 -39.23 23.66 -9.13
N ARG M 167 -38.03 23.53 -9.67
CA ARG M 167 -37.60 24.41 -10.74
C ARG M 167 -36.36 23.87 -11.42
N PRO M 168 -36.12 24.27 -12.67
CA PRO M 168 -34.93 23.79 -13.35
C PRO M 168 -33.75 24.38 -12.59
N LEU M 169 -32.59 23.72 -12.63
CA LEU M 169 -31.42 24.25 -11.96
C LEU M 169 -30.78 25.21 -12.97
N LEU M 170 -29.98 26.15 -12.47
CA LEU M 170 -29.34 27.15 -13.34
C LEU M 170 -27.83 27.18 -13.22
N GLY M 171 -27.15 27.35 -14.35
CA GLY M 171 -25.71 27.43 -14.32
C GLY M 171 -25.15 28.39 -15.34
N CYS M 172 -23.87 28.73 -15.21
CA CYS M 172 -23.20 29.60 -16.15
C CYS M 172 -21.89 28.95 -16.58
N THR M 173 -21.66 28.92 -17.89
CA THR M 173 -20.44 28.33 -18.44
C THR M 173 -19.44 29.47 -18.56
N ILE M 174 -18.34 29.38 -17.81
CA ILE M 174 -17.34 30.43 -17.81
C ILE M 174 -16.66 30.67 -19.15
N LYS M 175 -16.57 31.94 -19.52
CA LYS M 175 -15.93 32.36 -20.76
C LYS M 175 -15.13 33.62 -20.47
N PRO M 176 -14.02 33.84 -21.20
CA PRO M 176 -13.52 32.97 -22.26
C PRO M 176 -13.03 31.66 -21.68
N LYS M 177 -13.25 30.56 -22.41
CA LYS M 177 -12.84 29.25 -21.91
C LYS M 177 -11.35 29.21 -21.62
N LEU M 178 -10.55 29.89 -22.46
CA LEU M 178 -9.12 29.94 -22.24
C LEU M 178 -8.59 31.37 -22.29
N GLY M 179 -7.58 31.64 -21.48
CA GLY M 179 -7.00 32.97 -21.44
C GLY M 179 -7.05 33.61 -20.07
N LEU M 180 -7.97 33.16 -19.23
CA LEU M 180 -8.11 33.70 -17.88
C LEU M 180 -7.17 32.99 -16.91
N SER M 181 -6.71 33.72 -15.90
CA SER M 181 -5.86 33.12 -14.89
C SER M 181 -6.82 32.32 -14.00
N ALA M 182 -6.31 31.33 -13.29
CA ALA M 182 -7.16 30.53 -12.42
C ALA M 182 -7.90 31.43 -11.43
N LYS M 183 -7.23 32.46 -10.92
CA LYS M 183 -7.87 33.36 -9.97
C LYS M 183 -8.97 34.21 -10.60
N ASN M 184 -8.70 34.79 -11.78
CA ASN M 184 -9.72 35.61 -12.44
C ASN M 184 -10.91 34.73 -12.84
N TYR M 185 -10.62 33.47 -13.14
CA TYR M 185 -11.63 32.50 -13.51
C TYR M 185 -12.56 32.30 -12.32
N GLY M 186 -11.95 32.03 -11.16
CA GLY M 186 -12.73 31.83 -9.94
C GLY M 186 -13.51 33.05 -9.53
N ARG M 187 -12.97 34.24 -9.80
CA ARG M 187 -13.66 35.47 -9.44
C ARG M 187 -14.97 35.52 -10.23
N ALA M 188 -14.89 35.19 -11.52
CA ALA M 188 -16.08 35.19 -12.36
C ALA M 188 -17.10 34.19 -11.79
N CYS M 189 -16.61 33.05 -11.33
CA CYS M 189 -17.48 32.03 -10.76
C CYS M 189 -18.21 32.53 -9.52
N TYR M 190 -17.47 33.15 -8.60
CA TYR M 190 -18.08 33.65 -7.39
C TYR M 190 -19.21 34.65 -7.68
N GLU M 191 -18.95 35.59 -8.58
CA GLU M 191 -19.97 36.59 -8.90
C GLU M 191 -21.23 35.96 -9.51
N CYS M 192 -21.06 34.93 -10.33
CA CYS M 192 -22.21 34.25 -10.94
C CYS M 192 -23.04 33.53 -9.89
N LEU M 193 -22.36 32.76 -9.05
CA LEU M 193 -23.03 32.00 -8.01
C LEU M 193 -23.75 32.86 -6.99
N ARG M 194 -23.12 33.97 -6.58
CA ARG M 194 -23.73 34.83 -5.58
C ARG M 194 -25.00 35.51 -6.06
N GLY M 195 -25.17 35.62 -7.37
CA GLY M 195 -26.35 36.26 -7.92
C GLY M 195 -27.57 35.38 -8.06
N GLY M 196 -27.43 34.09 -7.80
CA GLY M 196 -28.60 33.21 -7.89
C GLY M 196 -28.46 31.93 -8.70
N LEU M 197 -27.33 31.75 -9.38
CA LEU M 197 -27.15 30.53 -10.15
C LEU M 197 -26.70 29.42 -9.20
N ASP M 198 -27.12 28.20 -9.49
CA ASP M 198 -26.77 27.05 -8.65
C ASP M 198 -25.36 26.55 -8.96
N PHE M 199 -24.96 26.68 -10.23
CA PHE M 199 -23.65 26.19 -10.67
C PHE M 199 -22.91 27.08 -11.66
N THR M 200 -21.60 26.93 -11.71
CA THR M 200 -20.78 27.58 -12.72
C THR M 200 -20.12 26.37 -13.39
N ASP M 202 -16.92 24.55 -16.07
CA ASP M 202 -15.68 24.50 -16.84
C ASP M 202 -16.07 24.14 -18.26
N ASP M 203 -15.48 24.80 -19.25
CA ASP M 203 -15.78 24.45 -20.64
C ASP M 203 -15.28 23.03 -20.85
N GLU M 204 -15.82 22.35 -21.85
CA GLU M 204 -15.39 20.98 -22.14
C GLU M 204 -13.89 20.94 -22.46
N ASN M 205 -13.37 22.03 -23.02
CA ASN M 205 -11.95 22.11 -23.40
C ASN M 205 -11.02 22.40 -22.23
N VAL M 206 -11.59 22.91 -21.14
CA VAL M 206 -10.80 23.26 -19.97
C VAL M 206 -10.49 22.03 -19.13
N ASN M 207 -9.24 21.58 -19.19
CA ASN M 207 -8.78 20.42 -18.43
C ASN M 207 -7.61 20.97 -17.62
N SER M 208 -6.41 20.96 -18.19
CA SER M 208 -5.25 21.56 -17.55
C SER M 208 -4.38 22.05 -18.69
N GLN M 209 -4.06 23.35 -18.67
CA GLN M 209 -3.26 23.94 -19.73
C GLN M 209 -2.31 25.02 -19.24
N PRO M 210 -1.41 25.48 -20.11
CA PRO M 210 -0.47 26.53 -19.72
C PRO M 210 -1.29 27.76 -19.27
N PHE M 211 -0.86 28.39 -18.19
CA PHE M 211 -1.51 29.56 -17.61
C PHE M 211 -2.70 29.24 -16.70
N MET M 212 -3.29 28.06 -16.84
CA MET M 212 -4.36 27.67 -15.94
C MET M 212 -4.30 26.17 -15.72
N ARG M 213 -3.47 25.77 -14.77
CA ARG M 213 -3.31 24.36 -14.44
C ARG M 213 -4.50 23.96 -13.59
N TRP M 214 -4.94 22.72 -13.72
CA TRP M 214 -6.12 22.26 -13.02
C TRP M 214 -6.19 22.45 -11.51
N ARG M 215 -5.12 22.11 -10.78
CA ARG M 215 -5.18 22.23 -9.33
C ARG M 215 -5.38 23.67 -8.88
N ASP M 216 -4.78 24.62 -9.60
CA ASP M 216 -4.96 26.03 -9.26
C ASP M 216 -6.42 26.41 -9.47
N ARG M 217 -6.99 25.96 -10.58
CA ARG M 217 -8.39 26.26 -10.88
C ARG M 217 -9.30 25.66 -9.80
N PHE M 218 -9.01 24.43 -9.39
CA PHE M 218 -9.83 23.78 -8.36
C PHE M 218 -9.80 24.58 -7.05
N VAL M 219 -8.62 25.04 -6.66
CA VAL M 219 -8.49 25.82 -5.42
C VAL M 219 -9.32 27.11 -5.45
N PHE M 220 -9.16 27.90 -6.50
CA PHE M 220 -9.88 29.16 -6.60
C PHE M 220 -11.38 28.99 -6.80
N CYS M 221 -11.79 27.97 -7.57
CA CYS M 221 -13.20 27.73 -7.79
C CYS M 221 -13.82 27.27 -6.47
N ALA M 222 -13.07 26.53 -5.68
CA ALA M 222 -13.57 26.07 -4.39
C ALA M 222 -13.80 27.29 -3.48
N GLU M 223 -12.85 28.23 -3.50
CA GLU M 223 -13.02 29.43 -2.67
C GLU M 223 -14.29 30.16 -3.11
N ALA M 224 -14.51 30.22 -4.42
CA ALA M 224 -15.68 30.88 -4.98
C ALA M 224 -16.98 30.18 -4.60
N ILE M 225 -16.97 28.86 -4.66
CA ILE M 225 -18.13 28.06 -4.30
C ILE M 225 -18.56 28.33 -2.87
N TYR M 226 -17.59 28.26 -1.95
CA TYR M 226 -17.90 28.47 -0.55
C TYR M 226 -18.20 29.91 -0.17
N LYS M 227 -17.61 30.87 -0.88
CA LYS M 227 -17.87 32.28 -0.58
C LYS M 227 -19.31 32.61 -0.95
N SER M 228 -19.73 32.16 -2.13
CA SER M 228 -21.10 32.43 -2.59
C SER M 228 -22.14 31.67 -1.78
N GLN M 229 -21.81 30.45 -1.37
CA GLN M 229 -22.71 29.66 -0.56
C GLN M 229 -22.94 30.32 0.80
N ALA M 230 -21.86 30.81 1.40
CA ALA M 230 -21.97 31.47 2.70
C ALA M 230 -22.78 32.77 2.58
N GLU M 231 -22.59 33.48 1.47
CA GLU M 231 -23.29 34.73 1.26
C GLU M 231 -24.79 34.57 1.04
N THR M 232 -25.18 33.60 0.22
CA THR M 232 -26.58 33.37 -0.12
C THR M 232 -27.36 32.41 0.77
N GLY M 233 -26.66 31.44 1.36
CA GLY M 233 -27.34 30.47 2.20
C GLY M 233 -27.81 29.25 1.40
N GLU M 234 -27.63 29.28 0.07
CA GLU M 234 -28.03 28.17 -0.78
C GLU M 234 -26.79 27.37 -1.19
N ILE M 235 -26.95 26.06 -1.37
CA ILE M 235 -25.84 25.20 -1.76
C ILE M 235 -25.40 25.52 -3.18
N LYS M 236 -24.09 25.67 -3.37
CA LYS M 236 -23.50 26.01 -4.67
C LYS M 236 -22.51 24.96 -5.16
N GLY M 237 -22.24 24.98 -6.46
CA GLY M 237 -21.30 24.03 -7.02
C GLY M 237 -20.68 24.53 -8.31
N HIS M 238 -19.60 23.87 -8.73
CA HIS M 238 -18.93 24.23 -9.98
C HIS M 238 -18.53 22.92 -10.65
N TYR M 239 -18.94 22.72 -11.90
CA TYR M 239 -18.56 21.47 -12.57
C TYR M 239 -17.06 21.53 -12.87
N LEU M 240 -16.27 20.92 -11.99
CA LEU M 240 -14.82 20.86 -12.15
C LEU M 240 -14.47 19.74 -13.12
N ASN M 241 -13.95 20.12 -14.29
CA ASN M 241 -13.63 19.15 -15.33
C ASN M 241 -12.43 18.30 -14.97
N ALA M 242 -12.67 16.99 -14.88
CA ALA M 242 -11.63 16.02 -14.55
C ALA M 242 -11.14 15.28 -15.78
N THR M 243 -11.69 15.63 -16.94
CA THR M 243 -11.28 14.99 -18.18
C THR M 243 -9.76 15.13 -18.30
N ALA M 244 -9.09 14.04 -18.64
CA ALA M 244 -7.64 14.07 -18.75
C ALA M 244 -7.09 13.08 -19.78
N GLY M 245 -5.78 13.14 -19.99
CA GLY M 245 -5.14 12.26 -20.96
C GLY M 245 -5.05 10.80 -20.54
N THR M 246 -5.02 10.56 -19.24
CA THR M 246 -4.93 9.21 -18.71
C THR M 246 -5.91 9.01 -17.56
N CYS M 247 -6.22 7.76 -17.28
CA CYS M 247 -7.14 7.44 -16.20
C CYS M 247 -6.56 7.87 -14.86
N GLU M 248 -5.25 7.72 -14.71
CA GLU M 248 -4.57 8.11 -13.47
C GLU M 248 -4.74 9.61 -13.20
N GLU M 249 -4.58 10.43 -14.24
CA GLU M 249 -4.74 11.87 -14.08
C GLU M 249 -6.20 12.22 -13.78
N MET M 250 -7.11 11.56 -14.48
CA MET M 250 -8.55 11.80 -14.27
C MET M 250 -8.95 11.56 -12.81
N ILE M 251 -8.56 10.42 -12.26
CA ILE M 251 -8.89 10.11 -10.87
C ILE M 251 -8.21 11.08 -9.92
N LYS M 252 -6.98 11.46 -10.23
CA LYS M 252 -6.21 12.38 -9.40
C LYS M 252 -6.97 13.69 -9.22
N ARG M 253 -7.65 14.12 -10.26
CA ARG M 253 -8.40 15.37 -10.21
C ARG M 253 -9.68 15.19 -9.41
N ALA M 254 -10.35 14.06 -9.60
CA ALA M 254 -11.57 13.80 -8.85
C ALA M 254 -11.22 13.66 -7.36
N VAL M 255 -10.05 13.09 -7.08
CA VAL M 255 -9.59 12.92 -5.71
C VAL M 255 -9.41 14.26 -5.00
N PHE M 256 -8.87 15.27 -5.69
CA PHE M 256 -8.69 16.55 -5.04
C PHE M 256 -10.04 17.24 -4.84
N ALA M 257 -10.95 17.07 -5.78
CA ALA M 257 -12.29 17.65 -5.63
C ALA M 257 -12.91 17.05 -4.38
N ARG M 258 -12.67 15.76 -4.16
CA ARG M 258 -13.21 15.06 -3.00
C ARG M 258 -12.62 15.69 -1.73
N GLU M 259 -11.31 15.92 -1.73
CA GLU M 259 -10.64 16.52 -0.57
C GLU M 259 -11.24 17.88 -0.25
N LEU M 260 -11.49 18.67 -1.30
CA LEU M 260 -12.05 20.01 -1.12
C LEU M 260 -13.49 19.96 -0.63
N GLY M 261 -14.12 18.80 -0.72
CA GLY M 261 -15.49 18.63 -0.26
C GLY M 261 -16.57 19.23 -1.14
N VAL M 262 -16.24 19.55 -2.39
CA VAL M 262 -17.21 20.14 -3.31
C VAL M 262 -18.21 19.07 -3.76
N PRO M 263 -19.40 19.49 -4.21
CA PRO M 263 -20.43 18.56 -4.64
C PRO M 263 -20.43 17.96 -6.04
N ILE M 264 -19.71 18.55 -6.99
CA ILE M 264 -19.79 18.04 -8.35
C ILE M 264 -18.53 18.17 -9.22
N VAL M 265 -18.28 17.16 -10.04
CA VAL M 265 -17.16 17.15 -10.98
C VAL M 265 -17.75 16.93 -12.38
N MET M 266 -16.90 17.01 -13.39
CA MET M 266 -17.35 16.89 -14.78
C MET M 266 -16.45 16.00 -15.65
N HIS M 267 -17.02 15.46 -16.73
CA HIS M 267 -16.26 14.61 -17.66
C HIS M 267 -16.84 14.69 -19.08
N ASP M 268 -15.95 14.73 -20.08
CA ASP M 268 -16.37 14.74 -21.48
C ASP M 268 -16.36 13.24 -21.81
N TYR M 269 -17.50 12.58 -21.60
CA TYR M 269 -17.54 11.13 -21.80
C TYR M 269 -17.16 10.52 -23.14
N LEU M 270 -17.46 11.20 -24.23
CA LEU M 270 -17.14 10.64 -25.55
C LEU M 270 -15.66 10.80 -25.92
N THR M 271 -15.05 11.92 -25.59
CA THR M 271 -13.65 12.12 -25.92
C THR M 271 -12.75 11.41 -24.91
N GLY M 272 -13.21 11.34 -23.66
CA GLY M 272 -12.44 10.64 -22.65
C GLY M 272 -12.63 9.13 -22.90
N GLY M 273 -13.85 8.76 -23.26
CA GLY M 273 -14.13 7.36 -23.55
C GLY M 273 -14.94 6.67 -22.48
N PHE M 274 -15.68 5.63 -22.87
CA PHE M 274 -16.52 4.91 -21.93
C PHE M 274 -15.80 4.14 -20.84
N THR M 275 -14.63 3.57 -21.13
CA THR M 275 -13.89 2.84 -20.12
C THR M 275 -13.51 3.81 -18.99
N ALA M 276 -13.01 4.99 -19.37
CA ALA M 276 -12.64 5.99 -18.38
C ALA M 276 -13.88 6.55 -17.69
N ASN M 277 -14.94 6.78 -18.45
CA ASN M 277 -16.14 7.34 -17.84
C ASN M 277 -16.74 6.42 -16.79
N THR M 278 -16.78 5.12 -17.08
CA THR M 278 -17.35 4.16 -16.15
C THR M 278 -16.53 4.15 -14.85
N SER M 279 -15.21 4.21 -15.00
CA SER M 279 -14.34 4.24 -13.83
C SER M 279 -14.62 5.48 -12.99
N LEU M 280 -14.81 6.61 -13.64
CA LEU M 280 -15.09 7.85 -12.93
C LEU M 280 -16.46 7.79 -12.25
N ALA M 281 -17.44 7.21 -12.94
CA ALA M 281 -18.79 7.09 -12.37
C ALA M 281 -18.73 6.25 -11.10
N HIS M 282 -17.88 5.22 -11.10
CA HIS M 282 -17.74 4.37 -9.93
C HIS M 282 -17.11 5.18 -8.79
N TYR M 283 -16.06 5.93 -9.10
CA TYR M 283 -15.40 6.76 -8.09
C TYR M 283 -16.39 7.74 -7.49
N CYS M 284 -17.19 8.37 -8.34
CA CYS M 284 -18.17 9.35 -7.85
C CYS M 284 -19.21 8.70 -6.94
N ARG M 285 -19.66 7.51 -7.28
CA ARG M 285 -20.63 6.80 -6.44
C ARG M 285 -19.98 6.49 -5.09
N ASP M 286 -18.73 6.03 -5.12
CA ASP M 286 -18.01 5.68 -3.90
C ASP M 286 -17.66 6.85 -3.00
N ASN M 287 -17.67 8.05 -3.57
CA ASN M 287 -17.30 9.24 -2.82
C ASN M 287 -18.33 10.38 -2.73
N GLY M 288 -19.58 10.06 -3.10
CA GLY M 288 -20.65 11.04 -3.02
C GLY M 288 -20.57 12.26 -3.92
N LEU M 289 -19.86 12.16 -5.04
CA LEU M 289 -19.73 13.27 -5.96
C LEU M 289 -20.73 13.19 -7.12
N LEU M 290 -21.35 14.32 -7.45
CA LEU M 290 -22.28 14.37 -8.58
C LEU M 290 -21.38 14.43 -9.81
N LEU M 291 -21.86 13.89 -10.92
CA LEU M 291 -21.07 13.88 -12.15
C LEU M 291 -21.78 14.53 -13.33
N HIS M 292 -21.26 15.68 -13.75
CA HIS M 292 -21.81 16.43 -14.89
C HIS M 292 -21.15 15.93 -16.17
N ILE M 293 -21.96 15.50 -17.14
CA ILE M 293 -21.42 14.97 -18.39
C ILE M 293 -21.63 15.88 -19.60
N HIS M 294 -20.52 16.19 -20.27
CA HIS M 294 -20.56 17.03 -21.46
C HIS M 294 -20.46 16.08 -22.66
N ARG M 295 -21.26 16.32 -23.69
CA ARG M 295 -21.26 15.45 -24.86
C ARG M 295 -20.36 15.87 -26.02
N ALA M 296 -19.26 16.53 -25.69
CA ALA M 296 -18.30 16.98 -26.69
C ALA M 296 -18.02 15.89 -27.73
N MET M 297 -18.01 16.29 -29.00
CA MET M 297 -17.75 15.42 -30.15
C MET M 297 -18.96 14.62 -30.65
N HIS M 298 -20.07 14.67 -29.93
CA HIS M 298 -21.26 13.90 -30.34
C HIS M 298 -21.70 14.17 -31.79
N ALA M 299 -21.62 15.42 -32.23
CA ALA M 299 -22.03 15.79 -33.58
C ALA M 299 -21.20 15.15 -34.70
N VAL M 300 -19.99 14.68 -34.37
CA VAL M 300 -19.16 14.03 -35.36
C VAL M 300 -19.85 12.71 -35.72
N ILE M 301 -20.58 12.18 -34.76
CA ILE M 301 -21.29 10.91 -34.85
C ILE M 301 -22.79 10.99 -35.12
N ASP M 302 -23.45 11.96 -34.50
CA ASP M 302 -24.91 12.05 -34.61
C ASP M 302 -25.59 13.13 -35.44
N ARG M 303 -24.84 13.91 -36.21
CA ARG M 303 -25.42 14.99 -37.01
C ARG M 303 -26.23 14.55 -38.24
N GLN M 304 -25.64 13.69 -39.06
CA GLN M 304 -26.28 13.24 -40.29
C GLN M 304 -27.30 12.12 -40.11
N LYS M 305 -28.46 12.30 -40.74
CA LYS M 305 -29.52 11.30 -40.66
C LYS M 305 -29.19 10.01 -41.39
N ASN M 306 -28.35 10.08 -42.41
CA ASN M 306 -28.00 8.90 -43.20
C ASN M 306 -26.90 8.01 -42.66
N HIS M 307 -26.04 8.55 -41.79
CA HIS M 307 -24.93 7.75 -41.28
C HIS M 307 -24.45 8.16 -39.91
N GLY M 308 -24.10 7.17 -39.08
CA GLY M 308 -23.61 7.46 -37.74
C GLY M 308 -24.43 6.78 -36.66
N MET M 309 -24.65 7.49 -35.55
CA MET M 309 -25.45 6.97 -34.44
C MET M 309 -26.24 8.14 -33.88
N HIS M 310 -27.56 7.98 -33.75
CA HIS M 310 -28.37 9.08 -33.22
C HIS M 310 -27.99 9.31 -31.77
N PHE M 311 -28.11 10.55 -31.32
CA PHE M 311 -27.76 10.89 -29.95
C PHE M 311 -28.46 10.05 -28.89
N ARG M 312 -29.70 9.61 -29.16
CA ARG M 312 -30.42 8.84 -28.14
C ARG M 312 -29.68 7.56 -27.76
N VAL M 313 -28.89 7.01 -28.68
CA VAL M 313 -28.13 5.81 -28.40
C VAL M 313 -26.96 6.20 -27.49
N LEU M 314 -26.34 7.33 -27.80
CA LEU M 314 -25.22 7.82 -27.00
C LEU M 314 -25.74 8.24 -25.63
N ALA M 315 -27.00 8.67 -25.58
CA ALA M 315 -27.61 9.09 -24.32
C ALA M 315 -27.88 7.88 -23.44
N LYS M 316 -28.44 6.81 -24.03
CA LYS M 316 -28.72 5.59 -23.26
C LYS M 316 -27.39 5.04 -22.73
N ALA M 317 -26.37 5.07 -23.59
CA ALA M 317 -25.06 4.57 -23.21
C ALA M 317 -24.51 5.33 -22.00
N LEU M 318 -24.72 6.64 -21.98
CA LEU M 318 -24.23 7.44 -20.85
C LEU M 318 -24.99 7.11 -19.57
N ARG M 319 -26.31 6.90 -19.69
CA ARG M 319 -27.09 6.57 -18.50
C ARG M 319 -26.55 5.27 -17.88
N MET M 320 -26.19 4.32 -18.74
CA MET M 320 -25.65 3.03 -18.31
C MET M 320 -24.24 3.14 -17.72
N SER M 321 -23.36 3.85 -18.45
CA SER M 321 -21.98 4.03 -18.00
C SER M 321 -21.95 4.83 -16.69
N GLY M 322 -22.76 5.89 -16.64
CA GLY M 322 -22.84 6.68 -15.43
C GLY M 322 -22.65 8.17 -15.58
N GLY M 323 -23.67 8.92 -15.15
CA GLY M 323 -23.63 10.38 -15.19
C GLY M 323 -24.86 10.91 -14.48
N ASP M 324 -24.74 12.06 -13.84
CA ASP M 324 -25.88 12.64 -13.14
C ASP M 324 -26.55 13.74 -13.97
N HIS M 325 -25.77 14.39 -14.83
CA HIS M 325 -26.28 15.41 -15.75
C HIS M 325 -25.71 15.02 -17.12
N ILE M 326 -26.42 15.40 -18.19
CA ILE M 326 -25.91 15.18 -19.54
C ILE M 326 -26.50 16.27 -20.44
N HIS M 327 -25.65 16.91 -21.23
CA HIS M 327 -26.12 17.94 -22.14
C HIS M 327 -27.09 17.34 -23.14
N ALA M 328 -28.17 18.07 -23.40
CA ALA M 328 -29.19 17.59 -24.32
C ALA M 328 -29.49 18.57 -25.45
N GLY M 329 -28.62 19.57 -25.63
CA GLY M 329 -28.81 20.53 -26.71
C GLY M 329 -29.38 21.88 -26.29
N THR M 330 -30.29 22.38 -27.12
CA THR M 330 -30.96 23.67 -26.89
C THR M 330 -32.46 23.51 -27.13
N GLU M 338 -35.31 19.29 -34.18
CA GLU M 338 -36.77 19.24 -33.91
C GLU M 338 -37.09 18.80 -32.47
N ARG M 339 -38.08 19.49 -31.90
CA ARG M 339 -38.55 19.31 -30.54
C ARG M 339 -39.01 17.92 -30.10
N GLU M 340 -39.76 17.23 -30.95
CA GLU M 340 -40.24 15.90 -30.60
C GLU M 340 -39.12 14.91 -30.36
N MET M 341 -38.08 14.96 -31.18
CA MET M 341 -36.95 14.03 -31.03
C MET M 341 -36.24 14.29 -29.71
N THR M 342 -36.11 15.56 -29.35
CA THR M 342 -35.45 15.94 -28.11
C THR M 342 -36.28 15.47 -26.92
N LEU M 343 -37.58 15.71 -26.96
CA LEU M 343 -38.46 15.27 -25.88
C LEU M 343 -38.37 13.75 -25.75
N GLY M 344 -38.19 13.09 -26.90
CA GLY M 344 -38.07 11.65 -26.90
C GLY M 344 -36.87 11.14 -26.14
N PHE M 345 -35.67 11.64 -26.45
CA PHE M 345 -34.52 11.13 -25.73
C PHE M 345 -34.41 11.67 -24.31
N VAL M 346 -35.13 12.75 -24.02
CA VAL M 346 -35.13 13.29 -22.66
C VAL M 346 -35.90 12.29 -21.80
N ASP M 347 -36.99 11.77 -22.32
CA ASP M 347 -37.75 10.78 -21.57
C ASP M 347 -36.90 9.53 -21.39
N LEU M 348 -36.14 9.17 -22.42
CA LEU M 348 -35.28 7.98 -22.34
C LEU M 348 -34.21 8.16 -21.28
N LEU M 349 -33.81 9.41 -21.07
CA LEU M 349 -32.79 9.73 -20.07
C LEU M 349 -33.32 9.85 -18.65
N ARG M 350 -34.54 10.37 -18.49
CA ARG M 350 -35.11 10.58 -17.17
C ARG M 350 -36.08 9.54 -16.61
N ASP M 351 -36.93 9.00 -17.47
CA ASP M 351 -37.96 8.07 -17.02
C ASP M 351 -37.58 6.63 -16.76
N ASP M 352 -38.46 5.94 -16.04
CA ASP M 352 -38.24 4.54 -15.70
C ASP M 352 -38.76 3.63 -16.79
N PHE M 353 -39.85 4.04 -17.43
CA PHE M 353 -40.47 3.24 -18.48
C PHE M 353 -40.88 4.16 -19.63
N ILE M 354 -40.37 3.89 -20.83
CA ILE M 354 -40.71 4.70 -21.99
C ILE M 354 -41.32 3.83 -23.08
N GLU M 355 -42.57 4.13 -23.45
CA GLU M 355 -43.26 3.36 -24.46
C GLU M 355 -42.81 3.73 -25.87
N LYS M 356 -42.83 2.74 -26.76
CA LYS M 356 -42.43 2.95 -28.15
C LYS M 356 -43.20 4.13 -28.74
N ASP M 357 -42.48 5.00 -29.45
CA ASP M 357 -43.07 6.19 -30.05
C ASP M 357 -42.10 6.68 -31.12
N ARG M 358 -42.17 6.07 -32.30
CA ARG M 358 -41.28 6.44 -33.40
C ARG M 358 -41.39 7.89 -33.82
N ALA M 359 -42.52 8.52 -33.52
CA ALA M 359 -42.71 9.93 -33.86
C ALA M 359 -41.75 10.77 -33.03
N ARG M 360 -41.25 10.20 -31.94
CA ARG M 360 -40.30 10.88 -31.07
C ARG M 360 -38.95 10.16 -31.09
N GLY M 361 -38.77 9.31 -32.10
CA GLY M 361 -37.51 8.57 -32.24
C GLY M 361 -37.33 7.38 -31.33
N ILE M 362 -38.37 7.02 -30.58
CA ILE M 362 -38.30 5.89 -29.67
C ILE M 362 -38.77 4.66 -30.44
N PHE M 363 -37.82 3.84 -30.89
CA PHE M 363 -38.14 2.66 -31.67
C PHE M 363 -38.48 1.42 -30.87
N PHE M 364 -38.14 1.44 -29.58
CA PHE M 364 -38.39 0.30 -28.70
C PHE M 364 -38.89 0.75 -27.35
N THR M 365 -39.80 -0.02 -26.76
CA THR M 365 -40.25 0.29 -25.41
C THR M 365 -39.03 0.02 -24.54
N GLN M 366 -38.69 0.97 -23.68
CA GLN M 366 -37.52 0.85 -22.83
C GLN M 366 -37.88 0.84 -21.34
N ASP M 367 -37.48 -0.22 -20.65
CA ASP M 367 -37.74 -0.40 -19.23
C ASP M 367 -36.39 -0.32 -18.52
N TRP M 368 -36.22 0.66 -17.64
CA TRP M 368 -34.95 0.81 -16.93
C TRP M 368 -34.89 0.16 -15.55
N VAL M 369 -35.98 -0.53 -15.19
CA VAL M 369 -36.09 -1.23 -13.91
C VAL M 369 -35.41 -0.54 -12.73
N SER M 370 -35.81 0.71 -12.50
CA SER M 370 -35.33 1.54 -11.39
C SER M 370 -33.93 2.12 -11.44
N MET M 371 -33.27 2.03 -12.59
CA MET M 371 -31.95 2.65 -12.70
C MET M 371 -32.30 4.14 -12.69
N PRO M 372 -31.61 4.94 -11.87
CA PRO M 372 -31.89 6.38 -11.79
C PRO M 372 -31.80 7.11 -13.14
N GLY M 373 -32.53 8.22 -13.25
CA GLY M 373 -32.50 9.00 -14.47
C GLY M 373 -31.40 10.04 -14.42
N VAL M 374 -31.12 10.65 -15.57
CA VAL M 374 -30.07 11.65 -15.70
C VAL M 374 -30.70 13.01 -16.01
N ILE M 375 -30.23 14.07 -15.36
CA ILE M 375 -30.79 15.39 -15.61
C ILE M 375 -30.28 15.98 -16.92
N PRO M 376 -31.20 16.30 -17.85
CA PRO M 376 -30.80 16.87 -19.15
C PRO M 376 -30.37 18.33 -18.98
N VAL M 377 -29.32 18.73 -19.69
CA VAL M 377 -28.84 20.09 -19.60
C VAL M 377 -28.99 20.86 -20.92
N ALA M 378 -29.65 22.00 -20.87
CA ALA M 378 -29.84 22.85 -22.04
C ALA M 378 -28.75 23.94 -22.01
N SER M 379 -28.20 24.32 -23.16
CA SER M 379 -27.13 25.33 -23.20
C SER M 379 -27.18 25.99 -24.57
N GLY M 380 -26.12 26.72 -24.93
CA GLY M 380 -26.06 27.44 -26.18
C GLY M 380 -26.42 28.91 -26.06
N GLY M 381 -26.80 29.49 -27.21
CA GLY M 381 -27.18 30.89 -27.34
C GLY M 381 -28.54 31.19 -26.72
N ILE M 382 -28.75 30.85 -25.46
CA ILE M 382 -30.02 31.16 -24.79
C ILE M 382 -29.92 32.33 -23.80
N HIS M 383 -31.04 33.01 -23.59
CA HIS M 383 -31.10 34.14 -22.66
C HIS M 383 -32.47 34.25 -21.99
N VAL M 384 -32.68 35.29 -21.20
CA VAL M 384 -33.94 35.47 -20.48
C VAL M 384 -35.24 35.28 -21.26
N TRP M 385 -35.29 35.76 -22.50
CA TRP M 385 -36.51 35.61 -23.27
C TRP M 385 -36.83 34.16 -23.64
N HIS M 386 -35.86 33.27 -23.48
CA HIS M 386 -36.05 31.85 -23.79
C HIS M 386 -36.52 31.07 -22.57
N MET M 387 -36.49 31.71 -21.40
CA MET M 387 -36.87 31.01 -20.18
C MET M 387 -38.24 30.32 -20.21
N PRO M 388 -39.27 31.00 -20.73
CA PRO M 388 -40.60 30.37 -20.78
C PRO M 388 -40.58 29.07 -21.59
N ALA M 389 -40.00 29.16 -22.80
CA ALA M 389 -39.91 28.00 -23.68
C ALA M 389 -39.09 26.86 -23.09
N LEU M 390 -37.94 27.19 -22.52
CA LEU M 390 -37.08 26.16 -21.92
C LEU M 390 -37.79 25.46 -20.76
N THR M 391 -38.46 26.26 -19.93
CA THR M 391 -39.18 25.70 -18.79
C THR M 391 -40.31 24.79 -19.26
N GLU M 392 -40.99 25.21 -20.32
CA GLU M 392 -42.11 24.45 -20.88
C GLU M 392 -41.64 23.14 -21.53
N ILE M 393 -40.54 23.21 -22.27
CA ILE M 393 -40.00 22.04 -22.96
C ILE M 393 -39.45 20.97 -22.02
N PHE M 394 -38.57 21.39 -21.11
CA PHE M 394 -37.92 20.46 -20.20
C PHE M 394 -38.59 20.19 -18.85
N GLY M 395 -39.36 21.14 -18.35
CA GLY M 395 -39.99 20.92 -17.06
C GLY M 395 -38.94 21.18 -15.98
N ASP M 396 -39.28 20.88 -14.73
CA ASP M 396 -38.35 21.13 -13.62
C ASP M 396 -37.06 20.32 -13.61
N ASP M 397 -37.11 19.06 -14.03
CA ASP M 397 -35.91 18.24 -14.00
C ASP M 397 -34.97 18.48 -15.17
N SER M 398 -34.25 19.59 -15.08
CA SER M 398 -33.30 19.98 -16.11
C SER M 398 -32.37 21.04 -15.55
N VAL M 399 -31.29 21.29 -16.27
CA VAL M 399 -30.34 22.34 -15.88
C VAL M 399 -30.26 23.24 -17.09
N LEU M 400 -30.39 24.54 -16.87
CA LEU M 400 -30.31 25.51 -17.96
C LEU M 400 -29.01 26.28 -17.79
N GLN M 401 -28.11 26.14 -18.77
CA GLN M 401 -26.81 26.82 -18.74
C GLN M 401 -26.81 28.10 -19.56
N PHE M 402 -26.46 29.22 -18.92
CA PHE M 402 -26.40 30.51 -19.59
C PHE M 402 -24.99 31.06 -19.52
N GLY M 403 -24.22 30.88 -20.59
CA GLY M 403 -22.86 31.41 -20.61
C GLY M 403 -22.91 32.89 -20.92
N GLY M 404 -23.04 33.22 -22.19
CA GLY M 404 -23.10 34.62 -22.58
C GLY M 404 -24.32 35.27 -21.97
N GLY M 405 -25.34 34.45 -21.67
CA GLY M 405 -26.57 34.94 -21.08
C GLY M 405 -26.40 35.46 -19.67
N THR M 406 -25.22 35.25 -19.09
CA THR M 406 -24.94 35.71 -17.74
C THR M 406 -23.77 36.69 -17.80
N LEU M 407 -22.66 36.24 -18.36
CA LEU M 407 -21.45 37.06 -18.48
C LEU M 407 -21.61 38.20 -19.48
N GLY M 408 -22.76 38.21 -20.16
CA GLY M 408 -23.02 39.25 -21.14
C GLY M 408 -23.97 40.32 -20.63
N HIS M 409 -24.44 40.16 -19.39
CA HIS M 409 -25.34 41.14 -18.79
C HIS M 409 -24.56 42.45 -18.66
N PRO M 410 -25.19 43.58 -19.00
CA PRO M 410 -24.50 44.87 -18.91
C PRO M 410 -24.01 45.31 -17.53
N TRP M 411 -24.54 44.71 -16.47
CA TRP M 411 -24.13 45.07 -15.11
C TRP M 411 -23.18 44.08 -14.46
N GLY M 412 -22.80 43.03 -15.18
CA GLY M 412 -21.90 42.05 -14.61
C GLY M 412 -22.54 40.71 -14.29
N ASN M 413 -21.73 39.79 -13.79
CA ASN M 413 -22.16 38.44 -13.46
C ASN M 413 -23.23 38.28 -12.40
N ALA M 414 -23.09 38.96 -11.26
CA ALA M 414 -24.09 38.83 -10.20
C ALA M 414 -25.47 39.30 -10.69
N PRO M 415 -25.53 40.49 -11.30
CA PRO M 415 -26.84 40.95 -11.79
C PRO M 415 -27.35 40.05 -12.92
N GLY M 416 -26.41 39.53 -13.72
CA GLY M 416 -26.78 38.64 -14.80
C GLY M 416 -27.39 37.36 -14.28
N ALA M 417 -26.80 36.84 -13.19
CA ALA M 417 -27.29 35.63 -12.57
C ALA M 417 -28.67 35.88 -11.97
N ALA M 418 -28.83 37.05 -11.35
CA ALA M 418 -30.10 37.42 -10.74
C ALA M 418 -31.19 37.51 -11.79
N ALA M 419 -30.86 38.10 -12.94
CA ALA M 419 -31.81 38.23 -14.03
C ALA M 419 -32.32 36.86 -14.46
N ASN M 420 -31.42 35.89 -14.59
CA ASN M 420 -31.84 34.56 -15.00
C ASN M 420 -32.63 33.85 -13.92
N ARG M 421 -32.20 33.98 -12.66
CA ARG M 421 -32.91 33.33 -11.57
C ARG M 421 -34.32 33.91 -11.44
N VAL M 422 -34.43 35.24 -11.54
CA VAL M 422 -35.73 35.91 -11.46
C VAL M 422 -36.63 35.48 -12.63
N ALA M 423 -36.08 35.48 -13.83
CA ALA M 423 -36.85 35.07 -15.01
C ALA M 423 -37.39 33.66 -14.82
N LEU M 424 -36.53 32.75 -14.36
CA LEU M 424 -36.94 31.37 -14.17
C LEU M 424 -38.05 31.23 -13.12
N GLU M 425 -37.86 31.83 -11.96
CA GLU M 425 -38.85 31.72 -10.90
C GLU M 425 -40.17 32.36 -11.31
N ALA M 426 -40.12 33.41 -12.12
CA ALA M 426 -41.34 34.05 -12.57
C ALA M 426 -42.09 33.06 -13.46
N CYS M 427 -41.34 32.35 -14.30
CA CYS M 427 -41.94 31.35 -15.19
C CYS M 427 -42.53 30.20 -14.39
N VAL M 428 -41.79 29.74 -13.38
CA VAL M 428 -42.26 28.65 -12.54
C VAL M 428 -43.53 29.05 -11.79
N GLN M 429 -43.53 30.26 -11.24
CA GLN M 429 -44.71 30.72 -10.50
C GLN M 429 -45.93 30.73 -11.42
N ALA M 430 -45.78 31.33 -12.59
CA ALA M 430 -46.87 31.44 -13.55
C ALA M 430 -47.38 30.07 -13.98
N ARG M 431 -46.46 29.18 -14.34
CA ARG M 431 -46.82 27.84 -14.74
C ARG M 431 -47.60 27.15 -13.64
N ASN M 432 -47.11 27.27 -12.41
CA ASN M 432 -47.75 26.64 -11.26
C ASN M 432 -49.17 27.15 -11.05
N GLU M 433 -49.42 28.41 -11.41
CA GLU M 433 -50.75 28.98 -11.25
C GLU M 433 -51.69 28.50 -12.36
N GLY M 434 -51.13 27.88 -13.39
CA GLY M 434 -51.93 27.38 -14.48
C GLY M 434 -51.86 28.17 -15.77
N ARG M 435 -50.93 29.10 -15.86
CA ARG M 435 -50.78 29.92 -17.07
C ARG M 435 -50.03 29.16 -18.16
N ASP M 436 -50.30 29.52 -19.41
CA ASP M 436 -49.67 28.88 -20.56
C ASP M 436 -48.35 29.56 -20.90
N LEU M 437 -47.24 28.91 -20.59
CA LEU M 437 -45.93 29.47 -20.88
C LEU M 437 -45.70 29.65 -22.38
N ALA M 438 -46.25 28.74 -23.18
CA ALA M 438 -46.10 28.79 -24.62
C ALA M 438 -46.82 29.99 -25.26
N ARG M 439 -47.84 30.50 -24.58
CA ARG M 439 -48.59 31.63 -25.12
C ARG M 439 -48.49 32.91 -24.30
N GLU M 440 -48.08 32.80 -23.05
CA GLU M 440 -47.97 33.97 -22.18
C GLU M 440 -46.55 34.29 -21.75
N GLY M 441 -45.59 33.53 -22.27
CA GLY M 441 -44.19 33.73 -21.91
C GLY M 441 -43.69 35.16 -21.87
N ASN M 442 -43.80 35.88 -22.98
CA ASN M 442 -43.31 37.26 -23.03
C ASN M 442 -43.96 38.15 -21.99
N GLU M 443 -45.27 38.00 -21.78
CA GLU M 443 -45.98 38.81 -20.80
C GLU M 443 -45.51 38.49 -19.38
N ILE M 444 -45.22 37.21 -19.13
CA ILE M 444 -44.76 36.79 -17.82
C ILE M 444 -43.41 37.44 -17.52
N ILE M 445 -42.53 37.43 -18.52
CA ILE M 445 -41.20 38.02 -18.38
C ILE M 445 -41.31 39.54 -18.21
N ARG M 446 -42.13 40.19 -19.04
CA ARG M 446 -42.27 41.64 -18.94
C ARG M 446 -42.81 42.06 -17.57
N SER M 447 -43.75 41.29 -17.04
CA SER M 447 -44.33 41.61 -15.74
C SER M 447 -43.28 41.56 -14.64
N ALA M 448 -42.38 40.57 -14.73
CA ALA M 448 -41.32 40.40 -13.75
C ALA M 448 -40.30 41.54 -13.81
N CYS M 449 -40.16 42.15 -14.98
CA CYS M 449 -39.22 43.26 -15.15
C CYS M 449 -39.55 44.43 -14.24
N LYS M 450 -40.84 44.62 -13.98
CA LYS M 450 -41.29 45.73 -13.14
C LYS M 450 -40.61 45.79 -11.78
N TRP M 451 -40.42 44.64 -11.14
CA TRP M 451 -39.79 44.62 -9.82
C TRP M 451 -38.34 44.13 -9.84
N SER M 452 -37.83 43.82 -11.02
CA SER M 452 -36.44 43.36 -11.15
C SER M 452 -35.65 44.18 -12.15
N PRO M 453 -34.94 45.22 -11.67
CA PRO M 453 -34.14 46.07 -12.56
C PRO M 453 -33.12 45.22 -13.32
N GLU M 454 -32.63 44.17 -12.67
CA GLU M 454 -31.65 43.27 -13.28
C GLU M 454 -32.25 42.57 -14.50
N LEU M 455 -33.45 42.03 -14.35
CA LEU M 455 -34.10 41.34 -15.46
C LEU M 455 -34.45 42.35 -16.55
N ALA M 456 -34.88 43.54 -16.13
CA ALA M 456 -35.24 44.58 -17.09
C ALA M 456 -34.06 44.94 -17.98
N ALA M 457 -32.88 45.07 -17.39
CA ALA M 457 -31.68 45.40 -18.14
C ALA M 457 -31.33 44.29 -19.13
N ALA M 458 -31.53 43.03 -18.71
CA ALA M 458 -31.23 41.91 -19.57
C ALA M 458 -32.22 41.83 -20.73
N CYS M 459 -33.49 42.11 -20.45
CA CYS M 459 -34.52 42.07 -21.49
C CYS M 459 -34.31 43.12 -22.58
N GLU M 460 -33.68 44.22 -22.21
CA GLU M 460 -33.44 45.29 -23.19
C GLU M 460 -32.32 44.96 -24.18
N ILE M 461 -31.31 44.23 -23.72
CA ILE M 461 -30.19 43.87 -24.57
C ILE M 461 -30.42 42.78 -25.61
N TRP M 462 -31.07 41.69 -25.20
CA TRP M 462 -31.30 40.57 -26.10
C TRP M 462 -32.70 40.42 -26.70
N LYS M 463 -33.47 41.49 -26.69
CA LYS M 463 -34.82 41.43 -27.25
C LYS M 463 -34.82 41.10 -28.74
N MET N 2 -25.72 51.34 -13.94
CA MET N 2 -25.33 50.02 -13.48
C MET N 2 -25.65 49.87 -11.99
N GLN N 3 -26.26 48.76 -11.60
CA GLN N 3 -26.61 48.53 -10.20
C GLN N 3 -25.90 47.32 -9.61
N VAL N 4 -25.49 47.43 -8.35
CA VAL N 4 -24.75 46.37 -7.65
C VAL N 4 -25.61 45.41 -6.82
N TRP N 5 -25.45 44.12 -7.05
CA TRP N 5 -26.23 43.13 -6.32
C TRP N 5 -25.83 43.15 -4.86
N PRO N 6 -26.81 43.24 -3.94
CA PRO N 6 -26.55 43.28 -2.50
C PRO N 6 -25.74 42.10 -1.98
N ILE N 7 -24.89 42.35 -0.99
CA ILE N 7 -24.07 41.30 -0.41
C ILE N 7 -24.61 40.82 0.94
N GLU N 8 -25.60 41.54 1.46
CA GLU N 8 -26.21 41.17 2.75
C GLU N 8 -27.69 41.49 2.79
N GLY N 9 -28.40 40.84 3.71
CA GLY N 9 -29.82 41.06 3.88
C GLY N 9 -30.69 40.46 2.79
N ILE N 10 -30.07 39.70 1.89
CA ILE N 10 -30.78 39.07 0.77
C ILE N 10 -30.58 37.55 0.76
N LYS N 11 -30.34 36.94 1.92
CA LYS N 11 -30.14 35.50 1.91
C LYS N 11 -31.38 34.81 1.35
N LYS N 12 -31.15 33.65 0.73
CA LYS N 12 -32.23 32.93 0.07
C LYS N 12 -32.69 31.59 0.63
N PHE N 13 -33.79 31.10 0.06
CA PHE N 13 -34.41 29.86 0.50
C PHE N 13 -34.89 29.03 -0.68
N GLU N 14 -34.08 29.03 -1.73
CA GLU N 14 -34.37 28.28 -2.94
C GLU N 14 -35.60 28.76 -3.74
N THR N 15 -36.32 27.84 -4.35
CA THR N 15 -37.44 28.19 -5.22
C THR N 15 -38.48 29.21 -4.75
N LEU N 16 -38.60 30.26 -5.55
CA LEU N 16 -39.51 31.39 -5.36
C LEU N 16 -38.97 32.49 -4.45
N SER N 17 -37.80 32.27 -3.84
CA SER N 17 -37.23 33.27 -2.94
C SER N 17 -36.62 34.48 -3.63
N TYR N 18 -36.60 34.49 -4.96
CA TYR N 18 -36.07 35.63 -5.70
C TYR N 18 -37.22 36.50 -6.20
N LEU N 19 -38.44 36.05 -5.97
CA LEU N 19 -39.62 36.81 -6.36
C LEU N 19 -39.96 37.72 -5.18
N PRO N 20 -40.78 38.75 -5.41
CA PRO N 20 -41.13 39.64 -4.29
C PRO N 20 -41.89 38.80 -3.26
N PRO N 21 -42.00 39.31 -2.03
CA PRO N 21 -42.72 38.55 -1.00
C PRO N 21 -44.10 38.16 -1.53
N LEU N 22 -44.46 36.89 -1.39
CA LEU N 22 -45.74 36.40 -1.87
C LEU N 22 -46.90 36.87 -1.01
N THR N 23 -47.96 37.32 -1.67
CA THR N 23 -49.15 37.78 -0.96
C THR N 23 -49.96 36.55 -0.61
N VAL N 24 -50.96 36.72 0.24
CA VAL N 24 -51.80 35.59 0.62
C VAL N 24 -52.37 34.97 -0.65
N GLU N 25 -52.80 35.82 -1.59
CA GLU N 25 -53.36 35.33 -2.85
C GLU N 25 -52.31 34.49 -3.59
N ASP N 26 -51.09 35.01 -3.65
CA ASP N 26 -49.98 34.33 -4.32
C ASP N 26 -49.74 32.95 -3.70
N LEU N 27 -49.63 32.93 -2.37
CA LEU N 27 -49.40 31.69 -1.65
C LEU N 27 -50.51 30.68 -1.89
N LEU N 28 -51.75 31.15 -1.91
CA LEU N 28 -52.89 30.28 -2.14
C LEU N 28 -52.76 29.53 -3.46
N LYS N 29 -52.37 30.24 -4.51
CA LYS N 29 -52.23 29.61 -5.83
C LYS N 29 -51.14 28.54 -5.85
N GLN N 30 -50.05 28.76 -5.11
CA GLN N 30 -48.97 27.79 -5.08
C GLN N 30 -49.43 26.53 -4.34
N ILE N 31 -50.18 26.72 -3.27
CA ILE N 31 -50.69 25.60 -2.50
C ILE N 31 -51.68 24.81 -3.34
N GLU N 32 -52.54 25.53 -4.07
CA GLU N 32 -53.54 24.89 -4.92
C GLU N 32 -52.86 24.06 -6.03
N TYR N 33 -51.70 24.51 -6.48
CA TYR N 33 -50.94 23.82 -7.50
C TYR N 33 -50.52 22.45 -6.96
N LEU N 34 -50.15 22.43 -5.69
CA LEU N 34 -49.74 21.21 -5.00
C LEU N 34 -50.91 20.23 -4.93
N LEU N 35 -52.07 20.74 -4.49
CA LEU N 35 -53.26 19.92 -4.37
C LEU N 35 -53.75 19.39 -5.71
N ARG N 36 -53.75 20.24 -6.73
CA ARG N 36 -54.18 19.82 -8.06
C ARG N 36 -53.26 18.73 -8.58
N SER N 37 -51.97 18.85 -8.28
CA SER N 37 -50.97 17.89 -8.74
C SER N 37 -51.00 16.61 -7.91
N LYS N 38 -51.88 16.59 -6.91
CA LYS N 38 -52.03 15.44 -6.03
C LYS N 38 -50.80 15.19 -5.17
N TRP N 39 -50.17 16.28 -4.73
CA TRP N 39 -49.01 16.17 -3.86
C TRP N 39 -49.48 16.56 -2.46
N VAL N 40 -48.75 16.12 -1.44
CA VAL N 40 -49.13 16.39 -0.07
C VAL N 40 -48.36 17.56 0.52
N PRO N 41 -49.07 18.61 0.97
CA PRO N 41 -48.40 19.77 1.55
C PRO N 41 -48.00 19.50 3.00
N CYS N 42 -46.91 20.13 3.42
CA CYS N 42 -46.43 19.99 4.79
C CYS N 42 -45.67 21.27 5.12
N LEU N 43 -45.71 21.67 6.38
CA LEU N 43 -44.98 22.86 6.81
C LEU N 43 -43.72 22.44 7.56
N GLU N 44 -42.69 23.27 7.46
CA GLU N 44 -41.41 23.03 8.13
C GLU N 44 -40.94 24.36 8.68
N PHE N 45 -40.28 24.34 9.83
CA PHE N 45 -39.82 25.59 10.43
C PHE N 45 -38.45 25.43 11.06
N SER N 46 -37.76 26.56 11.24
CA SER N 46 -36.44 26.57 11.83
C SER N 46 -36.04 27.97 12.24
N LYS N 47 -35.17 28.09 13.23
CA LYS N 47 -34.71 29.39 13.67
C LYS N 47 -33.39 29.72 12.97
N VAL N 48 -32.85 28.74 12.26
CA VAL N 48 -31.62 28.89 11.48
C VAL N 48 -32.13 28.72 10.05
N GLY N 49 -31.92 29.74 9.22
CA GLY N 49 -32.46 29.64 7.88
C GLY N 49 -31.60 29.13 6.74
N PHE N 50 -30.33 28.84 7.00
CA PHE N 50 -29.46 28.42 5.92
C PHE N 50 -28.57 27.22 6.20
N VAL N 51 -27.89 26.73 5.16
CA VAL N 51 -27.02 25.58 5.29
C VAL N 51 -25.68 25.94 5.91
N TYR N 52 -25.05 24.95 6.52
CA TYR N 52 -23.75 25.11 7.14
C TYR N 52 -23.07 23.75 7.13
N ARG N 53 -21.80 23.70 7.49
CA ARG N 53 -21.09 22.43 7.49
C ARG N 53 -20.29 22.28 8.77
N GLU N 54 -20.96 21.83 9.82
CA GLU N 54 -20.34 21.66 11.12
C GLU N 54 -19.80 20.26 11.40
N ASN N 55 -20.57 19.24 11.04
CA ASN N 55 -20.16 17.87 11.30
C ASN N 55 -19.32 17.16 10.26
N HIS N 56 -19.29 17.69 9.04
CA HIS N 56 -18.52 17.04 7.98
C HIS N 56 -18.44 17.97 6.77
N ARG N 57 -17.43 17.74 5.93
CA ARG N 57 -17.27 18.55 4.73
C ARG N 57 -17.04 17.67 3.49
N SER N 58 -17.40 16.39 3.60
CA SER N 58 -17.24 15.49 2.47
C SER N 58 -18.29 15.81 1.41
N PRO N 59 -18.05 15.40 0.16
CA PRO N 59 -19.00 15.68 -0.93
C PRO N 59 -20.44 15.29 -0.61
N GLY N 60 -21.35 16.23 -0.83
CA GLY N 60 -22.76 15.95 -0.60
C GLY N 60 -23.23 16.04 0.84
N TYR N 61 -22.33 16.32 1.77
CA TYR N 61 -22.74 16.44 3.16
C TYR N 61 -22.84 17.89 3.60
N TYR N 62 -24.01 18.25 4.12
CA TYR N 62 -24.27 19.59 4.61
C TYR N 62 -25.22 19.49 5.80
N ASP N 63 -25.06 20.40 6.75
CA ASP N 63 -25.96 20.46 7.90
C ASP N 63 -26.95 21.56 7.52
N GLY N 64 -28.08 21.64 8.20
CA GLY N 64 -29.03 22.69 7.89
C GLY N 64 -29.95 22.49 6.70
N ARG N 65 -29.92 21.32 6.08
CA ARG N 65 -30.81 21.06 4.96
C ARG N 65 -32.18 20.71 5.54
N TYR N 66 -32.20 19.86 6.56
CA TYR N 66 -33.44 19.50 7.23
C TYR N 66 -33.85 20.62 8.17
N TRP N 67 -35.15 20.90 8.22
CA TRP N 67 -35.70 21.88 9.15
C TRP N 67 -36.61 20.99 10.00
N THR N 68 -37.44 21.59 10.84
CA THR N 68 -38.34 20.80 11.69
C THR N 68 -39.76 20.73 11.14
N MET N 69 -40.34 19.54 11.16
CA MET N 69 -41.69 19.35 10.65
C MET N 69 -42.75 19.96 11.57
N TRP N 70 -43.68 20.72 10.99
CA TRP N 70 -44.77 21.30 11.75
C TRP N 70 -45.87 20.25 11.64
N LYS N 71 -46.14 19.55 12.74
CA LYS N 71 -47.15 18.50 12.77
C LYS N 71 -46.81 17.42 11.72
N LEU N 72 -47.76 17.08 10.85
CA LEU N 72 -47.53 16.06 9.82
C LEU N 72 -47.99 16.51 8.44
N PRO N 73 -47.59 15.78 7.39
CA PRO N 73 -48.02 16.14 6.04
C PRO N 73 -49.55 16.10 6.06
N MET N 74 -50.18 17.04 5.37
CA MET N 74 -51.63 17.11 5.34
C MET N 74 -52.28 16.19 4.31
N PHE N 75 -52.15 14.89 4.52
CA PHE N 75 -52.72 13.88 3.63
C PHE N 75 -54.21 14.10 3.48
N GLY N 76 -54.71 13.99 2.26
CA GLY N 76 -56.13 14.16 2.01
C GLY N 76 -56.63 15.59 1.99
N CYS N 77 -55.73 16.56 2.11
CA CYS N 77 -56.14 17.96 2.09
C CYS N 77 -56.72 18.31 0.72
N THR N 78 -57.87 18.97 0.71
CA THR N 78 -58.52 19.36 -0.54
C THR N 78 -58.84 20.86 -0.53
N ASP N 79 -58.44 21.53 0.55
CA ASP N 79 -58.69 22.95 0.70
C ASP N 79 -57.41 23.67 1.09
N ALA N 80 -56.89 24.48 0.16
CA ALA N 80 -55.66 25.23 0.40
C ALA N 80 -55.73 26.11 1.64
N THR N 81 -56.92 26.63 1.94
CA THR N 81 -57.14 27.48 3.10
C THR N 81 -56.67 26.81 4.39
N GLN N 82 -56.75 25.49 4.42
CA GLN N 82 -56.35 24.72 5.60
C GLN N 82 -54.84 24.87 5.82
N VAL N 83 -54.09 24.90 4.73
CA VAL N 83 -52.65 25.03 4.82
C VAL N 83 -52.29 26.42 5.35
N LEU N 84 -53.04 27.43 4.92
CA LEU N 84 -52.81 28.80 5.38
C LEU N 84 -53.10 28.88 6.86
N LYS N 85 -54.13 28.16 7.29
CA LYS N 85 -54.53 28.13 8.70
C LYS N 85 -53.37 27.62 9.54
N GLU N 86 -52.76 26.53 9.10
CA GLU N 86 -51.63 25.96 9.83
C GLU N 86 -50.44 26.91 9.81
N LEU N 87 -50.24 27.60 8.70
CA LEU N 87 -49.13 28.55 8.59
C LEU N 87 -49.32 29.65 9.63
N GLU N 88 -50.55 30.13 9.77
CA GLU N 88 -50.84 31.16 10.75
C GLU N 88 -50.59 30.65 12.17
N GLU N 89 -50.91 29.38 12.41
CA GLU N 89 -50.68 28.80 13.73
C GLU N 89 -49.19 28.71 13.99
N ALA N 90 -48.43 28.31 12.96
CA ALA N 90 -46.99 28.18 13.07
C ALA N 90 -46.35 29.53 13.39
N LYS N 91 -46.80 30.58 12.70
CA LYS N 91 -46.27 31.92 12.91
C LYS N 91 -46.59 32.44 14.31
N LYS N 92 -47.74 32.01 14.83
CA LYS N 92 -48.18 32.42 16.16
C LYS N 92 -47.35 31.74 17.25
N ALA N 93 -47.02 30.47 17.03
CA ALA N 93 -46.24 29.69 17.99
C ALA N 93 -44.75 29.98 17.89
N TYR N 94 -44.28 30.27 16.67
CA TYR N 94 -42.86 30.55 16.43
C TYR N 94 -42.70 31.78 15.53
N PRO N 95 -43.01 32.97 16.06
CA PRO N 95 -42.87 34.20 15.27
C PRO N 95 -41.43 34.53 14.88
N ASP N 96 -40.48 33.94 15.60
CA ASP N 96 -39.07 34.18 15.35
C ASP N 96 -38.42 33.08 14.51
N ALA N 97 -39.24 32.25 13.87
CA ALA N 97 -38.73 31.16 13.05
C ALA N 97 -39.15 31.31 11.59
N PHE N 98 -38.33 30.77 10.70
CA PHE N 98 -38.65 30.78 9.27
C PHE N 98 -39.61 29.60 9.08
N VAL N 99 -40.56 29.76 8.17
CA VAL N 99 -41.50 28.67 7.89
C VAL N 99 -41.60 28.50 6.39
N ARG N 100 -41.44 27.28 5.91
CA ARG N 100 -41.55 27.01 4.49
C ARG N 100 -42.57 25.92 4.25
N ILE N 101 -43.11 25.89 3.02
CA ILE N 101 -44.09 24.90 2.64
C ILE N 101 -43.41 23.91 1.72
N ILE N 102 -43.51 22.62 2.05
CA ILE N 102 -42.90 21.59 1.22
C ILE N 102 -43.98 20.64 0.75
N GLY N 103 -43.65 19.79 -0.20
CA GLY N 103 -44.63 18.85 -0.72
C GLY N 103 -44.03 17.49 -1.01
N PHE N 104 -44.81 16.45 -0.80
CA PHE N 104 -44.36 15.09 -1.06
C PHE N 104 -45.26 14.44 -2.09
N ASP N 105 -44.68 13.57 -2.92
CA ASP N 105 -45.45 12.84 -3.92
C ASP N 105 -45.22 11.37 -3.63
N ASN N 106 -46.30 10.63 -3.38
CA ASN N 106 -46.17 9.21 -3.08
C ASN N 106 -45.89 8.36 -4.32
N VAL N 107 -46.20 8.90 -5.50
CA VAL N 107 -45.95 8.17 -6.74
C VAL N 107 -44.47 8.23 -7.10
N ARG N 108 -43.91 9.43 -7.10
CA ARG N 108 -42.50 9.57 -7.39
C ARG N 108 -41.70 9.22 -6.13
N GLN N 109 -42.42 9.12 -5.01
CA GLN N 109 -41.84 8.73 -3.72
C GLN N 109 -40.74 9.65 -3.25
N VAL N 110 -40.90 10.96 -3.48
CA VAL N 110 -39.89 11.92 -3.07
C VAL N 110 -40.49 13.27 -2.71
N GLN N 111 -39.72 14.06 -1.95
CA GLN N 111 -40.17 15.40 -1.63
C GLN N 111 -39.88 16.08 -2.96
N LEU N 112 -40.76 16.95 -3.42
CA LEU N 112 -40.49 17.60 -4.70
C LEU N 112 -40.88 19.07 -4.75
N ILE N 113 -41.22 19.63 -3.59
CA ILE N 113 -41.59 21.04 -3.47
C ILE N 113 -41.01 21.64 -2.20
N SER N 114 -40.62 22.91 -2.26
CA SER N 114 -40.10 23.63 -1.10
C SER N 114 -39.98 25.13 -1.38
N PHE N 115 -40.79 25.93 -0.69
CA PHE N 115 -40.73 27.38 -0.86
C PHE N 115 -41.06 28.09 0.46
N ILE N 116 -40.39 29.19 0.72
CA ILE N 116 -40.62 29.93 1.95
C ILE N 116 -41.98 30.59 1.99
N ALA N 117 -42.59 30.60 3.17
CA ALA N 117 -43.91 31.18 3.36
C ALA N 117 -43.90 32.27 4.43
N TYR N 118 -42.91 32.23 5.31
CA TYR N 118 -42.81 33.22 6.39
C TYR N 118 -41.37 33.42 6.84
N LYS N 119 -41.01 34.69 7.07
CA LYS N 119 -39.69 35.06 7.55
C LYS N 119 -39.91 35.96 8.75
N PRO N 120 -39.23 35.69 9.87
CA PRO N 120 -39.38 36.50 11.07
C PRO N 120 -38.97 37.96 10.86
N PRO N 121 -39.40 38.86 11.76
CA PRO N 121 -39.07 40.28 11.64
C PRO N 121 -37.57 40.55 11.65
N GLY N 122 -37.08 41.12 10.56
CA GLY N 122 -35.65 41.42 10.45
C GLY N 122 -34.87 40.30 9.80
N CYS N 123 -35.54 39.44 9.06
CA CYS N 123 -34.88 38.33 8.38
C CYS N 123 -35.50 38.06 7.01
N GLY O 12 -13.82 49.58 -24.11
CA GLY O 12 -15.12 49.75 -23.41
C GLY O 12 -16.06 48.59 -23.64
N PHE O 13 -16.67 48.08 -22.57
CA PHE O 13 -17.59 46.95 -22.66
C PHE O 13 -18.99 47.37 -23.09
N LYS O 14 -19.39 46.92 -24.27
CA LYS O 14 -20.73 47.17 -24.76
C LYS O 14 -21.46 45.84 -24.82
N ALA O 15 -22.44 45.67 -23.93
CA ALA O 15 -23.21 44.43 -23.90
C ALA O 15 -24.03 44.30 -25.17
N GLY O 16 -24.26 43.05 -25.58
CA GLY O 16 -25.06 42.80 -26.76
C GLY O 16 -24.42 41.97 -27.85
N VAL O 17 -25.21 41.65 -28.87
CA VAL O 17 -24.78 40.85 -30.01
C VAL O 17 -23.97 41.69 -31.02
N LYS O 21 -16.65 35.83 -38.54
CA LYS O 21 -15.54 36.13 -39.51
C LYS O 21 -14.90 37.47 -39.19
N LEU O 22 -15.62 38.28 -38.42
CA LEU O 22 -15.12 39.60 -38.05
C LEU O 22 -13.91 39.48 -37.14
N THR O 23 -13.47 38.26 -36.88
CA THR O 23 -12.33 38.01 -36.02
C THR O 23 -11.74 36.62 -36.26
N TYR O 24 -12.49 35.76 -36.94
CA TYR O 24 -12.02 34.39 -37.16
C TYR O 24 -11.56 33.99 -38.56
N TYR O 25 -11.83 34.81 -39.56
CA TYR O 25 -11.34 34.49 -40.90
C TYR O 25 -10.16 35.42 -41.16
N THR O 26 -8.95 34.88 -41.04
CA THR O 26 -7.73 35.67 -41.21
C THR O 26 -6.81 35.12 -42.29
N PRO O 27 -7.11 35.41 -43.56
CA PRO O 27 -6.31 34.94 -44.69
C PRO O 27 -4.86 35.44 -44.71
N GLU O 28 -4.56 36.45 -43.92
CA GLU O 28 -3.21 37.01 -43.87
C GLU O 28 -2.34 36.33 -42.83
N TYR O 29 -2.96 35.49 -41.99
CA TYR O 29 -2.24 34.79 -40.94
C TYR O 29 -1.18 33.83 -41.44
N GLU O 30 0.02 33.94 -40.88
CA GLU O 30 1.11 33.06 -41.24
C GLU O 30 1.21 32.08 -40.07
N THR O 31 1.01 30.80 -40.37
CA THR O 31 1.05 29.77 -39.34
C THR O 31 2.38 29.68 -38.59
N LYS O 32 2.29 29.38 -37.30
CA LYS O 32 3.47 29.24 -36.46
C LYS O 32 3.85 27.77 -36.43
N ASP O 33 5.13 27.48 -36.25
CA ASP O 33 5.58 26.10 -36.21
C ASP O 33 5.10 25.35 -34.97
N THR O 34 4.46 26.08 -34.05
CA THR O 34 3.94 25.46 -32.84
C THR O 34 2.42 25.27 -32.91
N ASP O 35 1.80 25.81 -33.95
CA ASP O 35 0.35 25.68 -34.12
C ASP O 35 -0.05 24.27 -34.52
N ILE O 36 -1.24 23.86 -34.12
CA ILE O 36 -1.78 22.58 -34.53
C ILE O 36 -2.68 23.05 -35.68
N LEU O 37 -2.50 22.46 -36.86
CA LEU O 37 -3.30 22.87 -38.01
C LEU O 37 -4.34 21.83 -38.36
N ALA O 38 -5.50 22.30 -38.83
CA ALA O 38 -6.58 21.39 -39.19
C ALA O 38 -7.09 21.69 -40.58
N ALA O 39 -7.40 20.62 -41.31
CA ALA O 39 -7.95 20.74 -42.66
C ALA O 39 -9.36 20.15 -42.60
N PHE O 40 -10.35 21.03 -42.71
CA PHE O 40 -11.76 20.66 -42.65
C PHE O 40 -12.44 20.69 -44.02
N ARG O 41 -13.25 19.68 -44.31
CA ARG O 41 -14.02 19.65 -45.55
C ARG O 41 -15.37 20.18 -45.10
N VAL O 42 -15.70 21.41 -45.49
CA VAL O 42 -16.95 22.04 -45.06
C VAL O 42 -18.02 22.19 -46.14
N THR O 43 -19.26 21.92 -45.76
CA THR O 43 -20.40 22.05 -46.66
C THR O 43 -21.34 23.06 -46.00
N PRO O 44 -21.31 24.32 -46.45
CA PRO O 44 -22.16 25.35 -45.87
C PRO O 44 -23.65 25.13 -46.14
N GLN O 45 -24.49 25.69 -45.28
CA GLN O 45 -25.93 25.60 -45.47
C GLN O 45 -26.23 26.54 -46.63
N PRO O 46 -27.43 26.41 -47.23
CA PRO O 46 -27.77 27.30 -48.35
C PRO O 46 -27.77 28.76 -47.89
N GLY O 47 -27.16 29.64 -48.67
CA GLY O 47 -27.13 31.05 -48.33
C GLY O 47 -25.98 31.44 -47.40
N VAL O 48 -25.08 30.50 -47.13
CA VAL O 48 -23.94 30.78 -46.26
C VAL O 48 -22.65 30.85 -47.07
N PRO O 49 -22.06 32.05 -47.18
CA PRO O 49 -20.82 32.27 -47.92
C PRO O 49 -19.69 31.39 -47.40
N PRO O 50 -18.82 30.92 -48.30
CA PRO O 50 -17.71 30.07 -47.85
C PRO O 50 -16.80 30.76 -46.82
N GLU O 51 -16.59 32.06 -46.99
CA GLU O 51 -15.75 32.81 -46.06
C GLU O 51 -16.39 32.83 -44.67
N GLU O 52 -17.71 32.91 -44.62
CA GLU O 52 -18.42 32.93 -43.34
C GLU O 52 -18.39 31.54 -42.72
N ALA O 53 -18.49 30.51 -43.55
CA ALA O 53 -18.47 29.13 -43.07
C ALA O 53 -17.10 28.81 -42.46
N GLY O 54 -16.04 29.24 -43.14
CA GLY O 54 -14.70 28.97 -42.63
C GLY O 54 -14.46 29.67 -41.31
N ALA O 55 -14.98 30.88 -41.19
CA ALA O 55 -14.83 31.64 -39.95
C ALA O 55 -15.62 30.94 -38.84
N ALA O 56 -16.79 30.44 -39.19
CA ALA O 56 -17.63 29.76 -38.20
C ALA O 56 -16.89 28.52 -37.71
N VAL O 57 -16.24 27.83 -38.63
CA VAL O 57 -15.49 26.63 -38.28
C VAL O 57 -14.43 26.96 -37.21
N ALA O 58 -13.71 28.07 -37.43
CA ALA O 58 -12.68 28.50 -36.49
C ALA O 58 -13.26 29.02 -35.19
N ALA O 59 -14.29 29.85 -35.30
CA ALA O 59 -14.92 30.44 -34.13
C ALA O 59 -15.58 29.41 -33.21
N GLU O 60 -16.38 28.53 -33.79
CA GLU O 60 -17.10 27.52 -33.01
C GLU O 60 -16.24 26.36 -32.51
N SER O 61 -14.95 26.37 -32.87
CA SER O 61 -14.04 25.33 -32.39
C SER O 61 -12.99 26.01 -31.52
N SER O 62 -13.22 27.28 -31.20
CA SER O 62 -12.29 28.02 -30.35
C SER O 62 -12.99 28.96 -29.37
N THR O 63 -12.69 30.26 -29.44
CA THR O 63 -13.24 31.24 -28.51
C THR O 63 -14.55 31.94 -28.87
N GLY O 64 -15.20 31.53 -29.95
CA GLY O 64 -16.45 32.17 -30.35
C GLY O 64 -17.58 32.27 -29.33
N THR O 65 -18.21 33.44 -29.26
CA THR O 65 -19.32 33.63 -28.32
C THR O 65 -20.42 34.42 -28.99
N TRP O 66 -21.67 33.97 -28.83
CA TRP O 66 -22.84 34.62 -29.46
C TRP O 66 -23.11 36.05 -28.99
N THR O 67 -22.73 36.38 -27.76
CA THR O 67 -22.94 37.73 -27.24
C THR O 67 -21.67 38.23 -26.56
N THR O 68 -21.30 39.49 -26.83
CA THR O 68 -20.10 40.10 -26.27
C THR O 68 -20.04 39.93 -24.74
N VAL O 69 -18.96 39.33 -24.26
CA VAL O 69 -18.78 39.13 -22.81
C VAL O 69 -17.62 39.99 -22.31
N TRP O 70 -17.84 40.66 -21.19
CA TRP O 70 -16.82 41.56 -20.64
C TRP O 70 -15.57 40.88 -20.07
N THR O 71 -15.67 39.60 -19.74
CA THR O 71 -14.51 38.87 -19.21
C THR O 71 -13.43 38.75 -20.27
N ASP O 72 -13.82 38.96 -21.54
CA ASP O 72 -12.86 38.89 -22.63
C ASP O 72 -11.80 39.99 -22.45
N GLY O 73 -12.18 41.06 -21.75
CA GLY O 73 -11.28 42.15 -21.52
C GLY O 73 -10.21 41.88 -20.47
N LEU O 74 -10.24 40.68 -19.88
CA LEU O 74 -9.27 40.31 -18.85
C LEU O 74 -8.11 39.52 -19.43
N THR O 75 -8.09 39.37 -20.75
CA THR O 75 -7.02 38.63 -21.42
C THR O 75 -6.85 39.09 -22.87
N SER O 76 -6.06 38.36 -23.64
CA SER O 76 -5.82 38.69 -25.04
C SER O 76 -6.33 37.55 -25.91
N LEU O 77 -7.61 37.61 -26.28
CA LEU O 77 -8.21 36.55 -27.09
C LEU O 77 -7.59 36.26 -28.45
N ASP O 78 -6.83 37.20 -29.01
CA ASP O 78 -6.20 36.92 -30.30
C ASP O 78 -5.16 35.83 -30.09
N ARG O 79 -4.74 35.67 -28.84
CA ARG O 79 -3.75 34.65 -28.48
C ARG O 79 -4.38 33.28 -28.32
N TYR O 80 -5.70 33.24 -28.21
CA TYR O 80 -6.41 31.98 -28.01
C TYR O 80 -7.41 31.57 -29.08
N LYS O 81 -7.63 32.43 -30.06
CA LYS O 81 -8.61 32.08 -31.09
C LYS O 81 -8.04 31.17 -32.17
N GLY O 82 -8.88 30.26 -32.65
CA GLY O 82 -8.47 29.39 -33.73
C GLY O 82 -8.75 30.29 -34.92
N ARG O 83 -7.99 30.17 -36.00
CA ARG O 83 -8.27 31.04 -37.12
C ARG O 83 -8.17 30.37 -38.48
N CYS O 84 -9.17 30.65 -39.31
CA CYS O 84 -9.22 30.10 -40.64
C CYS O 84 -8.32 30.98 -41.52
N TYR O 85 -7.18 30.44 -41.93
CA TYR O 85 -6.24 31.20 -42.74
C TYR O 85 -6.26 30.89 -44.23
N HIS O 86 -7.13 29.97 -44.64
CA HIS O 86 -7.24 29.61 -46.05
C HIS O 86 -8.51 28.79 -46.31
N ILE O 87 -9.17 29.10 -47.42
CA ILE O 87 -10.38 28.40 -47.81
C ILE O 87 -10.33 28.18 -49.32
N GLU O 88 -10.61 26.95 -49.75
CA GLU O 88 -10.57 26.64 -51.16
C GLU O 88 -11.69 25.70 -51.59
N PRO O 89 -12.24 25.90 -52.80
CA PRO O 89 -13.32 25.07 -53.31
C PRO O 89 -12.84 23.64 -53.56
N VAL O 90 -13.74 22.68 -53.33
CA VAL O 90 -13.40 21.28 -53.58
C VAL O 90 -13.84 21.00 -55.02
N VAL O 91 -12.87 20.72 -55.88
CA VAL O 91 -13.15 20.45 -57.29
C VAL O 91 -14.43 19.66 -57.53
N GLY O 92 -15.15 20.02 -58.58
CA GLY O 92 -16.39 19.33 -58.90
C GLY O 92 -17.55 19.68 -58.00
N GLU O 93 -17.27 20.03 -56.75
CA GLU O 93 -18.31 20.40 -55.82
C GLU O 93 -18.68 21.87 -55.93
N ASP O 94 -19.97 22.15 -55.87
CA ASP O 94 -20.46 23.52 -55.98
C ASP O 94 -20.64 24.13 -54.60
N ASN O 95 -20.64 23.28 -53.57
CA ASN O 95 -20.82 23.77 -52.21
C ASN O 95 -20.00 23.03 -51.16
N GLN O 96 -18.79 22.63 -51.53
CA GLN O 96 -17.90 21.93 -50.60
C GLN O 96 -16.55 22.62 -50.67
N TYR O 97 -15.95 22.89 -49.50
CA TYR O 97 -14.65 23.56 -49.46
C TYR O 97 -13.74 22.98 -48.39
N ILE O 98 -12.45 23.23 -48.53
CA ILE O 98 -11.49 22.79 -47.53
C ILE O 98 -11.08 24.06 -46.80
N ALA O 99 -11.36 24.12 -45.51
CA ALA O 99 -11.00 25.27 -44.70
C ALA O 99 -9.86 24.88 -43.79
N TYR O 100 -8.79 25.67 -43.80
CA TYR O 100 -7.63 25.40 -42.96
C TYR O 100 -7.70 26.28 -41.72
N VAL O 101 -7.59 25.67 -40.55
CA VAL O 101 -7.65 26.40 -39.29
C VAL O 101 -6.41 26.14 -38.45
N ALA O 102 -5.89 27.19 -37.82
CA ALA O 102 -4.71 27.08 -36.98
C ALA O 102 -5.12 27.30 -35.52
N TYR O 103 -4.63 26.42 -34.64
CA TYR O 103 -4.93 26.49 -33.21
C TYR O 103 -3.64 26.68 -32.42
N PRO O 104 -3.59 27.71 -31.55
CA PRO O 104 -2.37 27.95 -30.76
C PRO O 104 -2.03 26.77 -29.85
N LEU O 105 -0.74 26.54 -29.67
CA LEU O 105 -0.24 25.45 -28.84
C LEU O 105 -0.81 25.49 -27.42
N ASP O 106 -0.97 26.68 -26.87
CA ASP O 106 -1.49 26.85 -25.51
C ASP O 106 -2.91 26.35 -25.25
N LEU O 107 -3.66 26.06 -26.30
CA LEU O 107 -5.03 25.58 -26.09
C LEU O 107 -5.07 24.12 -25.67
N PHE O 108 -3.97 23.41 -25.87
CA PHE O 108 -3.94 21.98 -25.60
C PHE O 108 -3.22 21.45 -24.36
N GLU O 109 -3.85 20.49 -23.68
CA GLU O 109 -3.19 19.89 -22.53
C GLU O 109 -2.15 18.91 -23.05
N GLU O 110 -0.96 19.02 -22.50
CA GLU O 110 0.15 18.16 -22.89
C GLU O 110 -0.15 16.68 -22.67
N GLY O 111 0.23 15.86 -23.65
CA GLY O 111 0.03 14.42 -23.57
C GLY O 111 -1.39 13.89 -23.58
N SER O 112 -2.36 14.74 -23.93
CA SER O 112 -3.75 14.32 -23.92
C SER O 112 -4.45 14.34 -25.29
N VAL O 113 -4.56 13.18 -25.93
CA VAL O 113 -5.25 13.10 -27.22
C VAL O 113 -6.70 13.48 -26.95
N THR O 114 -7.19 13.07 -25.78
CA THR O 114 -8.56 13.38 -25.39
C THR O 114 -8.80 14.88 -25.49
N ASN O 115 -7.88 15.69 -24.95
CA ASN O 115 -8.06 17.13 -25.03
C ASN O 115 -7.88 17.68 -26.44
N MET O 116 -6.99 17.07 -27.23
CA MET O 116 -6.78 17.55 -28.59
C MET O 116 -8.08 17.38 -29.39
N PHE O 117 -8.69 16.20 -29.29
CA PHE O 117 -9.95 15.93 -29.99
C PHE O 117 -11.06 16.84 -29.46
N THR O 118 -11.16 16.96 -28.14
CA THR O 118 -12.20 17.80 -27.54
C THR O 118 -12.08 19.23 -28.04
N SER O 119 -10.86 19.75 -28.01
CA SER O 119 -10.61 21.12 -28.42
C SER O 119 -10.92 21.41 -29.89
N ILE O 120 -10.60 20.46 -30.77
CA ILE O 120 -10.82 20.69 -32.19
C ILE O 120 -12.15 20.20 -32.75
N VAL O 121 -12.58 19.00 -32.38
CA VAL O 121 -13.85 18.48 -32.92
C VAL O 121 -14.96 18.33 -31.88
N GLY O 122 -14.75 18.89 -30.70
CA GLY O 122 -15.76 18.74 -29.67
C GLY O 122 -17.06 19.51 -29.82
N ASN O 123 -17.03 20.60 -30.58
CA ASN O 123 -18.22 21.45 -30.71
C ASN O 123 -18.71 21.84 -32.10
N VAL O 124 -17.77 22.17 -32.97
CA VAL O 124 -18.09 22.65 -34.33
C VAL O 124 -18.96 21.81 -35.27
N PHE O 125 -18.95 20.49 -35.13
CA PHE O 125 -19.74 19.66 -36.03
C PHE O 125 -21.26 19.80 -35.92
N GLY O 126 -21.71 20.44 -34.85
CA GLY O 126 -23.14 20.61 -34.67
C GLY O 126 -23.64 22.01 -34.98
N PHE O 127 -22.76 22.87 -35.49
CA PHE O 127 -23.15 24.24 -35.81
C PHE O 127 -24.14 24.28 -36.97
N LYS O 128 -25.32 24.84 -36.70
CA LYS O 128 -26.38 24.92 -37.70
C LYS O 128 -26.02 25.56 -39.03
N ALA O 129 -25.07 26.48 -39.04
CA ALA O 129 -24.66 27.14 -40.28
C ALA O 129 -23.92 26.19 -41.22
N LEU O 130 -23.53 25.03 -40.70
CA LEU O 130 -22.83 24.04 -41.50
C LEU O 130 -23.79 22.90 -41.79
N ARG O 131 -23.85 22.43 -43.03
CA ARG O 131 -24.73 21.32 -43.35
C ARG O 131 -23.99 20.02 -43.09
N ALA O 132 -22.68 20.04 -43.33
CA ALA O 132 -21.84 18.87 -43.11
C ALA O 132 -20.40 19.33 -42.86
N LEU O 133 -19.66 18.52 -42.10
CA LEU O 133 -18.28 18.85 -41.80
C LEU O 133 -17.46 17.58 -41.56
N ARG O 134 -16.26 17.55 -42.13
CA ARG O 134 -15.37 16.39 -41.96
C ARG O 134 -13.94 16.87 -41.72
N LEU O 135 -13.33 16.39 -40.65
CA LEU O 135 -11.94 16.76 -40.38
C LEU O 135 -11.11 15.78 -41.22
N GLU O 136 -10.31 16.31 -42.14
CA GLU O 136 -9.50 15.48 -43.01
C GLU O 136 -8.07 15.21 -42.52
N ASP O 137 -7.46 16.20 -41.87
CA ASP O 137 -6.09 16.03 -41.42
C ASP O 137 -5.73 17.03 -40.32
N LEU O 138 -4.66 16.73 -39.60
CA LEU O 138 -4.16 17.59 -38.53
C LEU O 138 -2.64 17.63 -38.59
N ARG O 139 -2.07 18.83 -38.49
CA ARG O 139 -0.62 18.97 -38.49
C ARG O 139 -0.23 19.00 -37.02
N ILE O 140 0.36 17.91 -36.54
CA ILE O 140 0.78 17.83 -35.14
C ILE O 140 2.20 18.37 -35.05
N PRO O 141 2.39 19.53 -34.41
CA PRO O 141 3.73 20.10 -34.29
C PRO O 141 4.61 19.30 -33.32
N PRO O 142 5.92 19.26 -33.58
CA PRO O 142 6.85 18.54 -32.72
C PRO O 142 6.77 18.99 -31.26
N THR O 143 6.54 20.29 -31.05
CA THR O 143 6.44 20.81 -29.71
C THR O 143 5.31 20.18 -28.92
N TYR O 144 4.27 19.71 -29.62
CA TYR O 144 3.15 19.07 -28.93
C TYR O 144 3.33 17.55 -28.88
N SER O 145 3.79 16.96 -29.98
CA SER O 145 3.97 15.52 -30.01
C SER O 145 5.04 15.04 -29.02
N LYS O 146 6.03 15.87 -28.74
CA LYS O 146 7.06 15.49 -27.78
C LYS O 146 6.51 15.33 -26.36
N THR O 147 5.26 15.74 -26.14
CA THR O 147 4.66 15.62 -24.81
C THR O 147 3.93 14.28 -24.67
N PHE O 148 4.03 13.44 -25.69
CA PHE O 148 3.38 12.13 -25.70
C PHE O 148 4.40 11.00 -25.72
N GLN O 149 4.11 9.91 -25.01
CA GLN O 149 5.00 8.77 -25.00
C GLN O 149 5.02 8.16 -26.41
N GLY O 150 3.83 7.97 -26.97
CA GLY O 150 3.72 7.36 -28.28
C GLY O 150 3.69 5.85 -28.14
N PRO O 151 4.02 5.10 -29.20
CA PRO O 151 4.00 3.64 -29.12
C PRO O 151 4.82 3.06 -27.96
N PRO O 152 4.29 2.03 -27.29
CA PRO O 152 5.04 1.44 -26.18
C PRO O 152 6.42 0.98 -26.67
N HIS O 153 6.48 0.50 -27.91
CA HIS O 153 7.73 0.03 -28.49
C HIS O 153 7.99 0.52 -29.91
N GLY O 154 7.05 0.29 -30.82
CA GLY O 154 7.25 0.75 -32.17
C GLY O 154 7.83 -0.31 -33.08
N ILE O 155 7.73 -0.08 -34.39
CA ILE O 155 8.18 -1.02 -35.42
C ILE O 155 9.54 -1.68 -35.21
N GLN O 156 10.58 -0.87 -35.13
CA GLN O 156 11.93 -1.42 -34.98
C GLN O 156 12.15 -2.18 -33.68
N VAL O 157 11.67 -1.66 -32.56
CA VAL O 157 11.84 -2.36 -31.30
C VAL O 157 11.09 -3.69 -31.35
N GLU O 158 9.90 -3.70 -31.93
CA GLU O 158 9.13 -4.93 -32.01
C GLU O 158 9.87 -6.01 -32.79
N ARG O 159 10.43 -5.65 -33.95
CA ARG O 159 11.18 -6.62 -34.74
C ARG O 159 12.36 -7.18 -33.94
N ASP O 160 13.05 -6.32 -33.20
CA ASP O 160 14.18 -6.76 -32.41
C ASP O 160 13.75 -7.67 -31.25
N LYS O 161 12.65 -7.32 -30.59
CA LYS O 161 12.16 -8.14 -29.46
C LYS O 161 11.72 -9.53 -29.91
N LEU O 162 11.05 -9.61 -31.06
CA LEU O 162 10.57 -10.89 -31.58
C LEU O 162 11.56 -11.59 -32.49
N ASN O 163 12.66 -10.91 -32.82
CA ASN O 163 13.70 -11.45 -33.69
C ASN O 163 13.13 -11.87 -35.06
N LYS O 164 12.33 -10.98 -35.64
CA LYS O 164 11.70 -11.24 -36.93
C LYS O 164 12.06 -10.14 -37.91
N TYR O 165 12.64 -10.51 -39.04
CA TYR O 165 13.09 -9.54 -40.04
C TYR O 165 12.80 -9.94 -41.48
N GLY O 166 12.72 -8.94 -42.35
CA GLY O 166 12.55 -9.17 -43.77
C GLY O 166 11.26 -9.69 -44.36
N ARG O 167 10.15 -9.58 -43.62
CA ARG O 167 8.87 -10.04 -44.15
C ARG O 167 7.75 -9.52 -43.29
N PRO O 168 6.54 -9.44 -43.85
CA PRO O 168 5.40 -8.98 -43.07
C PRO O 168 5.16 -10.05 -42.01
N LEU O 169 4.55 -9.69 -40.89
CA LEU O 169 4.25 -10.66 -39.87
C LEU O 169 2.89 -11.26 -40.24
N LEU O 170 2.61 -12.46 -39.74
CA LEU O 170 1.36 -13.14 -40.05
C LEU O 170 0.57 -13.53 -38.81
N GLY O 171 -0.74 -13.39 -38.89
CA GLY O 171 -1.58 -13.76 -37.78
C GLY O 171 -2.92 -14.32 -38.24
N CYS O 172 -3.61 -15.00 -37.34
CA CYS O 172 -4.93 -15.55 -37.64
C CYS O 172 -5.90 -15.05 -36.57
N THR O 173 -7.03 -14.53 -37.01
CA THR O 173 -8.05 -14.04 -36.10
C THR O 173 -8.97 -15.23 -35.83
N ILE O 174 -9.05 -15.64 -34.57
CA ILE O 174 -9.85 -16.79 -34.19
C ILE O 174 -11.35 -16.63 -34.40
N LYS O 175 -11.95 -17.66 -35.00
CA LYS O 175 -13.37 -17.70 -35.29
C LYS O 175 -13.86 -19.12 -35.02
N PRO O 176 -15.13 -19.27 -34.59
CA PRO O 176 -16.08 -18.17 -34.36
C PRO O 176 -15.63 -17.34 -33.18
N LYS O 177 -15.86 -16.03 -33.24
CA LYS O 177 -15.44 -15.15 -32.16
C LYS O 177 -16.05 -15.55 -30.83
N LEU O 178 -17.33 -15.86 -30.83
CA LEU O 178 -18.01 -16.28 -29.62
C LEU O 178 -18.67 -17.63 -29.85
N GLY O 179 -18.62 -18.49 -28.83
CA GLY O 179 -19.22 -19.80 -28.96
C GLY O 179 -18.29 -20.93 -28.57
N LEU O 180 -16.98 -20.70 -28.66
CA LEU O 180 -16.02 -21.72 -28.30
C LEU O 180 -15.69 -21.64 -26.82
N SER O 181 -15.31 -22.77 -26.23
CA SER O 181 -14.91 -22.78 -24.84
C SER O 181 -13.49 -22.22 -24.85
N ALA O 182 -13.02 -21.73 -23.71
CA ALA O 182 -11.67 -21.18 -23.64
C ALA O 182 -10.64 -22.19 -24.12
N LYS O 183 -10.81 -23.45 -23.75
CA LYS O 183 -9.85 -24.48 -24.16
C LYS O 183 -9.91 -24.76 -25.66
N ASN O 184 -11.11 -24.89 -26.22
CA ASN O 184 -11.21 -25.16 -27.65
C ASN O 184 -10.63 -23.99 -28.42
N TYR O 185 -10.84 -22.80 -27.87
CA TYR O 185 -10.34 -21.55 -28.45
C TYR O 185 -8.81 -21.62 -28.48
N GLY O 186 -8.24 -22.03 -27.34
CA GLY O 186 -6.79 -22.14 -27.23
C GLY O 186 -6.22 -23.21 -28.15
N ARG O 187 -6.96 -24.29 -28.34
CA ARG O 187 -6.50 -25.36 -29.22
C ARG O 187 -6.38 -24.82 -30.64
N ALA O 188 -7.37 -24.05 -31.07
CA ALA O 188 -7.34 -23.45 -32.40
C ALA O 188 -6.08 -22.59 -32.53
N CYS O 189 -5.76 -21.84 -31.47
CA CYS O 189 -4.59 -20.97 -31.45
C CYS O 189 -3.30 -21.76 -31.64
N TYR O 190 -3.13 -22.81 -30.85
CA TYR O 190 -1.94 -23.63 -30.94
C TYR O 190 -1.71 -24.17 -32.35
N GLU O 191 -2.75 -24.72 -32.96
CA GLU O 191 -2.61 -25.29 -34.29
C GLU O 191 -2.22 -24.24 -35.32
N CYS O 192 -2.76 -23.03 -35.19
CA CYS O 192 -2.42 -21.95 -36.10
C CYS O 192 -0.96 -21.54 -35.94
N LEU O 193 -0.55 -21.31 -34.71
CA LEU O 193 0.81 -20.89 -34.41
C LEU O 193 1.88 -21.91 -34.81
N ARG O 194 1.62 -23.20 -34.57
CA ARG O 194 2.61 -24.23 -34.89
C ARG O 194 2.83 -24.40 -36.38
N GLY O 195 1.86 -23.93 -37.18
CA GLY O 195 1.97 -24.06 -38.62
C GLY O 195 2.78 -22.97 -39.31
N GLY O 196 3.15 -21.92 -38.58
CA GLY O 196 3.95 -20.89 -39.20
C GLY O 196 3.50 -19.46 -39.00
N LEU O 197 2.36 -19.26 -38.34
CA LEU O 197 1.90 -17.90 -38.09
C LEU O 197 2.62 -17.36 -36.87
N ASP O 198 2.82 -16.04 -36.84
CA ASP O 198 3.51 -15.40 -35.73
C ASP O 198 2.55 -15.14 -34.56
N PHE O 199 1.30 -14.83 -34.90
CA PHE O 199 0.30 -14.51 -33.89
C PHE O 199 -1.08 -15.09 -34.18
N THR O 200 -1.88 -15.20 -33.13
CA THR O 200 -3.28 -15.58 -33.24
C THR O 200 -3.91 -14.35 -32.57
N ASP O 202 -7.52 -12.26 -30.67
CA ASP O 202 -8.86 -12.21 -30.08
C ASP O 202 -9.67 -11.26 -30.95
N ASP O 203 -10.94 -11.57 -31.18
CA ASP O 203 -11.76 -10.67 -31.97
C ASP O 203 -11.95 -9.40 -31.15
N GLU O 204 -12.27 -8.29 -31.82
CA GLU O 204 -12.48 -7.05 -31.09
C GLU O 204 -13.62 -7.19 -30.07
N ASN O 205 -14.59 -8.06 -30.36
CA ASN O 205 -15.74 -8.25 -29.46
C ASN O 205 -15.42 -9.16 -28.28
N VAL O 206 -14.36 -9.96 -28.42
CA VAL O 206 -13.97 -10.88 -27.37
C VAL O 206 -13.23 -10.17 -26.24
N ASN O 207 -13.90 -9.99 -25.12
CA ASN O 207 -13.34 -9.34 -23.93
C ASN O 207 -13.49 -10.40 -22.84
N SER O 208 -14.64 -10.40 -22.18
CA SER O 208 -14.94 -11.42 -21.18
C SER O 208 -16.45 -11.60 -21.29
N GLN O 209 -16.88 -12.84 -21.49
CA GLN O 209 -18.30 -13.12 -21.67
C GLN O 209 -18.72 -14.46 -21.09
N PRO O 210 -20.03 -14.68 -20.95
CA PRO O 210 -20.49 -15.96 -20.41
C PRO O 210 -19.91 -17.06 -21.30
N PHE O 211 -19.52 -18.17 -20.70
CA PHE O 211 -18.97 -19.32 -21.41
C PHE O 211 -17.49 -19.19 -21.80
N MET O 212 -16.94 -17.97 -21.77
CA MET O 212 -15.52 -17.77 -22.02
C MET O 212 -15.06 -16.51 -21.31
N ARG O 213 -14.72 -16.69 -20.04
CA ARG O 213 -14.25 -15.59 -19.21
C ARG O 213 -12.79 -15.32 -19.58
N TRP O 214 -12.39 -14.05 -19.52
CA TRP O 214 -11.05 -13.67 -19.93
C TRP O 214 -9.88 -14.40 -19.28
N ARG O 215 -9.90 -14.59 -17.97
CA ARG O 215 -8.75 -15.24 -17.35
C ARG O 215 -8.55 -16.66 -17.85
N ASP O 216 -9.65 -17.39 -18.10
CA ASP O 216 -9.55 -18.74 -18.61
C ASP O 216 -8.96 -18.72 -20.02
N ARG O 217 -9.41 -17.76 -20.83
CA ARG O 217 -8.90 -17.63 -22.19
C ARG O 217 -7.40 -17.34 -22.16
N PHE O 218 -6.99 -16.44 -21.27
CA PHE O 218 -5.58 -16.09 -21.16
C PHE O 218 -4.73 -17.32 -20.80
N VAL O 219 -5.22 -18.14 -19.87
CA VAL O 219 -4.50 -19.34 -19.44
C VAL O 219 -4.28 -20.31 -20.60
N PHE O 220 -5.37 -20.68 -21.29
CA PHE O 220 -5.24 -21.62 -22.39
C PHE O 220 -4.47 -21.05 -23.57
N CYS O 221 -4.66 -19.76 -23.85
CA CYS O 221 -3.93 -19.15 -24.96
C CYS O 221 -2.44 -19.12 -24.64
N ALA O 222 -2.10 -18.96 -23.36
CA ALA O 222 -0.70 -18.95 -22.95
C ALA O 222 -0.11 -20.34 -23.17
N GLU O 223 -0.86 -21.38 -22.80
CA GLU O 223 -0.35 -22.74 -23.00
C GLU O 223 -0.08 -22.95 -24.49
N ALA O 224 -1.00 -22.44 -25.32
CA ALA O 224 -0.87 -22.57 -26.77
C ALA O 224 0.34 -21.83 -27.33
N ILE O 225 0.55 -20.61 -26.86
CA ILE O 225 1.69 -19.80 -27.32
C ILE O 225 2.99 -20.53 -27.03
N TYR O 226 3.14 -21.01 -25.80
CA TYR O 226 4.37 -21.68 -25.43
C TYR O 226 4.55 -23.07 -26.03
N LYS O 227 3.43 -23.77 -26.28
CA LYS O 227 3.55 -25.10 -26.87
C LYS O 227 4.05 -24.96 -28.31
N SER O 228 3.46 -24.02 -29.05
CA SER O 228 3.85 -23.79 -30.43
C SER O 228 5.26 -23.21 -30.55
N GLN O 229 5.62 -22.32 -29.63
CA GLN O 229 6.95 -21.73 -29.64
C GLN O 229 8.02 -22.81 -29.44
N ALA O 230 7.77 -23.70 -28.49
CA ALA O 230 8.72 -24.78 -28.20
C ALA O 230 8.84 -25.74 -29.37
N GLU O 231 7.72 -25.97 -30.05
CA GLU O 231 7.71 -26.89 -31.20
C GLU O 231 8.43 -26.36 -32.43
N THR O 232 8.21 -25.08 -32.73
CA THR O 232 8.79 -24.45 -33.92
C THR O 232 10.15 -23.79 -33.73
N GLY O 233 10.38 -23.24 -32.55
CA GLY O 233 11.63 -22.58 -32.28
C GLY O 233 11.56 -21.08 -32.53
N GLU O 234 10.39 -20.60 -32.99
CA GLU O 234 10.19 -19.18 -33.26
C GLU O 234 9.29 -18.59 -32.19
N ILE O 235 9.52 -17.32 -31.87
CA ILE O 235 8.72 -16.62 -30.86
C ILE O 235 7.28 -16.45 -31.33
N LYS O 236 6.34 -16.78 -30.47
CA LYS O 236 4.91 -16.68 -30.80
C LYS O 236 4.18 -15.74 -29.84
N GLY O 237 2.99 -15.31 -30.25
CA GLY O 237 2.20 -14.44 -29.42
C GLY O 237 0.73 -14.51 -29.79
N HIS O 238 -0.13 -14.02 -28.90
CA HIS O 238 -1.56 -14.00 -29.15
C HIS O 238 -2.04 -12.63 -28.68
N TYR O 239 -2.77 -11.90 -29.53
CA TYR O 239 -3.26 -10.59 -29.09
C TYR O 239 -4.36 -10.80 -28.07
N LEU O 240 -4.01 -10.77 -26.79
CA LEU O 240 -4.96 -10.94 -25.72
C LEU O 240 -5.71 -9.62 -25.50
N ASN O 241 -6.98 -9.60 -25.84
CA ASN O 241 -7.79 -8.40 -25.72
C ASN O 241 -8.02 -8.01 -24.26
N ALA O 242 -7.55 -6.81 -23.90
CA ALA O 242 -7.69 -6.30 -22.55
C ALA O 242 -8.81 -5.26 -22.46
N THR O 243 -9.48 -5.01 -23.57
CA THR O 243 -10.57 -4.04 -23.61
C THR O 243 -11.59 -4.42 -22.54
N ALA O 244 -11.99 -3.44 -21.72
CA ALA O 244 -12.93 -3.72 -20.64
C ALA O 244 -13.90 -2.58 -20.37
N GLY O 245 -14.83 -2.80 -19.46
CA GLY O 245 -15.81 -1.78 -19.13
C GLY O 245 -15.25 -0.65 -18.28
N THR O 246 -14.18 -0.94 -17.53
CA THR O 246 -13.55 0.04 -16.66
C THR O 246 -12.02 -0.05 -16.79
N CYS O 247 -11.34 1.01 -16.37
CA CYS O 247 -9.89 1.03 -16.42
C CYS O 247 -9.30 0.02 -15.47
N GLU O 248 -9.96 -0.17 -14.33
CA GLU O 248 -9.50 -1.14 -13.34
C GLU O 248 -9.47 -2.54 -13.95
N GLU O 249 -10.53 -2.91 -14.66
CA GLU O 249 -10.60 -4.22 -15.29
C GLU O 249 -9.59 -4.34 -16.43
N MET O 250 -9.42 -3.28 -17.19
CA MET O 250 -8.48 -3.29 -18.31
C MET O 250 -7.07 -3.57 -17.82
N ILE O 251 -6.65 -2.85 -16.78
CA ILE O 251 -5.31 -3.04 -16.24
C ILE O 251 -5.17 -4.43 -15.61
N LYS O 252 -6.21 -4.90 -14.93
CA LYS O 252 -6.18 -6.24 -14.32
C LYS O 252 -5.81 -7.30 -15.35
N ARG O 253 -6.37 -7.17 -16.54
CA ARG O 253 -6.11 -8.12 -17.61
C ARG O 253 -4.69 -7.98 -18.13
N ALA O 254 -4.20 -6.76 -18.28
CA ALA O 254 -2.84 -6.55 -18.76
C ALA O 254 -1.85 -7.10 -17.71
N VAL O 255 -2.22 -6.98 -16.43
CA VAL O 255 -1.38 -7.47 -15.34
C VAL O 255 -1.21 -8.99 -15.37
N PHE O 256 -2.28 -9.72 -15.69
CA PHE O 256 -2.17 -11.17 -15.74
C PHE O 256 -1.35 -11.58 -16.96
N ALA O 257 -1.50 -10.86 -18.07
CA ALA O 257 -0.71 -11.18 -19.26
C ALA O 257 0.76 -10.99 -18.91
N ARG O 258 1.04 -9.95 -18.14
CA ARG O 258 2.40 -9.64 -17.71
C ARG O 258 2.94 -10.80 -16.89
N GLU O 259 2.12 -11.30 -15.96
CA GLU O 259 2.52 -12.41 -15.09
C GLU O 259 2.83 -13.65 -15.92
N LEU O 260 2.02 -13.89 -16.95
CA LEU O 260 2.19 -15.05 -17.82
C LEU O 260 3.44 -14.93 -18.69
N GLY O 261 3.99 -13.73 -18.76
CA GLY O 261 5.20 -13.49 -19.53
C GLY O 261 5.02 -13.47 -21.04
N VAL O 262 3.78 -13.33 -21.50
CA VAL O 262 3.50 -13.30 -22.92
C VAL O 262 3.94 -11.96 -23.51
N PRO O 263 4.19 -11.92 -24.83
CA PRO O 263 4.64 -10.70 -25.51
C PRO O 263 3.68 -9.61 -25.95
N ILE O 264 2.40 -9.90 -26.10
CA ILE O 264 1.50 -8.89 -26.62
C ILE O 264 0.05 -8.93 -26.13
N VAL O 265 -0.52 -7.74 -25.96
CA VAL O 265 -1.92 -7.61 -25.56
C VAL O 265 -2.63 -6.74 -26.59
N MET O 266 -3.94 -6.59 -26.45
CA MET O 266 -4.73 -5.85 -27.41
C MET O 266 -5.75 -4.92 -26.78
N HIS O 267 -6.14 -3.87 -27.52
CA HIS O 267 -7.14 -2.92 -27.05
C HIS O 267 -7.92 -2.32 -28.22
N ASP O 268 -9.23 -2.15 -28.04
CA ASP O 268 -10.08 -1.52 -29.07
C ASP O 268 -10.04 -0.05 -28.63
N TYR O 269 -9.11 0.72 -29.19
CA TYR O 269 -8.94 2.10 -28.76
C TYR O 269 -10.07 3.09 -28.88
N LEU O 270 -10.90 2.99 -29.92
CA LEU O 270 -11.99 3.94 -30.07
C LEU O 270 -13.17 3.67 -29.15
N THR O 271 -13.51 2.39 -28.97
CA THR O 271 -14.64 2.04 -28.11
C THR O 271 -14.23 2.08 -26.64
N GLY O 272 -12.97 1.78 -26.36
CA GLY O 272 -12.50 1.86 -24.99
C GLY O 272 -12.27 3.32 -24.66
N GLY O 273 -11.74 4.07 -25.62
CA GLY O 273 -11.51 5.49 -25.41
C GLY O 273 -10.05 5.84 -25.26
N PHE O 274 -9.70 7.08 -25.59
CA PHE O 274 -8.31 7.54 -25.51
C PHE O 274 -7.73 7.66 -24.11
N THR O 275 -8.55 8.05 -23.14
CA THR O 275 -8.03 8.16 -21.77
C THR O 275 -7.57 6.75 -21.33
N ALA O 276 -8.43 5.75 -21.56
CA ALA O 276 -8.07 4.38 -21.19
C ALA O 276 -6.91 3.88 -22.04
N ASN O 277 -6.94 4.15 -23.34
CA ASN O 277 -5.85 3.67 -24.21
C ASN O 277 -4.49 4.21 -23.80
N THR O 278 -4.43 5.50 -23.50
CA THR O 278 -3.17 6.10 -23.11
C THR O 278 -2.66 5.43 -21.82
N SER O 279 -3.57 5.18 -20.88
CA SER O 279 -3.18 4.50 -19.64
C SER O 279 -2.60 3.13 -19.94
N LEU O 280 -3.23 2.40 -20.86
CA LEU O 280 -2.76 1.07 -21.22
C LEU O 280 -1.41 1.13 -21.93
N ALA O 281 -1.24 2.14 -22.78
CA ALA O 281 0.01 2.29 -23.51
C ALA O 281 1.14 2.52 -22.51
N HIS O 282 0.86 3.27 -21.46
CA HIS O 282 1.86 3.54 -20.44
C HIS O 282 2.20 2.25 -19.70
N TYR O 283 1.18 1.48 -19.35
CA TYR O 283 1.41 0.22 -18.67
C TYR O 283 2.28 -0.69 -19.53
N CYS O 284 1.96 -0.77 -20.82
CA CYS O 284 2.72 -1.63 -21.72
C CYS O 284 4.18 -1.18 -21.84
N ARG O 285 4.42 0.12 -21.86
CA ARG O 285 5.79 0.63 -21.93
C ARG O 285 6.54 0.24 -20.66
N ASP O 286 5.88 0.40 -19.52
CA ASP O 286 6.49 0.09 -18.21
C ASP O 286 6.71 -1.40 -17.98
N ASN O 287 6.03 -2.24 -18.74
CA ASN O 287 6.13 -3.67 -18.54
C ASN O 287 6.57 -4.50 -19.75
N GLY O 288 7.08 -3.82 -20.78
CA GLY O 288 7.58 -4.50 -21.97
C GLY O 288 6.59 -5.26 -22.83
N LEU O 289 5.33 -4.90 -22.76
CA LEU O 289 4.30 -5.56 -23.56
C LEU O 289 4.00 -4.82 -24.86
N LEU O 290 3.86 -5.58 -25.95
CA LEU O 290 3.52 -4.98 -27.24
C LEU O 290 2.01 -4.73 -27.17
N LEU O 291 1.53 -3.75 -27.90
CA LEU O 291 0.11 -3.42 -27.87
C LEU O 291 -0.53 -3.39 -29.27
N HIS O 292 -1.41 -4.36 -29.52
CA HIS O 292 -2.11 -4.47 -30.80
C HIS O 292 -3.38 -3.65 -30.71
N ILE O 293 -3.57 -2.72 -31.63
CA ILE O 293 -4.75 -1.85 -31.61
C ILE O 293 -5.76 -2.15 -32.72
N HIS O 294 -7.00 -2.42 -32.31
CA HIS O 294 -8.08 -2.68 -33.25
C HIS O 294 -8.89 -1.39 -33.37
N ARG O 295 -9.27 -1.03 -34.59
CA ARG O 295 -9.99 0.21 -34.83
C ARG O 295 -11.52 0.11 -34.88
N ALA O 296 -12.08 -0.83 -34.12
CA ALA O 296 -13.52 -1.03 -34.09
C ALA O 296 -14.27 0.29 -33.94
N MET O 297 -15.35 0.41 -34.71
CA MET O 297 -16.24 1.58 -34.75
C MET O 297 -15.74 2.74 -35.60
N HIS O 298 -14.53 2.63 -36.15
CA HIS O 298 -14.00 3.74 -36.95
C HIS O 298 -14.91 4.15 -38.11
N ALA O 299 -15.57 3.18 -38.74
CA ALA O 299 -16.45 3.46 -39.88
C ALA O 299 -17.67 4.30 -39.53
N VAL O 300 -18.04 4.33 -38.25
CA VAL O 300 -19.18 5.14 -37.82
C VAL O 300 -18.79 6.59 -38.02
N ILE O 301 -17.48 6.85 -37.92
CA ILE O 301 -16.90 8.18 -38.02
C ILE O 301 -16.19 8.54 -39.33
N ASP O 302 -15.45 7.58 -39.90
CA ASP O 302 -14.65 7.86 -41.09
C ASP O 302 -15.10 7.37 -42.46
N ARG O 303 -16.31 6.85 -42.58
CA ARG O 303 -16.72 6.35 -43.89
C ARG O 303 -17.22 7.35 -44.91
N GLN O 304 -18.13 8.23 -44.50
CA GLN O 304 -18.68 9.21 -45.43
C GLN O 304 -17.71 10.35 -45.72
N LYS O 305 -17.60 10.70 -46.99
CA LYS O 305 -16.70 11.76 -47.42
C LYS O 305 -17.18 13.16 -47.00
N ASN O 306 -18.47 13.30 -46.76
CA ASN O 306 -19.02 14.60 -46.40
C ASN O 306 -19.06 14.95 -44.91
N HIS O 307 -18.99 13.95 -44.04
CA HIS O 307 -19.07 14.21 -42.61
C HIS O 307 -18.33 13.22 -41.73
N GLY O 308 -17.70 13.73 -40.68
CA GLY O 308 -16.97 12.87 -39.76
C GLY O 308 -15.52 13.24 -39.60
N MET O 309 -14.66 12.23 -39.52
CA MET O 309 -13.22 12.40 -39.38
C MET O 309 -12.57 11.32 -40.22
N HIS O 310 -11.66 11.70 -41.11
CA HIS O 310 -10.98 10.71 -41.94
C HIS O 310 -10.11 9.84 -41.05
N PHE O 311 -9.98 8.57 -41.40
CA PHE O 311 -9.18 7.66 -40.60
C PHE O 311 -7.75 8.13 -40.33
N ARG O 312 -7.16 8.89 -41.25
CA ARG O 312 -5.79 9.34 -41.02
C ARG O 312 -5.67 10.16 -39.74
N VAL O 313 -6.73 10.89 -39.38
CA VAL O 313 -6.69 11.66 -38.15
C VAL O 313 -6.76 10.70 -36.97
N LEU O 314 -7.60 9.68 -37.08
CA LEU O 314 -7.74 8.68 -36.02
C LEU O 314 -6.45 7.88 -35.89
N ALA O 315 -5.72 7.77 -36.99
CA ALA O 315 -4.46 7.03 -37.01
C ALA O 315 -3.36 7.82 -36.32
N LYS O 316 -3.27 9.11 -36.61
CA LYS O 316 -2.25 9.94 -35.97
C LYS O 316 -2.52 9.97 -34.47
N ALA O 317 -3.79 10.06 -34.11
CA ALA O 317 -4.19 10.10 -32.71
C ALA O 317 -3.74 8.83 -31.99
N LEU O 318 -3.87 7.67 -32.64
CA LEU O 318 -3.44 6.43 -32.02
C LEU O 318 -1.93 6.40 -31.87
N ARG O 319 -1.20 6.86 -32.88
CA ARG O 319 0.26 6.86 -32.77
C ARG O 319 0.66 7.68 -31.54
N MET O 320 -0.03 8.81 -31.32
CA MET O 320 0.25 9.67 -30.18
C MET O 320 -0.16 9.06 -28.84
N SER O 321 -1.37 8.51 -28.78
CA SER O 321 -1.87 7.89 -27.55
C SER O 321 -1.04 6.66 -27.22
N GLY O 322 -0.71 5.88 -28.25
CA GLY O 322 0.12 4.71 -28.04
C GLY O 322 -0.43 3.39 -28.55
N GLY O 323 0.37 2.74 -29.39
CA GLY O 323 0.00 1.45 -29.95
C GLY O 323 1.17 0.97 -30.80
N ASP O 324 1.38 -0.34 -30.83
CA ASP O 324 2.48 -0.91 -31.64
C ASP O 324 1.97 -1.43 -32.98
N HIS O 325 0.71 -1.83 -33.03
CA HIS O 325 0.05 -2.31 -34.25
C HIS O 325 -1.26 -1.54 -34.35
N ILE O 326 -1.74 -1.32 -35.57
CA ILE O 326 -3.05 -0.70 -35.75
C ILE O 326 -3.61 -1.19 -37.08
N HIS O 327 -4.88 -1.58 -37.07
CA HIS O 327 -5.51 -2.06 -38.29
C HIS O 327 -5.62 -0.93 -39.30
N ALA O 328 -5.34 -1.24 -40.57
CA ALA O 328 -5.37 -0.24 -41.62
C ALA O 328 -6.19 -0.66 -42.84
N GLY O 329 -7.08 -1.62 -42.66
CA GLY O 329 -7.91 -2.04 -43.76
C GLY O 329 -7.48 -3.25 -44.55
N THR O 330 -7.74 -3.21 -45.86
CA THR O 330 -7.44 -4.33 -46.74
C THR O 330 -6.87 -3.87 -48.10
N VAL O 331 -7.67 -3.07 -48.80
CA VAL O 331 -7.38 -2.57 -50.14
C VAL O 331 -7.93 -3.60 -51.12
N VAL O 332 -7.53 -4.86 -50.94
CA VAL O 332 -8.00 -5.93 -51.80
C VAL O 332 -8.90 -6.89 -51.00
N GLU O 338 -9.06 2.80 -50.04
CA GLU O 338 -8.50 3.22 -51.36
C GLU O 338 -6.98 3.16 -51.30
N ARG O 339 -6.37 2.68 -52.38
CA ARG O 339 -4.91 2.51 -52.47
C ARG O 339 -4.05 3.72 -52.11
N GLU O 340 -4.13 4.79 -52.89
CA GLU O 340 -3.33 5.99 -52.63
C GLU O 340 -3.59 6.58 -51.25
N MET O 341 -4.85 6.63 -50.84
CA MET O 341 -5.19 7.18 -49.53
C MET O 341 -4.64 6.30 -48.42
N THR O 342 -4.69 4.99 -48.62
CA THR O 342 -4.19 4.04 -47.63
C THR O 342 -2.67 4.17 -47.52
N LEU O 343 -1.99 4.24 -48.66
CA LEU O 343 -0.53 4.38 -48.64
C LEU O 343 -0.16 5.69 -47.96
N GLY O 344 -1.05 6.67 -48.09
CA GLY O 344 -0.81 7.96 -47.45
C GLY O 344 -0.82 7.86 -45.94
N PHE O 345 -1.88 7.28 -45.37
CA PHE O 345 -1.90 7.21 -43.91
C PHE O 345 -1.01 6.13 -43.33
N VAL O 346 -0.62 5.14 -44.13
CA VAL O 346 0.28 4.12 -43.62
C VAL O 346 1.66 4.80 -43.43
N ASP O 347 2.01 5.71 -44.33
CA ASP O 347 3.28 6.44 -44.17
C ASP O 347 3.19 7.34 -42.95
N LEU O 348 2.02 7.94 -42.74
CA LEU O 348 1.82 8.81 -41.59
C LEU O 348 1.96 8.01 -40.30
N LEU O 349 1.66 6.73 -40.38
CA LEU O 349 1.75 5.82 -39.23
C LEU O 349 3.15 5.26 -38.98
N ARG O 350 3.92 5.03 -40.04
CA ARG O 350 5.24 4.42 -39.90
C ARG O 350 6.47 5.31 -39.99
N ASP O 351 6.43 6.30 -40.87
CA ASP O 351 7.59 7.17 -41.11
C ASP O 351 7.86 8.28 -40.10
N ASP O 352 9.08 8.79 -40.12
CA ASP O 352 9.47 9.86 -39.22
C ASP O 352 9.10 11.22 -39.79
N PHE O 353 9.17 11.34 -41.12
CA PHE O 353 8.86 12.59 -41.80
C PHE O 353 8.03 12.33 -43.05
N ILE O 354 6.84 12.93 -43.12
CA ILE O 354 5.97 12.74 -44.26
C ILE O 354 5.67 14.10 -44.90
N GLU O 355 6.14 14.30 -46.12
CA GLU O 355 5.92 15.55 -46.84
C GLU O 355 4.48 15.65 -47.34
N LYS O 356 3.97 16.88 -47.41
CA LYS O 356 2.62 17.14 -47.88
C LYS O 356 2.42 16.47 -49.25
N ASP O 357 1.25 15.88 -49.47
CA ASP O 357 0.97 15.19 -50.72
C ASP O 357 -0.54 15.01 -50.87
N ARG O 358 -1.22 16.02 -51.39
CA ARG O 358 -2.67 16.00 -51.57
C ARG O 358 -3.14 14.78 -52.35
N ALA O 359 -2.34 14.35 -53.32
CA ALA O 359 -2.69 13.20 -54.14
C ALA O 359 -2.91 11.96 -53.28
N ARG O 360 -2.32 11.95 -52.09
CA ARG O 360 -2.45 10.80 -51.20
C ARG O 360 -3.15 11.16 -49.88
N GLY O 361 -3.89 12.26 -49.89
CA GLY O 361 -4.62 12.66 -48.70
C GLY O 361 -3.81 13.30 -47.59
N ILE O 362 -2.54 13.55 -47.83
CA ILE O 362 -1.68 14.16 -46.81
C ILE O 362 -1.75 15.69 -47.00
N PHE O 363 -2.59 16.34 -46.20
CA PHE O 363 -2.78 17.79 -46.29
C PHE O 363 -1.69 18.65 -45.67
N PHE O 364 -0.91 18.07 -44.78
CA PHE O 364 0.17 18.79 -44.10
C PHE O 364 1.42 17.94 -44.01
N THR O 365 2.57 18.61 -44.00
CA THR O 365 3.83 17.91 -43.83
C THR O 365 3.83 17.54 -42.36
N GLN O 366 4.13 16.28 -42.07
CA GLN O 366 4.13 15.80 -40.69
C GLN O 366 5.51 15.31 -40.27
N ASP O 367 6.04 15.91 -39.21
CA ASP O 367 7.35 15.58 -38.66
C ASP O 367 7.12 14.98 -37.27
N TRP O 368 7.50 13.70 -37.09
CA TRP O 368 7.29 13.04 -35.80
C TRP O 368 8.49 13.11 -34.84
N VAL O 369 9.54 13.81 -35.25
CA VAL O 369 10.76 13.95 -34.45
C VAL O 369 11.12 12.72 -33.62
N SER O 370 11.27 11.60 -34.32
CA SER O 370 11.68 10.33 -33.73
C SER O 370 10.69 9.52 -32.91
N MET O 371 9.42 9.92 -32.88
CA MET O 371 8.44 9.11 -32.16
C MET O 371 8.37 7.85 -33.01
N PRO O 372 8.41 6.66 -32.38
CA PRO O 372 8.35 5.39 -33.12
C PRO O 372 7.11 5.26 -33.99
N GLY O 373 7.22 4.43 -35.03
CA GLY O 373 6.10 4.19 -35.93
C GLY O 373 5.26 3.03 -35.45
N VAL O 374 4.08 2.87 -36.05
CA VAL O 374 3.13 1.81 -35.73
C VAL O 374 3.02 0.86 -36.93
N ILE O 375 3.00 -0.43 -36.67
CA ILE O 375 2.89 -1.41 -37.76
C ILE O 375 1.44 -1.53 -38.22
N PRO O 376 1.17 -1.26 -39.50
CA PRO O 376 -0.19 -1.35 -40.03
C PRO O 376 -0.60 -2.82 -40.19
N VAL O 377 -1.87 -3.11 -39.93
CA VAL O 377 -2.38 -4.47 -40.02
C VAL O 377 -3.46 -4.60 -41.08
N ALA O 378 -3.28 -5.55 -41.99
CA ALA O 378 -4.26 -5.79 -43.05
C ALA O 378 -5.12 -6.99 -42.63
N SER O 379 -6.43 -6.89 -42.87
CA SER O 379 -7.37 -7.95 -42.49
C SER O 379 -8.50 -8.05 -43.47
N GLY O 380 -9.51 -8.83 -43.12
CA GLY O 380 -10.65 -8.94 -44.02
C GLY O 380 -10.69 -10.26 -44.76
N GLY O 381 -11.43 -10.31 -45.85
CA GLY O 381 -11.55 -11.55 -46.60
C GLY O 381 -10.39 -11.83 -47.53
N ILE O 382 -9.18 -11.89 -46.99
CA ILE O 382 -7.99 -12.16 -47.79
C ILE O 382 -7.53 -13.59 -47.64
N HIS O 383 -6.90 -14.11 -48.70
CA HIS O 383 -6.39 -15.47 -48.69
C HIS O 383 -5.08 -15.53 -49.46
N VAL O 384 -4.49 -16.72 -49.57
CA VAL O 384 -3.21 -16.89 -50.24
C VAL O 384 -3.02 -16.17 -51.57
N TRP O 385 -4.05 -16.13 -52.41
CA TRP O 385 -3.90 -15.45 -53.70
C TRP O 385 -3.68 -13.95 -53.58
N HIS O 386 -3.97 -13.37 -52.42
CA HIS O 386 -3.79 -11.93 -52.22
C HIS O 386 -2.40 -11.62 -51.70
N MET O 387 -1.64 -12.64 -51.33
CA MET O 387 -0.32 -12.44 -50.76
C MET O 387 0.61 -11.55 -51.58
N PRO O 388 0.71 -11.78 -52.90
CA PRO O 388 1.60 -10.92 -53.69
C PRO O 388 1.22 -9.45 -53.60
N ALA O 389 -0.07 -9.16 -53.79
CA ALA O 389 -0.54 -7.79 -53.73
C ALA O 389 -0.36 -7.15 -52.36
N LEU O 390 -0.66 -7.91 -51.31
CA LEU O 390 -0.50 -7.40 -49.94
C LEU O 390 0.95 -7.08 -49.64
N THR O 391 1.85 -7.94 -50.10
CA THR O 391 3.27 -7.75 -49.87
C THR O 391 3.77 -6.52 -50.63
N GLU O 392 3.30 -6.35 -51.86
CA GLU O 392 3.69 -5.22 -52.69
C GLU O 392 3.18 -3.90 -52.12
N ILE O 393 1.94 -3.89 -51.68
CA ILE O 393 1.32 -2.67 -51.14
C ILE O 393 1.90 -2.18 -49.81
N PHE O 394 1.96 -3.05 -48.82
CA PHE O 394 2.46 -2.67 -47.50
C PHE O 394 3.95 -2.86 -47.24
N GLY O 395 4.58 -3.78 -47.97
CA GLY O 395 6.00 -4.00 -47.74
C GLY O 395 6.17 -4.86 -46.49
N ASP O 396 7.41 -5.02 -46.03
CA ASP O 396 7.70 -5.85 -44.86
C ASP O 396 7.11 -5.37 -43.54
N ASP O 397 7.09 -4.07 -43.30
CA ASP O 397 6.58 -3.58 -42.03
C ASP O 397 5.06 -3.50 -41.98
N SER O 398 4.46 -4.68 -41.84
CA SER O 398 3.02 -4.81 -41.77
C SER O 398 2.70 -6.16 -41.14
N VAL O 399 1.43 -6.32 -40.77
CA VAL O 399 0.95 -7.59 -40.21
C VAL O 399 -0.24 -7.96 -41.07
N LEU O 400 -0.24 -9.19 -41.56
CA LEU O 400 -1.33 -9.66 -42.41
C LEU O 400 -2.14 -10.69 -41.62
N GLN O 401 -3.40 -10.37 -41.34
CA GLN O 401 -4.28 -11.25 -40.57
C GLN O 401 -5.18 -12.10 -41.46
N PHE O 402 -5.09 -13.41 -41.31
CA PHE O 402 -5.92 -14.34 -42.09
C PHE O 402 -6.82 -15.17 -41.17
N GLY O 403 -8.08 -14.77 -41.05
CA GLY O 403 -9.02 -15.51 -40.23
C GLY O 403 -9.55 -16.69 -41.01
N GLY O 404 -10.50 -16.43 -41.90
CA GLY O 404 -11.05 -17.49 -42.71
C GLY O 404 -9.98 -18.10 -43.59
N GLY O 405 -8.99 -17.29 -43.94
CA GLY O 405 -7.89 -17.74 -44.79
C GLY O 405 -6.98 -18.75 -44.14
N THR O 406 -7.20 -19.04 -42.85
CA THR O 406 -6.41 -20.02 -42.13
C THR O 406 -7.34 -21.11 -41.61
N LEU O 407 -8.35 -20.70 -40.86
CA LEU O 407 -9.33 -21.61 -40.28
C LEU O 407 -10.20 -22.27 -41.34
N GLY O 408 -10.14 -21.77 -42.56
CA GLY O 408 -10.94 -22.34 -43.64
C GLY O 408 -10.18 -23.31 -44.52
N HIS O 409 -8.90 -23.56 -44.21
CA HIS O 409 -8.09 -24.49 -45.00
C HIS O 409 -8.70 -25.88 -44.86
N PRO O 410 -8.84 -26.62 -45.96
CA PRO O 410 -9.43 -27.96 -45.90
C PRO O 410 -8.74 -28.98 -44.99
N TRP O 411 -7.47 -28.73 -44.65
CA TRP O 411 -6.73 -29.67 -43.80
C TRP O 411 -6.59 -29.23 -42.35
N GLY O 412 -7.13 -28.06 -42.01
CA GLY O 412 -7.03 -27.58 -40.65
C GLY O 412 -6.14 -26.37 -40.49
N ASN O 413 -6.01 -25.90 -39.25
CA ASN O 413 -5.21 -24.71 -38.93
C ASN O 413 -3.72 -24.78 -39.18
N ALA O 414 -3.07 -25.87 -38.78
CA ALA O 414 -1.63 -25.97 -38.98
C ALA O 414 -1.30 -25.91 -40.47
N PRO O 415 -1.98 -26.74 -41.30
CA PRO O 415 -1.70 -26.69 -42.73
C PRO O 415 -2.12 -25.35 -43.32
N GLY O 416 -3.18 -24.77 -42.78
CA GLY O 416 -3.64 -23.48 -43.25
C GLY O 416 -2.62 -22.41 -42.96
N ALA O 417 -2.01 -22.49 -41.78
CA ALA O 417 -0.99 -21.53 -41.40
C ALA O 417 0.23 -21.69 -42.30
N ALA O 418 0.63 -22.94 -42.52
CA ALA O 418 1.78 -23.24 -43.35
C ALA O 418 1.58 -22.70 -44.76
N ALA O 419 0.36 -22.84 -45.29
CA ALA O 419 0.06 -22.36 -46.62
C ALA O 419 0.30 -20.86 -46.73
N ASN O 420 -0.14 -20.11 -45.72
CA ASN O 420 0.03 -18.66 -45.73
C ASN O 420 1.49 -18.26 -45.56
N ARG O 421 2.21 -18.95 -44.68
CA ARG O 421 3.61 -18.66 -44.43
C ARG O 421 4.43 -18.95 -45.68
N VAL O 422 4.12 -20.06 -46.35
CA VAL O 422 4.81 -20.43 -47.58
C VAL O 422 4.52 -19.40 -48.66
N ALA O 423 3.25 -19.06 -48.83
CA ALA O 423 2.87 -18.09 -49.84
C ALA O 423 3.61 -16.77 -49.62
N LEU O 424 3.69 -16.34 -48.36
CA LEU O 424 4.37 -15.10 -48.04
C LEU O 424 5.87 -15.16 -48.34
N GLU O 425 6.55 -16.20 -47.87
CA GLU O 425 7.98 -16.31 -48.11
C GLU O 425 8.30 -16.47 -49.60
N ALA O 426 7.37 -17.06 -50.35
CA ALA O 426 7.59 -17.23 -51.79
C ALA O 426 7.54 -15.85 -52.42
N CYS O 427 6.62 -15.01 -51.95
CA CYS O 427 6.50 -13.65 -52.46
C CYS O 427 7.72 -12.84 -52.06
N VAL O 428 8.13 -12.97 -50.80
CA VAL O 428 9.31 -12.26 -50.30
C VAL O 428 10.55 -12.64 -51.09
N GLN O 429 10.76 -13.94 -51.29
CA GLN O 429 11.93 -14.39 -52.04
C GLN O 429 11.94 -13.79 -53.45
N ALA O 430 10.81 -13.93 -54.15
CA ALA O 430 10.70 -13.41 -55.50
C ALA O 430 10.91 -11.89 -55.57
N ARG O 431 10.33 -11.18 -54.61
CA ARG O 431 10.48 -9.73 -54.57
C ARG O 431 11.94 -9.36 -54.38
N ASN O 432 12.60 -10.06 -53.46
CA ASN O 432 14.00 -9.81 -53.18
C ASN O 432 14.90 -10.07 -54.39
N GLU O 433 14.50 -11.03 -55.23
CA GLU O 433 15.28 -11.35 -56.41
C GLU O 433 15.06 -10.29 -57.49
N GLY O 434 14.05 -9.44 -57.28
CA GLY O 434 13.77 -8.37 -58.23
C GLY O 434 12.53 -8.54 -59.08
N ARG O 435 11.78 -9.62 -58.87
CA ARG O 435 10.58 -9.88 -59.65
C ARG O 435 9.46 -8.89 -59.29
N ASP O 436 8.58 -8.64 -60.26
CA ASP O 436 7.46 -7.73 -60.06
C ASP O 436 6.27 -8.49 -59.48
N LEU O 437 5.96 -8.24 -58.21
CA LEU O 437 4.85 -8.91 -57.55
C LEU O 437 3.51 -8.51 -58.15
N ALA O 438 3.43 -7.29 -58.65
CA ALA O 438 2.18 -6.79 -59.23
C ALA O 438 1.86 -7.43 -60.58
N ARG O 439 2.87 -8.03 -61.22
CA ARG O 439 2.67 -8.65 -62.52
C ARG O 439 2.94 -10.16 -62.54
N GLU O 440 3.77 -10.64 -61.64
CA GLU O 440 4.11 -12.07 -61.60
C GLU O 440 3.56 -12.78 -60.37
N GLY O 441 2.69 -12.11 -59.63
CA GLY O 441 2.12 -12.70 -58.42
C GLY O 441 1.54 -14.09 -58.54
N ASN O 442 0.62 -14.29 -59.48
CA ASN O 442 0.00 -15.61 -59.64
C ASN O 442 1.01 -16.69 -60.01
N GLU O 443 1.99 -16.34 -60.84
CA GLU O 443 3.01 -17.32 -61.25
C GLU O 443 3.86 -17.72 -60.05
N ILE O 444 4.17 -16.74 -59.20
CA ILE O 444 4.97 -16.99 -58.02
C ILE O 444 4.24 -17.96 -57.09
N ILE O 445 2.94 -17.74 -56.93
CA ILE O 445 2.12 -18.61 -56.08
C ILE O 445 2.02 -20.00 -56.69
N ARG O 446 1.76 -20.07 -57.99
CA ARG O 446 1.64 -21.36 -58.66
C ARG O 446 2.92 -22.17 -58.55
N SER O 447 4.07 -21.50 -58.66
CA SER O 447 5.36 -22.18 -58.57
C SER O 447 5.58 -22.79 -57.20
N ALA O 448 5.13 -22.07 -56.16
CA ALA O 448 5.27 -22.56 -54.79
C ALA O 448 4.35 -23.77 -54.58
N CYS O 449 3.24 -23.82 -55.30
CA CYS O 449 2.30 -24.93 -55.19
C CYS O 449 2.94 -26.24 -55.62
N LYS O 450 3.98 -26.15 -56.44
CA LYS O 450 4.67 -27.34 -56.94
C LYS O 450 5.34 -28.15 -55.83
N TRP O 451 5.79 -27.49 -54.77
CA TRP O 451 6.46 -28.20 -53.68
C TRP O 451 5.74 -28.11 -52.34
N SER O 452 4.70 -27.30 -52.26
CA SER O 452 3.94 -27.15 -51.02
C SER O 452 2.52 -27.67 -51.17
N PRO O 453 2.26 -28.90 -50.70
CA PRO O 453 0.92 -29.50 -50.80
C PRO O 453 -0.10 -28.66 -50.03
N GLU O 454 0.37 -28.03 -48.96
CA GLU O 454 -0.50 -27.19 -48.13
C GLU O 454 -1.00 -25.99 -48.93
N LEU O 455 -0.07 -25.30 -49.61
CA LEU O 455 -0.44 -24.15 -50.42
C LEU O 455 -1.31 -24.59 -51.59
N ALA O 456 -0.94 -25.71 -52.22
CA ALA O 456 -1.69 -26.22 -53.35
C ALA O 456 -3.17 -26.41 -52.98
N ALA O 457 -3.42 -27.02 -51.81
CA ALA O 457 -4.78 -27.26 -51.35
C ALA O 457 -5.53 -25.95 -51.10
N ALA O 458 -4.82 -24.94 -50.59
CA ALA O 458 -5.44 -23.65 -50.32
C ALA O 458 -5.80 -22.94 -51.63
N CYS O 459 -4.89 -23.00 -52.60
CA CYS O 459 -5.11 -22.35 -53.89
C CYS O 459 -6.26 -22.93 -54.69
N GLU O 460 -6.59 -24.19 -54.44
CA GLU O 460 -7.68 -24.81 -55.17
C GLU O 460 -9.04 -24.40 -54.63
N ILE O 461 -9.09 -24.03 -53.35
CA ILE O 461 -10.35 -23.64 -52.70
C ILE O 461 -10.69 -22.17 -52.93
N TRP O 462 -9.68 -21.32 -52.86
CA TRP O 462 -9.87 -19.91 -53.11
C TRP O 462 -9.22 -19.71 -54.47
N LYS O 463 -9.35 -18.52 -55.08
CA LYS O 463 -8.79 -18.39 -56.42
C LYS O 463 -8.29 -17.03 -56.96
N MET P 2 -6.03 -35.29 -46.93
CA MET P 2 -5.65 -34.39 -45.85
C MET P 2 -4.28 -34.80 -45.30
N GLN P 3 -3.37 -33.84 -45.18
CA GLN P 3 -2.03 -34.14 -44.67
C GLN P 3 -1.77 -33.42 -43.35
N VAL P 4 -1.08 -34.11 -42.45
CA VAL P 4 -0.77 -33.58 -41.13
C VAL P 4 0.57 -32.87 -41.06
N TRP P 5 0.57 -31.63 -40.56
CA TRP P 5 1.80 -30.86 -40.46
C TRP P 5 2.71 -31.53 -39.43
N PRO P 6 3.98 -31.80 -39.79
CA PRO P 6 4.93 -32.44 -38.88
C PRO P 6 5.09 -31.74 -37.53
N ILE P 7 5.35 -32.52 -36.49
CA ILE P 7 5.53 -31.96 -35.15
C ILE P 7 7.00 -31.93 -34.75
N GLU P 8 7.85 -32.62 -35.51
CA GLU P 8 9.27 -32.66 -35.21
C GLU P 8 10.14 -32.63 -36.46
N GLY P 9 11.40 -32.26 -36.28
CA GLY P 9 12.33 -32.21 -37.40
C GLY P 9 12.13 -31.09 -38.38
N ILE P 10 11.22 -30.18 -38.05
CA ILE P 10 10.91 -29.05 -38.92
C ILE P 10 11.07 -27.71 -38.19
N LYS P 11 11.95 -27.66 -37.19
CA LYS P 11 12.12 -26.41 -36.47
C LYS P 11 12.53 -25.31 -37.43
N LYS P 12 12.12 -24.09 -37.14
CA LYS P 12 12.37 -22.97 -38.03
C LYS P 12 13.34 -21.89 -37.59
N PHE P 13 13.66 -21.02 -38.55
CA PHE P 13 14.61 -19.93 -38.32
C PHE P 13 14.15 -18.64 -38.95
N GLU P 14 12.87 -18.34 -38.80
CA GLU P 14 12.25 -17.14 -39.33
C GLU P 14 12.26 -17.05 -40.86
N THR P 15 12.33 -15.83 -41.40
CA THR P 15 12.25 -15.61 -42.84
C THR P 15 13.02 -16.51 -43.81
N LEU P 16 12.26 -17.14 -44.70
CA LEU P 16 12.72 -18.05 -45.74
C LEU P 16 12.90 -19.49 -45.29
N SER P 17 12.75 -19.76 -43.99
CA SER P 17 12.93 -21.12 -43.49
C SER P 17 11.79 -22.08 -43.79
N TYR P 18 10.73 -21.59 -44.44
CA TYR P 18 9.62 -22.44 -44.83
C TYR P 18 9.75 -22.81 -46.30
N LEU P 19 10.78 -22.25 -46.95
CA LEU P 19 11.04 -22.54 -48.35
C LEU P 19 11.99 -23.73 -48.37
N PRO P 20 12.10 -24.42 -49.50
CA PRO P 20 13.01 -25.56 -49.57
C PRO P 20 14.44 -25.05 -49.40
N PRO P 21 15.37 -25.94 -49.05
CA PRO P 21 16.76 -25.49 -48.87
C PRO P 21 17.20 -24.64 -50.06
N LEU P 22 17.77 -23.47 -49.76
CA LEU P 22 18.23 -22.56 -50.80
C LEU P 22 19.50 -23.08 -51.46
N THR P 23 19.54 -23.01 -52.80
CA THR P 23 20.71 -23.44 -53.53
C THR P 23 21.73 -22.31 -53.49
N VAL P 24 22.94 -22.58 -53.94
CA VAL P 24 23.97 -21.55 -53.97
C VAL P 24 23.48 -20.36 -54.79
N GLU P 25 22.91 -20.65 -55.95
CA GLU P 25 22.41 -19.58 -56.81
C GLU P 25 21.30 -18.80 -56.10
N ASP P 26 20.46 -19.51 -55.36
CA ASP P 26 19.36 -18.89 -54.62
C ASP P 26 19.93 -17.97 -53.55
N LEU P 27 20.94 -18.45 -52.84
CA LEU P 27 21.57 -17.66 -51.79
C LEU P 27 22.20 -16.40 -52.34
N LEU P 28 22.94 -16.52 -53.44
CA LEU P 28 23.57 -15.35 -54.05
C LEU P 28 22.56 -14.26 -54.36
N LYS P 29 21.39 -14.65 -54.88
CA LYS P 29 20.36 -13.66 -55.21
C LYS P 29 19.89 -12.91 -53.98
N GLN P 30 19.79 -13.62 -52.84
CA GLN P 30 19.35 -12.97 -51.61
C GLN P 30 20.44 -12.03 -51.09
N ILE P 31 21.69 -12.46 -51.20
CA ILE P 31 22.81 -11.63 -50.77
C ILE P 31 22.89 -10.39 -51.64
N GLU P 32 22.67 -10.56 -52.94
CA GLU P 32 22.71 -9.43 -53.88
C GLU P 32 21.61 -8.42 -53.56
N TYR P 33 20.47 -8.91 -53.09
CA TYR P 33 19.35 -8.04 -52.73
C TYR P 33 19.82 -7.13 -51.61
N LEU P 34 20.56 -7.69 -50.67
CA LEU P 34 21.09 -6.95 -49.53
C LEU P 34 22.04 -5.86 -50.02
N LEU P 35 22.96 -6.24 -50.91
CA LEU P 35 23.92 -5.29 -51.46
C LEU P 35 23.28 -4.19 -52.30
N ARG P 36 22.29 -4.56 -53.12
CA ARG P 36 21.62 -3.57 -53.95
C ARG P 36 20.86 -2.56 -53.10
N SER P 37 20.34 -3.03 -51.97
CA SER P 37 19.58 -2.19 -51.05
C SER P 37 20.49 -1.37 -50.16
N LYS P 38 21.80 -1.53 -50.37
CA LYS P 38 22.81 -0.82 -49.60
C LYS P 38 22.81 -1.18 -48.13
N TRP P 39 22.59 -2.46 -47.84
CA TRP P 39 22.62 -2.94 -46.47
C TRP P 39 23.90 -3.74 -46.30
N VAL P 40 24.36 -3.88 -45.06
CA VAL P 40 25.61 -4.60 -44.79
C VAL P 40 25.36 -6.03 -44.33
N PRO P 41 25.90 -7.01 -45.09
CA PRO P 41 25.71 -8.41 -44.72
C PRO P 41 26.65 -8.83 -43.60
N CYS P 42 26.23 -9.79 -42.80
CA CYS P 42 27.05 -10.30 -41.71
C CYS P 42 26.61 -11.73 -41.44
N LEU P 43 27.55 -12.57 -41.03
CA LEU P 43 27.23 -13.97 -40.72
C LEU P 43 27.17 -14.15 -39.21
N GLU P 44 26.31 -15.07 -38.78
CA GLU P 44 26.16 -15.38 -37.36
C GLU P 44 26.02 -16.88 -37.26
N PHE P 45 26.54 -17.45 -36.18
CA PHE P 45 26.48 -18.89 -36.01
C PHE P 45 26.19 -19.27 -34.57
N SER P 46 25.67 -20.48 -34.38
CA SER P 46 25.34 -20.97 -33.06
C SER P 46 25.17 -22.47 -33.11
N LYS P 47 25.45 -23.14 -32.00
CA LYS P 47 25.27 -24.58 -31.94
C LYS P 47 23.89 -24.88 -31.37
N VAL P 48 23.21 -23.81 -30.95
CA VAL P 48 21.83 -23.90 -30.42
C VAL P 48 21.02 -23.09 -31.43
N GLY P 49 20.06 -23.74 -32.08
CA GLY P 49 19.33 -23.03 -33.11
C GLY P 49 18.05 -22.30 -32.76
N PHE P 50 17.57 -22.41 -31.53
CA PHE P 50 16.30 -21.78 -31.20
C PHE P 50 16.22 -21.00 -29.89
N VAL P 51 15.11 -20.28 -29.71
CA VAL P 51 14.93 -19.47 -28.51
C VAL P 51 14.53 -20.32 -27.32
N TYR P 52 14.80 -19.80 -26.13
CA TYR P 52 14.46 -20.46 -24.88
C TYR P 52 14.35 -19.38 -23.82
N ARG P 53 13.90 -19.74 -22.62
CA ARG P 53 13.76 -18.75 -21.56
C ARG P 53 14.31 -19.29 -20.25
N GLU P 54 15.62 -19.18 -20.08
CA GLU P 54 16.28 -19.67 -18.89
C GLU P 54 16.47 -18.61 -17.80
N ASN P 55 16.83 -17.40 -18.21
CA ASN P 55 17.09 -16.33 -17.23
C ASN P 55 15.93 -15.45 -16.82
N HIS P 56 14.85 -15.46 -17.60
CA HIS P 56 13.72 -14.63 -17.26
C HIS P 56 12.55 -14.99 -18.17
N ARG P 57 11.35 -14.67 -17.71
CA ARG P 57 10.15 -14.95 -18.48
C ARG P 57 9.22 -13.74 -18.52
N SER P 58 9.79 -12.55 -18.32
CA SER P 58 9.00 -11.33 -18.37
C SER P 58 8.72 -10.99 -19.83
N PRO P 59 7.68 -10.19 -20.09
CA PRO P 59 7.32 -9.83 -21.45
C PRO P 59 8.49 -9.30 -22.27
N GLY P 60 8.69 -9.87 -23.46
CA GLY P 60 9.75 -9.40 -24.33
C GLY P 60 11.13 -9.96 -24.03
N TYR P 61 11.28 -10.74 -22.97
CA TYR P 61 12.59 -11.32 -22.67
C TYR P 61 12.68 -12.78 -23.12
N TYR P 62 13.71 -13.06 -23.91
CA TYR P 62 13.96 -14.41 -24.41
C TYR P 62 15.46 -14.59 -24.53
N ASP P 63 15.93 -15.81 -24.32
CA ASP P 63 17.34 -16.13 -24.48
C ASP P 63 17.41 -16.79 -25.85
N GLY P 64 18.61 -16.89 -26.42
CA GLY P 64 18.73 -17.54 -27.72
C GLY P 64 18.38 -16.70 -28.93
N ARG P 65 18.11 -15.42 -28.72
CA ARG P 65 17.81 -14.55 -29.86
C ARG P 65 19.14 -14.18 -30.49
N TYR P 66 20.11 -13.81 -29.66
CA TYR P 66 21.45 -13.49 -30.16
C TYR P 66 22.18 -14.77 -30.47
N TRP P 67 22.95 -14.75 -31.57
CA TRP P 67 23.81 -15.86 -31.94
C TRP P 67 25.19 -15.20 -31.90
N THR P 68 26.22 -15.92 -32.30
CA THR P 68 27.58 -15.36 -32.28
C THR P 68 27.98 -14.79 -33.63
N MET P 69 28.58 -13.61 -33.62
CA MET P 69 29.00 -12.97 -34.86
C MET P 69 30.20 -13.66 -35.48
N TRP P 70 30.15 -13.86 -36.80
CA TRP P 70 31.27 -14.46 -37.51
C TRP P 70 32.05 -13.26 -38.02
N LYS P 71 33.21 -12.99 -37.41
CA LYS P 71 34.03 -11.86 -37.80
C LYS P 71 33.24 -10.56 -37.62
N LEU P 72 33.15 -9.73 -38.66
CA LEU P 72 32.43 -8.46 -38.56
C LEU P 72 31.52 -8.22 -39.76
N PRO P 73 30.59 -7.24 -39.65
CA PRO P 73 29.72 -7.00 -40.79
C PRO P 73 30.67 -6.64 -41.94
N MET P 74 30.30 -7.03 -43.15
CA MET P 74 31.15 -6.77 -44.30
C MET P 74 30.90 -5.42 -44.94
N PHE P 75 31.31 -4.38 -44.23
CA PHE P 75 31.16 -3.00 -44.67
C PHE P 75 31.86 -2.79 -46.01
N GLY P 76 31.16 -2.12 -46.93
CA GLY P 76 31.74 -1.85 -48.24
C GLY P 76 31.71 -3.00 -49.24
N CYS P 77 31.21 -4.16 -48.81
CA CYS P 77 31.14 -5.32 -49.69
C CYS P 77 30.36 -5.00 -50.96
N THR P 78 30.90 -5.39 -52.11
CA THR P 78 30.23 -5.15 -53.39
C THR P 78 30.14 -6.42 -54.22
N ASP P 79 30.63 -7.52 -53.67
CA ASP P 79 30.60 -8.81 -54.36
C ASP P 79 29.95 -9.88 -53.49
N ALA P 80 28.76 -10.32 -53.90
CA ALA P 80 28.03 -11.35 -53.16
C ALA P 80 28.86 -12.61 -52.96
N THR P 81 29.77 -12.87 -53.89
CA THR P 81 30.63 -14.05 -53.82
C THR P 81 31.51 -14.03 -52.57
N GLN P 82 31.82 -12.83 -52.10
CA GLN P 82 32.65 -12.66 -50.91
C GLN P 82 31.91 -13.19 -49.68
N VAL P 83 30.60 -12.97 -49.66
CA VAL P 83 29.78 -13.42 -48.54
C VAL P 83 29.73 -14.95 -48.54
N LEU P 84 29.64 -15.53 -49.73
CA LEU P 84 29.59 -16.98 -49.88
C LEU P 84 30.90 -17.60 -49.38
N LYS P 85 32.00 -16.91 -49.67
CA LYS P 85 33.33 -17.37 -49.26
C LYS P 85 33.38 -17.49 -47.74
N GLU P 86 32.88 -16.48 -47.04
CA GLU P 86 32.89 -16.49 -45.59
C GLU P 86 31.97 -17.59 -45.07
N LEU P 87 30.84 -17.80 -45.73
CA LEU P 87 29.92 -18.84 -45.31
C LEU P 87 30.61 -20.20 -45.37
N GLU P 88 31.36 -20.45 -46.44
CA GLU P 88 32.07 -21.71 -46.56
C GLU P 88 33.15 -21.84 -45.47
N GLU P 89 33.79 -20.73 -45.12
CA GLU P 89 34.81 -20.75 -44.07
C GLU P 89 34.15 -21.13 -42.74
N ALA P 90 33.01 -20.52 -42.46
CA ALA P 90 32.29 -20.79 -41.22
C ALA P 90 31.86 -22.25 -41.15
N LYS P 91 31.33 -22.76 -42.26
CA LYS P 91 30.88 -24.15 -42.33
C LYS P 91 32.04 -25.10 -42.08
N LYS P 92 33.22 -24.74 -42.58
CA LYS P 92 34.41 -25.56 -42.43
C LYS P 92 34.91 -25.54 -40.98
N ALA P 93 34.86 -24.37 -40.35
CA ALA P 93 35.32 -24.21 -38.99
C ALA P 93 34.30 -24.72 -37.97
N TYR P 94 33.02 -24.59 -38.30
CA TYR P 94 31.94 -25.01 -37.42
C TYR P 94 30.88 -25.80 -38.18
N PRO P 95 31.24 -27.02 -38.62
CA PRO P 95 30.29 -27.85 -39.37
C PRO P 95 29.09 -28.30 -38.54
N ASP P 96 29.20 -28.21 -37.22
CA ASP P 96 28.13 -28.63 -36.33
C ASP P 96 27.30 -27.46 -35.81
N ALA P 97 27.47 -26.29 -36.43
CA ALA P 97 26.73 -25.10 -36.01
C ALA P 97 25.82 -24.58 -37.11
N PHE P 98 24.75 -23.90 -36.71
CA PHE P 98 23.84 -23.30 -37.67
C PHE P 98 24.49 -21.98 -38.07
N VAL P 99 24.29 -21.56 -39.31
CA VAL P 99 24.85 -20.30 -39.78
C VAL P 99 23.78 -19.54 -40.53
N ARG P 100 23.55 -18.30 -40.13
CA ARG P 100 22.56 -17.46 -40.78
C ARG P 100 23.18 -16.17 -41.27
N ILE P 101 22.57 -15.57 -42.27
CA ILE P 101 23.03 -14.32 -42.83
C ILE P 101 22.08 -13.21 -42.39
N ILE P 102 22.65 -12.19 -41.76
CA ILE P 102 21.85 -11.06 -41.31
C ILE P 102 22.33 -9.81 -42.02
N GLY P 103 21.58 -8.72 -41.87
CA GLY P 103 21.96 -7.48 -42.52
C GLY P 103 21.67 -6.27 -41.65
N PHE P 104 22.51 -5.25 -41.79
CA PHE P 104 22.33 -4.02 -41.03
C PHE P 104 22.21 -2.84 -41.97
N ASP P 105 21.43 -1.85 -41.57
CA ASP P 105 21.26 -0.64 -42.35
C ASP P 105 21.65 0.54 -41.48
N ASN P 106 22.64 1.31 -41.91
CA ASN P 106 23.08 2.46 -41.14
C ASN P 106 22.07 3.60 -41.20
N VAL P 107 21.22 3.60 -42.23
CA VAL P 107 20.21 4.64 -42.40
C VAL P 107 19.06 4.45 -41.42
N ARG P 108 18.47 3.26 -41.42
CA ARG P 108 17.37 2.96 -40.51
C ARG P 108 17.95 2.68 -39.12
N GLN P 109 19.26 2.46 -39.08
CA GLN P 109 20.00 2.21 -37.84
C GLN P 109 19.59 0.94 -37.08
N VAL P 110 19.26 -0.11 -37.82
CA VAL P 110 18.85 -1.37 -37.19
C VAL P 110 19.22 -2.57 -38.02
N GLN P 111 19.15 -3.74 -37.40
CA GLN P 111 19.37 -4.99 -38.13
C GLN P 111 18.02 -5.13 -38.82
N LEU P 112 18.01 -5.56 -40.08
CA LEU P 112 16.73 -5.67 -40.78
C LEU P 112 16.59 -6.89 -41.68
N ILE P 113 17.56 -7.81 -41.60
CA ILE P 113 17.55 -9.03 -42.38
C ILE P 113 18.09 -10.19 -41.54
N SER P 114 17.56 -11.38 -41.77
CA SER P 114 18.02 -12.57 -41.07
C SER P 114 17.42 -13.83 -41.69
N PHE P 115 18.27 -14.66 -42.29
CA PHE P 115 17.79 -15.91 -42.89
C PHE P 115 18.86 -16.99 -42.82
N ILE P 116 18.42 -18.22 -42.64
CA ILE P 116 19.35 -19.35 -42.53
C ILE P 116 20.07 -19.67 -43.81
N ALA P 117 21.36 -19.92 -43.67
CA ALA P 117 22.21 -20.23 -44.80
C ALA P 117 22.84 -21.62 -44.71
N TYR P 118 22.90 -22.17 -43.50
CA TYR P 118 23.48 -23.50 -43.29
C TYR P 118 22.97 -24.19 -42.04
N LYS P 119 22.69 -25.48 -42.16
CA LYS P 119 22.22 -26.29 -41.04
C LYS P 119 23.10 -27.54 -40.95
N PRO P 120 23.60 -27.83 -39.75
CA PRO P 120 24.46 -29.00 -39.53
C PRO P 120 23.78 -30.33 -39.88
N PRO P 121 24.58 -31.34 -40.21
CA PRO P 121 24.06 -32.67 -40.57
C PRO P 121 23.20 -33.26 -39.45
N GLY P 122 21.91 -33.36 -39.69
CA GLY P 122 21.00 -33.91 -38.70
C GLY P 122 20.18 -32.80 -38.06
N CYS P 123 20.20 -31.62 -38.67
CA CYS P 123 19.47 -30.47 -38.15
C CYS P 123 18.62 -29.81 -39.24
#